data_7KBQ
#
_entry.id   7KBQ
#
_entity_poly.entity_id   1
_entity_poly.type   'polypeptide(L)'
_entity_poly.pdbx_seq_one_letter_code
;MRIIVIIVTDEQKIEDMWEILKEIGVDRIVIITSNKQLAERAKELGVDRIFLLTDDELIAEIVKKLGADIVFSENRDIAK
KIIRKLKNIIILSNDEQLVKELQKEASDARVFNVQTKQDFKDLIEKILEHHHHHH
;
_entity_poly.pdbx_strand_id   A
#
# COMPACT_ATOMS: atom_id res chain seq x y z
N MET A 1 -8.48 5.85 -12.09
CA MET A 1 -8.50 5.96 -10.61
C MET A 1 -8.56 4.54 -10.01
N ARG A 2 -7.37 3.94 -9.79
CA ARG A 2 -7.23 2.61 -9.18
C ARG A 2 -5.81 2.45 -8.59
N ILE A 3 -5.22 3.58 -8.14
CA ILE A 3 -3.82 3.61 -7.73
C ILE A 3 -3.64 3.09 -6.28
N ILE A 4 -2.65 2.17 -6.13
CA ILE A 4 -2.28 1.58 -4.84
C ILE A 4 -1.13 2.43 -4.24
N VAL A 5 -1.24 2.75 -2.96
CA VAL A 5 -0.19 3.45 -2.22
C VAL A 5 0.88 2.44 -1.77
N ILE A 6 1.99 2.42 -2.50
CA ILE A 6 3.12 1.52 -2.21
C ILE A 6 4.07 2.23 -1.23
N ILE A 7 3.90 1.90 0.05
CA ILE A 7 4.89 2.21 1.09
C ILE A 7 5.63 0.91 1.38
N VAL A 8 6.96 0.92 1.29
CA VAL A 8 7.75 -0.30 1.28
C VAL A 8 8.34 -0.56 2.66
N THR A 9 8.09 -1.78 3.17
CA THR A 9 8.71 -2.32 4.36
C THR A 9 9.93 -3.15 3.92
N ASP A 10 11.04 -3.07 4.68
CA ASP A 10 12.31 -3.75 4.36
C ASP A 10 12.20 -5.25 4.72
N GLU A 11 11.46 -5.96 3.86
CA GLU A 11 11.21 -7.41 3.96
C GLU A 11 11.57 -8.06 2.60
N GLN A 12 10.80 -9.08 2.15
CA GLN A 12 11.04 -9.73 0.84
C GLN A 12 10.60 -8.77 -0.29
N LYS A 13 11.60 -8.09 -0.90
CA LYS A 13 11.38 -7.12 -1.99
C LYS A 13 10.88 -7.82 -3.26
N ILE A 14 9.82 -7.26 -3.88
CA ILE A 14 9.32 -7.75 -5.17
C ILE A 14 10.24 -7.25 -6.30
N GLU A 15 11.33 -8.01 -6.52
CA GLU A 15 12.24 -7.80 -7.66
C GLU A 15 11.84 -8.69 -8.84
N ASP A 16 10.90 -9.61 -8.57
CA ASP A 16 10.33 -10.55 -9.55
C ASP A 16 9.49 -9.80 -10.57
N MET A 17 8.61 -8.92 -10.06
CA MET A 17 7.70 -8.10 -10.88
C MET A 17 8.26 -6.67 -11.06
N TRP A 18 9.59 -6.50 -10.87
CA TRP A 18 10.27 -5.18 -11.00
C TRP A 18 10.31 -4.74 -12.48
N GLU A 19 10.29 -5.72 -13.40
CA GLU A 19 10.30 -5.48 -14.85
C GLU A 19 8.90 -5.00 -15.32
N ILE A 20 7.85 -5.78 -14.97
CA ILE A 20 6.45 -5.46 -15.34
C ILE A 20 5.94 -4.23 -14.57
N LEU A 21 6.65 -3.89 -13.46
CA LEU A 21 6.40 -2.68 -12.64
C LEU A 21 6.31 -1.41 -13.52
N LYS A 22 7.11 -1.34 -14.60
CA LYS A 22 7.13 -0.15 -15.47
C LYS A 22 5.97 -0.14 -16.48
N GLU A 23 5.41 -1.33 -16.79
CA GLU A 23 4.28 -1.45 -17.73
C GLU A 23 2.92 -1.34 -17.00
N ILE A 24 2.63 -2.33 -16.14
CA ILE A 24 1.36 -2.44 -15.40
C ILE A 24 1.44 -1.67 -14.06
N GLY A 25 2.61 -1.79 -13.39
CA GLY A 25 2.79 -1.24 -12.05
C GLY A 25 2.53 0.25 -11.95
N VAL A 26 3.35 1.06 -12.65
CA VAL A 26 3.31 2.55 -12.56
C VAL A 26 1.97 3.15 -13.03
N ASP A 27 1.25 2.35 -13.84
CA ASP A 27 -0.08 2.69 -14.36
C ASP A 27 -1.13 2.76 -13.23
N ARG A 28 -0.94 1.93 -12.21
CA ARG A 28 -1.90 1.76 -11.11
C ARG A 28 -1.21 1.79 -9.73
N ILE A 29 0.06 2.26 -9.62
CA ILE A 29 0.72 2.45 -8.28
C ILE A 29 1.37 3.84 -8.16
N VAL A 30 1.51 4.29 -6.90
CA VAL A 30 2.23 5.52 -6.53
C VAL A 30 3.22 5.15 -5.40
N ILE A 31 4.50 5.53 -5.56
CA ILE A 31 5.55 5.22 -4.56
C ILE A 31 5.57 6.33 -3.49
N ILE A 32 5.03 6.02 -2.32
CA ILE A 32 4.99 6.94 -1.17
C ILE A 32 6.03 6.46 -0.15
N THR A 33 7.11 7.23 0.04
CA THR A 33 8.21 6.85 0.95
C THR A 33 8.87 8.08 1.58
N SER A 34 9.68 7.80 2.62
CA SER A 34 10.47 8.81 3.35
C SER A 34 11.96 8.73 2.95
N ASN A 35 12.33 7.64 2.26
CA ASN A 35 13.70 7.35 1.85
C ASN A 35 13.92 7.82 0.39
N LYS A 36 14.86 8.75 0.17
CA LYS A 36 15.18 9.26 -1.18
C LYS A 36 15.96 8.22 -2.00
N GLN A 37 16.63 7.30 -1.28
CA GLN A 37 17.43 6.21 -1.89
C GLN A 37 16.60 5.33 -2.87
N LEU A 38 15.49 4.73 -2.40
CA LEU A 38 14.66 3.82 -3.22
C LEU A 38 13.74 4.64 -4.15
N ALA A 39 13.47 5.91 -3.76
CA ALA A 39 12.71 6.87 -4.57
C ALA A 39 13.51 7.25 -5.84
N GLU A 40 14.85 7.35 -5.69
CA GLU A 40 15.77 7.55 -6.82
C GLU A 40 15.86 6.28 -7.66
N ARG A 41 15.94 5.11 -6.98
CA ARG A 41 15.97 3.78 -7.64
C ARG A 41 14.74 3.56 -8.55
N ALA A 42 13.56 3.93 -8.02
CA ALA A 42 12.29 3.86 -8.76
C ALA A 42 12.29 4.86 -9.92
N LYS A 43 12.88 6.04 -9.68
CA LYS A 43 13.05 7.11 -10.68
C LYS A 43 14.03 6.67 -11.82
N GLU A 44 15.03 5.83 -11.48
CA GLU A 44 15.99 5.28 -12.48
C GLU A 44 15.30 4.20 -13.33
N LEU A 45 14.30 3.51 -12.72
CA LEU A 45 13.42 2.55 -13.41
C LEU A 45 12.53 3.30 -14.42
N GLY A 46 12.06 4.50 -14.02
CA GLY A 46 11.13 5.30 -14.81
C GLY A 46 9.73 5.38 -14.21
N VAL A 47 9.64 5.28 -12.86
CA VAL A 47 8.37 5.52 -12.13
C VAL A 47 8.13 7.03 -12.03
N ASP A 48 7.06 7.51 -12.67
CA ASP A 48 6.69 8.94 -12.68
C ASP A 48 5.91 9.31 -11.41
N ARG A 49 5.10 8.36 -10.91
CA ARG A 49 4.26 8.56 -9.71
C ARG A 49 5.08 8.25 -8.44
N ILE A 50 5.82 9.25 -7.95
CA ILE A 50 6.65 9.17 -6.72
C ILE A 50 6.41 10.44 -5.87
N PHE A 51 6.23 10.24 -4.57
CA PHE A 51 6.22 11.31 -3.55
C PHE A 51 7.25 10.95 -2.49
N LEU A 52 8.09 11.92 -2.14
CA LEU A 52 9.07 11.80 -1.08
C LEU A 52 8.65 12.76 0.05
N LEU A 53 8.18 12.18 1.15
CA LEU A 53 7.77 12.91 2.34
C LEU A 53 8.18 12.09 3.57
N THR A 54 8.90 12.74 4.50
CA THR A 54 9.40 12.11 5.73
C THR A 54 8.36 12.27 6.89
N ASP A 55 7.09 12.48 6.50
CA ASP A 55 5.97 12.69 7.44
C ASP A 55 5.15 11.40 7.59
N ASP A 56 4.58 11.24 8.80
CA ASP A 56 3.80 10.05 9.18
C ASP A 56 2.35 10.15 8.66
N GLU A 57 1.56 11.08 9.25
CA GLU A 57 0.09 11.11 9.08
C GLU A 57 -0.30 11.93 7.84
N LEU A 58 0.66 12.76 7.36
CA LEU A 58 0.48 13.63 6.17
C LEU A 58 0.05 12.81 4.94
N ILE A 59 0.48 11.53 4.89
CA ILE A 59 0.15 10.60 3.80
C ILE A 59 -1.39 10.44 3.66
N ALA A 60 -2.13 10.58 4.77
CA ALA A 60 -3.61 10.51 4.78
C ALA A 60 -4.23 11.61 3.88
N GLU A 61 -3.62 12.81 3.91
CA GLU A 61 -4.05 13.97 3.10
C GLU A 61 -3.57 13.82 1.64
N ILE A 62 -2.36 13.26 1.46
CA ILE A 62 -1.78 13.01 0.12
C ILE A 62 -2.68 12.02 -0.66
N VAL A 63 -3.00 10.89 -0.01
CA VAL A 63 -3.79 9.79 -0.62
C VAL A 63 -5.28 10.17 -0.75
N LYS A 64 -5.75 11.09 0.12
CA LYS A 64 -7.08 11.71 0.01
C LYS A 64 -7.23 12.40 -1.35
N LYS A 65 -6.26 13.28 -1.66
CA LYS A 65 -6.23 14.02 -2.92
C LYS A 65 -6.02 13.06 -4.12
N LEU A 66 -5.13 12.07 -3.95
CA LEU A 66 -4.84 11.07 -5.01
C LEU A 66 -6.06 10.15 -5.28
N GLY A 67 -7.01 10.13 -4.32
CA GLY A 67 -8.22 9.31 -4.43
C GLY A 67 -7.94 7.85 -4.22
N ALA A 68 -6.87 7.56 -3.46
CA ALA A 68 -6.40 6.21 -3.17
C ALA A 68 -7.42 5.43 -2.33
N ASP A 69 -7.73 4.23 -2.81
CA ASP A 69 -8.71 3.33 -2.18
C ASP A 69 -8.00 2.19 -1.44
N ILE A 70 -6.64 2.17 -1.49
CA ILE A 70 -5.83 1.09 -0.89
C ILE A 70 -4.40 1.59 -0.53
N VAL A 71 -3.85 1.05 0.58
CA VAL A 71 -2.46 1.30 1.02
C VAL A 71 -1.85 0.02 1.65
N PHE A 72 -0.60 -0.30 1.25
CA PHE A 72 0.24 -1.29 1.95
C PHE A 72 1.21 -0.53 2.85
N SER A 73 1.01 -0.61 4.18
CA SER A 73 1.89 0.06 5.15
C SER A 73 1.69 -0.53 6.55
N GLU A 74 2.80 -0.72 7.29
CA GLU A 74 2.75 -0.98 8.73
C GLU A 74 2.54 0.37 9.44
N ASN A 75 1.38 0.52 10.08
CA ASN A 75 0.96 1.79 10.70
C ASN A 75 -0.10 1.52 11.78
N ARG A 76 0.31 1.69 13.05
CA ARG A 76 -0.58 1.56 14.21
C ARG A 76 -1.35 2.85 14.48
N ASP A 77 -0.59 3.93 14.69
CA ASP A 77 -1.14 5.27 14.94
C ASP A 77 -1.73 5.86 13.65
N ILE A 78 -0.94 5.77 12.57
CA ILE A 78 -1.26 6.40 11.28
C ILE A 78 -2.49 5.72 10.62
N ALA A 79 -2.76 4.44 11.01
CA ALA A 79 -4.01 3.74 10.61
C ALA A 79 -5.24 4.61 10.95
N LYS A 80 -5.34 4.99 12.24
CA LYS A 80 -6.45 5.81 12.78
C LYS A 80 -6.40 7.24 12.24
N LYS A 81 -5.19 7.70 11.83
CA LYS A 81 -5.00 9.03 11.20
C LYS A 81 -5.59 9.07 9.77
N ILE A 82 -5.54 7.93 9.05
CA ILE A 82 -6.09 7.81 7.70
C ILE A 82 -7.60 7.53 7.79
N ILE A 83 -7.98 6.63 8.70
CA ILE A 83 -9.35 6.12 8.83
C ILE A 83 -10.33 7.20 9.33
N ARG A 84 -9.83 8.14 10.17
CA ARG A 84 -10.66 9.22 10.75
C ARG A 84 -11.26 10.13 9.62
N LYS A 85 -10.57 10.22 8.48
CA LYS A 85 -11.03 10.99 7.29
C LYS A 85 -11.48 10.06 6.14
N LEU A 86 -10.91 8.85 6.08
CA LEU A 86 -11.13 7.88 4.98
C LEU A 86 -11.49 6.50 5.55
N LYS A 87 -12.78 6.19 5.62
CA LYS A 87 -13.27 4.85 6.03
C LYS A 87 -13.58 3.99 4.79
N ASN A 88 -13.46 4.59 3.59
CA ASN A 88 -13.70 3.91 2.31
C ASN A 88 -12.41 3.29 1.73
N ILE A 89 -11.30 3.43 2.47
CA ILE A 89 -9.98 2.91 2.06
C ILE A 89 -9.74 1.52 2.69
N ILE A 90 -9.07 0.61 1.94
CA ILE A 90 -8.67 -0.70 2.44
C ILE A 90 -7.18 -0.63 2.82
N ILE A 91 -6.89 -0.76 4.13
CA ILE A 91 -5.52 -0.69 4.67
C ILE A 91 -5.07 -2.07 5.12
N LEU A 92 -3.88 -2.50 4.66
CA LEU A 92 -3.24 -3.73 5.13
C LEU A 92 -2.17 -3.37 6.16
N SER A 93 -2.20 -4.04 7.31
CA SER A 93 -1.19 -3.91 8.37
C SER A 93 -0.85 -5.31 8.91
N ASN A 94 0.41 -5.46 9.37
CA ASN A 94 0.95 -6.73 9.89
C ASN A 94 0.41 -7.01 11.30
N ASP A 95 0.31 -5.96 12.13
CA ASP A 95 -0.15 -6.09 13.53
C ASP A 95 -1.64 -6.42 13.60
N GLU A 96 -1.97 -7.71 13.81
CA GLU A 96 -3.38 -8.18 13.93
C GLU A 96 -4.08 -7.57 15.15
N GLN A 97 -3.28 -7.31 16.20
CA GLN A 97 -3.74 -6.70 17.46
C GLN A 97 -4.25 -5.27 17.22
N LEU A 98 -3.70 -4.62 16.18
CA LEU A 98 -4.09 -3.28 15.76
C LEU A 98 -5.25 -3.35 14.74
N VAL A 99 -5.13 -4.27 13.75
CA VAL A 99 -6.10 -4.43 12.65
C VAL A 99 -7.53 -4.61 13.21
N LYS A 100 -7.64 -5.46 14.26
CA LYS A 100 -8.93 -5.73 14.93
C LYS A 100 -9.53 -4.46 15.59
N GLU A 101 -8.65 -3.60 16.16
CA GLU A 101 -9.06 -2.31 16.76
C GLU A 101 -9.84 -1.47 15.74
N LEU A 102 -9.23 -1.31 14.56
CA LEU A 102 -9.79 -0.51 13.45
C LEU A 102 -11.07 -1.16 12.88
N GLN A 103 -11.13 -2.51 12.92
CA GLN A 103 -12.31 -3.28 12.44
C GLN A 103 -13.51 -3.15 13.39
N LYS A 104 -13.26 -2.80 14.67
CA LYS A 104 -14.31 -2.61 15.69
C LYS A 104 -14.74 -1.13 15.79
N GLU A 105 -13.76 -0.21 15.85
CA GLU A 105 -14.02 1.23 16.11
C GLU A 105 -14.57 1.93 14.86
N ALA A 106 -14.12 1.49 13.67
CA ALA A 106 -14.54 2.06 12.39
C ALA A 106 -15.51 1.11 11.67
N SER A 107 -16.70 1.64 11.34
CA SER A 107 -17.82 0.84 10.80
C SER A 107 -17.59 0.40 9.35
N ASP A 108 -17.27 1.37 8.48
CA ASP A 108 -17.17 1.15 7.01
C ASP A 108 -15.73 0.84 6.59
N ALA A 109 -14.76 1.02 7.52
CA ALA A 109 -13.33 0.82 7.23
C ALA A 109 -13.00 -0.66 6.99
N ARG A 110 -12.37 -0.92 5.85
CA ARG A 110 -12.01 -2.28 5.42
C ARG A 110 -10.52 -2.50 5.72
N VAL A 111 -10.22 -3.05 6.89
CA VAL A 111 -8.82 -3.23 7.33
C VAL A 111 -8.48 -4.72 7.32
N PHE A 112 -7.50 -5.11 6.47
CA PHE A 112 -7.11 -6.50 6.25
C PHE A 112 -5.76 -6.76 6.93
N ASN A 113 -5.59 -7.98 7.45
CA ASN A 113 -4.39 -8.37 8.19
C ASN A 113 -3.52 -9.32 7.36
N VAL A 114 -2.20 -9.15 7.46
CA VAL A 114 -1.21 -10.08 6.89
C VAL A 114 -0.30 -10.58 8.03
N GLN A 115 -0.11 -11.91 8.09
CA GLN A 115 0.67 -12.59 9.16
C GLN A 115 1.63 -13.60 8.53
N THR A 116 1.05 -14.48 7.72
CA THR A 116 1.75 -15.57 7.02
C THR A 116 1.34 -15.53 5.54
N LYS A 117 1.97 -16.42 4.74
CA LYS A 117 1.76 -16.49 3.29
C LYS A 117 0.29 -16.82 2.92
N GLN A 118 -0.45 -17.43 3.89
CA GLN A 118 -1.88 -17.76 3.73
C GLN A 118 -2.71 -16.52 3.37
N ASP A 119 -2.45 -15.41 4.09
CA ASP A 119 -3.19 -14.14 3.91
C ASP A 119 -2.97 -13.60 2.48
N PHE A 120 -1.73 -13.74 1.99
CA PHE A 120 -1.33 -13.34 0.63
C PHE A 120 -1.95 -14.26 -0.43
N LYS A 121 -2.01 -15.58 -0.13
CA LYS A 121 -2.56 -16.60 -1.07
C LYS A 121 -4.04 -16.34 -1.35
N ASP A 122 -4.82 -16.16 -0.27
CA ASP A 122 -6.26 -15.89 -0.35
C ASP A 122 -6.51 -14.55 -1.09
N LEU A 123 -5.73 -13.53 -0.71
CA LEU A 123 -5.84 -12.16 -1.27
C LEU A 123 -5.61 -12.14 -2.80
N ILE A 124 -4.55 -12.86 -3.26
CA ILE A 124 -4.18 -12.94 -4.69
C ILE A 124 -5.19 -13.83 -5.46
N GLU A 125 -5.82 -14.78 -4.76
CA GLU A 125 -6.88 -15.65 -5.31
C GLU A 125 -8.19 -14.85 -5.50
N LYS A 126 -8.44 -13.87 -4.61
CA LYS A 126 -9.61 -12.97 -4.69
C LYS A 126 -9.50 -12.07 -5.93
N ILE A 127 -8.32 -11.46 -6.10
CA ILE A 127 -8.01 -10.60 -7.26
C ILE A 127 -7.58 -11.46 -8.46
N LEU A 128 -7.22 -10.80 -9.59
CA LEU A 128 -6.80 -11.47 -10.84
C LEU A 128 -5.70 -12.54 -10.58
N GLU A 129 -5.83 -13.69 -11.27
CA GLU A 129 -4.91 -14.83 -11.16
C GLU A 129 -3.46 -14.39 -11.45
N HIS A 130 -2.62 -14.40 -10.41
CA HIS A 130 -1.19 -14.11 -10.54
C HIS A 130 -0.39 -15.22 -9.85
N HIS A 131 0.41 -15.95 -10.64
CA HIS A 131 1.23 -17.07 -10.17
C HIS A 131 2.70 -16.67 -10.06
N HIS A 132 3.46 -17.44 -9.28
CA HIS A 132 4.91 -17.24 -9.09
C HIS A 132 5.68 -18.36 -9.80
N HIS A 133 6.89 -18.06 -10.28
CA HIS A 133 7.69 -19.01 -11.08
C HIS A 133 8.54 -19.90 -10.18
N HIS A 134 8.28 -21.23 -10.20
CA HIS A 134 9.12 -22.19 -9.49
C HIS A 134 10.43 -22.41 -10.27
N HIS A 135 11.44 -22.93 -9.57
CA HIS A 135 12.75 -23.26 -10.15
C HIS A 135 13.06 -24.75 -9.85
N MET A 1 -6.25 3.24 -15.47
CA MET A 1 -5.43 3.56 -14.28
C MET A 1 -6.31 3.64 -13.00
N ARG A 2 -6.00 2.79 -11.99
CA ARG A 2 -6.54 2.90 -10.62
C ARG A 2 -5.38 2.61 -9.66
N ILE A 3 -5.31 3.34 -8.55
CA ILE A 3 -4.06 3.48 -7.78
C ILE A 3 -3.94 2.52 -6.57
N ILE A 4 -2.83 1.78 -6.54
CA ILE A 4 -2.41 0.93 -5.42
C ILE A 4 -1.25 1.64 -4.71
N VAL A 5 -1.46 2.09 -3.48
CA VAL A 5 -0.46 2.83 -2.73
C VAL A 5 0.57 1.85 -2.11
N ILE A 6 1.72 1.78 -2.78
CA ILE A 6 2.87 0.99 -2.37
C ILE A 6 3.75 1.85 -1.42
N ILE A 7 3.59 1.64 -0.10
CA ILE A 7 4.44 2.28 0.92
C ILE A 7 5.43 1.24 1.46
N VAL A 8 6.69 1.40 1.06
CA VAL A 8 7.80 0.53 1.48
C VAL A 8 8.90 1.40 2.12
N THR A 9 9.75 0.80 2.94
CA THR A 9 10.88 1.49 3.59
C THR A 9 12.19 1.27 2.80
N ASP A 10 12.30 0.15 2.07
CA ASP A 10 13.53 -0.25 1.34
C ASP A 10 13.19 -0.95 0.00
N GLU A 11 14.11 -1.77 -0.54
CA GLU A 11 13.95 -2.39 -1.89
C GLU A 11 13.04 -3.66 -1.84
N GLN A 12 12.89 -4.27 -0.65
CA GLN A 12 12.05 -5.49 -0.45
C GLN A 12 10.54 -5.16 -0.45
N LYS A 13 9.69 -6.21 -0.37
CA LYS A 13 8.20 -6.16 -0.46
C LYS A 13 7.76 -5.90 -1.92
N ILE A 14 8.45 -4.97 -2.59
CA ILE A 14 8.52 -4.89 -4.05
C ILE A 14 9.19 -6.18 -4.59
N GLU A 15 8.36 -7.18 -4.88
CA GLU A 15 8.81 -8.52 -5.28
C GLU A 15 9.07 -8.57 -6.80
N ASP A 16 10.34 -8.28 -7.15
CA ASP A 16 10.95 -8.41 -8.51
C ASP A 16 10.13 -7.78 -9.66
N MET A 17 9.16 -6.91 -9.32
CA MET A 17 8.24 -6.28 -10.30
C MET A 17 8.90 -5.09 -11.02
N TRP A 18 10.18 -4.86 -10.75
CA TRP A 18 10.90 -3.62 -11.08
C TRP A 18 11.03 -3.41 -12.62
N GLU A 19 11.10 -4.50 -13.38
CA GLU A 19 11.25 -4.44 -14.86
C GLU A 19 9.90 -4.17 -15.58
N ILE A 20 8.81 -4.71 -15.01
CA ILE A 20 7.44 -4.53 -15.55
C ILE A 20 6.80 -3.25 -14.98
N LEU A 21 7.35 -2.77 -13.86
CA LEU A 21 6.81 -1.64 -13.08
C LEU A 21 6.74 -0.35 -13.90
N LYS A 22 7.67 -0.21 -14.85
CA LYS A 22 7.77 0.95 -15.72
C LYS A 22 6.63 0.96 -16.78
N GLU A 23 6.21 -0.23 -17.24
CA GLU A 23 5.18 -0.38 -18.28
C GLU A 23 3.75 -0.53 -17.68
N ILE A 24 3.53 -1.63 -16.96
CA ILE A 24 2.20 -2.00 -16.42
C ILE A 24 2.01 -1.43 -14.99
N GLY A 25 3.12 -1.37 -14.24
CA GLY A 25 3.09 -0.89 -12.87
C GLY A 25 2.62 0.55 -12.71
N VAL A 26 3.18 1.45 -13.55
CA VAL A 26 2.87 2.90 -13.51
C VAL A 26 1.38 3.21 -13.73
N ASP A 27 0.67 2.26 -14.37
CA ASP A 27 -0.78 2.33 -14.59
C ASP A 27 -1.55 2.26 -13.26
N ARG A 28 -1.03 1.50 -12.30
CA ARG A 28 -1.80 1.08 -11.12
C ARG A 28 -1.04 1.19 -9.80
N ILE A 29 0.11 1.89 -9.76
CA ILE A 29 0.86 2.09 -8.48
C ILE A 29 0.97 3.58 -8.12
N VAL A 30 1.20 3.85 -6.82
CA VAL A 30 1.72 5.12 -6.32
C VAL A 30 2.86 4.77 -5.36
N ILE A 31 4.07 5.29 -5.61
CA ILE A 31 5.21 5.07 -4.72
C ILE A 31 5.19 6.20 -3.67
N ILE A 32 4.79 5.87 -2.44
CA ILE A 32 4.82 6.80 -1.29
C ILE A 32 5.82 6.24 -0.26
N THR A 33 6.87 7.00 0.05
CA THR A 33 7.92 6.57 0.97
C THR A 33 8.57 7.77 1.67
N SER A 34 9.43 7.47 2.67
CA SER A 34 10.20 8.47 3.41
C SER A 34 11.71 8.27 3.21
N ASN A 35 12.12 7.11 2.67
CA ASN A 35 13.55 6.78 2.49
C ASN A 35 14.02 7.23 1.11
N LYS A 36 15.27 7.73 1.04
CA LYS A 36 15.89 8.22 -0.19
C LYS A 36 16.16 7.07 -1.19
N GLN A 37 16.67 5.94 -0.67
CA GLN A 37 17.21 4.82 -1.46
C GLN A 37 16.24 4.30 -2.56
N LEU A 38 15.01 3.97 -2.17
CA LEU A 38 14.00 3.37 -3.06
C LEU A 38 13.25 4.43 -3.89
N ALA A 39 13.23 5.69 -3.37
CA ALA A 39 12.62 6.84 -4.08
C ALA A 39 13.46 7.23 -5.31
N GLU A 40 14.80 7.23 -5.12
CA GLU A 40 15.77 7.50 -6.18
C GLU A 40 15.77 6.36 -7.20
N ARG A 41 15.62 5.13 -6.69
CA ARG A 41 15.54 3.91 -7.50
C ARG A 41 14.25 3.92 -8.36
N ALA A 42 13.17 4.47 -7.79
CA ALA A 42 11.85 4.54 -8.45
C ALA A 42 11.86 5.57 -9.59
N LYS A 43 12.55 6.71 -9.37
CA LYS A 43 12.62 7.81 -10.36
C LYS A 43 13.61 7.50 -11.50
N GLU A 44 14.67 6.71 -11.21
CA GLU A 44 15.62 6.25 -12.25
C GLU A 44 14.92 5.20 -13.15
N LEU A 45 13.98 4.44 -12.55
CA LEU A 45 13.08 3.53 -13.27
C LEU A 45 12.12 4.34 -14.17
N GLY A 46 11.63 5.50 -13.66
CA GLY A 46 10.66 6.32 -14.41
C GLY A 46 9.22 6.06 -14.00
N VAL A 47 8.97 5.77 -12.69
CA VAL A 47 7.59 5.65 -12.15
C VAL A 47 6.77 6.93 -12.43
N ASP A 48 5.48 6.76 -12.74
CA ASP A 48 4.53 7.86 -13.08
C ASP A 48 4.44 8.90 -11.95
N ARG A 49 4.15 8.41 -10.74
CA ARG A 49 3.82 9.25 -9.57
C ARG A 49 4.57 8.77 -8.32
N ILE A 50 5.49 9.63 -7.82
CA ILE A 50 6.36 9.34 -6.66
C ILE A 50 6.23 10.50 -5.65
N PHE A 51 5.97 10.14 -4.40
CA PHE A 51 5.89 11.07 -3.28
C PHE A 51 6.95 10.65 -2.25
N LEU A 52 8.02 11.46 -2.14
CA LEU A 52 9.06 11.27 -1.12
C LEU A 52 8.83 12.34 -0.04
N LEU A 53 8.37 11.89 1.12
CA LEU A 53 7.98 12.75 2.24
C LEU A 53 8.32 12.03 3.55
N THR A 54 8.99 12.73 4.46
CA THR A 54 9.50 12.16 5.72
C THR A 54 8.48 12.32 6.87
N ASP A 55 7.23 12.68 6.53
CA ASP A 55 6.15 12.88 7.52
C ASP A 55 5.25 11.63 7.57
N ASP A 56 4.68 11.38 8.76
CA ASP A 56 3.88 10.18 9.06
C ASP A 56 2.40 10.38 8.69
N GLU A 57 1.87 11.58 8.96
CA GLU A 57 0.44 11.91 8.77
C GLU A 57 0.16 12.34 7.31
N LEU A 58 1.16 12.98 6.69
CA LEU A 58 1.04 13.53 5.32
C LEU A 58 0.80 12.42 4.28
N ILE A 59 1.28 11.18 4.54
CA ILE A 59 1.05 10.04 3.61
C ILE A 59 -0.45 9.71 3.51
N ALA A 60 -1.20 9.96 4.61
CA ALA A 60 -2.67 9.85 4.64
C ALA A 60 -3.31 11.02 3.86
N GLU A 61 -2.65 12.19 3.87
CA GLU A 61 -3.09 13.41 3.15
C GLU A 61 -2.90 13.21 1.63
N ILE A 62 -1.86 12.44 1.24
CA ILE A 62 -1.58 12.12 -0.17
C ILE A 62 -2.66 11.18 -0.72
N VAL A 63 -2.93 10.08 0.02
CA VAL A 63 -3.94 9.07 -0.38
C VAL A 63 -5.37 9.67 -0.38
N LYS A 64 -5.56 10.75 0.41
CA LYS A 64 -6.80 11.54 0.42
C LYS A 64 -7.00 12.28 -0.91
N LYS A 65 -6.02 13.13 -1.25
CA LYS A 65 -6.03 13.97 -2.46
C LYS A 65 -6.10 13.13 -3.75
N LEU A 66 -5.38 12.00 -3.74
CA LEU A 66 -5.37 11.05 -4.86
C LEU A 66 -6.69 10.26 -4.92
N GLY A 67 -7.28 9.96 -3.75
CA GLY A 67 -8.45 9.10 -3.66
C GLY A 67 -8.06 7.64 -3.85
N ALA A 68 -7.31 7.10 -2.88
CA ALA A 68 -6.66 5.79 -2.98
C ALA A 68 -7.65 4.63 -2.80
N ASP A 69 -7.41 3.58 -3.58
CA ASP A 69 -8.15 2.31 -3.50
C ASP A 69 -7.70 1.53 -2.26
N ILE A 70 -6.39 1.25 -2.23
CA ILE A 70 -5.75 0.39 -1.23
C ILE A 70 -4.39 0.97 -0.82
N VAL A 71 -4.01 0.78 0.47
CA VAL A 71 -2.71 1.22 1.02
C VAL A 71 -2.07 0.10 1.86
N PHE A 72 -0.78 -0.18 1.64
CA PHE A 72 -0.02 -1.14 2.47
C PHE A 72 0.88 -0.37 3.44
N SER A 73 0.52 -0.35 4.74
CA SER A 73 1.33 0.26 5.81
C SER A 73 0.92 -0.36 7.15
N GLU A 74 1.90 -0.90 7.90
CA GLU A 74 1.72 -1.32 9.29
C GLU A 74 2.17 -0.17 10.22
N ASN A 75 1.19 0.47 10.88
CA ASN A 75 1.40 1.60 11.81
C ASN A 75 0.11 1.83 12.61
N ARG A 76 0.25 2.15 13.91
CA ARG A 76 -0.90 2.37 14.80
C ARG A 76 -1.46 3.80 14.63
N ASP A 77 -0.57 4.80 14.82
CA ASP A 77 -0.92 6.25 14.72
C ASP A 77 -1.43 6.59 13.31
N ILE A 78 -0.64 6.19 12.30
CA ILE A 78 -0.89 6.51 10.89
C ILE A 78 -2.26 5.96 10.44
N ALA A 79 -2.58 4.73 10.90
CA ALA A 79 -3.86 4.08 10.61
C ALA A 79 -5.04 4.96 11.09
N LYS A 80 -4.93 5.51 12.32
CA LYS A 80 -5.95 6.43 12.90
C LYS A 80 -6.11 7.68 12.00
N LYS A 81 -4.94 8.15 11.46
CA LYS A 81 -4.86 9.36 10.62
C LYS A 81 -5.45 9.11 9.22
N ILE A 82 -5.50 7.84 8.78
CA ILE A 82 -6.14 7.48 7.50
C ILE A 82 -7.66 7.37 7.71
N ILE A 83 -8.08 6.74 8.82
CA ILE A 83 -9.50 6.45 9.13
C ILE A 83 -10.31 7.75 9.36
N ARG A 84 -9.69 8.72 10.05
CA ARG A 84 -10.37 9.99 10.42
C ARG A 84 -10.83 10.80 9.19
N LYS A 85 -10.18 10.58 8.03
CA LYS A 85 -10.56 11.22 6.75
C LYS A 85 -11.26 10.19 5.80
N LEU A 86 -10.61 9.05 5.60
CA LEU A 86 -11.07 7.98 4.69
C LEU A 86 -11.25 6.67 5.48
N LYS A 87 -12.50 6.35 5.81
CA LYS A 87 -12.89 5.03 6.36
C LYS A 87 -13.79 4.29 5.36
N ASN A 88 -13.52 4.56 4.06
CA ASN A 88 -14.08 3.82 2.91
C ASN A 88 -12.96 3.08 2.14
N ILE A 89 -11.70 3.38 2.50
CA ILE A 89 -10.50 2.81 1.87
C ILE A 89 -10.16 1.44 2.50
N ILE A 90 -9.56 0.52 1.72
CA ILE A 90 -9.04 -0.77 2.26
C ILE A 90 -7.54 -0.56 2.63
N ILE A 91 -7.24 -0.70 3.92
CA ILE A 91 -5.87 -0.60 4.47
C ILE A 91 -5.36 -2.02 4.75
N LEU A 92 -4.05 -2.23 4.69
CA LEU A 92 -3.42 -3.49 5.04
C LEU A 92 -2.25 -3.23 5.97
N SER A 93 -2.28 -3.88 7.13
CA SER A 93 -1.20 -3.88 8.13
C SER A 93 -0.84 -5.35 8.42
N ASN A 94 0.42 -5.65 8.80
CA ASN A 94 0.81 -7.05 9.11
C ASN A 94 0.16 -7.51 10.44
N ASP A 95 0.29 -6.70 11.49
CA ASP A 95 -0.10 -7.06 12.87
C ASP A 95 -1.64 -7.12 13.02
N GLU A 96 -2.13 -8.34 13.30
CA GLU A 96 -3.56 -8.64 13.48
C GLU A 96 -4.18 -7.87 14.66
N GLN A 97 -3.36 -7.62 15.70
CA GLN A 97 -3.81 -6.97 16.94
C GLN A 97 -4.19 -5.50 16.68
N LEU A 98 -3.46 -4.87 15.75
CA LEU A 98 -3.74 -3.51 15.27
C LEU A 98 -4.99 -3.52 14.37
N VAL A 99 -4.95 -4.41 13.36
CA VAL A 99 -5.96 -4.53 12.30
C VAL A 99 -7.40 -4.62 12.84
N LYS A 100 -7.61 -5.50 13.84
CA LYS A 100 -8.93 -5.73 14.46
C LYS A 100 -9.50 -4.44 15.11
N GLU A 101 -8.62 -3.65 15.76
CA GLU A 101 -8.99 -2.40 16.45
C GLU A 101 -9.52 -1.35 15.48
N LEU A 102 -8.83 -1.25 14.33
CA LEU A 102 -9.16 -0.29 13.26
C LEU A 102 -10.48 -0.65 12.57
N GLN A 103 -10.84 -1.95 12.58
CA GLN A 103 -12.13 -2.43 12.05
C GLN A 103 -13.28 -2.22 13.08
N LYS A 104 -12.93 -2.14 14.38
CA LYS A 104 -13.91 -1.91 15.47
C LYS A 104 -14.32 -0.42 15.54
N GLU A 105 -13.34 0.47 15.38
CA GLU A 105 -13.57 1.93 15.44
C GLU A 105 -14.15 2.47 14.12
N ALA A 106 -13.75 1.85 12.99
CA ALA A 106 -14.25 2.22 11.65
C ALA A 106 -15.29 1.19 11.20
N SER A 107 -16.54 1.64 11.04
CA SER A 107 -17.68 0.79 10.72
C SER A 107 -17.60 0.19 9.29
N ASP A 108 -16.96 0.93 8.37
CA ASP A 108 -16.93 0.56 6.92
C ASP A 108 -15.51 0.26 6.40
N ALA A 109 -14.47 0.76 7.09
CA ALA A 109 -13.08 0.58 6.62
C ALA A 109 -12.63 -0.88 6.76
N ARG A 110 -12.30 -1.49 5.62
CA ARG A 110 -11.83 -2.87 5.55
C ARG A 110 -10.31 -2.88 5.75
N VAL A 111 -9.85 -3.31 6.92
CA VAL A 111 -8.41 -3.44 7.22
C VAL A 111 -8.06 -4.94 7.22
N PHE A 112 -7.02 -5.33 6.45
CA PHE A 112 -6.62 -6.73 6.29
C PHE A 112 -5.25 -6.96 6.96
N ASN A 113 -5.07 -8.16 7.50
CA ASN A 113 -3.83 -8.58 8.19
C ASN A 113 -3.10 -9.67 7.37
N VAL A 114 -1.74 -9.60 7.36
CA VAL A 114 -0.87 -10.64 6.78
C VAL A 114 0.16 -11.11 7.83
N GLN A 115 0.08 -12.40 8.23
CA GLN A 115 0.90 -12.99 9.31
C GLN A 115 1.54 -14.31 8.83
N THR A 116 0.77 -15.10 8.08
CA THR A 116 1.15 -16.42 7.58
C THR A 116 0.66 -16.58 6.12
N LYS A 117 1.02 -17.72 5.50
CA LYS A 117 0.71 -18.05 4.09
C LYS A 117 -0.80 -17.89 3.78
N GLN A 118 -1.64 -18.25 4.77
CA GLN A 118 -3.11 -18.30 4.64
C GLN A 118 -3.72 -16.92 4.27
N ASP A 119 -3.08 -15.85 4.78
CA ASP A 119 -3.52 -14.46 4.52
C ASP A 119 -3.20 -14.08 3.07
N PHE A 120 -1.98 -14.46 2.63
CA PHE A 120 -1.51 -14.24 1.25
C PHE A 120 -2.39 -15.00 0.25
N LYS A 121 -2.82 -16.22 0.63
CA LYS A 121 -3.69 -17.09 -0.19
C LYS A 121 -5.10 -16.47 -0.36
N ASP A 122 -5.63 -15.95 0.76
CA ASP A 122 -6.94 -15.29 0.80
C ASP A 122 -6.93 -13.99 -0.02
N LEU A 123 -5.75 -13.35 -0.07
CA LEU A 123 -5.54 -12.09 -0.79
C LEU A 123 -5.29 -12.37 -2.30
N ILE A 124 -4.65 -13.52 -2.62
CA ILE A 124 -4.48 -14.03 -4.01
C ILE A 124 -5.84 -14.34 -4.63
N GLU A 125 -6.72 -14.92 -3.81
CA GLU A 125 -8.09 -15.31 -4.20
C GLU A 125 -8.94 -14.07 -4.55
N LYS A 126 -8.43 -12.86 -4.24
CA LYS A 126 -9.04 -11.58 -4.65
C LYS A 126 -8.19 -10.90 -5.74
N ILE A 127 -6.98 -10.46 -5.34
CA ILE A 127 -6.02 -9.77 -6.21
C ILE A 127 -4.78 -10.68 -6.42
N LEU A 128 -4.54 -11.06 -7.69
CA LEU A 128 -3.42 -11.93 -8.07
C LEU A 128 -2.31 -11.09 -8.72
N GLU A 129 -1.13 -11.07 -8.07
CA GLU A 129 0.11 -10.46 -8.61
C GLU A 129 1.32 -10.99 -7.81
N HIS A 130 2.55 -10.66 -8.24
CA HIS A 130 3.77 -11.09 -7.52
C HIS A 130 4.27 -10.01 -6.54
N HIS A 131 3.53 -9.86 -5.45
CA HIS A 131 4.04 -9.33 -4.15
C HIS A 131 3.94 -10.46 -3.12
N HIS A 132 2.91 -11.31 -3.31
CA HIS A 132 2.75 -12.55 -2.52
C HIS A 132 3.81 -13.55 -3.03
N HIS A 133 5.04 -13.46 -2.47
CA HIS A 133 6.18 -14.30 -2.86
C HIS A 133 5.85 -15.78 -2.63
N HIS A 134 5.86 -16.55 -3.74
CA HIS A 134 5.56 -17.99 -3.71
C HIS A 134 6.72 -18.74 -3.05
N HIS A 135 6.38 -19.57 -2.06
CA HIS A 135 7.35 -20.43 -1.35
C HIS A 135 6.54 -21.53 -0.60
N MET A 1 -9.98 4.07 -11.62
CA MET A 1 -8.77 3.25 -11.83
C MET A 1 -8.29 2.65 -10.50
N ARG A 2 -7.83 1.38 -10.54
CA ARG A 2 -7.23 0.72 -9.38
C ARG A 2 -5.84 1.33 -9.10
N ILE A 3 -5.79 2.37 -8.25
CA ILE A 3 -4.54 3.02 -7.84
C ILE A 3 -4.14 2.53 -6.43
N ILE A 4 -3.16 1.61 -6.40
CA ILE A 4 -2.62 1.02 -5.18
C ILE A 4 -1.46 1.90 -4.70
N VAL A 5 -1.63 2.55 -3.56
CA VAL A 5 -0.55 3.32 -2.94
C VAL A 5 0.37 2.37 -2.14
N ILE A 6 1.67 2.42 -2.48
CA ILE A 6 2.70 1.56 -1.88
C ILE A 6 3.44 2.33 -0.77
N ILE A 7 3.06 2.07 0.49
CA ILE A 7 3.83 2.50 1.66
C ILE A 7 4.76 1.33 2.03
N VAL A 8 6.05 1.45 1.71
CA VAL A 8 7.02 0.37 1.95
C VAL A 8 7.88 0.70 3.18
N THR A 9 7.98 -0.27 4.11
CA THR A 9 8.75 -0.15 5.36
C THR A 9 9.13 -1.56 5.84
N ASP A 10 8.12 -2.44 5.88
CA ASP A 10 8.24 -3.83 6.32
C ASP A 10 9.16 -4.65 5.38
N GLU A 11 8.79 -4.70 4.07
CA GLU A 11 9.56 -5.42 3.04
C GLU A 11 8.98 -5.08 1.64
N GLN A 12 9.62 -5.63 0.61
CA GLN A 12 9.19 -5.48 -0.80
C GLN A 12 8.74 -6.85 -1.34
N LYS A 13 7.42 -7.00 -1.59
CA LYS A 13 6.82 -8.25 -2.12
C LYS A 13 7.11 -8.42 -3.62
N ILE A 14 7.11 -9.68 -4.09
CA ILE A 14 7.32 -10.04 -5.51
C ILE A 14 6.07 -9.76 -6.38
N GLU A 15 4.99 -9.26 -5.73
CA GLU A 15 3.74 -8.85 -6.40
C GLU A 15 4.07 -7.73 -7.42
N ASP A 16 4.27 -6.49 -6.92
CA ASP A 16 4.86 -5.41 -7.73
C ASP A 16 6.39 -5.45 -7.61
N MET A 17 6.96 -6.45 -8.30
CA MET A 17 8.41 -6.61 -8.52
C MET A 17 8.94 -5.42 -9.34
N TRP A 18 10.23 -5.09 -9.17
CA TRP A 18 10.86 -3.88 -9.75
C TRP A 18 10.82 -3.92 -11.30
N GLU A 19 10.79 -5.14 -11.89
CA GLU A 19 10.64 -5.35 -13.34
C GLU A 19 9.23 -4.96 -13.82
N ILE A 20 8.19 -5.55 -13.19
CA ILE A 20 6.79 -5.32 -13.60
C ILE A 20 6.35 -3.88 -13.26
N LEU A 21 7.00 -3.29 -12.22
CA LEU A 21 6.85 -1.87 -11.83
C LEU A 21 6.99 -0.98 -13.05
N LYS A 22 8.01 -1.26 -13.88
CA LYS A 22 8.27 -0.52 -15.11
C LYS A 22 7.08 -0.57 -16.08
N GLU A 23 6.54 -1.77 -16.30
CA GLU A 23 5.54 -1.99 -17.35
C GLU A 23 4.12 -1.68 -16.87
N ILE A 24 3.63 -2.49 -15.93
CA ILE A 24 2.25 -2.43 -15.44
C ILE A 24 2.13 -1.54 -14.20
N GLY A 25 3.13 -1.66 -13.31
CA GLY A 25 3.12 -1.06 -11.97
C GLY A 25 2.85 0.43 -11.97
N VAL A 26 3.70 1.21 -12.66
CA VAL A 26 3.65 2.71 -12.63
C VAL A 26 2.27 3.29 -13.05
N ASP A 27 1.52 2.50 -13.84
CA ASP A 27 0.21 2.88 -14.39
C ASP A 27 -0.89 2.84 -13.30
N ARG A 28 -0.69 1.98 -12.31
CA ARG A 28 -1.70 1.67 -11.29
C ARG A 28 -1.15 1.74 -9.86
N ILE A 29 0.14 2.07 -9.64
CA ILE A 29 0.71 2.19 -8.27
C ILE A 29 1.48 3.52 -8.10
N VAL A 30 1.54 3.98 -6.84
CA VAL A 30 2.24 5.22 -6.45
C VAL A 30 3.32 4.86 -5.41
N ILE A 31 4.58 5.27 -5.65
CA ILE A 31 5.71 4.97 -4.75
C ILE A 31 5.80 6.08 -3.68
N ILE A 32 5.39 5.74 -2.44
CA ILE A 32 5.46 6.64 -1.30
C ILE A 32 6.51 6.09 -0.32
N THR A 33 7.52 6.90 -0.02
CA THR A 33 8.62 6.49 0.87
C THR A 33 9.24 7.69 1.58
N SER A 34 10.09 7.41 2.57
CA SER A 34 10.89 8.41 3.30
C SER A 34 12.38 8.30 2.91
N ASN A 35 12.74 7.18 2.24
CA ASN A 35 14.11 6.87 1.79
C ASN A 35 14.34 7.45 0.38
N LYS A 36 15.34 8.33 0.26
CA LYS A 36 15.73 8.92 -1.04
C LYS A 36 16.29 7.85 -1.99
N GLN A 37 17.02 6.87 -1.41
CA GLN A 37 17.73 5.81 -2.17
C GLN A 37 16.85 5.10 -3.23
N LEU A 38 15.70 4.55 -2.80
CA LEU A 38 14.83 3.77 -3.69
C LEU A 38 13.88 4.70 -4.49
N ALA A 39 13.63 5.91 -3.94
CA ALA A 39 12.83 6.96 -4.62
C ALA A 39 13.56 7.46 -5.87
N GLU A 40 14.90 7.51 -5.77
CA GLU A 40 15.79 7.87 -6.88
C GLU A 40 15.88 6.72 -7.88
N ARG A 41 16.00 5.49 -7.36
CA ARG A 41 16.13 4.28 -8.21
C ARG A 41 14.84 4.07 -9.04
N ALA A 42 13.69 4.42 -8.43
CA ALA A 42 12.39 4.41 -9.08
C ALA A 42 12.29 5.53 -10.13
N LYS A 43 12.79 6.72 -9.76
CA LYS A 43 12.85 7.91 -10.64
C LYS A 43 13.74 7.66 -11.88
N GLU A 44 14.84 6.91 -11.71
CA GLU A 44 15.75 6.55 -12.81
C GLU A 44 15.10 5.46 -13.69
N LEU A 45 14.31 4.57 -13.05
CA LEU A 45 13.53 3.54 -13.76
C LEU A 45 12.50 4.20 -14.69
N GLY A 46 11.91 5.32 -14.22
CA GLY A 46 10.88 6.05 -14.96
C GLY A 46 9.52 5.97 -14.30
N VAL A 47 9.48 5.80 -12.97
CA VAL A 47 8.23 5.92 -12.19
C VAL A 47 7.87 7.40 -12.05
N ASP A 48 6.71 7.79 -12.57
CA ASP A 48 6.25 9.19 -12.56
C ASP A 48 5.60 9.53 -11.20
N ARG A 49 4.78 8.60 -10.69
CA ARG A 49 4.09 8.75 -9.40
C ARG A 49 5.00 8.33 -8.22
N ILE A 50 5.77 9.32 -7.70
CA ILE A 50 6.64 9.15 -6.52
C ILE A 50 6.46 10.37 -5.60
N PHE A 51 6.12 10.14 -4.33
CA PHE A 51 6.19 11.17 -3.27
C PHE A 51 7.27 10.76 -2.27
N LEU A 52 8.24 11.66 -2.04
CA LEU A 52 9.29 11.47 -1.03
C LEU A 52 9.00 12.43 0.12
N LEU A 53 8.57 11.88 1.26
CA LEU A 53 8.23 12.66 2.45
C LEU A 53 8.54 11.86 3.72
N THR A 54 9.10 12.55 4.73
CA THR A 54 9.31 11.98 6.07
C THR A 54 8.12 12.30 6.99
N ASP A 55 7.07 12.92 6.39
CA ASP A 55 5.81 13.27 7.06
C ASP A 55 4.96 12.01 7.27
N ASP A 56 4.74 11.67 8.54
CA ASP A 56 4.04 10.43 8.95
C ASP A 56 2.54 10.49 8.59
N GLU A 57 1.87 11.60 8.95
CA GLU A 57 0.40 11.72 8.78
C GLU A 57 0.02 12.22 7.38
N LEU A 58 0.93 12.94 6.71
CA LEU A 58 0.64 13.51 5.37
C LEU A 58 0.50 12.42 4.29
N ILE A 59 1.03 11.19 4.53
CA ILE A 59 0.83 10.06 3.59
C ILE A 59 -0.67 9.63 3.57
N ALA A 60 -1.36 9.85 4.71
CA ALA A 60 -2.82 9.69 4.81
C ALA A 60 -3.53 10.77 3.98
N GLU A 61 -2.91 11.96 3.92
CA GLU A 61 -3.46 13.10 3.18
C GLU A 61 -3.21 12.93 1.67
N ILE A 62 -2.09 12.24 1.34
CA ILE A 62 -1.72 11.94 -0.06
C ILE A 62 -2.73 10.93 -0.65
N VAL A 63 -2.98 9.82 0.09
CA VAL A 63 -3.94 8.78 -0.37
C VAL A 63 -5.38 9.33 -0.47
N LYS A 64 -5.72 10.26 0.44
CA LYS A 64 -7.03 10.96 0.46
C LYS A 64 -7.20 11.85 -0.79
N LYS A 65 -6.15 12.62 -1.10
CA LYS A 65 -6.15 13.61 -2.19
C LYS A 65 -6.12 12.89 -3.55
N LEU A 66 -5.37 11.76 -3.62
CA LEU A 66 -5.34 10.89 -4.82
C LEU A 66 -6.69 10.18 -5.00
N GLY A 67 -7.38 9.95 -3.87
CA GLY A 67 -8.66 9.24 -3.86
C GLY A 67 -8.47 7.74 -4.02
N ALA A 68 -7.37 7.23 -3.44
CA ALA A 68 -7.00 5.82 -3.50
C ALA A 68 -8.02 4.97 -2.70
N ASP A 69 -8.66 4.02 -3.39
CA ASP A 69 -9.58 3.06 -2.77
C ASP A 69 -8.81 1.97 -2.01
N ILE A 70 -7.50 1.83 -2.29
CA ILE A 70 -6.67 0.76 -1.70
C ILE A 70 -5.23 1.28 -1.45
N VAL A 71 -4.67 0.90 -0.29
CA VAL A 71 -3.27 1.19 0.09
C VAL A 71 -2.70 0.01 0.89
N PHE A 72 -1.45 -0.36 0.61
CA PHE A 72 -0.69 -1.29 1.46
C PHE A 72 0.15 -0.46 2.43
N SER A 73 -0.19 -0.50 3.74
CA SER A 73 0.55 0.27 4.77
C SER A 73 0.52 -0.47 6.12
N GLU A 74 1.71 -0.74 6.66
CA GLU A 74 1.88 -1.12 8.07
C GLU A 74 2.14 0.16 8.88
N ASN A 75 1.51 0.26 10.07
CA ASN A 75 1.82 1.26 11.11
C ASN A 75 0.69 1.22 12.15
N ARG A 76 1.03 1.34 13.44
CA ARG A 76 0.03 1.30 14.53
C ARG A 76 -0.67 2.66 14.75
N ASP A 77 0.08 3.75 14.51
CA ASP A 77 -0.44 5.13 14.69
C ASP A 77 -1.15 5.60 13.41
N ILE A 78 -0.40 5.59 12.29
CA ILE A 78 -0.80 6.22 11.02
C ILE A 78 -2.08 5.57 10.44
N ALA A 79 -2.28 4.25 10.68
CA ALA A 79 -3.52 3.54 10.25
C ALA A 79 -4.78 4.28 10.75
N LYS A 80 -4.79 4.61 12.05
CA LYS A 80 -5.88 5.37 12.71
C LYS A 80 -6.03 6.77 12.08
N LYS A 81 -4.88 7.36 11.70
CA LYS A 81 -4.79 8.71 11.13
C LYS A 81 -5.27 8.75 9.64
N ILE A 82 -5.28 7.57 8.98
CA ILE A 82 -5.88 7.43 7.64
C ILE A 82 -7.41 7.26 7.78
N ILE A 83 -7.79 6.38 8.72
CA ILE A 83 -9.19 5.93 8.89
C ILE A 83 -10.10 7.01 9.49
N ARG A 84 -9.52 7.94 10.28
CA ARG A 84 -10.28 9.05 10.91
C ARG A 84 -10.90 9.99 9.86
N LYS A 85 -10.31 10.01 8.64
CA LYS A 85 -10.84 10.77 7.50
C LYS A 85 -11.45 9.82 6.45
N LEU A 86 -10.83 8.63 6.27
CA LEU A 86 -11.17 7.67 5.20
C LEU A 86 -11.73 6.36 5.79
N LYS A 87 -13.04 6.20 5.69
CA LYS A 87 -13.77 4.99 6.15
C LYS A 87 -14.35 4.23 4.95
N ASN A 88 -13.91 4.64 3.74
CA ASN A 88 -14.36 4.06 2.46
C ASN A 88 -13.21 3.34 1.75
N ILE A 89 -12.05 3.23 2.43
CA ILE A 89 -10.80 2.69 1.85
C ILE A 89 -10.52 1.28 2.42
N ILE A 90 -9.97 0.39 1.57
CA ILE A 90 -9.47 -0.93 1.99
C ILE A 90 -7.94 -0.83 2.19
N ILE A 91 -7.49 -1.06 3.44
CA ILE A 91 -6.07 -0.97 3.84
C ILE A 91 -5.59 -2.31 4.39
N LEU A 92 -4.45 -2.81 3.89
CA LEU A 92 -3.77 -3.98 4.50
C LEU A 92 -2.79 -3.49 5.55
N SER A 93 -2.88 -4.05 6.77
CA SER A 93 -1.93 -3.79 7.87
C SER A 93 -1.34 -5.14 8.34
N ASN A 94 -0.03 -5.14 8.63
CA ASN A 94 0.77 -6.36 8.85
C ASN A 94 0.78 -6.79 10.33
N ASP A 95 -0.24 -6.35 11.10
CA ASP A 95 -0.33 -6.65 12.54
C ASP A 95 -1.81 -6.75 12.96
N GLU A 96 -2.25 -7.98 13.26
CA GLU A 96 -3.64 -8.28 13.70
C GLU A 96 -4.04 -7.52 14.97
N GLN A 97 -3.04 -7.28 15.85
CA GLN A 97 -3.25 -6.57 17.13
C GLN A 97 -3.72 -5.12 16.89
N LEU A 98 -3.28 -4.57 15.75
CA LEU A 98 -3.66 -3.23 15.27
C LEU A 98 -4.99 -3.31 14.47
N VAL A 99 -5.09 -4.30 13.56
CA VAL A 99 -6.23 -4.46 12.62
C VAL A 99 -7.59 -4.51 13.36
N LYS A 100 -7.63 -5.22 14.51
CA LYS A 100 -8.84 -5.31 15.36
C LYS A 100 -9.26 -3.92 15.90
N GLU A 101 -8.26 -3.11 16.34
CA GLU A 101 -8.50 -1.76 16.89
C GLU A 101 -9.20 -0.87 15.88
N LEU A 102 -8.76 -0.99 14.62
CA LEU A 102 -9.26 -0.19 13.49
C LEU A 102 -10.69 -0.59 13.08
N GLN A 103 -11.03 -1.87 13.28
CA GLN A 103 -12.40 -2.39 12.98
C GLN A 103 -13.36 -2.17 14.16
N LYS A 104 -12.83 -1.80 15.34
CA LYS A 104 -13.66 -1.45 16.51
C LYS A 104 -13.98 0.07 16.52
N GLU A 105 -12.96 0.89 16.20
CA GLU A 105 -13.11 2.36 16.17
C GLU A 105 -13.91 2.79 14.93
N ALA A 106 -13.70 2.07 13.81
CA ALA A 106 -14.47 2.24 12.56
C ALA A 106 -15.46 1.08 12.38
N SER A 107 -16.14 1.05 11.22
CA SER A 107 -17.19 0.07 10.92
C SER A 107 -17.11 -0.34 9.44
N ASP A 108 -17.20 0.66 8.55
CA ASP A 108 -17.21 0.44 7.09
C ASP A 108 -15.78 0.42 6.50
N ALA A 109 -14.79 0.84 7.31
CA ALA A 109 -13.37 0.82 6.91
C ALA A 109 -12.90 -0.64 6.76
N ARG A 110 -12.47 -1.01 5.55
CA ARG A 110 -12.11 -2.39 5.22
C ARG A 110 -10.63 -2.65 5.55
N VAL A 111 -10.35 -2.94 6.81
CA VAL A 111 -8.98 -3.17 7.29
C VAL A 111 -8.69 -4.67 7.25
N PHE A 112 -7.79 -5.08 6.35
CA PHE A 112 -7.48 -6.50 6.09
C PHE A 112 -6.13 -6.84 6.71
N ASN A 113 -6.11 -7.92 7.50
CA ASN A 113 -4.93 -8.39 8.21
C ASN A 113 -4.07 -9.29 7.30
N VAL A 114 -2.76 -9.00 7.26
CA VAL A 114 -1.76 -9.90 6.63
C VAL A 114 -0.65 -10.23 7.65
N GLN A 115 -0.50 -11.53 7.91
CA GLN A 115 0.48 -12.07 8.87
C GLN A 115 1.45 -13.03 8.16
N THR A 116 0.92 -13.86 7.24
CA THR A 116 1.71 -14.89 6.54
C THR A 116 1.10 -15.21 5.15
N LYS A 117 1.80 -16.07 4.38
CA LYS A 117 1.51 -16.29 2.96
C LYS A 117 0.08 -16.82 2.69
N GLN A 118 -0.51 -17.59 3.64
CA GLN A 118 -1.86 -18.18 3.44
C GLN A 118 -2.97 -17.10 3.42
N ASP A 119 -2.83 -16.05 4.23
CA ASP A 119 -3.84 -14.97 4.33
C ASP A 119 -3.59 -13.88 3.28
N PHE A 120 -2.32 -13.75 2.87
CA PHE A 120 -1.92 -12.89 1.74
C PHE A 120 -2.40 -13.53 0.41
N LYS A 121 -2.37 -14.88 0.35
CA LYS A 121 -2.88 -15.65 -0.80
C LYS A 121 -4.41 -15.59 -0.89
N ASP A 122 -5.08 -15.45 0.27
CA ASP A 122 -6.56 -15.25 0.33
C ASP A 122 -6.96 -14.10 -0.63
N LEU A 123 -6.26 -12.96 -0.50
CA LEU A 123 -6.48 -11.79 -1.35
C LEU A 123 -6.08 -12.08 -2.84
N ILE A 124 -4.83 -12.56 -3.04
CA ILE A 124 -4.24 -12.78 -4.39
C ILE A 124 -5.03 -13.82 -5.24
N GLU A 125 -5.68 -14.76 -4.55
CA GLU A 125 -6.43 -15.88 -5.19
C GLU A 125 -7.81 -15.41 -5.69
N LYS A 126 -8.49 -14.56 -4.89
CA LYS A 126 -9.85 -14.08 -5.22
C LYS A 126 -9.81 -12.83 -6.12
N ILE A 127 -8.67 -12.12 -6.11
CA ILE A 127 -8.44 -10.89 -6.92
C ILE A 127 -7.50 -11.24 -8.10
N LEU A 128 -7.57 -10.46 -9.20
CA LEU A 128 -6.62 -10.58 -10.32
C LEU A 128 -5.19 -10.22 -9.83
N GLU A 129 -4.29 -11.21 -9.87
CA GLU A 129 -2.90 -11.06 -9.37
C GLU A 129 -2.04 -10.16 -10.30
N HIS A 130 -0.80 -9.92 -9.86
CA HIS A 130 0.27 -9.24 -10.63
C HIS A 130 0.60 -9.96 -11.97
N HIS A 131 0.16 -11.24 -12.08
CA HIS A 131 0.31 -12.11 -13.26
C HIS A 131 1.69 -12.77 -13.27
N HIS A 132 1.73 -14.01 -13.80
CA HIS A 132 2.95 -14.82 -13.88
C HIS A 132 3.85 -14.29 -15.00
N HIS A 133 5.04 -13.79 -14.60
CA HIS A 133 6.00 -13.13 -15.52
C HIS A 133 6.52 -14.13 -16.57
N HIS A 134 7.01 -15.28 -16.10
CA HIS A 134 7.45 -16.41 -16.96
C HIS A 134 6.49 -17.60 -16.82
N HIS A 135 6.70 -18.63 -17.68
CA HIS A 135 5.98 -19.91 -17.59
C HIS A 135 6.72 -20.83 -16.58
N MET A 1 -8.00 4.38 -14.23
CA MET A 1 -7.18 3.40 -13.49
C MET A 1 -7.11 3.81 -12.01
N ARG A 2 -7.30 2.85 -11.09
CA ARG A 2 -7.23 3.11 -9.62
C ARG A 2 -5.81 2.88 -9.13
N ILE A 3 -5.42 3.64 -8.10
CA ILE A 3 -4.06 3.63 -7.54
C ILE A 3 -4.01 2.98 -6.14
N ILE A 4 -2.94 2.19 -5.92
CA ILE A 4 -2.64 1.47 -4.70
C ILE A 4 -1.40 2.14 -4.12
N VAL A 5 -1.51 2.70 -2.91
CA VAL A 5 -0.41 3.37 -2.24
C VAL A 5 0.51 2.32 -1.58
N ILE A 6 1.64 2.05 -2.25
CA ILE A 6 2.66 1.10 -1.83
C ILE A 6 3.68 1.82 -0.94
N ILE A 7 3.54 1.69 0.37
CA ILE A 7 4.50 2.22 1.34
C ILE A 7 5.58 1.16 1.58
N VAL A 8 6.78 1.39 1.01
CA VAL A 8 7.94 0.48 1.11
C VAL A 8 9.22 1.28 1.41
N THR A 9 10.19 0.59 2.01
CA THR A 9 11.52 1.14 2.32
C THR A 9 12.57 0.07 2.01
N ASP A 10 13.35 0.30 0.92
CA ASP A 10 14.44 -0.61 0.41
C ASP A 10 13.90 -1.85 -0.33
N GLU A 11 12.67 -2.31 0.03
CA GLU A 11 12.08 -3.53 -0.52
C GLU A 11 11.78 -3.38 -2.03
N GLN A 12 12.50 -4.15 -2.86
CA GLN A 12 12.21 -4.32 -4.29
C GLN A 12 11.11 -5.39 -4.43
N LYS A 13 9.93 -4.97 -4.87
CA LYS A 13 8.73 -5.83 -4.91
C LYS A 13 8.89 -6.89 -6.03
N ILE A 14 8.79 -8.18 -5.65
CA ILE A 14 8.87 -9.30 -6.60
C ILE A 14 7.46 -9.68 -7.11
N GLU A 15 6.41 -9.46 -6.26
CA GLU A 15 5.00 -9.70 -6.63
C GLU A 15 4.64 -8.89 -7.90
N ASP A 16 4.70 -7.56 -7.76
CA ASP A 16 4.72 -6.64 -8.91
C ASP A 16 6.20 -6.46 -9.28
N MET A 17 6.69 -7.37 -10.15
CA MET A 17 8.12 -7.46 -10.54
C MET A 17 8.66 -6.09 -11.02
N TRP A 18 9.84 -5.72 -10.49
CA TRP A 18 10.47 -4.38 -10.65
C TRP A 18 10.72 -4.00 -12.14
N GLU A 19 10.80 -5.01 -13.03
CA GLU A 19 10.98 -4.78 -14.47
C GLU A 19 9.62 -4.41 -15.14
N ILE A 20 8.60 -5.30 -15.02
CA ILE A 20 7.24 -5.08 -15.57
C ILE A 20 6.53 -3.86 -14.89
N LEU A 21 7.07 -3.49 -13.72
CA LEU A 21 6.68 -2.28 -12.97
C LEU A 21 6.58 -1.05 -13.89
N LYS A 22 7.54 -0.91 -14.83
CA LYS A 22 7.60 0.27 -15.72
C LYS A 22 6.37 0.36 -16.66
N GLU A 23 5.85 -0.82 -17.09
CA GLU A 23 4.71 -0.90 -18.03
C GLU A 23 3.36 -0.97 -17.30
N ILE A 24 3.15 -2.07 -16.55
CA ILE A 24 1.86 -2.37 -15.88
C ILE A 24 1.83 -1.78 -14.45
N GLY A 25 3.00 -1.87 -13.77
CA GLY A 25 3.11 -1.44 -12.37
C GLY A 25 2.74 0.02 -12.16
N VAL A 26 3.27 0.91 -13.01
CA VAL A 26 3.07 2.38 -12.90
C VAL A 26 1.58 2.80 -12.99
N ASP A 27 0.80 1.96 -13.69
CA ASP A 27 -0.62 2.18 -13.95
C ASP A 27 -1.46 1.97 -12.67
N ARG A 28 -0.96 1.13 -11.76
CA ARG A 28 -1.70 0.70 -10.57
C ARG A 28 -1.04 1.20 -9.27
N ILE A 29 0.30 1.07 -9.14
CA ILE A 29 1.01 1.34 -7.87
C ILE A 29 1.45 2.81 -7.73
N VAL A 30 1.64 3.24 -6.47
CA VAL A 30 2.27 4.52 -6.12
C VAL A 30 3.45 4.24 -5.17
N ILE A 31 4.63 4.81 -5.46
CA ILE A 31 5.84 4.63 -4.65
C ILE A 31 5.84 5.72 -3.55
N ILE A 32 5.50 5.31 -2.32
CA ILE A 32 5.49 6.17 -1.14
C ILE A 32 6.58 5.68 -0.19
N THR A 33 7.56 6.53 0.09
CA THR A 33 8.69 6.17 0.93
C THR A 33 9.28 7.40 1.63
N SER A 34 10.08 7.14 2.65
CA SER A 34 10.84 8.16 3.39
C SER A 34 12.31 8.16 2.90
N ASN A 35 12.75 7.01 2.34
CA ASN A 35 14.12 6.80 1.86
C ASN A 35 14.28 7.32 0.43
N LYS A 36 15.21 8.27 0.29
CA LYS A 36 15.52 8.92 -0.99
C LYS A 36 16.08 7.91 -2.01
N GLN A 37 16.91 6.97 -1.51
CA GLN A 37 17.64 5.97 -2.32
C GLN A 37 16.75 5.20 -3.33
N LEU A 38 15.65 4.57 -2.86
CA LEU A 38 14.81 3.72 -3.71
C LEU A 38 13.81 4.57 -4.51
N ALA A 39 13.52 5.79 -4.02
CA ALA A 39 12.69 6.79 -4.74
C ALA A 39 13.42 7.29 -5.99
N GLU A 40 14.76 7.40 -5.89
CA GLU A 40 15.64 7.79 -7.00
C GLU A 40 15.75 6.64 -8.02
N ARG A 41 15.95 5.42 -7.51
CA ARG A 41 15.97 4.19 -8.34
C ARG A 41 14.63 4.01 -9.09
N ALA A 42 13.55 4.46 -8.43
CA ALA A 42 12.20 4.42 -8.97
C ALA A 42 12.03 5.44 -10.12
N LYS A 43 12.55 6.67 -9.95
CA LYS A 43 12.43 7.72 -11.00
C LYS A 43 13.39 7.46 -12.17
N GLU A 44 14.45 6.65 -11.92
CA GLU A 44 15.37 6.14 -12.96
C GLU A 44 14.72 4.96 -13.71
N LEU A 45 13.84 4.22 -13.01
CA LEU A 45 12.98 3.20 -13.64
C LEU A 45 11.97 3.91 -14.56
N GLY A 46 11.49 5.08 -14.13
CA GLY A 46 10.58 5.92 -14.91
C GLY A 46 9.15 5.93 -14.40
N VAL A 47 8.89 5.37 -13.20
CA VAL A 47 7.55 5.40 -12.58
C VAL A 47 7.19 6.85 -12.20
N ASP A 48 6.05 7.33 -12.72
CA ASP A 48 5.56 8.70 -12.47
C ASP A 48 5.03 8.82 -11.04
N ARG A 49 4.32 7.76 -10.61
CA ARG A 49 3.65 7.73 -9.31
C ARG A 49 4.69 7.55 -8.19
N ILE A 50 5.26 8.69 -7.73
CA ILE A 50 6.28 8.73 -6.66
C ILE A 50 6.01 9.95 -5.77
N PHE A 51 5.98 9.75 -4.46
CA PHE A 51 6.04 10.83 -3.48
C PHE A 51 7.09 10.44 -2.43
N LEU A 52 8.12 11.28 -2.30
CA LEU A 52 9.15 11.15 -1.28
C LEU A 52 8.79 12.13 -0.17
N LEU A 53 8.50 11.60 1.01
CA LEU A 53 8.17 12.39 2.20
C LEU A 53 8.75 11.70 3.43
N THR A 54 9.53 12.45 4.22
CA THR A 54 10.14 11.96 5.47
C THR A 54 9.19 12.26 6.66
N ASP A 55 7.90 12.02 6.43
CA ASP A 55 6.82 12.37 7.37
C ASP A 55 5.85 11.18 7.51
N ASP A 56 5.56 10.83 8.77
CA ASP A 56 4.70 9.69 9.14
C ASP A 56 3.22 10.05 9.05
N GLU A 57 2.84 11.16 9.70
CA GLU A 57 1.43 11.59 9.87
C GLU A 57 0.87 12.21 8.57
N LEU A 58 1.76 12.81 7.75
CA LEU A 58 1.40 13.49 6.50
C LEU A 58 0.91 12.50 5.42
N ILE A 59 1.24 11.18 5.55
CA ILE A 59 0.76 10.15 4.60
C ILE A 59 -0.78 10.08 4.58
N ALA A 60 -1.43 10.52 5.70
CA ALA A 60 -2.90 10.61 5.79
C ALA A 60 -3.44 11.62 4.76
N GLU A 61 -2.74 12.78 4.65
CA GLU A 61 -3.10 13.84 3.69
C GLU A 61 -2.71 13.43 2.26
N ILE A 62 -1.58 12.70 2.13
CA ILE A 62 -1.07 12.27 0.82
C ILE A 62 -2.03 11.26 0.17
N VAL A 63 -2.44 10.22 0.93
CA VAL A 63 -3.38 9.20 0.43
C VAL A 63 -4.77 9.81 0.14
N LYS A 64 -5.15 10.84 0.95
CA LYS A 64 -6.36 11.64 0.70
C LYS A 64 -6.27 12.37 -0.66
N LYS A 65 -5.18 13.12 -0.84
CA LYS A 65 -4.94 13.99 -2.00
C LYS A 65 -4.83 13.15 -3.29
N LEU A 66 -4.19 11.97 -3.16
CA LEU A 66 -4.06 11.01 -4.27
C LEU A 66 -5.41 10.37 -4.61
N GLY A 67 -6.28 10.23 -3.59
CA GLY A 67 -7.56 9.55 -3.73
C GLY A 67 -7.37 8.06 -3.73
N ALA A 68 -6.68 7.58 -2.68
CA ALA A 68 -6.22 6.19 -2.58
C ALA A 68 -7.39 5.21 -2.41
N ASP A 69 -7.35 4.15 -3.22
CA ASP A 69 -8.34 3.07 -3.20
C ASP A 69 -8.00 2.09 -2.07
N ILE A 70 -6.70 1.79 -1.98
CA ILE A 70 -6.13 0.82 -1.03
C ILE A 70 -4.67 1.19 -0.73
N VAL A 71 -4.25 0.95 0.52
CA VAL A 71 -2.88 1.22 0.99
C VAL A 71 -2.42 0.10 1.95
N PHE A 72 -1.13 -0.27 1.88
CA PHE A 72 -0.51 -1.18 2.85
C PHE A 72 0.33 -0.30 3.78
N SER A 73 -0.11 -0.14 5.04
CA SER A 73 0.44 0.89 5.94
C SER A 73 0.55 0.38 7.39
N GLU A 74 1.74 0.58 7.97
CA GLU A 74 2.00 0.50 9.41
C GLU A 74 1.80 1.90 10.04
N ASN A 75 1.87 1.94 11.39
CA ASN A 75 1.65 3.12 12.28
C ASN A 75 0.21 3.09 12.80
N ARG A 76 0.05 2.71 14.09
CA ARG A 76 -1.25 2.56 14.77
C ARG A 76 -2.09 3.87 14.75
N ASP A 77 -1.47 4.93 15.28
CA ASP A 77 -2.09 6.25 15.44
C ASP A 77 -2.49 6.87 14.09
N ILE A 78 -1.59 6.72 13.11
CA ILE A 78 -1.74 7.35 11.78
C ILE A 78 -2.85 6.64 10.97
N ALA A 79 -2.88 5.28 11.04
CA ALA A 79 -3.89 4.45 10.35
C ALA A 79 -5.32 4.84 10.76
N LYS A 80 -5.52 5.07 12.07
CA LYS A 80 -6.82 5.51 12.62
C LYS A 80 -7.24 6.87 12.05
N LYS A 81 -6.23 7.75 11.84
CA LYS A 81 -6.44 9.11 11.29
C LYS A 81 -6.66 9.08 9.78
N ILE A 82 -6.24 7.99 9.10
CA ILE A 82 -6.52 7.79 7.67
C ILE A 82 -7.98 7.30 7.53
N ILE A 83 -8.37 6.39 8.41
CA ILE A 83 -9.69 5.71 8.38
C ILE A 83 -10.84 6.66 8.80
N ARG A 84 -10.56 7.58 9.75
CA ARG A 84 -11.58 8.52 10.28
C ARG A 84 -12.06 9.49 9.18
N LYS A 85 -11.14 9.84 8.26
CA LYS A 85 -11.39 10.80 7.17
C LYS A 85 -11.71 10.07 5.85
N LEU A 86 -11.14 8.87 5.70
CA LEU A 86 -11.30 8.00 4.51
C LEU A 86 -11.89 6.66 4.95
N LYS A 87 -13.20 6.50 4.77
CA LYS A 87 -13.91 5.26 5.15
C LYS A 87 -14.07 4.33 3.94
N ASN A 88 -13.97 4.89 2.73
CA ASN A 88 -14.11 4.12 1.47
C ASN A 88 -12.75 3.52 1.04
N ILE A 89 -11.68 3.76 1.83
CA ILE A 89 -10.36 3.17 1.60
C ILE A 89 -10.26 1.83 2.36
N ILE A 90 -9.56 0.86 1.78
CA ILE A 90 -9.28 -0.44 2.40
C ILE A 90 -7.76 -0.50 2.69
N ILE A 91 -7.38 -0.79 3.96
CA ILE A 91 -5.96 -0.78 4.40
C ILE A 91 -5.54 -2.17 4.90
N LEU A 92 -4.30 -2.60 4.57
CA LEU A 92 -3.69 -3.83 5.11
C LEU A 92 -2.62 -3.44 6.12
N SER A 93 -2.52 -4.18 7.23
CA SER A 93 -1.51 -3.95 8.28
C SER A 93 -0.93 -5.29 8.76
N ASN A 94 0.39 -5.29 9.01
CA ASN A 94 1.16 -6.45 9.52
C ASN A 94 0.91 -6.65 11.02
N ASP A 95 0.54 -5.56 11.71
CA ASP A 95 0.14 -5.60 13.12
C ASP A 95 -1.36 -5.95 13.21
N GLU A 96 -1.65 -7.22 13.59
CA GLU A 96 -3.03 -7.74 13.74
C GLU A 96 -3.80 -6.98 14.83
N GLN A 97 -3.06 -6.45 15.82
CA GLN A 97 -3.63 -5.72 16.96
C GLN A 97 -4.17 -4.38 16.49
N LEU A 98 -3.56 -3.82 15.43
CA LEU A 98 -4.04 -2.60 14.76
C LEU A 98 -5.32 -2.92 13.96
N VAL A 99 -5.20 -3.97 13.10
CA VAL A 99 -6.27 -4.40 12.17
C VAL A 99 -7.62 -4.57 12.89
N LYS A 100 -7.59 -5.30 14.02
CA LYS A 100 -8.80 -5.60 14.80
C LYS A 100 -9.44 -4.31 15.37
N GLU A 101 -8.59 -3.36 15.84
CA GLU A 101 -9.04 -2.08 16.43
C GLU A 101 -9.88 -1.30 15.43
N LEU A 102 -9.39 -1.24 14.18
CA LEU A 102 -10.04 -0.51 13.09
C LEU A 102 -11.32 -1.23 12.62
N GLN A 103 -11.36 -2.55 12.83
CA GLN A 103 -12.56 -3.36 12.57
C GLN A 103 -13.64 -3.10 13.64
N LYS A 104 -13.25 -2.61 14.84
CA LYS A 104 -14.20 -2.30 15.94
C LYS A 104 -14.68 -0.83 15.87
N GLU A 105 -13.73 0.10 15.70
CA GLU A 105 -14.00 1.55 15.80
C GLU A 105 -14.66 2.08 14.50
N ALA A 106 -14.29 1.46 13.37
CA ALA A 106 -14.85 1.79 12.06
C ALA A 106 -15.87 0.73 11.64
N SER A 107 -16.78 1.12 10.74
CA SER A 107 -17.91 0.26 10.31
C SER A 107 -17.98 0.19 8.77
N ASP A 108 -17.59 1.29 8.10
CA ASP A 108 -17.63 1.40 6.62
C ASP A 108 -16.26 1.03 6.02
N ALA A 109 -15.19 1.23 6.80
CA ALA A 109 -13.81 0.95 6.36
C ALA A 109 -13.50 -0.54 6.50
N ARG A 110 -12.78 -1.08 5.50
CA ARG A 110 -12.33 -2.47 5.45
C ARG A 110 -10.82 -2.51 5.75
N VAL A 111 -10.41 -3.31 6.75
CA VAL A 111 -8.98 -3.45 7.12
C VAL A 111 -8.64 -4.95 7.23
N PHE A 112 -7.63 -5.38 6.45
CA PHE A 112 -7.22 -6.80 6.33
C PHE A 112 -5.87 -7.03 7.03
N ASN A 113 -5.72 -8.21 7.63
CA ASN A 113 -4.51 -8.62 8.36
C ASN A 113 -3.58 -9.45 7.46
N VAL A 114 -2.31 -9.06 7.37
CA VAL A 114 -1.27 -9.81 6.65
C VAL A 114 -0.18 -10.27 7.64
N GLN A 115 0.03 -11.58 7.71
CA GLN A 115 1.01 -12.21 8.62
C GLN A 115 2.06 -12.97 7.80
N THR A 116 1.63 -14.09 7.22
CA THR A 116 2.48 -14.98 6.43
C THR A 116 2.01 -14.98 4.96
N LYS A 117 2.76 -15.67 4.09
CA LYS A 117 2.47 -15.76 2.62
C LYS A 117 1.09 -16.36 2.35
N GLN A 118 0.58 -17.14 3.33
CA GLN A 118 -0.75 -17.76 3.27
C GLN A 118 -1.87 -16.69 3.21
N ASP A 119 -1.67 -15.54 3.89
CA ASP A 119 -2.63 -14.41 3.89
C ASP A 119 -2.61 -13.67 2.53
N PHE A 120 -1.40 -13.57 1.96
CA PHE A 120 -1.19 -12.93 0.64
C PHE A 120 -1.76 -13.82 -0.49
N LYS A 121 -1.64 -15.15 -0.32
CA LYS A 121 -2.13 -16.16 -1.28
C LYS A 121 -3.67 -16.31 -1.14
N ASP A 122 -4.16 -16.10 0.10
CA ASP A 122 -5.60 -16.00 0.41
C ASP A 122 -6.20 -14.82 -0.36
N LEU A 123 -5.45 -13.70 -0.37
CA LEU A 123 -5.81 -12.50 -1.12
C LEU A 123 -5.82 -12.79 -2.65
N ILE A 124 -4.86 -13.61 -3.14
CA ILE A 124 -4.76 -14.01 -4.58
C ILE A 124 -6.06 -14.69 -5.05
N GLU A 125 -6.66 -15.53 -4.19
CA GLU A 125 -7.93 -16.22 -4.47
C GLU A 125 -9.11 -15.22 -4.69
N LYS A 126 -9.13 -14.14 -3.88
CA LYS A 126 -10.29 -13.21 -3.84
C LYS A 126 -9.97 -11.84 -4.47
N ILE A 127 -8.79 -11.70 -5.09
CA ILE A 127 -8.41 -10.47 -5.82
C ILE A 127 -8.70 -10.64 -7.33
N LEU A 128 -8.83 -9.53 -8.06
CA LEU A 128 -9.21 -9.52 -9.48
C LEU A 128 -7.95 -9.64 -10.41
N GLU A 129 -6.76 -9.83 -9.79
CA GLU A 129 -5.50 -10.05 -10.52
C GLU A 129 -5.53 -11.40 -11.26
N HIS A 130 -4.88 -11.45 -12.43
CA HIS A 130 -4.70 -12.67 -13.23
C HIS A 130 -3.21 -12.90 -13.42
N HIS A 131 -2.62 -13.60 -12.45
CA HIS A 131 -1.20 -13.99 -12.47
C HIS A 131 -1.03 -15.09 -13.54
N HIS A 132 -0.72 -14.64 -14.78
CA HIS A 132 -0.62 -15.51 -15.97
C HIS A 132 0.51 -16.54 -15.83
N HIS A 133 1.65 -16.09 -15.33
CA HIS A 133 2.89 -16.88 -15.27
C HIS A 133 3.64 -16.55 -13.99
N HIS A 134 4.13 -17.59 -13.28
CA HIS A 134 4.97 -17.43 -12.09
C HIS A 134 6.36 -16.93 -12.53
N HIS A 135 6.52 -15.61 -12.52
CA HIS A 135 7.77 -14.93 -12.84
C HIS A 135 8.84 -15.20 -11.75
N MET A 1 -11.54 1.15 -6.71
CA MET A 1 -10.59 0.03 -6.85
C MET A 1 -9.81 0.19 -8.17
N ARG A 2 -8.61 0.78 -8.08
CA ARG A 2 -7.74 1.01 -9.25
C ARG A 2 -6.27 1.05 -8.83
N ILE A 3 -5.89 2.12 -8.08
CA ILE A 3 -4.48 2.42 -7.75
C ILE A 3 -4.10 1.92 -6.33
N ILE A 4 -2.83 1.49 -6.22
CA ILE A 4 -2.22 0.98 -4.99
C ILE A 4 -1.09 1.93 -4.55
N VAL A 5 -1.07 2.27 -3.27
CA VAL A 5 -0.03 3.10 -2.68
C VAL A 5 1.12 2.22 -2.19
N ILE A 6 2.25 2.31 -2.90
CA ILE A 6 3.46 1.53 -2.58
C ILE A 6 4.28 2.26 -1.51
N ILE A 7 4.06 1.83 -0.26
CA ILE A 7 4.87 2.22 0.90
C ILE A 7 5.54 0.95 1.43
N VAL A 8 6.77 1.07 1.95
CA VAL A 8 7.55 -0.08 2.40
C VAL A 8 7.42 -0.19 3.92
N THR A 9 7.06 -1.40 4.38
CA THR A 9 6.70 -1.70 5.76
C THR A 9 7.96 -1.99 6.60
N ASP A 10 8.72 -2.99 6.13
CA ASP A 10 9.98 -3.45 6.73
C ASP A 10 10.64 -4.44 5.76
N GLU A 11 9.78 -5.32 5.20
CA GLU A 11 10.16 -6.27 4.13
C GLU A 11 10.55 -5.52 2.84
N GLN A 12 10.99 -6.27 1.84
CA GLN A 12 11.37 -5.73 0.53
C GLN A 12 10.10 -5.29 -0.23
N LYS A 13 9.04 -6.11 -0.09
CA LYS A 13 7.68 -5.89 -0.67
C LYS A 13 7.65 -6.09 -2.22
N ILE A 14 8.84 -6.20 -2.84
CA ILE A 14 9.01 -6.43 -4.28
C ILE A 14 9.58 -7.84 -4.45
N GLU A 15 8.71 -8.82 -4.69
CA GLU A 15 9.11 -10.24 -4.83
C GLU A 15 9.62 -10.49 -6.28
N ASP A 16 10.78 -9.85 -6.57
CA ASP A 16 11.40 -9.77 -7.89
C ASP A 16 10.37 -9.39 -8.96
N MET A 17 9.90 -8.14 -8.87
CA MET A 17 8.82 -7.60 -9.72
C MET A 17 9.17 -6.20 -10.23
N TRP A 18 10.46 -5.90 -10.32
CA TRP A 18 10.96 -4.55 -10.62
C TRP A 18 10.78 -4.20 -12.13
N GLU A 19 10.86 -5.23 -13.01
CA GLU A 19 10.67 -5.05 -14.47
C GLU A 19 9.18 -4.77 -14.81
N ILE A 20 8.26 -5.52 -14.18
CA ILE A 20 6.81 -5.37 -14.38
C ILE A 20 6.29 -4.12 -13.63
N LEU A 21 7.02 -3.74 -12.55
CA LEU A 21 6.74 -2.53 -11.74
C LEU A 21 6.62 -1.30 -12.65
N LYS A 22 7.62 -1.11 -13.51
CA LYS A 22 7.69 0.07 -14.37
C LYS A 22 6.72 -0.02 -15.57
N GLU A 23 6.34 -1.26 -15.96
CA GLU A 23 5.57 -1.49 -17.19
C GLU A 23 4.06 -1.43 -16.93
N ILE A 24 3.57 -2.41 -16.14
CA ILE A 24 2.14 -2.55 -15.80
C ILE A 24 1.83 -1.80 -14.49
N GLY A 25 2.79 -1.85 -13.56
CA GLY A 25 2.61 -1.37 -12.19
C GLY A 25 2.32 0.12 -12.11
N VAL A 26 3.21 0.96 -12.70
CA VAL A 26 3.15 2.44 -12.58
C VAL A 26 1.80 3.04 -13.00
N ASP A 27 1.10 2.34 -13.91
CA ASP A 27 -0.22 2.73 -14.42
C ASP A 27 -1.28 2.74 -13.29
N ARG A 28 -1.12 1.80 -12.35
CA ARG A 28 -2.09 1.59 -11.27
C ARG A 28 -1.41 1.60 -9.88
N ILE A 29 -0.18 2.13 -9.78
CA ILE A 29 0.49 2.34 -8.46
C ILE A 29 1.14 3.73 -8.39
N VAL A 30 1.33 4.23 -7.16
CA VAL A 30 2.13 5.45 -6.88
C VAL A 30 3.21 5.09 -5.86
N ILE A 31 4.46 5.55 -6.09
CA ILE A 31 5.59 5.31 -5.17
C ILE A 31 5.61 6.44 -4.12
N ILE A 32 5.18 6.13 -2.88
CA ILE A 32 5.13 7.09 -1.76
C ILE A 32 6.02 6.60 -0.62
N THR A 33 7.06 7.38 -0.29
CA THR A 33 8.06 7.00 0.73
C THR A 33 8.66 8.23 1.41
N SER A 34 9.48 7.98 2.44
CA SER A 34 10.25 9.00 3.18
C SER A 34 11.76 8.85 2.90
N ASN A 35 12.13 7.72 2.28
CA ASN A 35 13.50 7.39 1.88
C ASN A 35 13.74 7.89 0.45
N LYS A 36 14.70 8.81 0.27
CA LYS A 36 15.04 9.36 -1.05
C LYS A 36 15.74 8.30 -1.93
N GLN A 37 16.50 7.40 -1.26
CA GLN A 37 17.28 6.33 -1.91
C GLN A 37 16.47 5.49 -2.95
N LEU A 38 15.34 4.90 -2.52
CA LEU A 38 14.55 4.01 -3.39
C LEU A 38 13.63 4.83 -4.31
N ALA A 39 13.31 6.07 -3.88
CA ALA A 39 12.52 7.02 -4.68
C ALA A 39 13.29 7.41 -5.96
N GLU A 40 14.63 7.57 -5.82
CA GLU A 40 15.52 7.86 -6.95
C GLU A 40 15.77 6.58 -7.77
N ARG A 41 15.74 5.42 -7.11
CA ARG A 41 15.82 4.11 -7.78
C ARG A 41 14.55 3.90 -8.64
N ALA A 42 13.42 4.43 -8.17
CA ALA A 42 12.11 4.34 -8.84
C ALA A 42 12.05 5.28 -10.06
N LYS A 43 12.65 6.48 -9.96
CA LYS A 43 12.66 7.44 -11.08
C LYS A 43 13.62 6.96 -12.20
N GLU A 44 14.70 6.26 -11.79
CA GLU A 44 15.64 5.64 -12.74
C GLU A 44 15.06 4.34 -13.32
N LEU A 45 14.12 3.74 -12.58
CA LEU A 45 13.31 2.62 -13.06
C LEU A 45 12.39 3.09 -14.20
N GLY A 46 11.85 4.30 -14.05
CA GLY A 46 10.96 4.90 -15.06
C GLY A 46 9.64 5.38 -14.48
N VAL A 47 9.45 5.25 -13.14
CA VAL A 47 8.22 5.74 -12.46
C VAL A 47 8.16 7.27 -12.53
N ASP A 48 7.00 7.81 -12.89
CA ASP A 48 6.76 9.25 -13.00
C ASP A 48 6.16 9.81 -11.71
N ARG A 49 5.13 9.11 -11.18
CA ARG A 49 4.36 9.56 -10.00
C ARG A 49 5.04 9.06 -8.70
N ILE A 50 5.94 9.90 -8.17
CA ILE A 50 6.73 9.63 -6.96
C ILE A 50 6.54 10.78 -5.95
N PHE A 51 6.26 10.42 -4.69
CA PHE A 51 6.15 11.35 -3.57
C PHE A 51 7.21 11.03 -2.52
N LEU A 52 7.88 12.07 -2.04
CA LEU A 52 8.90 11.99 -1.00
C LEU A 52 8.53 12.96 0.13
N LEU A 53 8.14 12.40 1.28
CA LEU A 53 7.70 13.17 2.45
C LEU A 53 8.13 12.47 3.74
N THR A 54 8.69 13.24 4.67
CA THR A 54 9.17 12.73 5.97
C THR A 54 8.08 12.90 7.05
N ASP A 55 6.83 12.69 6.61
CA ASP A 55 5.62 13.01 7.39
C ASP A 55 4.72 11.77 7.51
N ASP A 56 4.00 11.70 8.63
CA ASP A 56 3.14 10.55 8.98
C ASP A 56 1.73 10.70 8.37
N GLU A 57 0.88 11.55 8.99
CA GLU A 57 -0.54 11.74 8.57
C GLU A 57 -0.66 12.38 7.18
N LEU A 58 0.41 13.04 6.71
CA LEU A 58 0.42 13.65 5.37
C LEU A 58 0.34 12.59 4.26
N ILE A 59 0.73 11.32 4.53
CA ILE A 59 0.54 10.23 3.55
C ILE A 59 -0.96 10.00 3.30
N ALA A 60 -1.79 10.20 4.35
CA ALA A 60 -3.25 10.13 4.27
C ALA A 60 -3.80 11.32 3.44
N GLU A 61 -3.08 12.46 3.49
CA GLU A 61 -3.45 13.69 2.76
C GLU A 61 -3.14 13.52 1.26
N ILE A 62 -1.97 12.92 0.99
CA ILE A 62 -1.49 12.68 -0.37
C ILE A 62 -2.42 11.68 -1.07
N VAL A 63 -2.73 10.54 -0.41
CA VAL A 63 -3.59 9.50 -0.98
C VAL A 63 -5.05 9.97 -1.12
N LYS A 64 -5.47 10.92 -0.26
CA LYS A 64 -6.77 11.60 -0.35
C LYS A 64 -6.86 12.37 -1.69
N LYS A 65 -5.85 13.20 -1.93
CA LYS A 65 -5.74 14.07 -3.11
C LYS A 65 -5.61 13.23 -4.40
N LEU A 66 -4.83 12.14 -4.32
CA LEU A 66 -4.61 11.22 -5.47
C LEU A 66 -5.89 10.42 -5.78
N GLY A 67 -6.72 10.20 -4.75
CA GLY A 67 -7.93 9.39 -4.89
C GLY A 67 -7.62 7.91 -4.87
N ALA A 68 -6.75 7.52 -3.91
CA ALA A 68 -6.27 6.15 -3.75
C ALA A 68 -7.30 5.26 -3.04
N ASP A 69 -7.13 3.95 -3.22
CA ASP A 69 -8.06 2.92 -2.72
C ASP A 69 -7.44 2.15 -1.56
N ILE A 70 -6.22 1.63 -1.79
CA ILE A 70 -5.53 0.72 -0.86
C ILE A 70 -4.07 1.16 -0.58
N VAL A 71 -3.62 0.98 0.66
CA VAL A 71 -2.25 1.32 1.11
C VAL A 71 -1.67 0.18 1.99
N PHE A 72 -0.35 -0.08 1.84
CA PHE A 72 0.38 -1.06 2.67
C PHE A 72 1.37 -0.31 3.56
N SER A 73 1.11 -0.27 4.87
CA SER A 73 1.94 0.47 5.85
C SER A 73 1.86 -0.19 7.24
N GLU A 74 3.03 -0.42 7.87
CA GLU A 74 3.10 -0.79 9.30
C GLU A 74 3.25 0.50 10.13
N ASN A 75 2.21 0.82 10.91
CA ASN A 75 2.13 2.01 11.78
C ASN A 75 0.76 2.00 12.45
N ARG A 76 0.66 1.43 13.66
CA ARG A 76 -0.62 1.25 14.36
C ARG A 76 -1.32 2.59 14.64
N ASP A 77 -0.58 3.55 15.21
CA ASP A 77 -1.08 4.89 15.55
C ASP A 77 -1.57 5.60 14.28
N ILE A 78 -0.65 5.69 13.30
CA ILE A 78 -0.84 6.48 12.08
C ILE A 78 -1.97 5.89 11.21
N ALA A 79 -2.14 4.55 11.24
CA ALA A 79 -3.22 3.85 10.51
C ALA A 79 -4.59 4.35 10.99
N LYS A 80 -4.75 4.45 12.33
CA LYS A 80 -6.00 4.93 12.94
C LYS A 80 -6.23 6.42 12.59
N LYS A 81 -5.11 7.15 12.41
CA LYS A 81 -5.12 8.58 12.02
C LYS A 81 -5.53 8.75 10.55
N ILE A 82 -5.22 7.72 9.72
CA ILE A 82 -5.66 7.68 8.30
C ILE A 82 -7.17 7.39 8.25
N ILE A 83 -7.61 6.45 9.09
CA ILE A 83 -9.01 5.97 9.12
C ILE A 83 -9.97 7.04 9.67
N ARG A 84 -9.53 7.81 10.68
CA ARG A 84 -10.42 8.80 11.35
C ARG A 84 -10.81 9.96 10.41
N LYS A 85 -10.01 10.19 9.34
CA LYS A 85 -10.31 11.21 8.31
C LYS A 85 -10.83 10.55 7.02
N LEU A 86 -10.27 9.37 6.70
CA LEU A 86 -10.64 8.55 5.52
C LEU A 86 -11.21 7.23 6.01
N LYS A 87 -12.52 7.21 6.26
CA LYS A 87 -13.18 6.02 6.83
C LYS A 87 -13.53 5.01 5.72
N ASN A 88 -13.39 5.40 4.44
CA ASN A 88 -13.79 4.54 3.30
C ASN A 88 -12.55 3.98 2.55
N ILE A 89 -11.37 4.03 3.19
CA ILE A 89 -10.13 3.47 2.62
C ILE A 89 -9.90 2.03 3.13
N ILE A 90 -9.41 1.13 2.25
CA ILE A 90 -9.00 -0.24 2.63
C ILE A 90 -7.49 -0.21 2.90
N ILE A 91 -7.08 -0.58 4.12
CA ILE A 91 -5.66 -0.65 4.51
C ILE A 91 -5.33 -2.12 4.86
N LEU A 92 -4.17 -2.61 4.41
CA LEU A 92 -3.71 -3.96 4.74
C LEU A 92 -2.53 -3.84 5.72
N SER A 93 -2.62 -4.58 6.84
CA SER A 93 -1.63 -4.55 7.93
C SER A 93 -1.36 -5.98 8.41
N ASN A 94 -0.09 -6.28 8.74
CA ASN A 94 0.34 -7.61 9.25
C ASN A 94 0.02 -7.74 10.75
N ASP A 95 0.00 -6.60 11.46
CA ASP A 95 -0.29 -6.57 12.89
C ASP A 95 -1.80 -6.74 13.13
N GLU A 96 -2.18 -7.96 13.54
CA GLU A 96 -3.59 -8.33 13.82
C GLU A 96 -4.20 -7.48 14.95
N GLN A 97 -3.34 -7.03 15.88
CA GLN A 97 -3.72 -6.26 17.08
C GLN A 97 -4.27 -4.88 16.68
N LEU A 98 -3.79 -4.37 15.52
CA LEU A 98 -4.24 -3.11 14.93
C LEU A 98 -5.54 -3.33 14.14
N VAL A 99 -5.50 -4.35 13.25
CA VAL A 99 -6.58 -4.68 12.31
C VAL A 99 -7.95 -4.79 13.02
N LYS A 100 -7.95 -5.50 14.16
CA LYS A 100 -9.16 -5.71 14.96
C LYS A 100 -9.72 -4.36 15.49
N GLU A 101 -8.81 -3.47 15.99
CA GLU A 101 -9.20 -2.18 16.61
C GLU A 101 -10.02 -1.34 15.65
N LEU A 102 -9.55 -1.22 14.40
CA LEU A 102 -10.24 -0.42 13.37
C LEU A 102 -11.55 -1.06 12.93
N GLN A 103 -11.63 -2.40 12.98
CA GLN A 103 -12.88 -3.11 12.70
C GLN A 103 -13.92 -2.88 13.82
N LYS A 104 -13.44 -2.48 15.02
CA LYS A 104 -14.32 -2.16 16.18
C LYS A 104 -14.77 -0.69 16.16
N GLU A 105 -13.82 0.24 15.96
CA GLU A 105 -14.08 1.69 16.10
C GLU A 105 -14.63 2.29 14.78
N ALA A 106 -14.19 1.73 13.64
CA ALA A 106 -14.70 2.12 12.30
C ALA A 106 -15.69 1.06 11.79
N SER A 107 -16.32 1.37 10.64
CA SER A 107 -17.37 0.55 10.03
C SER A 107 -17.15 0.43 8.53
N ASP A 108 -16.99 1.59 7.87
CA ASP A 108 -16.78 1.68 6.41
C ASP A 108 -15.36 1.24 6.04
N ALA A 109 -14.45 1.36 7.01
CA ALA A 109 -13.03 1.01 6.84
C ALA A 109 -12.82 -0.49 6.91
N ARG A 110 -12.32 -1.07 5.82
CA ARG A 110 -11.95 -2.47 5.75
C ARG A 110 -10.44 -2.57 5.92
N VAL A 111 -10.00 -2.86 7.14
CA VAL A 111 -8.60 -3.16 7.43
C VAL A 111 -8.42 -4.67 7.42
N PHE A 112 -7.50 -5.17 6.58
CA PHE A 112 -7.29 -6.60 6.34
C PHE A 112 -5.98 -7.05 7.00
N ASN A 113 -5.99 -8.26 7.57
CA ASN A 113 -4.82 -8.84 8.26
C ASN A 113 -4.12 -9.87 7.37
N VAL A 114 -2.78 -9.79 7.30
CA VAL A 114 -1.93 -10.84 6.71
C VAL A 114 -0.91 -11.32 7.75
N GLN A 115 -0.63 -12.62 7.75
CA GLN A 115 0.31 -13.25 8.69
C GLN A 115 1.42 -13.99 7.90
N THR A 116 0.99 -14.92 7.05
CA THR A 116 1.89 -15.81 6.29
C THR A 116 1.55 -15.74 4.79
N LYS A 117 2.41 -16.37 3.96
CA LYS A 117 2.30 -16.33 2.49
C LYS A 117 0.95 -16.86 1.99
N GLN A 118 0.46 -17.96 2.60
CA GLN A 118 -0.82 -18.60 2.22
C GLN A 118 -2.01 -17.66 2.53
N ASP A 119 -1.85 -16.86 3.59
CA ASP A 119 -2.90 -15.94 4.09
C ASP A 119 -3.07 -14.73 3.15
N PHE A 120 -1.93 -14.20 2.65
CA PHE A 120 -1.92 -13.10 1.67
C PHE A 120 -2.35 -13.62 0.28
N LYS A 121 -1.92 -14.85 -0.06
CA LYS A 121 -2.35 -15.55 -1.30
C LYS A 121 -3.88 -15.70 -1.31
N ASP A 122 -4.44 -16.08 -0.14
CA ASP A 122 -5.88 -16.33 0.03
C ASP A 122 -6.70 -15.13 -0.43
N LEU A 123 -6.17 -13.92 -0.16
CA LEU A 123 -6.75 -12.66 -0.62
C LEU A 123 -6.69 -12.58 -2.16
N ILE A 124 -5.46 -12.71 -2.73
CA ILE A 124 -5.22 -12.48 -4.18
C ILE A 124 -5.89 -13.59 -5.06
N GLU A 125 -6.17 -14.75 -4.46
CA GLU A 125 -6.81 -15.88 -5.18
C GLU A 125 -8.32 -15.61 -5.38
N LYS A 126 -8.96 -14.89 -4.43
CA LYS A 126 -10.40 -14.58 -4.50
C LYS A 126 -10.66 -13.16 -5.04
N ILE A 127 -9.59 -12.34 -5.07
CA ILE A 127 -9.62 -10.98 -5.64
C ILE A 127 -8.95 -11.03 -7.03
N LEU A 128 -9.74 -10.76 -8.09
CA LEU A 128 -9.28 -10.86 -9.48
C LEU A 128 -8.24 -9.77 -9.79
N GLU A 129 -6.96 -10.14 -9.69
CA GLU A 129 -5.81 -9.25 -9.95
C GLU A 129 -4.62 -10.07 -10.49
N HIS A 130 -3.70 -9.39 -11.20
CA HIS A 130 -2.54 -10.00 -11.88
C HIS A 130 -1.51 -10.52 -10.86
N HIS A 131 -1.22 -11.83 -10.92
CA HIS A 131 -0.23 -12.51 -10.06
C HIS A 131 1.20 -12.23 -10.56
N HIS A 132 2.20 -12.75 -9.82
CA HIS A 132 3.64 -12.55 -10.10
C HIS A 132 4.05 -13.44 -11.29
N HIS A 133 5.09 -13.02 -12.02
CA HIS A 133 5.50 -13.66 -13.30
C HIS A 133 6.18 -15.04 -13.06
N HIS A 134 6.66 -15.28 -11.83
CA HIS A 134 7.38 -16.53 -11.47
C HIS A 134 6.81 -17.12 -10.18
N HIS A 135 6.77 -16.30 -9.11
CA HIS A 135 6.42 -16.78 -7.77
C HIS A 135 5.81 -15.63 -6.94
N MET A 1 -9.43 3.49 -10.84
CA MET A 1 -8.07 2.89 -10.85
C MET A 1 -7.84 2.16 -9.53
N ARG A 2 -7.39 0.89 -9.61
CA ARG A 2 -6.95 0.12 -8.42
C ARG A 2 -5.53 0.56 -8.08
N ILE A 3 -5.40 1.61 -7.25
CA ILE A 3 -4.09 2.16 -6.87
C ILE A 3 -3.68 1.65 -5.48
N ILE A 4 -2.75 0.69 -5.49
CA ILE A 4 -2.18 0.08 -4.29
C ILE A 4 -1.01 0.96 -3.83
N VAL A 5 -1.22 1.71 -2.74
CA VAL A 5 -0.19 2.59 -2.18
C VAL A 5 0.77 1.76 -1.34
N ILE A 6 1.94 1.47 -1.91
CA ILE A 6 3.02 0.74 -1.23
C ILE A 6 3.90 1.75 -0.48
N ILE A 7 3.86 1.71 0.87
CA ILE A 7 4.80 2.45 1.71
C ILE A 7 6.07 1.61 1.80
N VAL A 8 7.05 1.96 0.98
CA VAL A 8 8.22 1.13 0.71
C VAL A 8 9.45 1.67 1.47
N THR A 9 10.39 0.75 1.80
CA THR A 9 11.47 0.89 2.81
C THR A 9 10.92 0.44 4.18
N ASP A 10 9.69 0.91 4.52
CA ASP A 10 8.89 0.36 5.65
C ASP A 10 8.68 -1.15 5.44
N GLU A 11 8.30 -1.49 4.21
CA GLU A 11 8.19 -2.88 3.74
C GLU A 11 8.76 -2.98 2.32
N GLN A 12 8.67 -4.19 1.73
CA GLN A 12 9.16 -4.46 0.38
C GLN A 12 8.30 -5.59 -0.25
N LYS A 13 8.01 -5.43 -1.54
CA LYS A 13 7.28 -6.44 -2.35
C LYS A 13 7.97 -6.59 -3.70
N ILE A 14 7.54 -7.62 -4.47
CA ILE A 14 7.91 -7.93 -5.88
C ILE A 14 9.36 -8.49 -6.06
N GLU A 15 10.35 -7.76 -5.53
CA GLU A 15 11.80 -7.99 -5.77
C GLU A 15 12.10 -8.05 -7.28
N ASP A 16 12.10 -9.28 -7.86
CA ASP A 16 12.38 -9.49 -9.29
C ASP A 16 11.08 -9.29 -10.10
N MET A 17 10.78 -8.02 -10.37
CA MET A 17 9.62 -7.56 -11.19
C MET A 17 9.80 -6.07 -11.51
N TRP A 18 11.07 -5.63 -11.59
CA TRP A 18 11.45 -4.21 -11.66
C TRP A 18 11.30 -3.64 -13.11
N GLU A 19 11.34 -4.54 -14.11
CA GLU A 19 11.18 -4.15 -15.54
C GLU A 19 9.69 -4.01 -15.88
N ILE A 20 8.85 -4.93 -15.34
CA ILE A 20 7.39 -4.88 -15.55
C ILE A 20 6.77 -3.77 -14.66
N LEU A 21 7.53 -3.36 -13.62
CA LEU A 21 7.15 -2.28 -12.69
C LEU A 21 6.83 -0.97 -13.44
N LYS A 22 7.62 -0.65 -14.48
CA LYS A 22 7.43 0.59 -15.28
C LYS A 22 6.28 0.45 -16.28
N GLU A 23 5.99 -0.80 -16.67
CA GLU A 23 5.02 -1.09 -17.73
C GLU A 23 3.60 -1.20 -17.16
N ILE A 24 3.38 -2.17 -16.27
CA ILE A 24 2.08 -2.41 -15.62
C ILE A 24 1.99 -1.65 -14.27
N GLY A 25 3.09 -1.73 -13.48
CA GLY A 25 3.10 -1.33 -12.07
C GLY A 25 2.73 0.13 -11.82
N VAL A 26 3.39 1.08 -12.52
CA VAL A 26 3.27 2.55 -12.25
C VAL A 26 1.82 3.09 -12.38
N ASP A 27 1.00 2.38 -13.18
CA ASP A 27 -0.40 2.75 -13.44
C ASP A 27 -1.31 2.46 -12.23
N ARG A 28 -0.95 1.41 -11.50
CA ARG A 28 -1.83 0.80 -10.49
C ARG A 28 -1.17 0.73 -9.11
N ILE A 29 0.05 1.27 -8.95
CA ILE A 29 0.70 1.38 -7.62
C ILE A 29 1.18 2.81 -7.41
N VAL A 30 1.22 3.23 -6.14
CA VAL A 30 1.77 4.52 -5.74
C VAL A 30 3.02 4.25 -4.88
N ILE A 31 4.17 4.77 -5.34
CA ILE A 31 5.44 4.67 -4.61
C ILE A 31 5.51 5.85 -3.64
N ILE A 32 5.31 5.57 -2.35
CA ILE A 32 5.49 6.56 -1.27
C ILE A 32 6.60 6.06 -0.33
N THR A 33 7.61 6.91 -0.13
CA THR A 33 8.74 6.62 0.73
C THR A 33 9.32 7.94 1.31
N SER A 34 10.26 7.80 2.24
CA SER A 34 10.98 8.93 2.87
C SER A 34 12.51 8.80 2.67
N ASN A 35 12.93 7.76 1.93
CA ASN A 35 14.34 7.49 1.61
C ASN A 35 14.66 7.97 0.19
N LYS A 36 15.68 8.85 0.08
CA LYS A 36 16.15 9.42 -1.20
C LYS A 36 16.75 8.33 -2.12
N GLN A 37 17.37 7.30 -1.50
CA GLN A 37 18.08 6.22 -2.22
C GLN A 37 17.18 5.47 -3.24
N LEU A 38 16.07 4.88 -2.76
CA LEU A 38 15.20 4.05 -3.61
C LEU A 38 14.21 4.94 -4.40
N ALA A 39 13.97 6.17 -3.88
CA ALA A 39 13.13 7.17 -4.54
C ALA A 39 13.77 7.65 -5.83
N GLU A 40 15.10 7.92 -5.79
CA GLU A 40 15.91 8.27 -6.98
C GLU A 40 16.04 7.09 -7.92
N ARG A 41 16.05 5.87 -7.36
CA ARG A 41 16.05 4.63 -8.14
C ARG A 41 14.70 4.43 -8.88
N ALA A 42 13.59 4.81 -8.22
CA ALA A 42 12.24 4.76 -8.81
C ALA A 42 12.06 5.90 -9.84
N LYS A 43 12.69 7.04 -9.54
CA LYS A 43 12.67 8.28 -10.36
C LYS A 43 13.52 8.15 -11.63
N GLU A 44 14.68 7.46 -11.52
CA GLU A 44 15.54 7.18 -12.69
C GLU A 44 14.86 6.13 -13.59
N LEU A 45 14.10 5.20 -12.95
CA LEU A 45 13.22 4.25 -13.66
C LEU A 45 12.11 5.05 -14.39
N GLY A 46 11.61 6.10 -13.73
CA GLY A 46 10.56 6.96 -14.28
C GLY A 46 9.15 6.56 -13.82
N VAL A 47 9.02 6.05 -12.56
CA VAL A 47 7.69 5.74 -11.97
C VAL A 47 6.80 7.00 -11.98
N ASP A 48 5.63 6.90 -12.63
CA ASP A 48 4.69 8.02 -12.76
C ASP A 48 4.22 8.53 -11.40
N ARG A 49 3.87 7.58 -10.50
CA ARG A 49 3.32 7.89 -9.17
C ARG A 49 4.42 7.77 -8.09
N ILE A 50 5.13 8.88 -7.83
CA ILE A 50 6.13 8.98 -6.72
C ILE A 50 5.72 10.14 -5.81
N PHE A 51 5.68 9.87 -4.51
CA PHE A 51 5.48 10.89 -3.47
C PHE A 51 6.59 10.66 -2.42
N LEU A 52 7.50 11.62 -2.31
CA LEU A 52 8.69 11.52 -1.46
C LEU A 52 8.61 12.57 -0.34
N LEU A 53 8.29 12.09 0.86
CA LEU A 53 8.05 12.91 2.06
C LEU A 53 8.50 12.14 3.31
N THR A 54 9.24 12.84 4.19
CA THR A 54 9.67 12.28 5.50
C THR A 54 8.53 12.32 6.53
N ASP A 55 7.48 13.10 6.23
CA ASP A 55 6.30 13.29 7.09
C ASP A 55 5.43 12.01 7.11
N ASP A 56 5.36 11.38 8.30
CA ASP A 56 4.67 10.08 8.50
C ASP A 56 3.15 10.20 8.33
N GLU A 57 2.57 11.29 8.84
CA GLU A 57 1.10 11.46 8.90
C GLU A 57 0.57 12.13 7.63
N LEU A 58 1.48 12.80 6.89
CA LEU A 58 1.12 13.53 5.68
C LEU A 58 0.77 12.57 4.54
N ILE A 59 1.26 11.30 4.62
CA ILE A 59 0.92 10.25 3.64
C ILE A 59 -0.60 9.96 3.67
N ALA A 60 -1.24 10.20 4.85
CA ALA A 60 -2.68 10.09 5.02
C ALA A 60 -3.41 11.18 4.20
N GLU A 61 -2.80 12.38 4.14
CA GLU A 61 -3.31 13.52 3.35
C GLU A 61 -3.13 13.23 1.85
N ILE A 62 -1.98 12.60 1.50
CA ILE A 62 -1.64 12.22 0.12
C ILE A 62 -2.68 11.24 -0.44
N VAL A 63 -2.91 10.13 0.30
CA VAL A 63 -3.84 9.06 -0.12
C VAL A 63 -5.31 9.55 -0.10
N LYS A 64 -5.60 10.52 0.79
CA LYS A 64 -6.90 11.22 0.84
C LYS A 64 -7.15 11.99 -0.47
N LYS A 65 -6.10 12.69 -0.94
CA LYS A 65 -6.15 13.51 -2.17
C LYS A 65 -6.21 12.61 -3.42
N LEU A 66 -5.47 11.49 -3.37
CA LEU A 66 -5.40 10.51 -4.46
C LEU A 66 -6.68 9.66 -4.56
N GLY A 67 -7.44 9.60 -3.45
CA GLY A 67 -8.63 8.76 -3.37
C GLY A 67 -8.26 7.29 -3.40
N ALA A 68 -7.14 6.97 -2.70
CA ALA A 68 -6.57 5.62 -2.65
C ALA A 68 -7.57 4.64 -2.03
N ASP A 69 -7.98 3.65 -2.83
CA ASP A 69 -8.95 2.63 -2.45
C ASP A 69 -8.29 1.57 -1.55
N ILE A 70 -6.95 1.42 -1.68
CA ILE A 70 -6.18 0.39 -0.95
C ILE A 70 -4.74 0.88 -0.65
N VAL A 71 -4.22 0.50 0.54
CA VAL A 71 -2.85 0.86 0.99
C VAL A 71 -2.23 -0.32 1.78
N PHE A 72 -0.92 -0.55 1.55
CA PHE A 72 -0.09 -1.48 2.32
C PHE A 72 0.88 -0.66 3.16
N SER A 73 0.69 -0.70 4.50
CA SER A 73 1.52 0.06 5.45
C SER A 73 1.37 -0.52 6.86
N GLU A 74 2.51 -0.80 7.52
CA GLU A 74 2.56 -1.00 8.96
C GLU A 74 2.91 0.35 9.63
N ASN A 75 1.93 0.93 10.32
CA ASN A 75 2.05 2.17 11.11
C ASN A 75 0.74 2.33 11.90
N ARG A 76 0.80 2.10 13.21
CA ARG A 76 -0.39 2.00 14.06
C ARG A 76 -1.20 3.32 14.12
N ASP A 77 -0.57 4.42 14.57
CA ASP A 77 -1.20 5.74 14.69
C ASP A 77 -1.63 6.30 13.33
N ILE A 78 -0.79 6.09 12.31
CA ILE A 78 -0.99 6.65 10.97
C ILE A 78 -2.23 6.02 10.31
N ALA A 79 -2.40 4.69 10.50
CA ALA A 79 -3.59 3.95 10.02
C ALA A 79 -4.88 4.54 10.63
N LYS A 80 -4.80 4.87 11.94
CA LYS A 80 -5.91 5.52 12.69
C LYS A 80 -6.28 6.87 12.06
N LYS A 81 -5.22 7.61 11.64
CA LYS A 81 -5.37 8.93 11.02
C LYS A 81 -5.80 8.83 9.54
N ILE A 82 -5.59 7.65 8.92
CA ILE A 82 -6.08 7.39 7.54
C ILE A 82 -7.58 7.01 7.60
N ILE A 83 -7.98 6.25 8.63
CA ILE A 83 -9.35 5.70 8.76
C ILE A 83 -10.35 6.78 9.20
N ARG A 84 -9.91 7.75 10.03
CA ARG A 84 -10.78 8.85 10.49
C ARG A 84 -11.16 9.81 9.33
N LYS A 85 -10.29 9.91 8.29
CA LYS A 85 -10.53 10.78 7.11
C LYS A 85 -11.02 9.98 5.89
N LEU A 86 -10.64 8.69 5.84
CA LEU A 86 -11.04 7.76 4.78
C LEU A 86 -11.73 6.57 5.43
N LYS A 87 -13.06 6.69 5.55
CA LYS A 87 -13.89 5.65 6.17
C LYS A 87 -14.21 4.52 5.19
N ASN A 88 -13.62 4.54 3.97
CA ASN A 88 -13.94 3.59 2.88
C ASN A 88 -12.72 2.70 2.49
N ILE A 89 -11.50 3.12 2.90
CA ILE A 89 -10.23 2.53 2.40
C ILE A 89 -9.94 1.14 3.03
N ILE A 90 -9.55 0.16 2.18
CA ILE A 90 -9.07 -1.16 2.65
C ILE A 90 -7.55 -1.04 2.92
N ILE A 91 -7.17 -1.12 4.21
CA ILE A 91 -5.76 -1.12 4.64
C ILE A 91 -5.33 -2.56 4.94
N LEU A 92 -4.06 -2.90 4.71
CA LEU A 92 -3.50 -4.20 5.07
C LEU A 92 -2.37 -3.99 6.09
N SER A 93 -2.42 -4.78 7.18
CA SER A 93 -1.43 -4.76 8.27
C SER A 93 -1.26 -6.20 8.83
N ASN A 94 -0.05 -6.54 9.31
CA ASN A 94 0.25 -7.91 9.83
C ASN A 94 0.13 -7.99 11.36
N ASP A 95 -0.42 -6.95 11.99
CA ASP A 95 -0.57 -6.88 13.45
C ASP A 95 -2.05 -7.00 13.81
N GLU A 96 -2.48 -8.18 14.31
CA GLU A 96 -3.90 -8.47 14.63
C GLU A 96 -4.48 -7.50 15.67
N GLN A 97 -3.63 -7.08 16.63
CA GLN A 97 -4.03 -6.18 17.71
C GLN A 97 -4.27 -4.76 17.19
N LEU A 98 -3.62 -4.42 16.07
CA LEU A 98 -3.84 -3.14 15.37
C LEU A 98 -5.15 -3.24 14.56
N VAL A 99 -5.19 -4.25 13.67
CA VAL A 99 -6.28 -4.47 12.69
C VAL A 99 -7.67 -4.49 13.36
N LYS A 100 -7.78 -5.13 14.54
CA LYS A 100 -9.05 -5.26 15.28
C LYS A 100 -9.61 -3.88 15.71
N GLU A 101 -8.70 -3.01 16.22
CA GLU A 101 -9.06 -1.67 16.72
C GLU A 101 -9.58 -0.80 15.57
N LEU A 102 -8.88 -0.88 14.44
CA LEU A 102 -9.21 -0.13 13.24
C LEU A 102 -10.55 -0.58 12.64
N GLN A 103 -10.83 -1.91 12.67
CA GLN A 103 -12.12 -2.46 12.20
C GLN A 103 -13.30 -1.91 13.04
N LYS A 104 -13.04 -1.64 14.35
CA LYS A 104 -14.05 -1.04 15.26
C LYS A 104 -14.42 0.39 14.80
N GLU A 105 -13.38 1.19 14.50
CA GLU A 105 -13.54 2.62 14.14
C GLU A 105 -13.71 2.81 12.60
N ALA A 106 -13.69 1.69 11.85
CA ALA A 106 -13.86 1.70 10.39
C ALA A 106 -15.33 1.50 10.01
N SER A 107 -15.94 2.55 9.43
CA SER A 107 -17.34 2.54 9.01
C SER A 107 -17.55 1.57 7.82
N ASP A 108 -17.00 1.95 6.65
CA ASP A 108 -17.06 1.15 5.39
C ASP A 108 -15.69 0.50 5.11
N ALA A 109 -14.66 1.02 5.80
CA ALA A 109 -13.26 0.61 5.62
C ALA A 109 -13.02 -0.77 6.20
N ARG A 110 -12.21 -1.57 5.51
CA ARG A 110 -11.93 -2.96 5.88
C ARG A 110 -10.43 -3.12 6.03
N VAL A 111 -9.97 -3.27 7.28
CA VAL A 111 -8.56 -3.50 7.56
C VAL A 111 -8.36 -5.02 7.68
N PHE A 112 -7.42 -5.56 6.88
CA PHE A 112 -7.21 -7.00 6.73
C PHE A 112 -5.89 -7.40 7.41
N ASN A 113 -5.95 -8.48 8.21
CA ASN A 113 -4.78 -9.00 8.93
C ASN A 113 -4.11 -10.13 8.13
N VAL A 114 -2.78 -10.03 7.93
CA VAL A 114 -1.96 -11.11 7.36
C VAL A 114 -1.00 -11.63 8.45
N GLN A 115 -0.96 -12.95 8.63
CA GLN A 115 -0.05 -13.60 9.61
C GLN A 115 0.93 -14.50 8.87
N THR A 116 0.45 -15.12 7.79
CA THR A 116 1.19 -16.10 6.99
C THR A 116 0.69 -16.05 5.52
N LYS A 117 1.27 -16.93 4.67
CA LYS A 117 1.05 -16.96 3.20
C LYS A 117 -0.45 -16.95 2.84
N GLN A 118 -1.24 -17.83 3.50
CA GLN A 118 -2.67 -18.08 3.17
C GLN A 118 -3.51 -16.78 3.23
N ASP A 119 -3.12 -15.85 4.12
CA ASP A 119 -3.85 -14.60 4.35
C ASP A 119 -3.60 -13.61 3.20
N PHE A 120 -2.31 -13.47 2.81
CA PHE A 120 -1.91 -12.63 1.67
C PHE A 120 -2.52 -13.20 0.37
N LYS A 121 -2.51 -14.55 0.26
CA LYS A 121 -3.04 -15.28 -0.89
C LYS A 121 -4.57 -15.27 -0.93
N ASP A 122 -5.22 -14.99 0.23
CA ASP A 122 -6.69 -14.82 0.29
C ASP A 122 -7.13 -13.71 -0.67
N LEU A 123 -6.48 -12.54 -0.53
CA LEU A 123 -6.74 -11.38 -1.38
C LEU A 123 -6.32 -11.67 -2.82
N ILE A 124 -5.08 -12.16 -3.02
CA ILE A 124 -4.53 -12.52 -4.34
C ILE A 124 -5.41 -13.57 -5.07
N GLU A 125 -6.12 -14.43 -4.32
CA GLU A 125 -6.99 -15.49 -4.91
C GLU A 125 -8.26 -14.87 -5.51
N LYS A 126 -8.84 -13.88 -4.82
CA LYS A 126 -10.12 -13.23 -5.24
C LYS A 126 -9.86 -12.01 -6.14
N ILE A 127 -8.63 -11.46 -6.12
CA ILE A 127 -8.20 -10.34 -6.99
C ILE A 127 -6.74 -10.57 -7.45
N LEU A 128 -6.60 -10.98 -8.71
CA LEU A 128 -5.32 -11.08 -9.41
C LEU A 128 -5.59 -11.13 -10.91
N GLU A 129 -4.80 -10.37 -11.67
CA GLU A 129 -4.88 -10.29 -13.14
C GLU A 129 -3.78 -11.17 -13.78
N HIS A 130 -3.57 -10.98 -15.09
CA HIS A 130 -2.73 -11.85 -15.93
C HIS A 130 -1.24 -11.80 -15.52
N HIS A 131 -0.77 -12.87 -14.87
CA HIS A 131 0.66 -13.13 -14.60
C HIS A 131 0.98 -14.54 -15.10
N HIS A 132 1.88 -14.63 -16.09
CA HIS A 132 2.34 -15.91 -16.63
C HIS A 132 3.36 -16.54 -15.66
N HIS A 133 3.11 -17.82 -15.29
CA HIS A 133 4.02 -18.60 -14.42
C HIS A 133 5.22 -19.08 -15.25
N HIS A 134 6.14 -18.13 -15.48
CA HIS A 134 7.44 -18.31 -16.18
C HIS A 134 8.03 -16.91 -16.41
N HIS A 135 9.03 -16.55 -15.61
CA HIS A 135 9.83 -15.33 -15.82
C HIS A 135 11.13 -15.74 -16.57
N MET A 1 -10.91 3.73 -11.73
CA MET A 1 -9.51 4.20 -11.59
C MET A 1 -9.09 4.07 -10.12
N ARG A 2 -8.39 2.96 -9.80
CA ARG A 2 -7.88 2.66 -8.45
C ARG A 2 -6.35 2.69 -8.46
N ILE A 3 -5.74 3.47 -7.55
CA ILE A 3 -4.28 3.47 -7.35
C ILE A 3 -3.93 2.73 -6.05
N ILE A 4 -2.84 1.97 -6.11
CA ILE A 4 -2.36 1.09 -5.05
C ILE A 4 -1.10 1.73 -4.47
N VAL A 5 -1.21 2.31 -3.28
CA VAL A 5 -0.11 3.06 -2.68
C VAL A 5 0.90 2.08 -2.05
N ILE A 6 2.01 1.89 -2.78
CA ILE A 6 3.13 1.05 -2.38
C ILE A 6 4.06 1.86 -1.46
N ILE A 7 3.90 1.68 -0.13
CA ILE A 7 4.79 2.29 0.85
C ILE A 7 5.84 1.26 1.29
N VAL A 8 7.05 1.41 0.74
CA VAL A 8 8.19 0.52 1.01
C VAL A 8 9.39 1.40 1.42
N THR A 9 9.98 1.07 2.56
CA THR A 9 11.19 1.74 3.07
C THR A 9 12.38 0.79 2.83
N ASP A 10 12.22 -0.44 3.34
CA ASP A 10 13.14 -1.57 3.09
C ASP A 10 12.49 -2.58 2.13
N GLU A 11 13.31 -3.27 1.34
CA GLU A 11 12.87 -4.07 0.17
C GLU A 11 12.36 -5.49 0.55
N GLN A 12 11.20 -5.54 1.26
CA GLN A 12 10.53 -6.82 1.64
C GLN A 12 10.11 -7.64 0.40
N LYS A 13 9.73 -6.90 -0.66
CA LYS A 13 9.28 -7.44 -1.95
C LYS A 13 9.32 -6.29 -2.97
N ILE A 14 8.67 -6.48 -4.14
CA ILE A 14 8.48 -5.43 -5.19
C ILE A 14 9.76 -5.28 -6.07
N GLU A 15 10.94 -5.31 -5.44
CA GLU A 15 12.25 -5.20 -6.12
C GLU A 15 12.47 -6.36 -7.12
N ASP A 16 11.84 -7.51 -6.85
CA ASP A 16 11.92 -8.71 -7.73
C ASP A 16 11.21 -8.44 -9.08
N MET A 17 10.06 -7.74 -9.03
CA MET A 17 9.23 -7.44 -10.21
C MET A 17 9.29 -5.92 -10.51
N TRP A 18 10.46 -5.33 -10.23
CA TRP A 18 10.70 -3.87 -10.36
C TRP A 18 10.50 -3.40 -11.82
N GLU A 19 10.80 -4.27 -12.81
CA GLU A 19 10.64 -3.95 -14.25
C GLU A 19 9.15 -3.80 -14.61
N ILE A 20 8.34 -4.85 -14.32
CA ILE A 20 6.89 -4.87 -14.63
C ILE A 20 6.13 -3.81 -13.80
N LEU A 21 6.77 -3.36 -12.71
CA LEU A 21 6.27 -2.29 -11.83
C LEU A 21 6.09 -0.95 -12.59
N LYS A 22 6.86 -0.76 -13.68
CA LYS A 22 6.71 0.42 -14.58
C LYS A 22 5.64 0.13 -15.66
N GLU A 23 5.52 -1.16 -16.02
CA GLU A 23 4.80 -1.59 -17.21
C GLU A 23 3.30 -1.80 -16.93
N ILE A 24 2.99 -2.76 -16.03
CA ILE A 24 1.62 -3.01 -15.52
C ILE A 24 1.37 -2.20 -14.21
N GLY A 25 2.46 -1.73 -13.57
CA GLY A 25 2.40 -1.14 -12.23
C GLY A 25 1.92 0.32 -12.16
N VAL A 26 2.74 1.27 -12.68
CA VAL A 26 2.57 2.73 -12.40
C VAL A 26 1.22 3.34 -12.82
N ASP A 27 0.47 2.65 -13.71
CA ASP A 27 -0.85 3.13 -14.18
C ASP A 27 -1.96 2.81 -13.16
N ARG A 28 -1.60 2.04 -12.13
CA ARG A 28 -2.51 1.62 -11.06
C ARG A 28 -1.82 1.63 -9.68
N ILE A 29 -0.55 2.10 -9.59
CA ILE A 29 0.17 2.25 -8.29
C ILE A 29 0.79 3.66 -8.14
N VAL A 30 1.05 4.04 -6.87
CA VAL A 30 1.87 5.23 -6.52
C VAL A 30 3.00 4.78 -5.55
N ILE A 31 4.25 5.21 -5.82
CA ILE A 31 5.40 4.93 -4.94
C ILE A 31 5.51 6.04 -3.88
N ILE A 32 5.34 5.69 -2.60
CA ILE A 32 5.50 6.62 -1.46
C ILE A 32 6.51 6.01 -0.47
N THR A 33 7.53 6.79 -0.11
CA THR A 33 8.62 6.32 0.77
C THR A 33 9.26 7.48 1.55
N SER A 34 10.14 7.13 2.49
CA SER A 34 10.99 8.08 3.25
C SER A 34 12.48 7.87 2.93
N ASN A 35 12.77 6.84 2.10
CA ASN A 35 14.12 6.49 1.63
C ASN A 35 14.34 7.04 0.22
N LYS A 36 15.39 7.86 0.07
CA LYS A 36 15.75 8.46 -1.22
C LYS A 36 16.22 7.38 -2.21
N GLN A 37 16.90 6.33 -1.69
CA GLN A 37 17.53 5.26 -2.51
C GLN A 37 16.58 4.62 -3.56
N LEU A 38 15.43 4.11 -3.11
CA LEU A 38 14.49 3.39 -3.97
C LEU A 38 13.56 4.37 -4.70
N ALA A 39 13.41 5.59 -4.11
CA ALA A 39 12.68 6.72 -4.76
C ALA A 39 13.37 7.12 -6.07
N GLU A 40 14.71 7.23 -6.01
CA GLU A 40 15.52 7.59 -7.18
C GLU A 40 15.64 6.41 -8.16
N ARG A 41 15.61 5.18 -7.62
CA ARG A 41 15.62 3.95 -8.47
C ARG A 41 14.28 3.86 -9.23
N ALA A 42 13.19 4.27 -8.55
CA ALA A 42 11.84 4.26 -9.11
C ALA A 42 11.64 5.39 -10.13
N LYS A 43 12.37 6.52 -9.95
CA LYS A 43 12.28 7.64 -10.91
C LYS A 43 13.04 7.29 -12.21
N GLU A 44 14.14 6.51 -12.07
CA GLU A 44 14.87 5.94 -13.22
C GLU A 44 14.03 4.88 -13.93
N LEU A 45 13.24 4.14 -13.13
CA LEU A 45 12.28 3.14 -13.59
C LEU A 45 11.19 3.81 -14.47
N GLY A 46 10.81 5.04 -14.09
CA GLY A 46 9.85 5.85 -14.86
C GLY A 46 8.53 6.05 -14.14
N VAL A 47 8.54 5.98 -12.79
CA VAL A 47 7.36 6.29 -11.99
C VAL A 47 7.23 7.82 -11.86
N ASP A 48 6.19 8.39 -12.49
CA ASP A 48 5.89 9.85 -12.42
C ASP A 48 5.44 10.26 -11.02
N ARG A 49 4.68 9.37 -10.35
CA ARG A 49 4.07 9.66 -9.03
C ARG A 49 4.87 9.01 -7.90
N ILE A 50 5.88 9.76 -7.42
CA ILE A 50 6.72 9.41 -6.26
C ILE A 50 6.63 10.53 -5.23
N PHE A 51 6.08 10.22 -4.05
CA PHE A 51 6.01 11.15 -2.93
C PHE A 51 7.04 10.72 -1.90
N LEU A 52 8.12 11.49 -1.82
CA LEU A 52 9.21 11.26 -0.87
C LEU A 52 9.04 12.28 0.28
N LEU A 53 8.72 11.76 1.47
CA LEU A 53 8.48 12.57 2.67
C LEU A 53 8.96 11.81 3.90
N THR A 54 9.56 12.54 4.85
CA THR A 54 10.11 11.98 6.10
C THR A 54 9.04 11.95 7.22
N ASP A 55 7.87 12.57 6.97
CA ASP A 55 6.79 12.65 7.96
C ASP A 55 6.00 11.33 7.99
N ASP A 56 5.61 10.92 9.20
CA ASP A 56 4.88 9.67 9.44
C ASP A 56 3.45 9.75 8.92
N GLU A 57 2.66 10.69 9.45
CA GLU A 57 1.19 10.70 9.28
C GLU A 57 0.76 11.44 8.02
N LEU A 58 1.68 12.23 7.46
CA LEU A 58 1.41 13.06 6.27
C LEU A 58 1.06 12.16 5.06
N ILE A 59 1.55 10.88 5.07
CA ILE A 59 1.21 9.88 4.02
C ILE A 59 -0.32 9.64 3.96
N ALA A 60 -1.01 9.78 5.11
CA ALA A 60 -2.47 9.70 5.20
C ALA A 60 -3.12 10.81 4.36
N GLU A 61 -2.55 12.03 4.46
CA GLU A 61 -3.03 13.18 3.68
C GLU A 61 -2.71 13.00 2.18
N ILE A 62 -1.52 12.43 1.88
CA ILE A 62 -1.08 12.21 0.49
C ILE A 62 -2.07 11.26 -0.25
N VAL A 63 -2.36 10.10 0.39
CA VAL A 63 -3.25 9.08 -0.20
C VAL A 63 -4.69 9.61 -0.34
N LYS A 64 -5.14 10.42 0.62
CA LYS A 64 -6.49 11.04 0.63
C LYS A 64 -6.61 12.14 -0.45
N LYS A 65 -5.50 12.84 -0.68
CA LYS A 65 -5.36 13.88 -1.72
C LYS A 65 -5.46 13.23 -3.11
N LEU A 66 -4.79 12.08 -3.25
CA LEU A 66 -4.84 11.23 -4.46
C LEU A 66 -6.18 10.47 -4.59
N GLY A 67 -6.92 10.33 -3.47
CA GLY A 67 -8.19 9.58 -3.43
C GLY A 67 -8.01 8.07 -3.58
N ALA A 68 -6.90 7.58 -3.00
CA ALA A 68 -6.46 6.17 -3.09
C ALA A 68 -7.50 5.20 -2.49
N ASP A 69 -7.69 4.07 -3.19
CA ASP A 69 -8.62 2.99 -2.80
C ASP A 69 -7.96 2.04 -1.80
N ILE A 70 -6.64 1.82 -1.95
CA ILE A 70 -5.88 0.85 -1.15
C ILE A 70 -4.44 1.35 -0.89
N VAL A 71 -3.95 1.07 0.33
CA VAL A 71 -2.57 1.40 0.76
C VAL A 71 -2.00 0.24 1.58
N PHE A 72 -0.69 -0.04 1.39
CA PHE A 72 0.05 -1.00 2.21
C PHE A 72 0.99 -0.22 3.13
N SER A 73 0.66 -0.19 4.43
CA SER A 73 1.51 0.42 5.46
C SER A 73 1.09 -0.11 6.84
N GLU A 74 2.07 -0.64 7.60
CA GLU A 74 1.87 -1.04 9.00
C GLU A 74 2.27 0.13 9.92
N ASN A 75 1.29 0.69 10.64
CA ASN A 75 1.53 1.73 11.67
C ASN A 75 0.16 2.08 12.27
N ARG A 76 -0.04 1.71 13.55
CA ARG A 76 -1.36 1.77 14.19
C ARG A 76 -2.00 3.19 14.15
N ASP A 77 -1.29 4.21 14.65
CA ASP A 77 -1.84 5.59 14.68
C ASP A 77 -2.03 6.14 13.25
N ILE A 78 -1.09 5.83 12.33
CA ILE A 78 -1.14 6.28 10.91
C ILE A 78 -2.40 5.74 10.21
N ALA A 79 -2.69 4.44 10.36
CA ALA A 79 -3.82 3.79 9.68
C ALA A 79 -5.15 4.41 10.10
N LYS A 80 -5.28 4.72 11.40
CA LYS A 80 -6.47 5.41 11.96
C LYS A 80 -6.57 6.83 11.39
N LYS A 81 -5.41 7.45 11.14
CA LYS A 81 -5.32 8.80 10.53
C LYS A 81 -5.70 8.76 9.04
N ILE A 82 -5.57 7.58 8.38
CA ILE A 82 -6.02 7.38 6.99
C ILE A 82 -7.56 7.17 6.99
N ILE A 83 -8.05 6.36 7.95
CA ILE A 83 -9.48 5.97 8.05
C ILE A 83 -10.38 7.16 8.42
N ARG A 84 -9.87 8.05 9.30
CA ARG A 84 -10.66 9.19 9.80
C ARG A 84 -10.87 10.28 8.71
N LYS A 85 -10.05 10.23 7.63
CA LYS A 85 -10.23 11.08 6.43
C LYS A 85 -10.75 10.27 5.21
N LEU A 86 -10.64 8.93 5.28
CA LEU A 86 -11.11 7.99 4.24
C LEU A 86 -11.80 6.78 4.91
N LYS A 87 -13.13 6.84 5.09
CA LYS A 87 -13.90 5.76 5.78
C LYS A 87 -14.10 4.53 4.88
N ASN A 88 -13.76 4.67 3.58
CA ASN A 88 -14.06 3.67 2.53
C ASN A 88 -12.76 3.01 2.00
N ILE A 89 -11.61 3.38 2.57
CA ILE A 89 -10.29 2.90 2.10
C ILE A 89 -9.98 1.52 2.75
N ILE A 90 -9.37 0.62 1.97
CA ILE A 90 -8.97 -0.72 2.42
C ILE A 90 -7.45 -0.73 2.67
N ILE A 91 -7.03 -1.01 3.91
CA ILE A 91 -5.60 -0.98 4.33
C ILE A 91 -5.17 -2.39 4.76
N LEU A 92 -3.93 -2.78 4.42
CA LEU A 92 -3.27 -3.98 4.98
C LEU A 92 -2.28 -3.54 6.07
N SER A 93 -2.23 -4.31 7.17
CA SER A 93 -1.31 -4.07 8.29
C SER A 93 -0.88 -5.41 8.91
N ASN A 94 0.38 -5.45 9.39
CA ASN A 94 0.94 -6.62 10.09
C ASN A 94 0.58 -6.58 11.58
N ASP A 95 0.13 -5.40 12.07
CA ASP A 95 -0.22 -5.19 13.48
C ASP A 95 -1.68 -5.61 13.73
N GLU A 96 -1.86 -6.76 14.41
CA GLU A 96 -3.19 -7.36 14.69
C GLU A 96 -4.09 -6.42 15.53
N GLN A 97 -3.45 -5.66 16.45
CA GLN A 97 -4.15 -4.70 17.33
C GLN A 97 -4.86 -3.64 16.49
N LEU A 98 -4.10 -3.06 15.55
CA LEU A 98 -4.60 -2.05 14.60
C LEU A 98 -5.85 -2.57 13.87
N VAL A 99 -5.69 -3.72 13.21
CA VAL A 99 -6.71 -4.28 12.33
C VAL A 99 -8.04 -4.52 13.08
N LYS A 100 -7.97 -5.13 14.27
CA LYS A 100 -9.17 -5.42 15.09
C LYS A 100 -9.83 -4.12 15.59
N GLU A 101 -9.00 -3.07 15.85
CA GLU A 101 -9.50 -1.80 16.40
C GLU A 101 -10.35 -1.04 15.36
N LEU A 102 -9.95 -1.09 14.08
CA LEU A 102 -10.70 -0.44 12.98
C LEU A 102 -11.90 -1.29 12.55
N GLN A 103 -11.84 -2.60 12.82
CA GLN A 103 -13.00 -3.49 12.61
C GLN A 103 -14.12 -3.16 13.62
N LYS A 104 -13.73 -2.64 14.80
CA LYS A 104 -14.67 -2.24 15.87
C LYS A 104 -15.11 -0.74 15.74
N GLU A 105 -14.13 0.17 15.55
CA GLU A 105 -14.37 1.64 15.64
C GLU A 105 -14.88 2.21 14.32
N ALA A 106 -14.45 1.61 13.19
CA ALA A 106 -14.94 1.95 11.85
C ALA A 106 -15.91 0.86 11.36
N SER A 107 -16.95 1.27 10.62
CA SER A 107 -18.01 0.35 10.16
C SER A 107 -17.83 0.00 8.68
N ASP A 108 -17.43 0.99 7.87
CA ASP A 108 -17.28 0.84 6.41
C ASP A 108 -15.84 0.47 6.01
N ALA A 109 -14.87 0.84 6.87
CA ALA A 109 -13.44 0.64 6.57
C ALA A 109 -13.04 -0.83 6.69
N ARG A 110 -12.58 -1.40 5.58
CA ARG A 110 -12.14 -2.80 5.50
C ARG A 110 -10.62 -2.85 5.70
N VAL A 111 -10.19 -3.19 6.91
CA VAL A 111 -8.75 -3.36 7.23
C VAL A 111 -8.46 -4.86 7.34
N PHE A 112 -7.48 -5.34 6.57
CA PHE A 112 -7.14 -6.76 6.48
C PHE A 112 -5.79 -7.00 7.18
N ASN A 113 -5.73 -8.09 7.97
CA ASN A 113 -4.52 -8.47 8.72
C ASN A 113 -3.73 -9.50 7.93
N VAL A 114 -2.45 -9.19 7.67
CA VAL A 114 -1.50 -10.12 7.05
C VAL A 114 -0.46 -10.53 8.11
N GLN A 115 -0.33 -11.84 8.33
CA GLN A 115 0.53 -12.42 9.40
C GLN A 115 1.59 -13.35 8.77
N THR A 116 1.15 -14.17 7.82
CA THR A 116 1.99 -15.16 7.15
C THR A 116 1.44 -15.47 5.75
N LYS A 117 2.12 -16.38 5.04
CA LYS A 117 1.84 -16.75 3.63
C LYS A 117 0.35 -17.07 3.37
N GLN A 118 -0.38 -17.64 4.37
CA GLN A 118 -1.82 -18.01 4.22
C GLN A 118 -2.69 -16.81 3.79
N ASP A 119 -2.35 -15.62 4.33
CA ASP A 119 -3.12 -14.39 4.10
C ASP A 119 -2.84 -13.85 2.69
N PHE A 120 -1.58 -13.99 2.25
CA PHE A 120 -1.14 -13.61 0.89
C PHE A 120 -1.66 -14.61 -0.16
N LYS A 121 -1.84 -15.87 0.26
CA LYS A 121 -2.40 -16.93 -0.61
C LYS A 121 -3.87 -16.61 -0.94
N ASP A 122 -4.68 -16.51 0.12
CA ASP A 122 -6.13 -16.28 -0.01
C ASP A 122 -6.43 -14.96 -0.73
N LEU A 123 -5.78 -13.87 -0.28
CA LEU A 123 -6.09 -12.49 -0.74
C LEU A 123 -5.58 -12.19 -2.18
N ILE A 124 -4.34 -12.61 -2.51
CA ILE A 124 -3.73 -12.24 -3.80
C ILE A 124 -4.27 -13.13 -4.93
N GLU A 125 -4.41 -14.44 -4.65
CA GLU A 125 -5.07 -15.38 -5.59
C GLU A 125 -6.60 -15.11 -5.70
N LYS A 126 -7.08 -14.13 -4.90
CA LYS A 126 -8.46 -13.62 -4.97
C LYS A 126 -8.57 -12.41 -5.93
N ILE A 127 -7.65 -11.43 -5.78
CA ILE A 127 -7.65 -10.18 -6.58
C ILE A 127 -6.97 -10.39 -7.95
N LEU A 128 -7.09 -9.39 -8.86
CA LEU A 128 -6.46 -9.42 -10.19
C LEU A 128 -4.95 -9.12 -10.07
N GLU A 129 -4.17 -10.21 -10.07
CA GLU A 129 -2.70 -10.18 -9.96
C GLU A 129 -2.12 -9.71 -11.30
N HIS A 130 -2.31 -10.59 -12.30
CA HIS A 130 -1.76 -10.46 -13.63
C HIS A 130 -2.81 -9.80 -14.52
N HIS A 131 -2.67 -8.49 -14.75
CA HIS A 131 -3.58 -7.72 -15.61
C HIS A 131 -3.38 -8.09 -17.10
N HIS A 132 -2.16 -8.52 -17.45
CA HIS A 132 -1.83 -8.98 -18.81
C HIS A 132 -0.83 -10.15 -18.72
N HIS A 133 -1.28 -11.21 -18.00
CA HIS A 133 -0.55 -12.49 -17.77
C HIS A 133 0.92 -12.27 -17.33
N HIS A 134 1.87 -12.17 -18.31
CA HIS A 134 3.32 -12.00 -18.06
C HIS A 134 3.91 -13.28 -17.41
N HIS A 135 3.60 -13.49 -16.13
CA HIS A 135 3.99 -14.68 -15.37
C HIS A 135 2.79 -15.64 -15.28
N MET A 1 -8.60 2.04 -12.65
CA MET A 1 -7.21 1.96 -12.13
C MET A 1 -7.19 2.18 -10.60
N ARG A 2 -7.19 1.05 -9.83
CA ARG A 2 -7.03 1.07 -8.37
C ARG A 2 -5.55 1.22 -8.04
N ILE A 3 -5.15 2.46 -7.74
CA ILE A 3 -3.75 2.80 -7.49
C ILE A 3 -3.38 2.46 -6.02
N ILE A 4 -2.47 1.47 -5.90
CA ILE A 4 -2.04 0.90 -4.63
C ILE A 4 -0.91 1.74 -4.04
N VAL A 5 -1.10 2.17 -2.81
CA VAL A 5 -0.11 2.96 -2.08
C VAL A 5 0.94 2.04 -1.48
N ILE A 6 2.08 1.97 -2.17
CA ILE A 6 3.24 1.18 -1.75
C ILE A 6 4.14 2.05 -0.84
N ILE A 7 3.97 1.87 0.48
CA ILE A 7 4.83 2.52 1.48
C ILE A 7 5.93 1.53 1.85
N VAL A 8 7.19 1.96 1.70
CA VAL A 8 8.36 1.08 1.86
C VAL A 8 9.00 1.31 3.23
N THR A 9 9.19 0.21 3.98
CA THR A 9 9.76 0.19 5.32
C THR A 9 10.44 -1.18 5.53
N ASP A 10 9.63 -2.23 5.34
CA ASP A 10 10.10 -3.63 5.38
C ASP A 10 10.52 -4.10 3.99
N GLU A 11 11.19 -5.26 3.94
CA GLU A 11 11.70 -5.87 2.71
C GLU A 11 10.51 -6.40 1.86
N GLN A 12 9.94 -5.50 1.05
CA GLN A 12 8.87 -5.85 0.10
C GLN A 12 9.49 -6.63 -1.06
N LYS A 13 9.57 -7.96 -0.86
CA LYS A 13 10.21 -8.89 -1.80
C LYS A 13 9.39 -9.02 -3.09
N ILE A 14 9.68 -8.12 -4.05
CA ILE A 14 9.12 -8.18 -5.41
C ILE A 14 9.67 -9.44 -6.12
N GLU A 15 8.82 -10.08 -6.96
CA GLU A 15 9.13 -11.39 -7.61
C GLU A 15 9.96 -11.20 -8.89
N ASP A 16 11.07 -10.43 -8.73
CA ASP A 16 11.91 -9.94 -9.83
C ASP A 16 11.03 -9.25 -10.90
N MET A 17 10.12 -8.39 -10.40
CA MET A 17 9.20 -7.61 -11.24
C MET A 17 9.62 -6.12 -11.23
N TRP A 18 10.90 -5.88 -10.87
CA TRP A 18 11.46 -4.53 -10.67
C TRP A 18 11.60 -3.80 -12.03
N GLU A 19 11.89 -4.57 -13.11
CA GLU A 19 11.99 -4.02 -14.47
C GLU A 19 10.60 -3.66 -15.01
N ILE A 20 9.70 -4.67 -15.03
CA ILE A 20 8.33 -4.54 -15.57
C ILE A 20 7.50 -3.52 -14.75
N LEU A 21 7.99 -3.22 -13.52
CA LEU A 21 7.42 -2.20 -12.62
C LEU A 21 7.30 -0.82 -13.32
N LYS A 22 8.23 -0.52 -14.27
CA LYS A 22 8.22 0.76 -15.02
C LYS A 22 7.11 0.79 -16.10
N GLU A 23 6.76 -0.39 -16.64
CA GLU A 23 5.79 -0.52 -17.73
C GLU A 23 4.36 -0.73 -17.20
N ILE A 24 4.16 -1.88 -16.53
CA ILE A 24 2.86 -2.34 -16.03
C ILE A 24 2.62 -1.82 -14.59
N GLY A 25 3.69 -1.78 -13.79
CA GLY A 25 3.60 -1.39 -12.37
C GLY A 25 3.09 0.04 -12.16
N VAL A 26 3.76 1.02 -12.83
CA VAL A 26 3.51 2.48 -12.65
C VAL A 26 2.04 2.87 -12.93
N ASP A 27 1.38 2.06 -13.76
CA ASP A 27 -0.02 2.25 -14.15
C ASP A 27 -0.96 2.27 -12.92
N ARG A 28 -0.59 1.51 -11.87
CA ARG A 28 -1.43 1.38 -10.68
C ARG A 28 -0.63 1.29 -9.36
N ILE A 29 0.65 1.72 -9.34
CA ILE A 29 1.40 1.83 -8.05
C ILE A 29 1.63 3.30 -7.68
N VAL A 30 1.78 3.55 -6.38
CA VAL A 30 2.13 4.86 -5.82
C VAL A 30 3.33 4.63 -4.91
N ILE A 31 4.49 5.25 -5.23
CA ILE A 31 5.70 5.11 -4.40
C ILE A 31 5.68 6.20 -3.32
N ILE A 32 5.37 5.79 -2.08
CA ILE A 32 5.40 6.66 -0.90
C ILE A 32 6.60 6.24 -0.04
N THR A 33 7.57 7.13 0.10
CA THR A 33 8.79 6.86 0.87
C THR A 33 9.36 8.17 1.45
N SER A 34 10.27 8.00 2.42
CA SER A 34 11.01 9.09 3.08
C SER A 34 12.52 8.96 2.78
N ASN A 35 12.91 7.80 2.21
CA ASN A 35 14.28 7.56 1.71
C ASN A 35 14.39 8.09 0.27
N LYS A 36 15.38 8.96 0.05
CA LYS A 36 15.60 9.61 -1.25
C LYS A 36 16.27 8.65 -2.24
N GLN A 37 17.06 7.70 -1.68
CA GLN A 37 17.83 6.71 -2.45
C GLN A 37 16.97 5.94 -3.49
N LEU A 38 15.85 5.35 -3.03
CA LEU A 38 14.99 4.50 -3.86
C LEU A 38 13.96 5.34 -4.62
N ALA A 39 13.66 6.57 -4.10
CA ALA A 39 12.78 7.53 -4.78
C ALA A 39 13.42 8.01 -6.09
N GLU A 40 14.75 8.23 -6.03
CA GLU A 40 15.56 8.59 -7.21
C GLU A 40 15.74 7.37 -8.11
N ARG A 41 16.01 6.21 -7.49
CA ARG A 41 16.19 4.94 -8.22
C ARG A 41 14.94 4.58 -9.04
N ALA A 42 13.76 4.82 -8.44
CA ALA A 42 12.47 4.49 -9.05
C ALA A 42 12.11 5.48 -10.17
N LYS A 43 12.41 6.79 -10.01
CA LYS A 43 12.08 7.82 -11.02
C LYS A 43 12.94 7.65 -12.30
N GLU A 44 14.20 7.23 -12.08
CA GLU A 44 15.18 6.96 -13.17
C GLU A 44 14.90 5.57 -13.79
N LEU A 45 14.25 4.70 -13.01
CA LEU A 45 13.69 3.42 -13.48
C LEU A 45 12.50 3.69 -14.42
N GLY A 46 11.73 4.75 -14.10
CA GLY A 46 10.63 5.22 -14.97
C GLY A 46 9.28 5.26 -14.26
N VAL A 47 9.29 5.41 -12.91
CA VAL A 47 8.06 5.59 -12.12
C VAL A 47 7.71 7.08 -12.06
N ASP A 48 6.55 7.42 -12.65
CA ASP A 48 6.06 8.80 -12.74
C ASP A 48 5.50 9.27 -11.38
N ARG A 49 4.65 8.43 -10.76
CA ARG A 49 3.93 8.78 -9.52
C ARG A 49 4.73 8.37 -8.27
N ILE A 50 5.58 9.30 -7.80
CA ILE A 50 6.40 9.16 -6.57
C ILE A 50 6.15 10.37 -5.65
N PHE A 51 6.10 10.12 -4.35
CA PHE A 51 5.98 11.14 -3.31
C PHE A 51 7.06 10.89 -2.28
N LEU A 52 7.96 11.86 -2.13
CA LEU A 52 9.09 11.79 -1.21
C LEU A 52 8.84 12.81 -0.08
N LEU A 53 8.45 12.30 1.09
CA LEU A 53 8.07 13.10 2.24
C LEU A 53 8.49 12.40 3.52
N THR A 54 9.04 13.18 4.47
CA THR A 54 9.38 12.71 5.83
C THR A 54 8.19 12.96 6.79
N ASP A 55 6.98 13.06 6.21
CA ASP A 55 5.74 13.33 6.92
C ASP A 55 4.91 12.04 7.02
N ASP A 56 4.61 11.64 8.26
CA ASP A 56 3.89 10.39 8.57
C ASP A 56 2.39 10.56 8.37
N GLU A 57 1.87 11.73 8.78
CA GLU A 57 0.42 11.99 8.87
C GLU A 57 -0.10 12.52 7.53
N LEU A 58 0.79 13.19 6.80
CA LEU A 58 0.48 13.87 5.53
C LEU A 58 0.06 12.87 4.44
N ILE A 59 0.51 11.60 4.58
CA ILE A 59 0.20 10.52 3.62
C ILE A 59 -1.32 10.26 3.53
N ALA A 60 -2.05 10.57 4.61
CA ALA A 60 -3.52 10.46 4.66
C ALA A 60 -4.16 11.44 3.65
N GLU A 61 -3.57 12.66 3.55
CA GLU A 61 -4.02 13.72 2.63
C GLU A 61 -3.49 13.46 1.19
N ILE A 62 -2.31 12.80 1.09
CA ILE A 62 -1.73 12.40 -0.20
C ILE A 62 -2.68 11.41 -0.90
N VAL A 63 -2.97 10.29 -0.20
CA VAL A 63 -3.81 9.19 -0.72
C VAL A 63 -5.29 9.63 -0.88
N LYS A 64 -5.70 10.63 -0.08
CA LYS A 64 -7.01 11.30 -0.21
C LYS A 64 -7.15 11.94 -1.61
N LYS A 65 -6.19 12.82 -1.94
CA LYS A 65 -6.14 13.56 -3.23
C LYS A 65 -6.06 12.57 -4.41
N LEU A 66 -5.23 11.52 -4.23
CA LEU A 66 -5.04 10.45 -5.23
C LEU A 66 -6.31 9.60 -5.40
N GLY A 67 -7.17 9.58 -4.36
CA GLY A 67 -8.37 8.74 -4.35
C GLY A 67 -8.03 7.27 -4.23
N ALA A 68 -6.85 7.00 -3.66
CA ALA A 68 -6.27 5.67 -3.52
C ALA A 68 -6.95 4.93 -2.37
N ASP A 69 -7.79 3.95 -2.72
CA ASP A 69 -8.63 3.20 -1.79
C ASP A 69 -7.96 1.91 -1.31
N ILE A 70 -6.62 1.82 -1.46
CA ILE A 70 -5.84 0.66 -0.98
C ILE A 70 -4.38 1.07 -0.67
N VAL A 71 -3.87 0.60 0.48
CA VAL A 71 -2.49 0.84 0.96
C VAL A 71 -1.96 -0.41 1.68
N PHE A 72 -0.64 -0.68 1.53
CA PHE A 72 0.07 -1.67 2.34
C PHE A 72 1.05 -0.91 3.26
N SER A 73 0.73 -0.86 4.56
CA SER A 73 1.58 -0.20 5.56
C SER A 73 1.18 -0.66 6.98
N GLU A 74 2.17 -1.10 7.77
CA GLU A 74 2.01 -1.34 9.21
C GLU A 74 2.41 -0.06 9.97
N ASN A 75 1.44 0.56 10.65
CA ASN A 75 1.60 1.88 11.29
C ASN A 75 0.36 2.15 12.17
N ARG A 76 0.47 1.82 13.46
CA ARG A 76 -0.69 1.78 14.38
C ARG A 76 -1.35 3.16 14.55
N ASP A 77 -0.53 4.17 14.88
CA ASP A 77 -0.99 5.55 15.13
C ASP A 77 -1.58 6.18 13.86
N ILE A 78 -0.82 6.09 12.75
CA ILE A 78 -1.12 6.80 11.50
C ILE A 78 -2.30 6.13 10.74
N ALA A 79 -2.43 4.78 10.82
CA ALA A 79 -3.55 4.03 10.20
C ALA A 79 -4.90 4.56 10.72
N LYS A 80 -4.96 4.83 12.04
CA LYS A 80 -6.13 5.43 12.70
C LYS A 80 -6.43 6.82 12.11
N LYS A 81 -5.34 7.56 11.82
CA LYS A 81 -5.42 8.93 11.28
C LYS A 81 -5.78 8.95 9.77
N ILE A 82 -5.57 7.81 9.07
CA ILE A 82 -5.96 7.67 7.64
C ILE A 82 -7.45 7.25 7.57
N ILE A 83 -7.79 6.25 8.39
CA ILE A 83 -9.11 5.58 8.41
C ILE A 83 -10.21 6.52 8.94
N ARG A 84 -9.88 7.40 9.89
CA ARG A 84 -10.84 8.32 10.52
C ARG A 84 -11.49 9.27 9.47
N LYS A 85 -10.71 9.65 8.47
CA LYS A 85 -11.13 10.56 7.39
C LYS A 85 -11.45 9.77 6.10
N LEU A 86 -10.89 8.54 5.99
CA LEU A 86 -11.10 7.63 4.85
C LEU A 86 -11.54 6.26 5.37
N LYS A 87 -12.86 6.08 5.53
CA LYS A 87 -13.46 4.77 5.88
C LYS A 87 -13.66 3.91 4.61
N ASN A 88 -13.20 4.44 3.46
CA ASN A 88 -13.37 3.83 2.13
C ASN A 88 -12.07 3.12 1.68
N ILE A 89 -10.96 3.34 2.42
CA ILE A 89 -9.64 2.78 2.08
C ILE A 89 -9.45 1.40 2.77
N ILE A 90 -8.80 0.44 2.06
CA ILE A 90 -8.53 -0.91 2.58
C ILE A 90 -7.01 -1.02 2.89
N ILE A 91 -6.70 -1.37 4.15
CA ILE A 91 -5.31 -1.47 4.63
C ILE A 91 -5.02 -2.92 5.05
N LEU A 92 -3.87 -3.46 4.60
CA LEU A 92 -3.36 -4.75 5.10
C LEU A 92 -2.37 -4.49 6.26
N SER A 93 -2.51 -5.27 7.34
CA SER A 93 -1.65 -5.17 8.53
C SER A 93 -1.16 -6.57 8.95
N ASN A 94 0.09 -6.62 9.39
CA ASN A 94 0.73 -7.85 9.90
C ASN A 94 0.39 -8.08 11.38
N ASP A 95 0.00 -6.99 12.07
CA ASP A 95 -0.31 -6.99 13.51
C ASP A 95 -1.83 -7.16 13.71
N GLU A 96 -2.22 -8.28 14.34
CA GLU A 96 -3.63 -8.64 14.62
C GLU A 96 -4.33 -7.56 15.44
N GLN A 97 -3.63 -7.11 16.49
CA GLN A 97 -4.08 -6.05 17.41
C GLN A 97 -4.52 -4.79 16.64
N LEU A 98 -3.76 -4.43 15.59
CA LEU A 98 -4.03 -3.26 14.75
C LEU A 98 -5.31 -3.50 13.90
N VAL A 99 -5.41 -4.71 13.31
CA VAL A 99 -6.53 -5.08 12.40
C VAL A 99 -7.89 -4.94 13.13
N LYS A 100 -7.95 -5.49 14.36
CA LYS A 100 -9.16 -5.47 15.18
C LYS A 100 -9.44 -4.05 15.72
N GLU A 101 -8.37 -3.20 15.85
CA GLU A 101 -8.52 -1.80 16.30
C GLU A 101 -9.40 -1.05 15.32
N LEU A 102 -8.95 -1.00 14.05
CA LEU A 102 -9.57 -0.20 13.00
C LEU A 102 -10.97 -0.73 12.63
N GLN A 103 -11.18 -2.06 12.71
CA GLN A 103 -12.51 -2.64 12.46
C GLN A 103 -13.53 -2.19 13.53
N LYS A 104 -13.08 -2.12 14.80
CA LYS A 104 -13.98 -1.83 15.95
C LYS A 104 -14.06 -0.34 16.30
N GLU A 105 -13.07 0.48 15.87
CA GLU A 105 -13.08 1.94 16.18
C GLU A 105 -13.76 2.71 15.05
N ALA A 106 -13.61 2.21 13.80
CA ALA A 106 -14.08 2.91 12.59
C ALA A 106 -15.52 2.53 12.25
N SER A 107 -16.14 3.33 11.36
CA SER A 107 -17.53 3.14 10.93
C SER A 107 -17.62 2.06 9.83
N ASP A 108 -17.20 2.41 8.59
CA ASP A 108 -17.41 1.57 7.39
C ASP A 108 -16.08 0.99 6.87
N ALA A 109 -15.00 1.16 7.65
CA ALA A 109 -13.63 0.82 7.21
C ALA A 109 -13.41 -0.69 7.05
N ARG A 110 -12.47 -1.01 6.16
CA ARG A 110 -12.17 -2.38 5.74
C ARG A 110 -10.65 -2.61 5.91
N VAL A 111 -10.27 -3.38 6.94
CA VAL A 111 -8.86 -3.66 7.25
C VAL A 111 -8.66 -5.19 7.36
N PHE A 112 -7.72 -5.72 6.56
CA PHE A 112 -7.48 -7.16 6.42
C PHE A 112 -6.15 -7.53 7.10
N ASN A 113 -6.11 -8.71 7.73
CA ASN A 113 -4.93 -9.25 8.41
C ASN A 113 -4.19 -10.21 7.47
N VAL A 114 -2.86 -10.07 7.36
CA VAL A 114 -2.01 -11.03 6.64
C VAL A 114 -0.89 -11.51 7.57
N GLN A 115 -0.88 -12.83 7.85
CA GLN A 115 0.14 -13.48 8.69
C GLN A 115 1.08 -14.31 7.81
N THR A 116 0.53 -15.38 7.20
CA THR A 116 1.30 -16.36 6.43
C THR A 116 0.92 -16.25 4.94
N LYS A 117 1.70 -16.93 4.08
CA LYS A 117 1.58 -16.80 2.61
C LYS A 117 0.18 -17.18 2.12
N GLN A 118 -0.29 -18.38 2.55
CA GLN A 118 -1.60 -18.95 2.15
C GLN A 118 -2.76 -18.01 2.54
N ASP A 119 -2.54 -17.22 3.61
CA ASP A 119 -3.52 -16.31 4.19
C ASP A 119 -3.76 -15.11 3.24
N PHE A 120 -2.66 -14.62 2.66
CA PHE A 120 -2.70 -13.56 1.64
C PHE A 120 -3.24 -14.10 0.31
N LYS A 121 -2.95 -15.39 0.00
CA LYS A 121 -3.41 -16.03 -1.25
C LYS A 121 -4.95 -16.18 -1.30
N ASP A 122 -5.59 -16.27 -0.09
CA ASP A 122 -7.06 -16.22 0.04
C ASP A 122 -7.61 -14.86 -0.42
N LEU A 123 -6.90 -13.78 -0.05
CA LEU A 123 -7.29 -12.41 -0.42
C LEU A 123 -7.17 -12.22 -1.94
N ILE A 124 -6.00 -12.63 -2.49
CA ILE A 124 -5.70 -12.61 -3.95
C ILE A 124 -6.82 -13.35 -4.74
N GLU A 125 -7.31 -14.45 -4.15
CA GLU A 125 -8.36 -15.30 -4.73
C GLU A 125 -9.70 -14.55 -4.78
N LYS A 126 -10.09 -13.90 -3.67
CA LYS A 126 -11.44 -13.31 -3.53
C LYS A 126 -11.55 -11.92 -4.17
N ILE A 127 -10.39 -11.29 -4.42
CA ILE A 127 -10.30 -10.06 -5.22
C ILE A 127 -10.41 -10.46 -6.69
N LEU A 128 -11.31 -9.79 -7.44
CA LEU A 128 -11.55 -10.09 -8.87
C LEU A 128 -10.41 -9.53 -9.73
N GLU A 129 -9.31 -10.29 -9.72
CA GLU A 129 -8.06 -10.03 -10.47
C GLU A 129 -7.60 -11.35 -11.09
N HIS A 130 -6.60 -11.29 -11.99
CA HIS A 130 -6.03 -12.48 -12.66
C HIS A 130 -4.50 -12.34 -12.74
N HIS A 131 -4.06 -11.26 -13.41
CA HIS A 131 -2.63 -10.96 -13.60
C HIS A 131 -2.04 -10.26 -12.35
N HIS A 132 -1.76 -11.08 -11.33
CA HIS A 132 -1.21 -10.70 -10.00
C HIS A 132 -1.25 -11.95 -9.06
N HIS A 133 -2.03 -12.98 -9.47
CA HIS A 133 -2.13 -14.26 -8.74
C HIS A 133 -0.78 -15.01 -8.73
N HIS A 134 0.05 -14.66 -7.74
CA HIS A 134 1.33 -15.32 -7.43
C HIS A 134 1.89 -14.70 -6.14
N HIS A 135 2.08 -15.54 -5.13
CA HIS A 135 2.74 -15.18 -3.87
C HIS A 135 3.17 -16.48 -3.14
N MET A 1 -9.15 4.25 -10.99
CA MET A 1 -7.74 3.82 -10.87
C MET A 1 -7.53 3.05 -9.56
N ARG A 2 -7.25 1.73 -9.70
CA ARG A 2 -6.98 0.82 -8.56
C ARG A 2 -5.54 1.03 -8.04
N ILE A 3 -5.34 2.16 -7.36
CA ILE A 3 -4.01 2.58 -6.87
C ILE A 3 -3.71 1.96 -5.48
N ILE A 4 -2.79 0.99 -5.49
CA ILE A 4 -2.25 0.36 -4.29
C ILE A 4 -1.03 1.17 -3.83
N VAL A 5 -1.16 1.85 -2.71
CA VAL A 5 -0.10 2.69 -2.19
C VAL A 5 0.92 1.81 -1.43
N ILE A 6 2.11 1.68 -2.04
CA ILE A 6 3.23 0.92 -1.49
C ILE A 6 4.09 1.86 -0.61
N ILE A 7 3.90 1.77 0.72
CA ILE A 7 4.73 2.50 1.69
C ILE A 7 5.67 1.49 2.37
N VAL A 8 6.93 1.52 1.93
CA VAL A 8 8.00 0.66 2.45
C VAL A 8 9.30 1.49 2.51
N THR A 9 10.20 1.10 3.42
CA THR A 9 11.52 1.72 3.56
C THR A 9 12.37 1.55 2.27
N ASP A 10 12.31 0.36 1.66
CA ASP A 10 13.04 0.06 0.41
C ASP A 10 12.66 -1.35 -0.07
N GLU A 11 12.44 -1.50 -1.38
CA GLU A 11 12.12 -2.78 -2.03
C GLU A 11 12.63 -2.79 -3.47
N GLN A 12 12.90 -4.02 -3.97
CA GLN A 12 13.32 -4.29 -5.36
C GLN A 12 13.24 -5.81 -5.62
N LYS A 13 12.37 -6.51 -4.88
CA LYS A 13 12.27 -7.98 -4.90
C LYS A 13 11.85 -8.49 -6.30
N ILE A 14 12.67 -9.41 -6.85
CA ILE A 14 12.48 -10.01 -8.18
C ILE A 14 11.22 -10.93 -8.21
N GLU A 15 10.72 -11.30 -7.01
CA GLU A 15 9.45 -12.04 -6.85
C GLU A 15 8.29 -11.27 -7.49
N ASP A 16 8.22 -9.97 -7.13
CA ASP A 16 7.20 -9.04 -7.66
C ASP A 16 7.55 -8.55 -9.07
N MET A 17 8.84 -8.76 -9.45
CA MET A 17 9.41 -8.34 -10.74
C MET A 17 9.42 -6.80 -10.86
N TRP A 18 10.57 -6.22 -10.47
CA TRP A 18 10.86 -4.77 -10.61
C TRP A 18 10.83 -4.36 -12.12
N GLU A 19 10.94 -5.36 -13.02
CA GLU A 19 10.84 -5.21 -14.48
C GLU A 19 9.38 -5.02 -14.94
N ILE A 20 8.45 -5.82 -14.39
CA ILE A 20 7.01 -5.74 -14.76
C ILE A 20 6.39 -4.47 -14.17
N LEU A 21 7.04 -3.96 -13.10
CA LEU A 21 6.63 -2.75 -12.39
C LEU A 21 6.45 -1.55 -13.36
N LYS A 22 7.30 -1.45 -14.38
CA LYS A 22 7.23 -0.31 -15.32
C LYS A 22 6.10 -0.47 -16.37
N GLU A 23 5.67 -1.72 -16.65
CA GLU A 23 4.52 -1.97 -17.55
C GLU A 23 3.19 -1.95 -16.78
N ILE A 24 3.00 -2.94 -15.90
CA ILE A 24 1.74 -3.17 -15.17
C ILE A 24 1.76 -2.45 -13.81
N GLY A 25 2.92 -2.48 -13.14
CA GLY A 25 3.03 -2.01 -11.75
C GLY A 25 2.59 -0.56 -11.55
N VAL A 26 3.13 0.37 -12.36
CA VAL A 26 2.87 1.83 -12.24
C VAL A 26 1.39 2.19 -12.57
N ASP A 27 0.70 1.27 -13.25
CA ASP A 27 -0.74 1.39 -13.59
C ASP A 27 -1.62 1.15 -12.35
N ARG A 28 -1.10 0.38 -11.39
CA ARG A 28 -1.88 -0.09 -10.22
C ARG A 28 -1.16 0.14 -8.88
N ILE A 29 0.04 0.78 -8.85
CA ILE A 29 0.73 1.10 -7.56
C ILE A 29 1.22 2.57 -7.55
N VAL A 30 1.34 3.12 -6.32
CA VAL A 30 1.88 4.47 -6.08
C VAL A 30 3.01 4.36 -5.02
N ILE A 31 4.16 4.99 -5.30
CA ILE A 31 5.31 4.99 -4.39
C ILE A 31 5.20 6.18 -3.43
N ILE A 32 4.87 5.89 -2.17
CA ILE A 32 4.84 6.90 -1.09
C ILE A 32 5.83 6.45 -0.02
N THR A 33 6.89 7.24 0.20
CA THR A 33 8.00 6.84 1.07
C THR A 33 8.70 8.05 1.70
N SER A 34 9.57 7.76 2.68
CA SER A 34 10.41 8.74 3.37
C SER A 34 11.89 8.56 2.97
N ASN A 35 12.21 7.39 2.40
CA ASN A 35 13.55 7.04 1.95
C ASN A 35 13.77 7.58 0.53
N LYS A 36 14.81 8.42 0.42
CA LYS A 36 15.22 9.06 -0.84
C LYS A 36 15.69 8.01 -1.85
N GLN A 37 16.39 6.97 -1.33
CA GLN A 37 17.03 5.91 -2.14
C GLN A 37 16.09 5.29 -3.20
N LEU A 38 14.94 4.75 -2.76
CA LEU A 38 14.03 4.01 -3.65
C LEU A 38 13.12 4.98 -4.43
N ALA A 39 12.93 6.20 -3.89
CA ALA A 39 12.17 7.27 -4.56
C ALA A 39 12.91 7.75 -5.82
N GLU A 40 14.25 7.88 -5.70
CA GLU A 40 15.14 8.20 -6.83
C GLU A 40 15.16 7.04 -7.81
N ARG A 41 15.36 5.83 -7.26
CA ARG A 41 15.49 4.59 -8.04
C ARG A 41 14.24 4.33 -8.89
N ALA A 42 13.08 4.67 -8.32
CA ALA A 42 11.78 4.49 -8.97
C ALA A 42 11.58 5.52 -10.10
N LYS A 43 12.00 6.79 -9.89
CA LYS A 43 11.86 7.86 -10.92
C LYS A 43 12.88 7.64 -12.07
N GLU A 44 13.97 6.94 -11.74
CA GLU A 44 15.00 6.52 -12.70
C GLU A 44 14.52 5.29 -13.49
N LEU A 45 13.66 4.46 -12.86
CA LEU A 45 12.95 3.36 -13.53
C LEU A 45 11.92 3.95 -14.51
N GLY A 46 11.27 5.04 -14.09
CA GLY A 46 10.23 5.71 -14.89
C GLY A 46 8.86 5.75 -14.22
N VAL A 47 8.80 5.45 -12.90
CA VAL A 47 7.55 5.59 -12.12
C VAL A 47 7.17 7.08 -12.04
N ASP A 48 5.93 7.39 -12.41
CA ASP A 48 5.40 8.76 -12.34
C ASP A 48 4.95 9.07 -10.89
N ARG A 49 4.06 8.21 -10.37
CA ARG A 49 3.37 8.42 -9.08
C ARG A 49 4.33 8.17 -7.90
N ILE A 50 5.12 9.20 -7.54
CA ILE A 50 6.06 9.17 -6.40
C ILE A 50 5.87 10.44 -5.55
N PHE A 51 5.60 10.25 -4.25
CA PHE A 51 5.66 11.34 -3.27
C PHE A 51 6.68 10.93 -2.20
N LEU A 52 7.74 11.74 -2.10
CA LEU A 52 8.81 11.55 -1.14
C LEU A 52 8.66 12.61 -0.05
N LEU A 53 8.32 12.15 1.15
CA LEU A 53 8.12 13.00 2.34
C LEU A 53 8.54 12.22 3.59
N THR A 54 9.37 12.84 4.42
CA THR A 54 9.79 12.29 5.72
C THR A 54 8.77 12.66 6.84
N ASP A 55 7.63 13.20 6.44
CA ASP A 55 6.50 13.52 7.31
C ASP A 55 5.70 12.23 7.57
N ASP A 56 5.49 11.89 8.86
CA ASP A 56 4.80 10.64 9.26
C ASP A 56 3.34 10.61 8.82
N GLU A 57 2.51 11.54 9.32
CA GLU A 57 1.04 11.44 9.20
C GLU A 57 0.55 12.05 7.88
N LEU A 58 1.42 12.87 7.27
CA LEU A 58 1.11 13.57 6.03
C LEU A 58 0.90 12.59 4.86
N ILE A 59 1.52 11.38 4.94
CA ILE A 59 1.33 10.32 3.92
C ILE A 59 -0.16 9.89 3.86
N ALA A 60 -0.86 9.98 5.00
CA ALA A 60 -2.31 9.73 5.08
C ALA A 60 -3.09 10.77 4.25
N GLU A 61 -2.64 12.04 4.32
CA GLU A 61 -3.28 13.15 3.58
C GLU A 61 -2.95 13.06 2.07
N ILE A 62 -1.75 12.55 1.73
CA ILE A 62 -1.33 12.36 0.33
C ILE A 62 -2.25 11.33 -0.34
N VAL A 63 -2.35 10.15 0.28
CA VAL A 63 -3.17 9.03 -0.23
C VAL A 63 -4.67 9.36 -0.20
N LYS A 64 -5.06 10.32 0.67
CA LYS A 64 -6.44 10.84 0.74
C LYS A 64 -6.77 11.57 -0.56
N LYS A 65 -5.90 12.51 -0.95
CA LYS A 65 -6.08 13.33 -2.16
C LYS A 65 -6.05 12.44 -3.42
N LEU A 66 -5.12 11.49 -3.43
CA LEU A 66 -5.00 10.48 -4.50
C LEU A 66 -6.26 9.58 -4.56
N GLY A 67 -6.89 9.37 -3.40
CA GLY A 67 -8.07 8.50 -3.27
C GLY A 67 -7.67 7.05 -3.30
N ALA A 68 -6.83 6.66 -2.33
CA ALA A 68 -6.25 5.31 -2.27
C ALA A 68 -7.33 4.27 -1.95
N ASP A 69 -7.42 3.25 -2.81
CA ASP A 69 -8.37 2.13 -2.62
C ASP A 69 -7.84 1.16 -1.56
N ILE A 70 -6.51 0.97 -1.58
CA ILE A 70 -5.81 0.04 -0.67
C ILE A 70 -4.37 0.53 -0.46
N VAL A 71 -3.84 0.32 0.76
CA VAL A 71 -2.47 0.74 1.14
C VAL A 71 -1.80 -0.37 1.97
N PHE A 72 -0.49 -0.59 1.73
CA PHE A 72 0.33 -1.51 2.53
C PHE A 72 1.28 -0.67 3.39
N SER A 73 1.02 -0.65 4.72
CA SER A 73 1.80 0.15 5.69
C SER A 73 1.68 -0.46 7.09
N GLU A 74 2.84 -0.70 7.75
CA GLU A 74 2.87 -1.02 9.19
C GLU A 74 3.11 0.28 10.00
N ASN A 75 2.07 0.74 10.72
CA ASN A 75 2.10 1.99 11.53
C ASN A 75 0.69 2.25 12.04
N ARG A 76 0.46 2.05 13.35
CA ARG A 76 -0.86 2.24 13.98
C ARG A 76 -1.37 3.69 13.85
N ASP A 77 -0.48 4.65 14.18
CA ASP A 77 -0.81 6.09 14.27
C ASP A 77 -1.38 6.62 12.96
N ILE A 78 -0.66 6.31 11.87
CA ILE A 78 -0.99 6.76 10.52
C ILE A 78 -2.23 6.01 10.01
N ALA A 79 -2.28 4.68 10.23
CA ALA A 79 -3.39 3.82 9.76
C ALA A 79 -4.76 4.37 10.18
N LYS A 80 -4.89 4.69 11.47
CA LYS A 80 -6.15 5.21 12.04
C LYS A 80 -6.49 6.60 11.47
N LYS A 81 -5.43 7.38 11.13
CA LYS A 81 -5.59 8.69 10.48
C LYS A 81 -5.96 8.56 8.99
N ILE A 82 -5.57 7.45 8.33
CA ILE A 82 -5.98 7.18 6.93
C ILE A 82 -7.48 6.84 6.94
N ILE A 83 -7.87 6.00 7.90
CA ILE A 83 -9.25 5.51 8.08
C ILE A 83 -10.26 6.65 8.30
N ARG A 84 -9.90 7.63 9.15
CA ARG A 84 -10.81 8.73 9.51
C ARG A 84 -11.07 9.69 8.32
N LYS A 85 -10.17 9.72 7.33
CA LYS A 85 -10.32 10.57 6.12
C LYS A 85 -10.68 9.73 4.88
N LEU A 86 -10.48 8.41 4.96
CA LEU A 86 -10.80 7.44 3.88
C LEU A 86 -11.55 6.25 4.50
N LYS A 87 -12.89 6.29 4.39
CA LYS A 87 -13.76 5.20 4.90
C LYS A 87 -14.01 4.13 3.81
N ASN A 88 -13.45 4.33 2.62
CA ASN A 88 -13.59 3.38 1.48
C ASN A 88 -12.24 2.78 1.11
N ILE A 89 -11.26 2.86 2.03
CA ILE A 89 -9.95 2.24 1.87
C ILE A 89 -9.89 0.93 2.67
N ILE A 90 -9.09 -0.03 2.16
CA ILE A 90 -8.72 -1.22 2.90
C ILE A 90 -7.20 -1.14 3.15
N ILE A 91 -6.82 -1.01 4.43
CA ILE A 91 -5.40 -0.96 4.83
C ILE A 91 -4.93 -2.38 5.14
N LEU A 92 -3.66 -2.67 4.88
CA LEU A 92 -3.05 -3.94 5.23
C LEU A 92 -2.04 -3.70 6.36
N SER A 93 -2.17 -4.49 7.43
CA SER A 93 -1.24 -4.50 8.57
C SER A 93 -0.90 -5.95 8.94
N ASN A 94 0.19 -6.12 9.69
CA ASN A 94 0.67 -7.44 10.17
C ASN A 94 0.38 -7.57 11.68
N ASP A 95 0.00 -6.44 12.32
CA ASP A 95 -0.46 -6.42 13.72
C ASP A 95 -1.99 -6.56 13.72
N GLU A 96 -2.49 -7.80 13.94
CA GLU A 96 -3.95 -8.06 14.03
C GLU A 96 -4.56 -7.41 15.29
N GLN A 97 -3.70 -7.11 16.27
CA GLN A 97 -4.06 -6.39 17.50
C GLN A 97 -4.42 -4.92 17.18
N LEU A 98 -3.88 -4.41 16.07
CA LEU A 98 -4.22 -3.09 15.53
C LEU A 98 -5.43 -3.20 14.57
N VAL A 99 -5.40 -4.22 13.69
CA VAL A 99 -6.45 -4.46 12.68
C VAL A 99 -7.85 -4.56 13.34
N LYS A 100 -7.93 -5.28 14.48
CA LYS A 100 -9.20 -5.43 15.23
C LYS A 100 -9.72 -4.07 15.72
N GLU A 101 -8.79 -3.19 16.17
CA GLU A 101 -9.12 -1.84 16.65
C GLU A 101 -9.88 -1.04 15.60
N LEU A 102 -9.35 -1.04 14.38
CA LEU A 102 -9.96 -0.31 13.24
C LEU A 102 -11.29 -0.95 12.80
N GLN A 103 -11.43 -2.26 12.96
CA GLN A 103 -12.69 -2.96 12.66
C GLN A 103 -13.78 -2.62 13.71
N LYS A 104 -13.36 -2.13 14.90
CA LYS A 104 -14.29 -1.73 15.97
C LYS A 104 -14.61 -0.21 15.93
N GLU A 105 -13.61 0.62 15.66
CA GLU A 105 -13.76 2.09 15.71
C GLU A 105 -14.26 2.64 14.35
N ALA A 106 -13.87 1.97 13.25
CA ALA A 106 -14.38 2.30 11.90
C ALA A 106 -15.63 1.45 11.59
N SER A 107 -16.61 2.08 10.95
CA SER A 107 -17.90 1.43 10.62
C SER A 107 -17.96 1.05 9.12
N ASP A 108 -17.42 1.92 8.28
CA ASP A 108 -17.45 1.75 6.80
C ASP A 108 -16.09 1.32 6.26
N ALA A 109 -15.00 1.66 6.98
CA ALA A 109 -13.62 1.35 6.55
C ALA A 109 -13.24 -0.09 6.93
N ARG A 110 -12.39 -0.69 6.10
CA ARG A 110 -11.97 -2.09 6.23
C ARG A 110 -10.46 -2.15 6.39
N VAL A 111 -9.97 -3.09 7.20
CA VAL A 111 -8.52 -3.37 7.38
C VAL A 111 -8.33 -4.89 7.44
N PHE A 112 -7.40 -5.39 6.62
CA PHE A 112 -7.06 -6.81 6.54
C PHE A 112 -5.67 -7.06 7.17
N ASN A 113 -5.40 -8.32 7.56
CA ASN A 113 -4.16 -8.71 8.24
C ASN A 113 -3.46 -9.86 7.50
N VAL A 114 -2.12 -9.74 7.34
CA VAL A 114 -1.26 -10.82 6.79
C VAL A 114 -0.29 -11.31 7.89
N GLN A 115 -0.31 -12.62 8.12
CA GLN A 115 0.67 -13.32 9.00
C GLN A 115 1.60 -14.17 8.13
N THR A 116 1.01 -14.75 7.08
CA THR A 116 1.68 -15.62 6.12
C THR A 116 1.21 -15.29 4.69
N LYS A 117 1.91 -15.89 3.70
CA LYS A 117 1.66 -15.67 2.26
C LYS A 117 0.21 -16.00 1.85
N GLN A 118 -0.43 -16.95 2.57
CA GLN A 118 -1.83 -17.38 2.32
C GLN A 118 -2.80 -16.20 2.45
N ASP A 119 -2.57 -15.34 3.45
CA ASP A 119 -3.40 -14.15 3.68
C ASP A 119 -3.22 -13.15 2.53
N PHE A 120 -1.97 -13.02 2.05
CA PHE A 120 -1.66 -12.15 0.90
C PHE A 120 -2.20 -12.77 -0.42
N LYS A 121 -2.31 -14.12 -0.46
CA LYS A 121 -2.90 -14.86 -1.61
C LYS A 121 -4.41 -14.60 -1.71
N ASP A 122 -5.05 -14.33 -0.55
CA ASP A 122 -6.45 -13.88 -0.48
C ASP A 122 -6.61 -12.58 -1.29
N LEU A 123 -5.64 -11.67 -1.12
CA LEU A 123 -5.59 -10.40 -1.85
C LEU A 123 -5.32 -10.63 -3.35
N ILE A 124 -4.23 -11.40 -3.66
CA ILE A 124 -3.85 -11.78 -5.06
C ILE A 124 -5.05 -12.37 -5.84
N GLU A 125 -5.88 -13.14 -5.12
CA GLU A 125 -7.06 -13.82 -5.68
C GLU A 125 -8.13 -12.79 -6.10
N LYS A 126 -8.39 -11.79 -5.24
CA LYS A 126 -9.46 -10.78 -5.45
C LYS A 126 -8.95 -9.52 -6.17
N ILE A 127 -7.63 -9.41 -6.38
CA ILE A 127 -7.02 -8.34 -7.18
C ILE A 127 -5.73 -8.85 -7.86
N LEU A 128 -5.67 -8.67 -9.19
CA LEU A 128 -4.53 -9.09 -10.02
C LEU A 128 -3.25 -8.28 -9.66
N GLU A 129 -2.40 -8.88 -8.83
CA GLU A 129 -1.08 -8.32 -8.48
C GLU A 129 -0.14 -8.35 -9.69
N HIS A 130 0.16 -9.56 -10.18
CA HIS A 130 1.00 -9.80 -11.37
C HIS A 130 0.36 -10.94 -12.19
N HIS A 131 0.60 -10.96 -13.51
CA HIS A 131 0.08 -12.00 -14.40
C HIS A 131 1.13 -13.11 -14.55
N HIS A 132 1.35 -13.83 -13.43
CA HIS A 132 2.26 -14.97 -13.35
C HIS A 132 1.68 -16.15 -14.16
N HIS A 133 2.53 -16.74 -15.04
CA HIS A 133 2.17 -17.90 -15.86
C HIS A 133 1.95 -19.14 -14.96
N HIS A 134 0.71 -19.31 -14.51
CA HIS A 134 0.29 -20.44 -13.67
C HIS A 134 -0.53 -21.44 -14.51
N HIS A 135 -0.31 -22.73 -14.25
CA HIS A 135 -1.07 -23.83 -14.85
C HIS A 135 -1.13 -24.97 -13.81
N MET A 1 -7.81 5.51 -13.11
CA MET A 1 -7.00 4.36 -12.66
C MET A 1 -7.22 4.11 -11.17
N ARG A 2 -7.55 2.86 -10.79
CA ARG A 2 -7.67 2.45 -9.38
C ARG A 2 -6.25 2.28 -8.81
N ILE A 3 -5.83 3.26 -8.01
CA ILE A 3 -4.42 3.39 -7.59
C ILE A 3 -4.13 2.63 -6.28
N ILE A 4 -3.07 1.81 -6.33
CA ILE A 4 -2.49 1.10 -5.20
C ILE A 4 -1.29 1.92 -4.73
N VAL A 5 -1.42 2.57 -3.58
CA VAL A 5 -0.34 3.35 -2.99
C VAL A 5 0.63 2.42 -2.22
N ILE A 6 1.81 2.21 -2.82
CA ILE A 6 2.88 1.40 -2.27
C ILE A 6 3.69 2.23 -1.26
N ILE A 7 3.42 2.03 0.04
CA ILE A 7 4.24 2.62 1.12
C ILE A 7 4.97 1.50 1.85
N VAL A 8 6.26 1.35 1.52
CA VAL A 8 7.19 0.42 2.16
C VAL A 8 8.49 1.22 2.39
N THR A 9 9.04 1.17 3.60
CA THR A 9 10.25 1.94 3.96
C THR A 9 11.46 1.46 3.12
N ASP A 10 11.89 0.22 3.34
CA ASP A 10 12.97 -0.40 2.54
C ASP A 10 12.39 -1.07 1.29
N GLU A 11 13.24 -1.32 0.28
CA GLU A 11 12.85 -2.00 -0.99
C GLU A 11 12.86 -3.55 -0.79
N GLN A 12 12.03 -3.99 0.16
CA GLN A 12 11.92 -5.38 0.61
C GLN A 12 11.19 -6.24 -0.43
N LYS A 13 9.94 -5.84 -0.76
CA LYS A 13 9.05 -6.62 -1.63
C LYS A 13 9.39 -6.37 -3.11
N ILE A 14 10.42 -7.10 -3.59
CA ILE A 14 10.86 -7.09 -4.98
C ILE A 14 10.82 -8.55 -5.50
N GLU A 15 9.64 -8.92 -6.04
CA GLU A 15 9.31 -10.31 -6.44
C GLU A 15 9.66 -10.52 -7.94
N ASP A 16 10.88 -10.09 -8.33
CA ASP A 16 11.38 -10.10 -9.75
C ASP A 16 10.61 -9.09 -10.66
N MET A 17 9.53 -8.50 -10.13
CA MET A 17 8.56 -7.70 -10.91
C MET A 17 8.96 -6.21 -10.99
N TRP A 18 10.25 -5.92 -10.76
CA TRP A 18 10.74 -4.54 -10.69
C TRP A 18 10.77 -3.89 -12.10
N GLU A 19 11.06 -4.69 -13.15
CA GLU A 19 11.08 -4.16 -14.52
C GLU A 19 9.66 -4.03 -15.09
N ILE A 20 8.77 -5.01 -14.82
CA ILE A 20 7.35 -4.96 -15.28
C ILE A 20 6.57 -3.82 -14.57
N LEU A 21 7.14 -3.35 -13.44
CA LEU A 21 6.66 -2.18 -12.68
C LEU A 21 6.59 -0.89 -13.57
N LYS A 22 7.42 -0.83 -14.65
CA LYS A 22 7.38 0.30 -15.62
C LYS A 22 6.25 0.11 -16.65
N GLU A 23 5.89 -1.16 -16.93
CA GLU A 23 4.93 -1.49 -17.99
C GLU A 23 3.48 -1.45 -17.46
N ILE A 24 3.17 -2.38 -16.54
CA ILE A 24 1.82 -2.53 -15.95
C ILE A 24 1.70 -1.65 -14.68
N GLY A 25 2.82 -1.56 -13.93
CA GLY A 25 2.84 -0.89 -12.63
C GLY A 25 2.44 0.60 -12.67
N VAL A 26 3.23 1.41 -13.42
CA VAL A 26 3.15 2.90 -13.39
C VAL A 26 1.75 3.47 -13.74
N ASP A 27 0.90 2.64 -14.40
CA ASP A 27 -0.47 3.02 -14.79
C ASP A 27 -1.34 3.32 -13.56
N ARG A 28 -1.12 2.58 -12.46
CA ARG A 28 -2.03 2.63 -11.29
C ARG A 28 -1.29 2.44 -9.95
N ILE A 29 0.04 2.61 -9.92
CA ILE A 29 0.78 2.64 -8.63
C ILE A 29 1.15 4.08 -8.28
N VAL A 30 1.31 4.32 -6.97
CA VAL A 30 1.90 5.55 -6.43
C VAL A 30 2.97 5.14 -5.41
N ILE A 31 4.23 5.48 -5.67
CA ILE A 31 5.36 5.16 -4.78
C ILE A 31 5.48 6.29 -3.76
N ILE A 32 5.02 6.03 -2.52
CA ILE A 32 5.12 6.98 -1.40
C ILE A 32 5.97 6.34 -0.32
N THR A 33 7.10 6.95 0.01
CA THR A 33 8.05 6.43 0.99
C THR A 33 8.84 7.58 1.64
N SER A 34 9.57 7.25 2.70
CA SER A 34 10.44 8.17 3.44
C SER A 34 11.93 7.86 3.17
N ASN A 35 12.19 6.74 2.48
CA ASN A 35 13.54 6.31 2.10
C ASN A 35 13.85 6.79 0.69
N LYS A 36 14.94 7.55 0.57
CA LYS A 36 15.43 8.11 -0.69
C LYS A 36 15.95 7.00 -1.63
N GLN A 37 16.37 5.85 -1.05
CA GLN A 37 16.94 4.71 -1.79
C GLN A 37 15.98 4.19 -2.90
N LEU A 38 14.75 3.80 -2.50
CA LEU A 38 13.78 3.15 -3.40
C LEU A 38 12.90 4.19 -4.12
N ALA A 39 12.80 5.41 -3.53
CA ALA A 39 12.09 6.55 -4.16
C ALA A 39 12.80 6.99 -5.44
N GLU A 40 14.13 7.21 -5.32
CA GLU A 40 14.98 7.62 -6.44
C GLU A 40 15.28 6.43 -7.36
N ARG A 41 15.24 5.20 -6.82
CA ARG A 41 15.36 3.96 -7.64
C ARG A 41 14.14 3.89 -8.60
N ALA A 42 12.95 4.15 -8.04
CA ALA A 42 11.69 4.21 -8.80
C ALA A 42 11.76 5.32 -9.87
N LYS A 43 12.44 6.42 -9.52
CA LYS A 43 12.68 7.57 -10.42
C LYS A 43 13.61 7.21 -11.59
N GLU A 44 14.67 6.42 -11.31
CA GLU A 44 15.59 5.90 -12.35
C GLU A 44 14.87 4.90 -13.27
N LEU A 45 13.91 4.18 -12.67
CA LEU A 45 13.02 3.25 -13.38
C LEU A 45 12.05 4.06 -14.28
N GLY A 46 11.60 5.22 -13.76
CA GLY A 46 10.69 6.11 -14.50
C GLY A 46 9.23 5.98 -14.05
N VAL A 47 8.99 5.70 -12.76
CA VAL A 47 7.63 5.74 -12.17
C VAL A 47 7.10 7.20 -12.20
N ASP A 48 5.82 7.35 -12.55
CA ASP A 48 5.19 8.67 -12.75
C ASP A 48 4.93 9.39 -11.42
N ARG A 49 4.18 8.74 -10.52
CA ARG A 49 3.73 9.35 -9.26
C ARG A 49 4.60 8.87 -8.09
N ILE A 50 5.58 9.72 -7.70
CA ILE A 50 6.49 9.45 -6.56
C ILE A 50 6.40 10.62 -5.56
N PHE A 51 6.13 10.27 -4.29
CA PHE A 51 6.13 11.21 -3.16
C PHE A 51 7.17 10.74 -2.15
N LEU A 52 8.26 11.51 -2.01
CA LEU A 52 9.31 11.25 -1.02
C LEU A 52 9.16 12.25 0.13
N LEU A 53 8.64 11.76 1.26
CA LEU A 53 8.36 12.56 2.46
C LEU A 53 8.59 11.70 3.70
N THR A 54 9.30 12.26 4.69
CA THR A 54 9.47 11.63 6.02
C THR A 54 8.24 11.91 6.92
N ASP A 55 7.30 12.74 6.41
CA ASP A 55 6.07 13.13 7.10
C ASP A 55 5.13 11.92 7.23
N ASP A 56 4.94 11.49 8.48
CA ASP A 56 4.23 10.25 8.84
C ASP A 56 2.73 10.36 8.60
N GLU A 57 2.13 11.43 9.15
CA GLU A 57 0.69 11.68 9.06
C GLU A 57 0.28 12.21 7.68
N LEU A 58 1.17 13.00 7.03
CA LEU A 58 0.86 13.65 5.73
C LEU A 58 0.57 12.63 4.62
N ILE A 59 1.09 11.38 4.73
CA ILE A 59 0.83 10.33 3.73
C ILE A 59 -0.70 10.06 3.60
N ALA A 60 -1.42 10.22 4.73
CA ALA A 60 -2.90 10.09 4.78
C ALA A 60 -3.58 11.22 3.97
N GLU A 61 -3.00 12.43 4.04
CA GLU A 61 -3.51 13.61 3.33
C GLU A 61 -3.15 13.55 1.83
N ILE A 62 -1.98 12.95 1.52
CA ILE A 62 -1.51 12.76 0.13
C ILE A 62 -2.49 11.82 -0.58
N VAL A 63 -2.72 10.64 0.05
CA VAL A 63 -3.55 9.56 -0.52
C VAL A 63 -5.05 9.95 -0.56
N LYS A 64 -5.47 10.90 0.31
CA LYS A 64 -6.81 11.51 0.24
C LYS A 64 -6.96 12.29 -1.10
N LYS A 65 -6.01 13.21 -1.34
CA LYS A 65 -5.98 14.04 -2.57
C LYS A 65 -5.95 13.16 -3.83
N LEU A 66 -5.11 12.11 -3.79
CA LEU A 66 -4.92 11.15 -4.89
C LEU A 66 -6.23 10.34 -5.14
N GLY A 67 -6.94 10.03 -4.05
CA GLY A 67 -8.11 9.15 -4.10
C GLY A 67 -7.69 7.68 -4.10
N ALA A 68 -6.86 7.30 -3.10
CA ALA A 68 -6.29 5.95 -2.99
C ALA A 68 -7.36 4.94 -2.57
N ASP A 69 -7.50 3.89 -3.37
CA ASP A 69 -8.40 2.75 -3.08
C ASP A 69 -7.82 1.93 -1.93
N ILE A 70 -6.51 1.66 -2.03
CA ILE A 70 -5.77 0.87 -1.04
C ILE A 70 -4.42 1.57 -0.73
N VAL A 71 -4.05 1.57 0.56
CA VAL A 71 -2.79 2.15 1.05
C VAL A 71 -2.12 1.15 2.01
N PHE A 72 -0.79 1.20 2.05
CA PHE A 72 0.01 0.46 3.03
C PHE A 72 0.64 1.48 3.99
N SER A 73 0.92 1.08 5.23
CA SER A 73 1.57 1.97 6.20
C SER A 73 2.17 1.15 7.35
N GLU A 74 3.37 1.59 7.78
CA GLU A 74 4.00 1.13 9.02
C GLU A 74 3.48 1.98 10.20
N ASN A 75 3.70 1.49 11.43
CA ASN A 75 3.26 2.14 12.69
C ASN A 75 1.73 2.08 12.86
N ARG A 76 1.31 1.53 14.00
CA ARG A 76 -0.09 1.27 14.35
C ARG A 76 -0.93 2.57 14.46
N ASP A 77 -0.25 3.67 14.81
CA ASP A 77 -0.91 4.95 15.08
C ASP A 77 -1.29 5.66 13.76
N ILE A 78 -0.44 5.52 12.73
CA ILE A 78 -0.66 6.20 11.42
C ILE A 78 -1.94 5.66 10.72
N ALA A 79 -2.25 4.37 10.96
CA ALA A 79 -3.52 3.73 10.52
C ALA A 79 -4.74 4.54 11.01
N LYS A 80 -4.67 4.99 12.28
CA LYS A 80 -5.73 5.84 12.91
C LYS A 80 -5.89 7.16 12.12
N LYS A 81 -4.73 7.75 11.73
CA LYS A 81 -4.67 9.04 10.99
C LYS A 81 -5.29 8.91 9.58
N ILE A 82 -5.26 7.68 9.00
CA ILE A 82 -5.82 7.45 7.65
C ILE A 82 -7.34 7.18 7.74
N ILE A 83 -7.75 6.27 8.65
CA ILE A 83 -9.15 5.81 8.79
C ILE A 83 -10.10 6.95 9.27
N ARG A 84 -9.57 7.85 10.12
CA ARG A 84 -10.36 8.98 10.66
C ARG A 84 -10.88 9.91 9.54
N LYS A 85 -10.08 10.00 8.45
CA LYS A 85 -10.36 10.90 7.31
C LYS A 85 -10.83 10.12 6.05
N LEU A 86 -10.57 8.79 6.01
CA LEU A 86 -10.88 7.95 4.83
C LEU A 86 -11.69 6.70 5.25
N LYS A 87 -12.91 6.59 4.68
CA LYS A 87 -13.92 5.60 5.06
C LYS A 87 -14.04 4.47 4.03
N ASN A 88 -13.83 4.79 2.74
CA ASN A 88 -13.93 3.82 1.63
C ASN A 88 -12.55 3.26 1.27
N ILE A 89 -11.59 3.43 2.19
CA ILE A 89 -10.20 3.02 1.99
C ILE A 89 -9.98 1.65 2.68
N ILE A 90 -9.09 0.84 2.11
CA ILE A 90 -8.60 -0.41 2.74
C ILE A 90 -7.09 -0.27 2.99
N ILE A 91 -6.69 -0.43 4.26
CA ILE A 91 -5.25 -0.40 4.65
C ILE A 91 -4.81 -1.82 4.99
N LEU A 92 -3.58 -2.20 4.62
CA LEU A 92 -2.99 -3.48 5.04
C LEU A 92 -2.06 -3.21 6.24
N SER A 93 -2.20 -4.03 7.30
CA SER A 93 -1.35 -3.98 8.50
C SER A 93 -1.00 -5.42 8.92
N ASN A 94 0.23 -5.62 9.43
CA ASN A 94 0.77 -6.94 9.82
C ASN A 94 0.29 -7.36 11.22
N ASP A 95 0.00 -6.40 12.10
CA ASP A 95 -0.42 -6.70 13.48
C ASP A 95 -1.95 -6.82 13.57
N GLU A 96 -2.43 -8.01 13.97
CA GLU A 96 -3.87 -8.34 14.07
C GLU A 96 -4.57 -7.56 15.21
N GLN A 97 -3.81 -7.28 16.28
CA GLN A 97 -4.33 -6.55 17.46
C GLN A 97 -4.55 -5.07 17.15
N LEU A 98 -3.93 -4.61 16.06
CA LEU A 98 -4.20 -3.29 15.46
C LEU A 98 -5.43 -3.39 14.52
N VAL A 99 -5.38 -4.37 13.59
CA VAL A 99 -6.39 -4.58 12.53
C VAL A 99 -7.82 -4.67 13.13
N LYS A 100 -7.94 -5.40 14.27
CA LYS A 100 -9.22 -5.57 14.97
C LYS A 100 -9.76 -4.21 15.48
N GLU A 101 -8.86 -3.39 16.08
CA GLU A 101 -9.21 -2.07 16.67
C GLU A 101 -9.82 -1.14 15.64
N LEU A 102 -9.20 -1.09 14.44
CA LEU A 102 -9.65 -0.25 13.33
C LEU A 102 -10.98 -0.77 12.76
N GLN A 103 -11.23 -2.09 12.86
CA GLN A 103 -12.52 -2.69 12.49
C GLN A 103 -13.61 -2.36 13.53
N LYS A 104 -13.21 -2.13 14.80
CA LYS A 104 -14.17 -1.80 15.88
C LYS A 104 -14.63 -0.34 15.79
N GLU A 105 -13.65 0.56 15.60
CA GLU A 105 -13.89 2.02 15.62
C GLU A 105 -14.45 2.53 14.28
N ALA A 106 -14.13 1.83 13.19
CA ALA A 106 -14.69 2.12 11.85
C ALA A 106 -15.98 1.32 11.62
N SER A 107 -16.71 1.66 10.55
CA SER A 107 -17.99 1.03 10.20
C SER A 107 -17.90 0.37 8.81
N ASP A 108 -17.53 1.19 7.82
CA ASP A 108 -17.45 0.79 6.39
C ASP A 108 -15.99 0.71 5.91
N ALA A 109 -15.04 1.23 6.73
CA ALA A 109 -13.60 1.16 6.42
C ALA A 109 -13.06 -0.25 6.72
N ARG A 110 -12.33 -0.82 5.75
CA ARG A 110 -11.75 -2.18 5.86
C ARG A 110 -10.24 -2.08 6.13
N VAL A 111 -9.74 -2.99 6.96
CA VAL A 111 -8.31 -3.16 7.23
C VAL A 111 -8.00 -4.67 7.10
N PHE A 112 -6.98 -4.98 6.30
CA PHE A 112 -6.61 -6.34 5.92
C PHE A 112 -5.34 -6.74 6.66
N ASN A 113 -5.32 -7.96 7.19
CA ASN A 113 -4.21 -8.47 7.99
C ASN A 113 -3.40 -9.51 7.20
N VAL A 114 -2.07 -9.49 7.40
CA VAL A 114 -1.17 -10.60 6.98
C VAL A 114 -0.26 -10.93 8.18
N GLN A 115 -0.18 -12.23 8.51
CA GLN A 115 0.70 -12.76 9.56
C GLN A 115 1.76 -13.68 8.94
N THR A 116 1.36 -14.35 7.85
CA THR A 116 2.20 -15.30 7.10
C THR A 116 1.70 -15.40 5.64
N LYS A 117 2.44 -16.18 4.84
CA LYS A 117 2.23 -16.35 3.37
C LYS A 117 0.80 -16.82 3.00
N GLN A 118 0.17 -17.66 3.86
CA GLN A 118 -1.14 -18.27 3.56
C GLN A 118 -2.29 -17.23 3.57
N ASP A 119 -2.08 -16.11 4.29
CA ASP A 119 -3.02 -14.98 4.30
C ASP A 119 -3.07 -14.33 2.90
N PHE A 120 -1.87 -14.09 2.34
CA PHE A 120 -1.72 -13.47 1.01
C PHE A 120 -2.19 -14.44 -0.10
N LYS A 121 -2.02 -15.76 0.13
CA LYS A 121 -2.51 -16.81 -0.79
C LYS A 121 -4.04 -16.79 -0.90
N ASP A 122 -4.72 -16.57 0.24
CA ASP A 122 -6.20 -16.50 0.31
C ASP A 122 -6.71 -15.26 -0.47
N LEU A 123 -5.88 -14.20 -0.51
CA LEU A 123 -6.16 -12.98 -1.29
C LEU A 123 -5.96 -13.26 -2.80
N ILE A 124 -4.88 -14.02 -3.12
CA ILE A 124 -4.57 -14.46 -4.51
C ILE A 124 -5.69 -15.36 -5.07
N GLU A 125 -6.33 -16.13 -4.17
CA GLU A 125 -7.44 -17.02 -4.51
C GLU A 125 -8.66 -16.22 -5.02
N LYS A 126 -8.76 -14.95 -4.58
CA LYS A 126 -9.86 -14.05 -4.96
C LYS A 126 -9.47 -13.20 -6.18
N ILE A 127 -8.46 -12.33 -5.98
CA ILE A 127 -8.03 -11.35 -6.99
C ILE A 127 -7.17 -12.01 -8.07
N LEU A 128 -7.09 -11.36 -9.23
CA LEU A 128 -6.18 -11.76 -10.30
C LEU A 128 -4.77 -11.28 -9.97
N GLU A 129 -3.98 -12.18 -9.35
CA GLU A 129 -2.56 -12.00 -9.10
C GLU A 129 -1.79 -11.91 -10.44
N HIS A 130 -0.73 -11.08 -10.48
CA HIS A 130 0.22 -11.09 -11.60
C HIS A 130 0.91 -12.47 -11.61
N HIS A 131 0.64 -13.23 -12.69
CA HIS A 131 1.10 -14.63 -12.86
C HIS A 131 2.63 -14.73 -12.68
N HIS A 132 3.06 -15.05 -11.44
CA HIS A 132 4.49 -15.15 -11.09
C HIS A 132 5.02 -16.54 -11.39
N HIS A 133 5.55 -16.71 -12.61
CA HIS A 133 6.20 -17.95 -13.06
C HIS A 133 7.70 -17.86 -12.86
N HIS A 134 8.37 -19.03 -12.77
CA HIS A 134 9.84 -19.12 -12.67
C HIS A 134 10.49 -18.74 -14.01
N HIS A 135 9.73 -18.96 -15.11
CA HIS A 135 10.16 -18.72 -16.50
C HIS A 135 11.13 -19.85 -16.96
N MET A 1 -8.64 4.18 -12.45
CA MET A 1 -9.03 4.82 -11.17
C MET A 1 -8.43 4.06 -9.97
N ARG A 2 -8.41 2.70 -10.06
CA ARG A 2 -7.91 1.84 -8.95
C ARG A 2 -6.38 2.02 -8.74
N ILE A 3 -6.02 2.73 -7.67
CA ILE A 3 -4.62 3.03 -7.33
C ILE A 3 -4.23 2.36 -6.00
N ILE A 4 -3.08 1.66 -6.02
CA ILE A 4 -2.55 0.93 -4.85
C ILE A 4 -1.34 1.70 -4.30
N VAL A 5 -1.52 2.34 -3.16
CA VAL A 5 -0.46 3.15 -2.55
C VAL A 5 0.54 2.24 -1.80
N ILE A 6 1.71 2.05 -2.44
CA ILE A 6 2.82 1.22 -1.93
C ILE A 6 3.73 2.10 -1.05
N ILE A 7 3.59 1.97 0.27
CA ILE A 7 4.46 2.66 1.23
C ILE A 7 5.54 1.67 1.70
N VAL A 8 6.77 1.85 1.17
CA VAL A 8 7.92 1.00 1.52
C VAL A 8 8.83 1.78 2.46
N THR A 9 9.17 1.16 3.60
CA THR A 9 10.00 1.76 4.64
C THR A 9 10.73 0.66 5.42
N ASP A 10 10.00 -0.14 6.22
CA ASP A 10 10.60 -1.29 6.95
C ASP A 10 10.02 -2.61 6.41
N GLU A 11 8.71 -2.61 6.08
CA GLU A 11 8.03 -3.77 5.46
C GLU A 11 8.60 -4.04 4.05
N GLN A 12 8.75 -5.32 3.71
CA GLN A 12 9.09 -5.75 2.34
C GLN A 12 7.77 -6.16 1.64
N LYS A 13 7.51 -5.55 0.47
CA LYS A 13 6.17 -5.63 -0.18
C LYS A 13 6.28 -5.44 -1.71
N ILE A 14 7.52 -5.55 -2.22
CA ILE A 14 7.85 -5.32 -3.65
C ILE A 14 8.70 -6.50 -4.18
N GLU A 15 8.47 -7.68 -3.57
CA GLU A 15 9.35 -8.86 -3.70
C GLU A 15 9.31 -9.46 -5.11
N ASP A 16 10.39 -9.17 -5.88
CA ASP A 16 10.56 -9.60 -7.28
C ASP A 16 9.43 -9.02 -8.15
N MET A 17 8.97 -7.81 -7.77
CA MET A 17 7.94 -7.04 -8.49
C MET A 17 8.48 -5.67 -8.92
N TRP A 18 9.80 -5.46 -8.75
CA TRP A 18 10.45 -4.17 -9.02
C TRP A 18 10.65 -3.96 -10.53
N GLU A 19 10.87 -5.06 -11.28
CA GLU A 19 11.08 -5.00 -12.75
C GLU A 19 9.72 -4.86 -13.47
N ILE A 20 8.68 -5.54 -12.95
CA ILE A 20 7.32 -5.48 -13.54
C ILE A 20 6.67 -4.12 -13.23
N LEU A 21 7.15 -3.47 -12.14
CA LEU A 21 6.74 -2.11 -11.74
C LEU A 21 6.72 -1.14 -12.93
N LYS A 22 7.79 -1.12 -13.75
CA LYS A 22 7.90 -0.17 -14.87
C LYS A 22 6.85 -0.43 -15.98
N GLU A 23 6.42 -1.70 -16.18
CA GLU A 23 5.36 -2.00 -17.18
C GLU A 23 3.96 -1.93 -16.57
N ILE A 24 3.65 -2.88 -15.68
CA ILE A 24 2.29 -3.07 -15.13
C ILE A 24 2.07 -2.26 -13.86
N GLY A 25 3.10 -2.28 -12.99
CA GLY A 25 3.01 -1.70 -11.65
C GLY A 25 2.53 -0.25 -11.64
N VAL A 26 3.25 0.61 -12.36
CA VAL A 26 3.05 2.08 -12.34
C VAL A 26 1.64 2.51 -12.80
N ASP A 27 0.96 1.62 -13.55
CA ASP A 27 -0.41 1.84 -14.06
C ASP A 27 -1.40 2.11 -12.91
N ARG A 28 -1.12 1.52 -11.74
CA ARG A 28 -2.02 1.56 -10.58
C ARG A 28 -1.27 1.91 -9.29
N ILE A 29 -0.06 1.35 -9.11
CA ILE A 29 0.66 1.44 -7.82
C ILE A 29 1.55 2.70 -7.76
N VAL A 30 1.45 3.43 -6.64
CA VAL A 30 2.16 4.70 -6.39
C VAL A 30 3.26 4.48 -5.33
N ILE A 31 4.45 5.05 -5.57
CA ILE A 31 5.59 4.94 -4.63
C ILE A 31 5.55 6.12 -3.62
N ILE A 32 5.27 5.77 -2.36
CA ILE A 32 5.27 6.73 -1.23
C ILE A 32 6.36 6.29 -0.25
N THR A 33 7.34 7.18 0.01
CA THR A 33 8.44 6.87 0.94
C THR A 33 9.05 8.13 1.57
N SER A 34 9.91 7.91 2.56
CA SER A 34 10.70 8.97 3.22
C SER A 34 12.20 8.79 2.92
N ASN A 35 12.52 7.77 2.11
CA ASN A 35 13.90 7.40 1.72
C ASN A 35 14.16 7.81 0.26
N LYS A 36 15.22 8.62 0.05
CA LYS A 36 15.61 9.10 -1.29
C LYS A 36 16.11 7.94 -2.17
N GLN A 37 16.77 6.95 -1.54
CA GLN A 37 17.45 5.83 -2.23
C GLN A 37 16.53 5.11 -3.25
N LEU A 38 15.37 4.64 -2.78
CA LEU A 38 14.46 3.83 -3.59
C LEU A 38 13.50 4.72 -4.40
N ALA A 39 13.32 5.97 -3.94
CA ALA A 39 12.53 6.99 -4.64
C ALA A 39 13.21 7.38 -5.98
N GLU A 40 14.53 7.63 -5.91
CA GLU A 40 15.37 7.94 -7.08
C GLU A 40 15.51 6.70 -7.98
N ARG A 41 15.61 5.53 -7.34
CA ARG A 41 15.72 4.23 -8.02
C ARG A 41 14.46 3.97 -8.87
N ALA A 42 13.29 4.21 -8.27
CA ALA A 42 11.98 4.03 -8.92
C ALA A 42 11.75 5.10 -10.01
N LYS A 43 12.28 6.31 -9.77
CA LYS A 43 12.17 7.45 -10.69
C LYS A 43 12.90 7.18 -12.01
N GLU A 44 14.16 6.73 -11.91
CA GLU A 44 14.99 6.36 -13.07
C GLU A 44 14.48 5.07 -13.74
N LEU A 45 13.77 4.25 -12.95
CA LEU A 45 13.08 3.04 -13.44
C LEU A 45 11.88 3.41 -14.33
N GLY A 46 11.20 4.53 -13.98
CA GLY A 46 10.10 5.06 -14.79
C GLY A 46 8.78 5.17 -14.06
N VAL A 47 8.81 5.39 -12.74
CA VAL A 47 7.60 5.73 -11.96
C VAL A 47 7.44 7.26 -11.96
N ASP A 48 6.38 7.73 -12.64
CA ASP A 48 6.04 9.15 -12.73
C ASP A 48 5.64 9.71 -11.35
N ARG A 49 4.64 9.06 -10.73
CA ARG A 49 4.04 9.52 -9.47
C ARG A 49 4.78 8.94 -8.25
N ILE A 50 5.76 9.72 -7.76
CA ILE A 50 6.53 9.42 -6.55
C ILE A 50 6.45 10.61 -5.61
N PHE A 51 6.00 10.37 -4.37
CA PHE A 51 5.96 11.38 -3.32
C PHE A 51 7.02 11.04 -2.26
N LEU A 52 7.99 11.95 -2.12
CA LEU A 52 9.07 11.82 -1.13
C LEU A 52 8.80 12.86 -0.04
N LEU A 53 8.45 12.38 1.15
CA LEU A 53 8.06 13.22 2.27
C LEU A 53 8.53 12.57 3.58
N THR A 54 9.16 13.38 4.45
CA THR A 54 9.74 12.91 5.73
C THR A 54 8.70 12.95 6.88
N ASP A 55 7.42 13.24 6.54
CA ASP A 55 6.33 13.34 7.54
C ASP A 55 5.46 12.06 7.50
N ASP A 56 5.18 11.50 8.70
CA ASP A 56 4.45 10.23 8.86
C ASP A 56 2.95 10.40 8.62
N GLU A 57 2.37 11.51 9.07
CA GLU A 57 0.90 11.71 9.06
C GLU A 57 0.46 12.29 7.73
N LEU A 58 1.41 12.92 7.04
CA LEU A 58 1.17 13.60 5.77
C LEU A 58 0.87 12.60 4.67
N ILE A 59 1.34 11.34 4.81
CA ILE A 59 1.04 10.27 3.82
C ILE A 59 -0.47 9.93 3.84
N ALA A 60 -1.13 10.18 5.00
CA ALA A 60 -2.59 10.06 5.12
C ALA A 60 -3.30 11.18 4.33
N GLU A 61 -2.67 12.38 4.33
CA GLU A 61 -3.14 13.53 3.55
C GLU A 61 -3.02 13.21 2.05
N ILE A 62 -1.87 12.61 1.67
CA ILE A 62 -1.55 12.24 0.29
C ILE A 62 -2.58 11.24 -0.26
N VAL A 63 -2.85 10.15 0.49
CA VAL A 63 -3.77 9.06 0.02
C VAL A 63 -5.23 9.56 -0.10
N LYS A 64 -5.63 10.49 0.80
CA LYS A 64 -6.96 11.14 0.74
C LYS A 64 -7.09 11.99 -0.53
N LYS A 65 -6.11 12.85 -0.72
CA LYS A 65 -6.04 13.82 -1.82
C LYS A 65 -5.94 13.11 -3.20
N LEU A 66 -5.23 11.98 -3.26
CA LEU A 66 -5.11 11.15 -4.49
C LEU A 66 -6.42 10.38 -4.72
N GLY A 67 -7.10 10.03 -3.62
CA GLY A 67 -8.33 9.22 -3.67
C GLY A 67 -8.00 7.74 -3.78
N ALA A 68 -7.19 7.26 -2.83
CA ALA A 68 -6.72 5.87 -2.76
C ALA A 68 -7.81 4.93 -2.25
N ASP A 69 -8.07 3.85 -3.00
CA ASP A 69 -9.03 2.81 -2.62
C ASP A 69 -8.34 1.67 -1.83
N ILE A 70 -7.00 1.64 -1.90
CA ILE A 70 -6.17 0.66 -1.17
C ILE A 70 -4.77 1.23 -0.87
N VAL A 71 -4.26 0.92 0.33
CA VAL A 71 -2.93 1.33 0.79
C VAL A 71 -2.30 0.22 1.64
N PHE A 72 -0.97 0.10 1.59
CA PHE A 72 -0.20 -0.80 2.48
C PHE A 72 0.57 0.09 3.46
N SER A 73 0.18 0.06 4.75
CA SER A 73 0.75 0.96 5.76
C SER A 73 1.08 0.21 7.07
N GLU A 74 2.30 0.41 7.55
CA GLU A 74 2.74 0.02 8.89
C GLU A 74 2.53 1.20 9.87
N ASN A 75 2.68 0.89 11.18
CA ASN A 75 2.59 1.85 12.31
C ASN A 75 1.13 2.23 12.61
N ARG A 76 0.74 2.01 13.88
CA ARG A 76 -0.64 2.17 14.38
C ARG A 76 -1.25 3.57 14.12
N ASP A 77 -0.42 4.61 14.29
CA ASP A 77 -0.83 6.01 14.16
C ASP A 77 -1.35 6.29 12.75
N ILE A 78 -0.54 5.90 11.76
CA ILE A 78 -0.80 6.16 10.34
C ILE A 78 -2.11 5.50 9.91
N ALA A 79 -2.29 4.24 10.32
CA ALA A 79 -3.51 3.47 10.03
C ALA A 79 -4.77 4.24 10.49
N LYS A 80 -4.76 4.68 11.75
CA LYS A 80 -5.88 5.44 12.35
C LYS A 80 -6.11 6.78 11.63
N LYS A 81 -5.02 7.40 11.17
CA LYS A 81 -5.08 8.71 10.50
C LYS A 81 -5.59 8.59 9.06
N ILE A 82 -5.48 7.40 8.46
CA ILE A 82 -6.04 7.15 7.12
C ILE A 82 -7.53 6.83 7.26
N ILE A 83 -7.86 5.94 8.22
CA ILE A 83 -9.22 5.42 8.40
C ILE A 83 -10.20 6.49 8.93
N ARG A 84 -9.71 7.46 9.73
CA ARG A 84 -10.56 8.55 10.26
C ARG A 84 -11.09 9.47 9.14
N LYS A 85 -10.33 9.57 8.02
CA LYS A 85 -10.70 10.39 6.85
C LYS A 85 -11.17 9.51 5.68
N LEU A 86 -10.91 8.18 5.73
CA LEU A 86 -11.19 7.23 4.63
C LEU A 86 -11.77 5.91 5.17
N LYS A 87 -13.09 5.72 4.97
CA LYS A 87 -13.75 4.41 5.18
C LYS A 87 -13.89 3.67 3.83
N ASN A 88 -13.58 4.37 2.74
CA ASN A 88 -13.71 3.86 1.37
C ASN A 88 -12.39 3.26 0.87
N ILE A 89 -11.52 2.87 1.83
CA ILE A 89 -10.17 2.35 1.56
C ILE A 89 -10.00 0.99 2.26
N ILE A 90 -9.14 0.13 1.71
CA ILE A 90 -8.74 -1.13 2.35
C ILE A 90 -7.24 -1.05 2.65
N ILE A 91 -6.87 -1.28 3.93
CA ILE A 91 -5.46 -1.26 4.36
C ILE A 91 -5.04 -2.66 4.79
N LEU A 92 -3.84 -3.07 4.37
CA LEU A 92 -3.18 -4.26 4.92
C LEU A 92 -2.28 -3.82 6.09
N SER A 93 -2.34 -4.59 7.18
CA SER A 93 -1.58 -4.31 8.41
C SER A 93 -1.15 -5.64 9.06
N ASN A 94 0.12 -5.68 9.50
CA ASN A 94 0.75 -6.90 10.04
C ASN A 94 0.26 -7.22 11.45
N ASP A 95 0.27 -6.22 12.35
CA ASP A 95 -0.09 -6.42 13.77
C ASP A 95 -1.58 -6.69 13.91
N GLU A 96 -1.93 -7.96 14.17
CA GLU A 96 -3.33 -8.41 14.41
C GLU A 96 -3.99 -7.61 15.55
N GLN A 97 -3.15 -7.27 16.55
CA GLN A 97 -3.54 -6.46 17.71
C GLN A 97 -4.02 -5.08 17.30
N LEU A 98 -3.47 -4.59 16.18
CA LEU A 98 -3.79 -3.28 15.61
C LEU A 98 -4.99 -3.40 14.66
N VAL A 99 -5.01 -4.48 13.84
CA VAL A 99 -6.05 -4.70 12.80
C VAL A 99 -7.46 -4.63 13.41
N LYS A 100 -7.64 -5.33 14.56
CA LYS A 100 -8.93 -5.35 15.28
C LYS A 100 -9.32 -3.95 15.78
N GLU A 101 -8.33 -3.15 16.24
CA GLU A 101 -8.57 -1.79 16.78
C GLU A 101 -9.15 -0.89 15.70
N LEU A 102 -8.60 -1.04 14.49
CA LEU A 102 -9.02 -0.28 13.30
C LEU A 102 -10.38 -0.76 12.80
N GLN A 103 -10.66 -2.05 12.96
CA GLN A 103 -11.97 -2.64 12.60
C GLN A 103 -13.06 -2.22 13.61
N LYS A 104 -12.63 -1.87 14.84
CA LYS A 104 -13.53 -1.46 15.92
C LYS A 104 -13.88 0.03 15.81
N GLU A 105 -12.86 0.88 15.59
CA GLU A 105 -13.03 2.34 15.50
C GLU A 105 -13.76 2.70 14.19
N ALA A 106 -13.63 1.82 13.17
CA ALA A 106 -14.37 1.93 11.92
C ALA A 106 -15.56 0.96 11.88
N SER A 107 -16.30 1.01 10.76
CA SER A 107 -17.41 0.11 10.47
C SER A 107 -17.34 -0.29 8.99
N ASP A 108 -17.27 0.74 8.14
CA ASP A 108 -17.28 0.59 6.67
C ASP A 108 -15.87 0.29 6.13
N ALA A 109 -14.83 0.73 6.85
CA ALA A 109 -13.43 0.60 6.40
C ALA A 109 -12.94 -0.84 6.50
N ARG A 110 -12.41 -1.36 5.39
CA ARG A 110 -11.83 -2.72 5.34
C ARG A 110 -10.36 -2.64 5.82
N VAL A 111 -10.05 -3.37 6.89
CA VAL A 111 -8.67 -3.49 7.41
C VAL A 111 -8.39 -4.99 7.58
N PHE A 112 -7.49 -5.51 6.75
CA PHE A 112 -7.21 -6.96 6.66
C PHE A 112 -5.83 -7.26 7.26
N ASN A 113 -5.74 -8.40 7.98
CA ASN A 113 -4.51 -8.83 8.66
C ASN A 113 -3.67 -9.72 7.74
N VAL A 114 -2.43 -9.29 7.46
CA VAL A 114 -1.46 -10.09 6.70
C VAL A 114 -0.31 -10.53 7.62
N GLN A 115 -0.16 -11.86 7.79
CA GLN A 115 0.87 -12.48 8.66
C GLN A 115 1.53 -13.68 7.97
N THR A 116 0.82 -14.30 7.03
CA THR A 116 1.35 -15.41 6.21
C THR A 116 0.88 -15.25 4.75
N LYS A 117 1.50 -16.06 3.85
CA LYS A 117 1.20 -16.03 2.41
C LYS A 117 -0.27 -16.36 2.14
N GLN A 118 -0.91 -17.16 3.02
CA GLN A 118 -2.34 -17.50 2.92
C GLN A 118 -3.21 -16.24 2.97
N ASP A 119 -2.86 -15.29 3.85
CA ASP A 119 -3.58 -14.01 3.98
C ASP A 119 -3.53 -13.24 2.65
N PHE A 120 -2.34 -13.23 2.05
CA PHE A 120 -2.12 -12.58 0.76
C PHE A 120 -2.83 -13.37 -0.37
N LYS A 121 -2.95 -14.70 -0.19
CA LYS A 121 -3.67 -15.59 -1.15
C LYS A 121 -5.18 -15.30 -1.13
N ASP A 122 -5.70 -14.92 0.05
CA ASP A 122 -7.13 -14.54 0.21
C ASP A 122 -7.48 -13.33 -0.65
N LEU A 123 -6.46 -12.51 -0.95
CA LEU A 123 -6.59 -11.36 -1.84
C LEU A 123 -6.39 -11.81 -3.29
N ILE A 124 -5.24 -12.45 -3.55
CA ILE A 124 -4.81 -12.86 -4.91
C ILE A 124 -5.78 -13.90 -5.56
N GLU A 125 -6.64 -14.51 -4.73
CA GLU A 125 -7.67 -15.46 -5.20
C GLU A 125 -8.63 -14.79 -6.21
N LYS A 126 -9.03 -13.53 -5.92
CA LYS A 126 -10.01 -12.77 -6.74
C LYS A 126 -9.37 -11.59 -7.50
N ILE A 127 -8.23 -11.04 -7.00
CA ILE A 127 -7.48 -9.95 -7.69
C ILE A 127 -6.07 -10.44 -8.00
N LEU A 128 -5.43 -9.94 -9.09
CA LEU A 128 -4.09 -10.41 -9.53
C LEU A 128 -4.15 -11.93 -9.88
N GLU A 129 -5.31 -12.34 -10.44
CA GLU A 129 -5.58 -13.72 -10.83
C GLU A 129 -4.58 -14.19 -11.90
N HIS A 130 -3.97 -15.36 -11.67
CA HIS A 130 -2.93 -15.90 -12.54
C HIS A 130 -3.01 -17.43 -12.54
N HIS A 131 -2.71 -18.05 -13.70
CA HIS A 131 -2.66 -19.51 -13.81
C HIS A 131 -1.44 -20.04 -13.03
N HIS A 132 -1.74 -20.68 -11.88
CA HIS A 132 -0.73 -21.34 -11.05
C HIS A 132 -0.06 -22.48 -11.85
N HIS A 133 1.28 -22.50 -11.86
CA HIS A 133 2.06 -23.57 -12.49
C HIS A 133 2.07 -24.79 -11.55
N HIS A 134 1.66 -25.98 -12.06
CA HIS A 134 1.48 -27.20 -11.23
C HIS A 134 2.79 -27.60 -10.53
N HIS A 135 3.91 -27.50 -11.26
CA HIS A 135 5.26 -27.83 -10.73
C HIS A 135 5.81 -26.65 -9.90
N MET A 1 -4.68 0.76 -15.06
CA MET A 1 -4.61 2.05 -14.35
C MET A 1 -5.48 2.02 -13.08
N ARG A 2 -4.82 1.88 -11.92
CA ARG A 2 -5.46 2.02 -10.60
C ARG A 2 -4.35 2.24 -9.58
N ILE A 3 -4.45 3.32 -8.81
CA ILE A 3 -3.39 3.74 -7.89
C ILE A 3 -3.49 2.99 -6.52
N ILE A 4 -2.57 2.03 -6.32
CA ILE A 4 -2.36 1.38 -5.01
C ILE A 4 -1.15 2.08 -4.37
N VAL A 5 -1.34 2.68 -3.18
CA VAL A 5 -0.27 3.43 -2.50
C VAL A 5 0.67 2.44 -1.78
N ILE A 6 1.92 2.44 -2.24
CA ILE A 6 2.99 1.58 -1.77
C ILE A 6 3.96 2.41 -0.92
N ILE A 7 3.80 2.32 0.41
CA ILE A 7 4.74 2.90 1.38
C ILE A 7 5.53 1.73 2.00
N VAL A 8 6.79 1.60 1.55
CA VAL A 8 7.65 0.44 1.90
C VAL A 8 8.77 0.85 2.87
N THR A 9 8.94 0.03 3.91
CA THR A 9 10.02 0.14 4.89
C THR A 9 10.66 -1.25 5.12
N ASP A 10 10.33 -2.22 4.23
CA ASP A 10 10.77 -3.63 4.34
C ASP A 10 12.24 -3.79 3.86
N GLU A 11 12.68 -5.05 3.76
CA GLU A 11 13.97 -5.44 3.16
C GLU A 11 13.73 -6.44 2.02
N GLN A 12 14.04 -6.01 0.78
CA GLN A 12 14.03 -6.86 -0.43
C GLN A 12 12.59 -7.33 -0.79
N LYS A 13 11.89 -6.54 -1.61
CA LYS A 13 10.51 -6.84 -2.06
C LYS A 13 10.53 -7.69 -3.34
N ILE A 14 10.38 -9.01 -3.18
CA ILE A 14 10.39 -9.99 -4.29
C ILE A 14 8.99 -10.10 -4.93
N GLU A 15 7.93 -9.93 -4.11
CA GLU A 15 6.54 -9.83 -4.63
C GLU A 15 6.39 -8.48 -5.34
N ASP A 16 6.13 -8.52 -6.67
CA ASP A 16 6.27 -7.35 -7.56
C ASP A 16 7.71 -6.80 -7.46
N MET A 17 8.66 -7.68 -7.82
CA MET A 17 10.10 -7.40 -7.90
C MET A 17 10.35 -6.22 -8.86
N TRP A 18 11.37 -5.38 -8.54
CA TRP A 18 11.63 -4.05 -9.16
C TRP A 18 11.60 -4.05 -10.73
N GLU A 19 11.91 -5.22 -11.32
CA GLU A 19 11.93 -5.44 -12.78
C GLU A 19 10.49 -5.51 -13.39
N ILE A 20 9.56 -6.24 -12.73
CA ILE A 20 8.14 -6.34 -13.18
C ILE A 20 7.34 -5.14 -12.62
N LEU A 21 7.83 -4.58 -11.50
CA LEU A 21 7.31 -3.35 -10.88
C LEU A 21 7.62 -2.14 -11.80
N LYS A 22 8.68 -2.29 -12.61
CA LYS A 22 9.02 -1.36 -13.70
C LYS A 22 7.98 -1.46 -14.84
N GLU A 23 7.59 -2.71 -15.17
CA GLU A 23 6.80 -2.98 -16.37
C GLU A 23 5.31 -2.69 -16.12
N ILE A 24 4.71 -3.48 -15.23
CA ILE A 24 3.27 -3.37 -14.88
C ILE A 24 3.07 -2.45 -13.67
N GLY A 25 4.02 -2.53 -12.71
CA GLY A 25 3.89 -1.90 -11.40
C GLY A 25 3.61 -0.40 -11.45
N VAL A 26 4.36 0.34 -12.29
CA VAL A 26 4.21 1.81 -12.44
C VAL A 26 2.73 2.26 -12.73
N ASP A 27 1.98 1.38 -13.43
CA ASP A 27 0.58 1.62 -13.86
C ASP A 27 -0.43 1.34 -12.72
N ARG A 28 0.02 0.61 -11.69
CA ARG A 28 -0.83 0.13 -10.61
C ARG A 28 -0.29 0.55 -9.23
N ILE A 29 0.78 1.38 -9.16
CA ILE A 29 1.36 1.81 -7.86
C ILE A 29 1.59 3.33 -7.79
N VAL A 30 1.65 3.82 -6.53
CA VAL A 30 2.16 5.13 -6.16
C VAL A 30 3.32 4.91 -5.17
N ILE A 31 4.50 5.46 -5.46
CA ILE A 31 5.64 5.43 -4.53
C ILE A 31 5.50 6.65 -3.60
N ILE A 32 5.05 6.40 -2.35
CA ILE A 32 5.06 7.41 -1.28
C ILE A 32 6.03 6.92 -0.22
N THR A 33 7.09 7.69 0.01
CA THR A 33 8.18 7.31 0.92
C THR A 33 8.81 8.56 1.53
N SER A 34 9.68 8.33 2.51
CA SER A 34 10.46 9.38 3.19
C SER A 34 11.94 9.27 2.79
N ASN A 35 12.34 8.09 2.29
CA ASN A 35 13.69 7.81 1.81
C ASN A 35 13.84 8.33 0.37
N LYS A 36 14.79 9.28 0.16
CA LYS A 36 15.05 9.84 -1.19
C LYS A 36 15.60 8.75 -2.12
N GLN A 37 16.51 7.92 -1.57
CA GLN A 37 17.30 6.91 -2.32
C GLN A 37 16.47 6.10 -3.36
N LEU A 38 15.35 5.47 -2.91
CA LEU A 38 14.54 4.59 -3.77
C LEU A 38 13.56 5.42 -4.62
N ALA A 39 13.25 6.64 -4.15
CA ALA A 39 12.39 7.61 -4.88
C ALA A 39 13.14 8.21 -6.07
N GLU A 40 14.48 8.30 -5.94
CA GLU A 40 15.37 8.72 -7.04
C GLU A 40 15.46 7.58 -8.06
N ARG A 41 15.62 6.35 -7.54
CA ARG A 41 15.73 5.14 -8.38
C ARG A 41 14.38 4.85 -9.07
N ALA A 42 13.29 5.33 -8.45
CA ALA A 42 11.94 5.21 -8.99
C ALA A 42 11.71 6.21 -10.13
N LYS A 43 12.13 7.48 -9.94
CA LYS A 43 11.95 8.53 -10.97
C LYS A 43 12.87 8.29 -12.19
N GLU A 44 14.03 7.69 -11.93
CA GLU A 44 15.02 7.32 -12.97
C GLU A 44 14.71 5.92 -13.56
N LEU A 45 13.81 5.17 -12.91
CA LEU A 45 13.13 4.00 -13.51
C LEU A 45 12.07 4.51 -14.49
N GLY A 46 11.40 5.61 -14.09
CA GLY A 46 10.28 6.16 -14.86
C GLY A 46 8.91 5.83 -14.27
N VAL A 47 8.86 5.69 -12.92
CA VAL A 47 7.57 5.61 -12.18
C VAL A 47 6.91 7.00 -12.22
N ASP A 48 5.61 7.03 -12.52
CA ASP A 48 4.84 8.29 -12.68
C ASP A 48 4.57 8.93 -11.31
N ARG A 49 3.88 8.17 -10.46
CA ARG A 49 3.29 8.68 -9.21
C ARG A 49 4.29 8.53 -8.05
N ILE A 50 4.98 9.65 -7.70
CA ILE A 50 6.04 9.65 -6.66
C ILE A 50 5.85 10.88 -5.74
N PHE A 51 5.79 10.62 -4.43
CA PHE A 51 5.75 11.63 -3.37
C PHE A 51 6.88 11.34 -2.38
N LEU A 52 7.84 12.27 -2.31
CA LEU A 52 8.91 12.23 -1.32
C LEU A 52 8.58 13.30 -0.28
N LEU A 53 8.14 12.84 0.89
CA LEU A 53 7.87 13.70 2.05
C LEU A 53 8.22 12.90 3.31
N THR A 54 9.03 13.52 4.18
CA THR A 54 9.47 12.92 5.44
C THR A 54 8.47 13.24 6.57
N ASP A 55 7.18 13.02 6.28
CA ASP A 55 6.06 13.37 7.18
C ASP A 55 5.21 12.12 7.47
N ASP A 56 4.71 12.03 8.71
CA ASP A 56 3.92 10.88 9.22
C ASP A 56 2.42 11.09 8.97
N GLU A 57 1.97 12.31 9.25
CA GLU A 57 0.55 12.67 9.22
C GLU A 57 0.12 13.12 7.82
N LEU A 58 1.00 13.86 7.12
CA LEU A 58 0.68 14.46 5.81
C LEU A 58 0.39 13.39 4.74
N ILE A 59 1.05 12.21 4.84
CA ILE A 59 0.85 11.09 3.88
C ILE A 59 -0.61 10.59 3.86
N ALA A 60 -1.32 10.73 5.00
CA ALA A 60 -2.75 10.38 5.13
C ALA A 60 -3.63 11.31 4.27
N GLU A 61 -3.26 12.61 4.22
CA GLU A 61 -3.97 13.61 3.42
C GLU A 61 -3.51 13.56 1.94
N ILE A 62 -2.28 13.09 1.71
CA ILE A 62 -1.75 12.89 0.34
C ILE A 62 -2.52 11.76 -0.36
N VAL A 63 -2.74 10.64 0.36
CA VAL A 63 -3.50 9.49 -0.17
C VAL A 63 -5.00 9.86 -0.34
N LYS A 64 -5.51 10.76 0.53
CA LYS A 64 -6.85 11.38 0.36
C LYS A 64 -6.94 12.16 -0.97
N LYS A 65 -5.97 13.06 -1.20
CA LYS A 65 -5.90 13.91 -2.39
C LYS A 65 -5.85 13.10 -3.70
N LEU A 66 -4.96 12.10 -3.69
CA LEU A 66 -4.81 11.12 -4.79
C LEU A 66 -6.11 10.34 -5.05
N GLY A 67 -6.83 10.02 -3.97
CA GLY A 67 -8.01 9.16 -4.03
C GLY A 67 -7.60 7.71 -4.01
N ALA A 68 -6.86 7.34 -2.95
CA ALA A 68 -6.27 6.01 -2.80
C ALA A 68 -7.37 4.96 -2.59
N ASP A 69 -7.40 3.97 -3.48
CA ASP A 69 -8.33 2.83 -3.39
C ASP A 69 -7.90 1.90 -2.23
N ILE A 70 -6.61 1.56 -2.25
CA ILE A 70 -6.02 0.64 -1.28
C ILE A 70 -4.54 1.01 -1.02
N VAL A 71 -4.14 0.94 0.25
CA VAL A 71 -2.79 1.28 0.72
C VAL A 71 -2.15 0.05 1.39
N PHE A 72 -0.87 -0.22 1.08
CA PHE A 72 -0.05 -1.19 1.81
C PHE A 72 1.01 -0.40 2.59
N SER A 73 0.85 -0.35 3.92
CA SER A 73 1.79 0.32 4.84
C SER A 73 1.75 -0.39 6.20
N GLU A 74 2.92 -0.80 6.70
CA GLU A 74 3.04 -1.33 8.06
C GLU A 74 3.44 -0.22 9.05
N ASN A 75 2.49 0.17 9.92
CA ASN A 75 2.69 1.17 11.00
C ASN A 75 1.33 1.38 11.70
N ARG A 76 1.31 1.27 13.03
CA ARG A 76 0.06 1.30 13.81
C ARG A 76 -0.71 2.63 13.72
N ASP A 77 -0.05 3.74 14.08
CA ASP A 77 -0.69 5.06 14.23
C ASP A 77 -0.92 5.74 12.86
N ILE A 78 0.02 5.55 11.90
CA ILE A 78 -0.14 5.99 10.48
C ILE A 78 -1.37 5.30 9.83
N ALA A 79 -1.57 3.99 10.12
CA ALA A 79 -2.76 3.26 9.65
C ALA A 79 -4.03 3.96 10.16
N LYS A 80 -4.06 4.23 11.48
CA LYS A 80 -5.19 4.90 12.13
C LYS A 80 -5.38 6.33 11.62
N LYS A 81 -4.27 6.98 11.17
CA LYS A 81 -4.32 8.34 10.57
C LYS A 81 -5.15 8.32 9.27
N ILE A 82 -4.92 7.30 8.43
CA ILE A 82 -5.55 7.19 7.11
C ILE A 82 -7.02 6.75 7.28
N ILE A 83 -7.22 5.76 8.16
CA ILE A 83 -8.52 5.10 8.37
C ILE A 83 -9.55 6.03 9.05
N ARG A 84 -9.09 6.85 10.02
CA ARG A 84 -10.00 7.71 10.82
C ARG A 84 -10.65 8.83 9.97
N LYS A 85 -9.94 9.24 8.90
CA LYS A 85 -10.40 10.28 7.97
C LYS A 85 -10.99 9.64 6.68
N LEU A 86 -10.48 8.45 6.33
CA LEU A 86 -10.89 7.69 5.14
C LEU A 86 -11.52 6.35 5.56
N LYS A 87 -12.84 6.35 5.68
CA LYS A 87 -13.64 5.14 5.90
C LYS A 87 -14.08 4.54 4.55
N ASN A 88 -13.65 5.21 3.47
CA ASN A 88 -13.93 4.85 2.07
C ASN A 88 -12.70 4.18 1.42
N ILE A 89 -11.84 3.58 2.26
CA ILE A 89 -10.59 2.96 1.81
C ILE A 89 -10.45 1.54 2.41
N ILE A 90 -9.80 0.65 1.66
CA ILE A 90 -9.43 -0.69 2.12
C ILE A 90 -7.90 -0.69 2.31
N ILE A 91 -7.42 -1.22 3.45
CA ILE A 91 -5.97 -1.27 3.77
C ILE A 91 -5.62 -2.65 4.36
N LEU A 92 -4.47 -3.21 3.94
CA LEU A 92 -3.91 -4.43 4.56
C LEU A 92 -2.84 -4.02 5.59
N SER A 93 -2.74 -4.80 6.67
CA SER A 93 -1.68 -4.64 7.68
C SER A 93 -1.12 -6.02 8.07
N ASN A 94 0.19 -6.05 8.37
CA ASN A 94 0.95 -7.29 8.63
C ASN A 94 0.98 -7.63 10.14
N ASP A 95 0.04 -7.05 10.89
CA ASP A 95 -0.08 -7.27 12.33
C ASP A 95 -1.57 -7.45 12.67
N GLU A 96 -1.96 -8.69 13.08
CA GLU A 96 -3.36 -9.06 13.36
C GLU A 96 -4.00 -8.16 14.43
N GLN A 97 -3.18 -7.73 15.41
CA GLN A 97 -3.65 -6.94 16.55
C GLN A 97 -3.99 -5.50 16.12
N LEU A 98 -3.23 -4.98 15.15
CA LEU A 98 -3.49 -3.66 14.56
C LEU A 98 -4.78 -3.72 13.71
N VAL A 99 -4.88 -4.78 12.88
CA VAL A 99 -6.02 -5.00 11.98
C VAL A 99 -7.36 -4.98 12.76
N LYS A 100 -7.41 -5.71 13.89
CA LYS A 100 -8.62 -5.82 14.72
C LYS A 100 -8.97 -4.48 15.40
N GLU A 101 -7.93 -3.64 15.69
CA GLU A 101 -8.14 -2.29 16.27
C GLU A 101 -9.03 -1.47 15.34
N LEU A 102 -8.64 -1.43 14.06
CA LEU A 102 -9.34 -0.66 13.04
C LEU A 102 -10.68 -1.32 12.63
N GLN A 103 -10.82 -2.63 12.89
CA GLN A 103 -12.11 -3.35 12.64
C GLN A 103 -13.10 -3.13 13.78
N LYS A 104 -12.61 -2.63 14.93
CA LYS A 104 -13.48 -2.27 16.07
C LYS A 104 -13.87 -0.78 16.05
N GLU A 105 -12.88 0.10 15.80
CA GLU A 105 -13.08 1.56 15.90
C GLU A 105 -13.66 2.15 14.59
N ALA A 106 -13.30 1.57 13.43
CA ALA A 106 -13.78 2.06 12.13
C ALA A 106 -14.91 1.17 11.60
N SER A 107 -16.01 1.81 11.18
CA SER A 107 -17.21 1.13 10.69
C SER A 107 -17.07 0.71 9.21
N ASP A 108 -16.93 1.70 8.32
CA ASP A 108 -16.93 1.48 6.85
C ASP A 108 -15.54 1.11 6.32
N ALA A 109 -14.47 1.53 7.02
CA ALA A 109 -13.09 1.29 6.58
C ALA A 109 -12.77 -0.21 6.65
N ARG A 110 -12.45 -0.80 5.48
CA ARG A 110 -12.28 -2.24 5.33
C ARG A 110 -10.80 -2.62 5.53
N VAL A 111 -10.47 -3.18 6.70
CA VAL A 111 -9.09 -3.59 7.03
C VAL A 111 -9.05 -5.12 7.12
N PHE A 112 -8.14 -5.73 6.34
CA PHE A 112 -7.97 -7.20 6.26
C PHE A 112 -6.55 -7.57 6.71
N ASN A 113 -6.45 -8.68 7.44
CA ASN A 113 -5.19 -9.16 8.02
C ASN A 113 -4.40 -10.02 7.03
N VAL A 114 -3.08 -9.80 6.98
CA VAL A 114 -2.14 -10.65 6.24
C VAL A 114 -0.92 -10.93 7.14
N GLN A 115 -0.70 -12.21 7.48
CA GLN A 115 0.44 -12.65 8.34
C GLN A 115 1.40 -13.47 7.49
N THR A 116 0.85 -14.54 6.90
CA THR A 116 1.56 -15.41 5.96
C THR A 116 0.91 -15.30 4.56
N LYS A 117 1.55 -15.94 3.56
CA LYS A 117 1.11 -15.93 2.15
C LYS A 117 -0.34 -16.48 2.01
N GLN A 118 -0.74 -17.39 2.93
CA GLN A 118 -2.11 -17.96 3.00
C GLN A 118 -3.19 -16.86 3.01
N ASP A 119 -3.00 -15.86 3.88
CA ASP A 119 -3.99 -14.78 4.08
C ASP A 119 -4.10 -13.88 2.84
N PHE A 120 -2.94 -13.64 2.20
CA PHE A 120 -2.87 -12.91 0.92
C PHE A 120 -3.59 -13.70 -0.19
N LYS A 121 -3.47 -15.04 -0.13
CA LYS A 121 -4.13 -15.95 -1.09
C LYS A 121 -5.66 -15.96 -0.88
N ASP A 122 -6.12 -15.84 0.39
CA ASP A 122 -7.57 -15.74 0.72
C ASP A 122 -8.17 -14.48 0.11
N LEU A 123 -7.38 -13.38 0.13
CA LEU A 123 -7.75 -12.11 -0.48
C LEU A 123 -7.84 -12.27 -2.00
N ILE A 124 -6.78 -12.83 -2.62
CA ILE A 124 -6.69 -12.99 -4.09
C ILE A 124 -7.66 -14.09 -4.60
N GLU A 125 -8.15 -14.95 -3.68
CA GLU A 125 -9.13 -15.99 -4.00
C GLU A 125 -10.53 -15.36 -4.25
N LYS A 126 -10.87 -14.32 -3.45
CA LYS A 126 -12.19 -13.65 -3.52
C LYS A 126 -12.17 -12.41 -4.44
N ILE A 127 -11.03 -11.71 -4.53
CA ILE A 127 -10.85 -10.59 -5.48
C ILE A 127 -10.17 -11.11 -6.75
N LEU A 128 -10.09 -10.27 -7.80
CA LEU A 128 -9.47 -10.65 -9.08
C LEU A 128 -8.96 -9.37 -9.77
N GLU A 129 -7.63 -9.27 -9.93
CA GLU A 129 -6.97 -8.19 -10.68
C GLU A 129 -6.31 -8.79 -11.94
N HIS A 130 -5.69 -7.93 -12.78
CA HIS A 130 -4.93 -8.36 -13.97
C HIS A 130 -3.69 -9.21 -13.59
N HIS A 131 -3.92 -10.52 -13.36
CA HIS A 131 -2.85 -11.49 -13.05
C HIS A 131 -2.26 -12.03 -14.36
N HIS A 132 -0.92 -11.95 -14.49
CA HIS A 132 -0.23 -12.23 -15.77
C HIS A 132 1.26 -12.55 -15.56
N HIS A 133 1.82 -13.33 -16.50
CA HIS A 133 3.26 -13.64 -16.56
C HIS A 133 3.89 -12.91 -17.75
N HIS A 134 4.77 -11.94 -17.46
CA HIS A 134 5.61 -11.28 -18.49
C HIS A 134 6.69 -12.27 -18.99
N HIS A 135 6.98 -13.26 -18.14
CA HIS A 135 7.77 -14.45 -18.50
C HIS A 135 7.15 -15.68 -17.80
N MET A 1 -7.46 6.03 -12.44
CA MET A 1 -6.75 4.73 -12.29
C MET A 1 -7.00 4.15 -10.88
N ARG A 2 -6.98 2.81 -10.75
CA ARG A 2 -7.06 2.13 -9.43
C ARG A 2 -5.67 2.17 -8.78
N ILE A 3 -5.35 3.26 -8.08
CA ILE A 3 -4.01 3.48 -7.52
C ILE A 3 -3.84 2.77 -6.16
N ILE A 4 -2.76 1.96 -6.06
CA ILE A 4 -2.32 1.31 -4.84
C ILE A 4 -1.13 2.11 -4.29
N VAL A 5 -1.29 2.63 -3.08
CA VAL A 5 -0.24 3.39 -2.39
C VAL A 5 0.72 2.41 -1.70
N ILE A 6 1.93 2.31 -2.25
CA ILE A 6 3.00 1.41 -1.79
C ILE A 6 3.88 2.16 -0.77
N ILE A 7 3.66 1.88 0.53
CA ILE A 7 4.46 2.46 1.62
C ILE A 7 5.71 1.58 1.83
N VAL A 8 6.86 2.11 1.43
CA VAL A 8 8.16 1.45 1.56
C VAL A 8 9.15 2.38 2.28
N THR A 9 10.02 1.81 3.13
CA THR A 9 10.99 2.56 3.93
C THR A 9 12.39 1.90 3.82
N ASP A 10 12.54 0.72 4.44
CA ASP A 10 13.74 -0.14 4.30
C ASP A 10 13.36 -1.40 3.50
N GLU A 11 12.16 -1.93 3.78
CA GLU A 11 11.59 -3.07 3.05
C GLU A 11 10.88 -2.56 1.78
N GLN A 12 11.01 -3.33 0.69
CA GLN A 12 10.37 -3.06 -0.60
C GLN A 12 9.99 -4.40 -1.26
N LYS A 13 8.73 -4.82 -1.06
CA LYS A 13 8.22 -6.08 -1.62
C LYS A 13 8.06 -5.97 -3.15
N ILE A 14 9.11 -6.39 -3.86
CA ILE A 14 9.15 -6.45 -5.34
C ILE A 14 9.55 -7.89 -5.76
N GLU A 15 8.56 -8.67 -6.19
CA GLU A 15 8.73 -10.10 -6.54
C GLU A 15 9.34 -10.27 -7.95
N ASP A 16 10.62 -9.84 -8.11
CA ASP A 16 11.38 -9.88 -9.40
C ASP A 16 10.75 -9.00 -10.49
N MET A 17 9.72 -8.21 -10.11
CA MET A 17 8.86 -7.48 -11.05
C MET A 17 9.25 -6.02 -11.19
N TRP A 18 10.55 -5.74 -11.05
CA TRP A 18 11.13 -4.39 -11.18
C TRP A 18 11.22 -3.98 -12.68
N GLU A 19 11.25 -4.97 -13.59
CA GLU A 19 11.26 -4.73 -15.05
C GLU A 19 9.85 -4.35 -15.55
N ILE A 20 8.87 -5.24 -15.27
CA ILE A 20 7.45 -5.06 -15.69
C ILE A 20 6.78 -3.89 -14.91
N LEU A 21 7.41 -3.51 -13.78
CA LEU A 21 7.00 -2.37 -12.95
C LEU A 21 6.83 -1.08 -13.79
N LYS A 22 7.65 -0.93 -14.85
CA LYS A 22 7.62 0.26 -15.71
C LYS A 22 6.57 0.12 -16.85
N GLU A 23 6.16 -1.12 -17.19
CA GLU A 23 5.11 -1.36 -18.22
C GLU A 23 3.70 -1.26 -17.59
N ILE A 24 3.40 -2.24 -16.72
CA ILE A 24 2.07 -2.41 -16.11
C ILE A 24 1.98 -1.69 -14.75
N GLY A 25 3.10 -1.70 -14.00
CA GLY A 25 3.13 -1.17 -12.64
C GLY A 25 2.79 0.32 -12.56
N VAL A 26 3.50 1.14 -13.35
CA VAL A 26 3.39 2.63 -13.30
C VAL A 26 1.97 3.17 -13.60
N ASP A 27 1.14 2.32 -14.21
CA ASP A 27 -0.26 2.62 -14.54
C ASP A 27 -1.11 2.85 -13.28
N ARG A 28 -0.75 2.14 -12.18
CA ARG A 28 -1.61 2.05 -10.99
C ARG A 28 -0.83 2.00 -9.66
N ILE A 29 0.50 2.21 -9.65
CA ILE A 29 1.28 2.25 -8.37
C ILE A 29 1.66 3.68 -8.01
N VAL A 30 1.82 3.95 -6.71
CA VAL A 30 2.40 5.19 -6.19
C VAL A 30 3.47 4.83 -5.16
N ILE A 31 4.74 5.23 -5.41
CA ILE A 31 5.88 4.91 -4.53
C ILE A 31 6.00 6.00 -3.46
N ILE A 32 5.62 5.66 -2.23
CA ILE A 32 5.69 6.56 -1.06
C ILE A 32 6.80 6.08 -0.14
N THR A 33 7.86 6.90 -0.02
CA THR A 33 9.04 6.55 0.77
C THR A 33 9.72 7.81 1.32
N SER A 34 10.62 7.59 2.29
CA SER A 34 11.47 8.64 2.88
C SER A 34 12.95 8.44 2.49
N ASN A 35 13.26 7.29 1.87
CA ASN A 35 14.59 6.99 1.30
C ASN A 35 14.62 7.52 -0.14
N LYS A 36 15.64 8.36 -0.43
CA LYS A 36 15.79 8.99 -1.77
C LYS A 36 16.29 7.97 -2.79
N GLN A 37 17.09 6.98 -2.33
CA GLN A 37 17.73 5.97 -3.20
C GLN A 37 16.72 5.30 -4.17
N LEU A 38 15.64 4.73 -3.60
CA LEU A 38 14.67 3.93 -4.36
C LEU A 38 13.57 4.83 -4.97
N ALA A 39 13.36 6.03 -4.37
CA ALA A 39 12.43 7.04 -4.89
C ALA A 39 12.90 7.52 -6.27
N GLU A 40 14.13 8.05 -6.30
CA GLU A 40 14.74 8.60 -7.51
C GLU A 40 14.99 7.50 -8.55
N ARG A 41 15.37 6.28 -8.08
CA ARG A 41 15.65 5.13 -8.95
C ARG A 41 14.35 4.62 -9.65
N ALA A 42 13.24 4.55 -8.88
CA ALA A 42 11.93 4.13 -9.42
C ALA A 42 11.41 5.18 -10.44
N LYS A 43 11.80 6.44 -10.21
CA LYS A 43 11.45 7.57 -11.09
C LYS A 43 12.22 7.47 -12.43
N GLU A 44 13.50 7.06 -12.34
CA GLU A 44 14.38 6.79 -13.51
C GLU A 44 13.91 5.54 -14.26
N LEU A 45 13.28 4.62 -13.51
CA LEU A 45 12.64 3.40 -14.03
C LEU A 45 11.39 3.77 -14.87
N GLY A 46 10.68 4.84 -14.47
CA GLY A 46 9.51 5.34 -15.21
C GLY A 46 8.29 5.61 -14.34
N VAL A 47 8.38 5.40 -13.01
CA VAL A 47 7.28 5.74 -12.08
C VAL A 47 7.25 7.27 -11.87
N ASP A 48 6.19 7.92 -12.35
CA ASP A 48 5.97 9.37 -12.17
C ASP A 48 5.37 9.65 -10.79
N ARG A 49 4.44 8.78 -10.37
CA ARG A 49 3.66 8.95 -9.13
C ARG A 49 4.51 8.51 -7.93
N ILE A 50 5.36 9.43 -7.45
CA ILE A 50 6.28 9.21 -6.31
C ILE A 50 6.24 10.45 -5.41
N PHE A 51 5.99 10.24 -4.11
CA PHE A 51 6.08 11.30 -3.09
C PHE A 51 7.18 10.91 -2.11
N LEU A 52 8.16 11.82 -1.96
CA LEU A 52 9.31 11.64 -1.09
C LEU A 52 9.11 12.53 0.14
N LEU A 53 8.84 11.91 1.29
CA LEU A 53 8.49 12.60 2.56
C LEU A 53 9.03 11.81 3.76
N THR A 54 9.68 12.52 4.69
CA THR A 54 10.17 11.97 5.97
C THR A 54 9.04 11.85 7.02
N ASP A 55 7.89 12.45 6.70
CA ASP A 55 6.73 12.55 7.57
C ASP A 55 5.88 11.28 7.47
N ASP A 56 5.81 10.54 8.58
CA ASP A 56 5.16 9.20 8.65
C ASP A 56 3.62 9.30 8.59
N GLU A 57 3.05 10.33 9.23
CA GLU A 57 1.59 10.51 9.38
C GLU A 57 0.99 11.28 8.20
N LEU A 58 1.88 12.00 7.48
CA LEU A 58 1.54 12.78 6.30
C LEU A 58 1.08 11.88 5.14
N ILE A 59 1.43 10.57 5.21
CA ILE A 59 0.97 9.57 4.22
C ILE A 59 -0.57 9.47 4.23
N ALA A 60 -1.20 9.81 5.39
CA ALA A 60 -2.67 9.90 5.51
C ALA A 60 -3.22 11.02 4.62
N GLU A 61 -2.47 12.13 4.57
CA GLU A 61 -2.83 13.28 3.73
C GLU A 61 -2.54 12.98 2.24
N ILE A 62 -1.47 12.22 1.98
CA ILE A 62 -1.06 11.84 0.61
C ILE A 62 -2.10 10.88 -0.01
N VAL A 63 -2.53 9.86 0.76
CA VAL A 63 -3.56 8.89 0.31
C VAL A 63 -4.93 9.58 0.15
N LYS A 64 -5.18 10.65 0.94
CA LYS A 64 -6.36 11.51 0.79
C LYS A 64 -6.34 12.20 -0.59
N LYS A 65 -5.22 12.86 -0.90
CA LYS A 65 -4.97 13.56 -2.17
C LYS A 65 -5.18 12.62 -3.38
N LEU A 66 -4.60 11.42 -3.28
CA LEU A 66 -4.66 10.38 -4.32
C LEU A 66 -6.05 9.70 -4.36
N GLY A 67 -6.81 9.78 -3.25
CA GLY A 67 -8.07 9.06 -3.08
C GLY A 67 -7.84 7.57 -3.16
N ALA A 68 -6.97 7.06 -2.26
CA ALA A 68 -6.42 5.72 -2.32
C ALA A 68 -7.53 4.66 -2.24
N ASP A 69 -7.56 3.82 -3.28
CA ASP A 69 -8.46 2.67 -3.37
C ASP A 69 -8.04 1.64 -2.30
N ILE A 70 -6.73 1.38 -2.28
CA ILE A 70 -6.10 0.46 -1.33
C ILE A 70 -4.67 0.94 -1.04
N VAL A 71 -4.27 0.81 0.24
CA VAL A 71 -2.92 1.13 0.72
C VAL A 71 -2.42 -0.02 1.60
N PHE A 72 -1.13 -0.32 1.51
CA PHE A 72 -0.48 -1.29 2.41
C PHE A 72 0.30 -0.49 3.46
N SER A 73 -0.21 -0.46 4.70
CA SER A 73 0.44 0.24 5.82
C SER A 73 0.07 -0.46 7.14
N GLU A 74 1.06 -0.90 7.91
CA GLU A 74 0.89 -1.26 9.33
C GLU A 74 1.29 -0.03 10.17
N ASN A 75 0.48 0.32 11.19
CA ASN A 75 0.74 1.46 12.10
C ASN A 75 -0.45 1.65 13.05
N ARG A 76 -0.26 1.25 14.33
CA ARG A 76 -1.27 1.37 15.42
C ARG A 76 -1.87 2.79 15.54
N ASP A 77 -1.05 3.83 15.33
CA ASP A 77 -1.52 5.23 15.40
C ASP A 77 -2.02 5.71 14.02
N ILE A 78 -1.14 5.63 13.01
CA ILE A 78 -1.30 6.33 11.70
C ILE A 78 -2.45 5.72 10.85
N ALA A 79 -2.69 4.40 10.97
CA ALA A 79 -3.80 3.73 10.22
C ALA A 79 -5.16 4.36 10.57
N LYS A 80 -5.37 4.65 11.87
CA LYS A 80 -6.59 5.33 12.36
C LYS A 80 -6.65 6.77 11.82
N LYS A 81 -5.48 7.40 11.65
CA LYS A 81 -5.34 8.76 11.11
C LYS A 81 -5.68 8.83 9.61
N ILE A 82 -5.61 7.68 8.92
CA ILE A 82 -6.05 7.55 7.52
C ILE A 82 -7.58 7.34 7.49
N ILE A 83 -8.06 6.48 8.41
CA ILE A 83 -9.48 6.06 8.47
C ILE A 83 -10.43 7.22 8.84
N ARG A 84 -9.96 8.13 9.70
CA ARG A 84 -10.78 9.27 10.19
C ARG A 84 -11.23 10.20 9.03
N LYS A 85 -10.40 10.26 7.97
CA LYS A 85 -10.66 11.10 6.78
C LYS A 85 -11.12 10.23 5.58
N LEU A 86 -10.66 8.97 5.54
CA LEU A 86 -11.00 8.00 4.46
C LEU A 86 -11.67 6.77 5.07
N LYS A 87 -13.00 6.70 4.95
CA LYS A 87 -13.83 5.63 5.54
C LYS A 87 -14.21 4.59 4.47
N ASN A 88 -13.89 4.88 3.21
CA ASN A 88 -14.21 4.00 2.06
C ASN A 88 -12.93 3.32 1.51
N ILE A 89 -11.82 3.43 2.27
CA ILE A 89 -10.51 2.85 1.88
C ILE A 89 -10.32 1.47 2.53
N ILE A 90 -9.58 0.58 1.84
CA ILE A 90 -9.12 -0.69 2.44
C ILE A 90 -7.61 -0.58 2.72
N ILE A 91 -7.24 -0.68 4.02
CA ILE A 91 -5.84 -0.66 4.46
C ILE A 91 -5.42 -2.08 4.88
N LEU A 92 -4.24 -2.49 4.45
CA LEU A 92 -3.63 -3.77 4.82
C LEU A 92 -2.60 -3.51 5.93
N SER A 93 -2.81 -4.13 7.09
CA SER A 93 -1.94 -3.97 8.27
C SER A 93 -1.60 -5.35 8.85
N ASN A 94 -0.33 -5.55 9.31
CA ASN A 94 0.10 -6.84 9.90
C ASN A 94 -0.23 -6.90 11.41
N ASP A 95 -0.21 -5.71 12.04
CA ASP A 95 -0.47 -5.56 13.47
C ASP A 95 -1.97 -5.78 13.76
N GLU A 96 -2.28 -6.99 14.27
CA GLU A 96 -3.67 -7.46 14.52
C GLU A 96 -4.39 -6.55 15.51
N GLN A 97 -3.64 -6.21 16.56
CA GLN A 97 -4.08 -5.34 17.67
C GLN A 97 -4.57 -3.96 17.16
N LEU A 98 -4.12 -3.56 15.97
CA LEU A 98 -4.57 -2.36 15.26
C LEU A 98 -5.81 -2.69 14.40
N VAL A 99 -5.71 -3.76 13.58
CA VAL A 99 -6.77 -4.15 12.62
C VAL A 99 -8.13 -4.32 13.32
N LYS A 100 -8.11 -5.01 14.47
CA LYS A 100 -9.33 -5.30 15.25
C LYS A 100 -9.93 -4.02 15.87
N GLU A 101 -9.07 -3.02 16.16
CA GLU A 101 -9.51 -1.70 16.66
C GLU A 101 -10.43 -1.02 15.64
N LEU A 102 -9.97 -0.97 14.37
CA LEU A 102 -10.73 -0.31 13.28
C LEU A 102 -12.00 -1.10 12.92
N GLN A 103 -11.96 -2.43 13.06
CA GLN A 103 -13.13 -3.27 12.83
C GLN A 103 -14.22 -3.01 13.89
N LYS A 104 -13.79 -2.57 15.10
CA LYS A 104 -14.69 -2.21 16.21
C LYS A 104 -15.19 -0.73 16.11
N GLU A 105 -14.26 0.21 15.85
CA GLU A 105 -14.54 1.67 15.97
C GLU A 105 -15.09 2.27 14.66
N ALA A 106 -14.66 1.71 13.52
CA ALA A 106 -14.97 2.27 12.19
C ALA A 106 -16.08 1.43 11.53
N SER A 107 -17.10 2.11 10.99
CA SER A 107 -18.31 1.47 10.44
C SER A 107 -18.03 0.91 9.03
N ASP A 108 -17.92 1.82 8.03
CA ASP A 108 -17.76 1.42 6.60
C ASP A 108 -16.32 0.96 6.29
N ALA A 109 -15.35 1.45 7.09
CA ALA A 109 -13.92 1.27 6.82
C ALA A 109 -13.48 -0.20 6.89
N ARG A 110 -12.68 -0.61 5.89
CA ARG A 110 -12.30 -2.01 5.67
C ARG A 110 -10.79 -2.14 5.93
N VAL A 111 -10.39 -3.01 6.86
CA VAL A 111 -8.96 -3.24 7.18
C VAL A 111 -8.68 -4.75 7.16
N PHE A 112 -7.67 -5.16 6.39
CA PHE A 112 -7.30 -6.58 6.19
C PHE A 112 -6.00 -6.89 6.94
N ASN A 113 -6.01 -7.99 7.72
CA ASN A 113 -4.86 -8.41 8.52
C ASN A 113 -4.04 -9.46 7.76
N VAL A 114 -2.70 -9.26 7.73
CA VAL A 114 -1.74 -10.26 7.22
C VAL A 114 -0.85 -10.76 8.37
N GLN A 115 -0.60 -12.08 8.42
CA GLN A 115 0.14 -12.73 9.53
C GLN A 115 0.88 -14.00 9.07
N THR A 116 0.29 -14.74 8.11
CA THR A 116 0.80 -16.07 7.70
C THR A 116 0.56 -16.32 6.20
N LYS A 117 1.21 -17.39 5.69
CA LYS A 117 1.16 -17.83 4.28
C LYS A 117 -0.28 -17.91 3.72
N GLN A 118 -1.24 -18.27 4.61
CA GLN A 118 -2.65 -18.42 4.27
C GLN A 118 -3.25 -17.12 3.70
N ASP A 119 -3.08 -16.00 4.43
CA ASP A 119 -3.69 -14.71 4.05
C ASP A 119 -2.97 -14.04 2.86
N PHE A 120 -1.62 -14.12 2.82
CA PHE A 120 -0.81 -13.60 1.68
C PHE A 120 -1.20 -14.31 0.36
N LYS A 121 -1.27 -15.66 0.45
CA LYS A 121 -1.64 -16.54 -0.66
C LYS A 121 -3.07 -16.23 -1.15
N ASP A 122 -4.03 -16.36 -0.21
CA ASP A 122 -5.48 -16.27 -0.47
C ASP A 122 -5.88 -14.88 -1.00
N LEU A 123 -5.14 -13.85 -0.55
CA LEU A 123 -5.32 -12.47 -1.01
C LEU A 123 -4.98 -12.37 -2.50
N ILE A 124 -3.71 -12.64 -2.86
CA ILE A 124 -3.21 -12.56 -4.26
C ILE A 124 -3.98 -13.57 -5.17
N GLU A 125 -4.51 -14.63 -4.56
CA GLU A 125 -5.26 -15.71 -5.24
C GLU A 125 -6.64 -15.24 -5.73
N LYS A 126 -7.32 -14.39 -4.92
CA LYS A 126 -8.66 -13.84 -5.26
C LYS A 126 -8.53 -12.55 -6.11
N ILE A 127 -7.42 -11.83 -5.87
CA ILE A 127 -7.04 -10.63 -6.65
C ILE A 127 -6.41 -11.08 -7.99
N LEU A 128 -6.23 -10.14 -8.93
CA LEU A 128 -5.50 -10.37 -10.19
C LEU A 128 -4.13 -11.02 -9.85
N GLU A 129 -4.02 -12.33 -10.10
CA GLU A 129 -2.88 -13.16 -9.68
C GLU A 129 -1.62 -12.83 -10.46
N HIS A 130 -0.49 -13.27 -9.91
CA HIS A 130 0.82 -13.24 -10.57
C HIS A 130 1.24 -14.69 -10.81
N HIS A 131 1.63 -15.01 -12.06
CA HIS A 131 1.86 -16.40 -12.53
C HIS A 131 2.99 -17.09 -11.73
N HIS A 132 4.15 -16.40 -11.59
CA HIS A 132 5.38 -16.96 -10.97
C HIS A 132 5.87 -18.19 -11.78
N HIS A 133 6.65 -19.08 -11.13
CA HIS A 133 6.94 -20.43 -11.64
C HIS A 133 7.54 -21.28 -10.52
N HIS A 134 6.91 -22.43 -10.24
CA HIS A 134 7.39 -23.39 -9.23
C HIS A 134 8.64 -24.10 -9.78
N HIS A 135 8.56 -24.48 -11.07
CA HIS A 135 9.68 -25.07 -11.83
C HIS A 135 9.65 -24.44 -13.24
N MET A 1 -6.82 4.99 -13.08
CA MET A 1 -5.90 4.05 -12.40
C MET A 1 -6.39 3.78 -10.97
N ARG A 2 -6.56 2.49 -10.62
CA ARG A 2 -6.92 2.04 -9.25
C ARG A 2 -5.63 2.07 -8.40
N ILE A 3 -5.35 3.22 -7.78
CA ILE A 3 -4.00 3.49 -7.24
C ILE A 3 -3.78 2.79 -5.87
N ILE A 4 -2.90 1.78 -5.89
CA ILE A 4 -2.47 1.03 -4.71
C ILE A 4 -1.24 1.74 -4.12
N VAL A 5 -1.41 2.29 -2.91
CA VAL A 5 -0.37 3.05 -2.22
C VAL A 5 0.63 2.08 -1.55
N ILE A 6 1.79 1.91 -2.21
CA ILE A 6 2.87 1.04 -1.75
C ILE A 6 3.80 1.85 -0.83
N ILE A 7 3.63 1.68 0.50
CA ILE A 7 4.50 2.35 1.49
C ILE A 7 5.58 1.35 1.93
N VAL A 8 6.80 1.54 1.41
CA VAL A 8 7.95 0.66 1.66
C VAL A 8 9.14 1.49 2.15
N THR A 9 9.73 1.04 3.26
CA THR A 9 10.92 1.64 3.89
C THR A 9 11.79 0.49 4.45
N ASP A 10 11.12 -0.63 4.74
CA ASP A 10 11.74 -1.89 5.17
C ASP A 10 12.41 -2.62 3.98
N GLU A 11 12.82 -3.88 4.22
CA GLU A 11 13.37 -4.78 3.18
C GLU A 11 12.37 -4.93 2.01
N GLN A 12 12.88 -4.91 0.76
CA GLN A 12 12.05 -5.09 -0.45
C GLN A 12 11.38 -6.49 -0.41
N LYS A 13 10.05 -6.46 -0.23
CA LYS A 13 9.19 -7.66 -0.10
C LYS A 13 8.46 -7.94 -1.43
N ILE A 14 9.12 -7.53 -2.53
CA ILE A 14 8.77 -7.89 -3.91
C ILE A 14 9.94 -8.72 -4.47
N GLU A 15 9.64 -9.95 -4.91
CA GLU A 15 10.67 -10.94 -5.34
C GLU A 15 11.60 -10.38 -6.43
N ASP A 16 10.95 -9.93 -7.51
CA ASP A 16 11.59 -9.37 -8.70
C ASP A 16 10.45 -8.93 -9.64
N MET A 17 9.98 -7.68 -9.48
CA MET A 17 8.84 -7.14 -10.28
C MET A 17 9.17 -5.78 -10.89
N TRP A 18 10.47 -5.44 -10.95
CA TRP A 18 10.93 -4.08 -11.27
C TRP A 18 10.87 -3.78 -12.80
N GLU A 19 11.15 -4.80 -13.63
CA GLU A 19 11.12 -4.64 -15.10
C GLU A 19 9.68 -4.56 -15.63
N ILE A 20 8.74 -5.23 -14.93
CA ILE A 20 7.31 -5.18 -15.26
C ILE A 20 6.66 -3.96 -14.57
N LEU A 21 7.32 -3.44 -13.53
CA LEU A 21 6.84 -2.29 -12.72
C LEU A 21 6.65 -1.04 -13.60
N LYS A 22 7.49 -0.91 -14.65
CA LYS A 22 7.39 0.22 -15.60
C LYS A 22 6.15 0.11 -16.50
N GLU A 23 5.80 -1.13 -16.90
CA GLU A 23 4.72 -1.38 -17.85
C GLU A 23 3.37 -1.55 -17.11
N ILE A 24 3.29 -2.64 -16.35
CA ILE A 24 2.06 -3.08 -15.67
C ILE A 24 1.95 -2.49 -14.23
N GLY A 25 3.11 -2.14 -13.64
CA GLY A 25 3.16 -1.63 -12.26
C GLY A 25 2.55 -0.23 -12.14
N VAL A 26 3.10 0.73 -12.91
CA VAL A 26 2.70 2.16 -12.87
C VAL A 26 1.21 2.36 -13.24
N ASP A 27 0.63 1.31 -13.87
CA ASP A 27 -0.80 1.21 -14.20
C ASP A 27 -1.69 1.42 -12.97
N ARG A 28 -1.21 1.01 -11.78
CA ARG A 28 -2.03 1.06 -10.54
C ARG A 28 -1.18 1.00 -9.25
N ILE A 29 0.07 1.51 -9.28
CA ILE A 29 0.86 1.71 -8.03
C ILE A 29 1.18 3.20 -7.79
N VAL A 30 1.41 3.54 -6.50
CA VAL A 30 1.99 4.82 -6.05
C VAL A 30 3.16 4.49 -5.11
N ILE A 31 4.35 5.02 -5.40
CA ILE A 31 5.54 4.79 -4.58
C ILE A 31 5.58 5.86 -3.46
N ILE A 32 5.24 5.44 -2.24
CA ILE A 32 5.36 6.27 -1.04
C ILE A 32 6.48 5.66 -0.18
N THR A 33 7.49 6.46 0.13
CA THR A 33 8.62 6.02 0.94
C THR A 33 9.24 7.21 1.70
N SER A 34 10.04 6.87 2.72
CA SER A 34 10.81 7.84 3.51
C SER A 34 12.33 7.69 3.21
N ASN A 35 12.66 6.75 2.31
CA ASN A 35 14.04 6.47 1.86
C ASN A 35 14.21 7.03 0.45
N LYS A 36 15.23 7.88 0.30
CA LYS A 36 15.54 8.57 -0.95
C LYS A 36 16.08 7.58 -2.00
N GLN A 37 16.95 6.66 -1.53
CA GLN A 37 17.68 5.66 -2.35
C GLN A 37 16.79 4.94 -3.42
N LEU A 38 15.71 4.28 -2.94
CA LEU A 38 14.86 3.44 -3.81
C LEU A 38 13.86 4.32 -4.61
N ALA A 39 13.57 5.53 -4.07
CA ALA A 39 12.70 6.53 -4.72
C ALA A 39 13.39 7.09 -5.99
N GLU A 40 14.72 7.22 -5.91
CA GLU A 40 15.57 7.64 -7.03
C GLU A 40 15.59 6.57 -8.10
N ARG A 41 15.86 5.32 -7.68
CA ARG A 41 15.84 4.14 -8.58
C ARG A 41 14.46 3.98 -9.25
N ALA A 42 13.39 4.38 -8.54
CA ALA A 42 12.00 4.32 -9.02
C ALA A 42 11.70 5.43 -10.06
N LYS A 43 12.24 6.65 -9.84
CA LYS A 43 12.01 7.78 -10.77
C LYS A 43 12.88 7.64 -12.03
N GLU A 44 14.01 6.94 -11.90
CA GLU A 44 14.90 6.57 -13.02
C GLU A 44 14.25 5.45 -13.85
N LEU A 45 13.43 4.61 -13.18
CA LEU A 45 12.52 3.66 -13.88
C LEU A 45 11.44 4.45 -14.61
N GLY A 46 10.95 5.53 -13.96
CA GLY A 46 9.91 6.38 -14.53
C GLY A 46 8.52 6.11 -13.98
N VAL A 47 8.40 5.72 -12.67
CA VAL A 47 7.08 5.55 -12.02
C VAL A 47 6.33 6.90 -12.01
N ASP A 48 5.06 6.88 -12.44
CA ASP A 48 4.23 8.09 -12.60
C ASP A 48 4.02 8.85 -11.28
N ARG A 49 3.57 8.14 -10.24
CA ARG A 49 3.28 8.74 -8.92
C ARG A 49 4.29 8.27 -7.88
N ILE A 50 5.24 9.15 -7.56
CA ILE A 50 6.23 8.95 -6.47
C ILE A 50 6.15 10.16 -5.53
N PHE A 51 6.06 9.91 -4.23
CA PHE A 51 6.09 10.95 -3.19
C PHE A 51 7.09 10.52 -2.12
N LEU A 52 8.19 11.27 -2.02
CA LEU A 52 9.20 11.07 -0.98
C LEU A 52 8.87 12.05 0.13
N LEU A 53 8.33 11.52 1.23
CA LEU A 53 8.04 12.30 2.42
C LEU A 53 8.37 11.44 3.65
N THR A 54 9.17 12.02 4.55
CA THR A 54 9.56 11.40 5.82
C THR A 54 8.56 11.78 6.93
N ASP A 55 7.43 12.40 6.52
CA ASP A 55 6.35 12.81 7.41
C ASP A 55 5.43 11.61 7.70
N ASP A 56 4.85 11.60 8.89
CA ASP A 56 4.04 10.48 9.39
C ASP A 56 2.58 10.59 8.94
N GLU A 57 1.89 11.65 9.40
CA GLU A 57 0.42 11.80 9.22
C GLU A 57 0.12 12.34 7.82
N LEU A 58 1.14 12.93 7.19
CA LEU A 58 1.00 13.62 5.91
C LEU A 58 0.71 12.63 4.77
N ILE A 59 1.12 11.34 4.93
CA ILE A 59 0.80 10.28 3.94
C ILE A 59 -0.72 10.07 3.85
N ALA A 60 -1.44 10.36 4.96
CA ALA A 60 -2.90 10.36 5.00
C ALA A 60 -3.48 11.50 4.14
N GLU A 61 -2.79 12.66 4.12
CA GLU A 61 -3.16 13.82 3.28
C GLU A 61 -2.96 13.45 1.80
N ILE A 62 -1.82 12.78 1.51
CA ILE A 62 -1.43 12.39 0.14
C ILE A 62 -2.49 11.44 -0.45
N VAL A 63 -2.83 10.37 0.29
CA VAL A 63 -3.77 9.33 -0.18
C VAL A 63 -5.21 9.90 -0.32
N LYS A 64 -5.57 10.85 0.56
CA LYS A 64 -6.89 11.51 0.54
C LYS A 64 -7.05 12.36 -0.75
N LYS A 65 -6.04 13.21 -1.00
CA LYS A 65 -6.01 14.14 -2.15
C LYS A 65 -5.96 13.34 -3.47
N LEU A 66 -5.13 12.28 -3.48
CA LEU A 66 -4.99 11.37 -4.64
C LEU A 66 -6.30 10.62 -4.94
N GLY A 67 -7.09 10.34 -3.89
CA GLY A 67 -8.32 9.56 -4.01
C GLY A 67 -8.02 8.06 -4.04
N ALA A 68 -7.16 7.64 -3.11
CA ALA A 68 -6.67 6.27 -3.00
C ALA A 68 -7.69 5.40 -2.24
N ASP A 69 -7.87 4.17 -2.74
CA ASP A 69 -8.81 3.21 -2.15
C ASP A 69 -8.09 2.25 -1.20
N ILE A 70 -6.80 1.99 -1.47
CA ILE A 70 -6.03 0.94 -0.77
C ILE A 70 -4.61 1.42 -0.44
N VAL A 71 -4.18 1.14 0.79
CA VAL A 71 -2.86 1.53 1.35
C VAL A 71 -2.23 0.31 2.04
N PHE A 72 -0.92 0.10 1.85
CA PHE A 72 -0.15 -0.93 2.58
C PHE A 72 0.79 -0.23 3.57
N SER A 73 0.48 -0.30 4.89
CA SER A 73 1.31 0.33 5.94
C SER A 73 0.97 -0.25 7.33
N GLU A 74 2.01 -0.67 8.09
CA GLU A 74 1.88 -1.00 9.51
C GLU A 74 2.22 0.25 10.37
N ASN A 75 1.22 0.76 11.11
CA ASN A 75 1.42 1.81 12.14
C ASN A 75 0.11 1.97 12.93
N ARG A 76 0.20 2.25 14.26
CA ARG A 76 -0.98 2.32 15.13
C ARG A 76 -1.69 3.70 15.03
N ASP A 77 -0.89 4.78 14.98
CA ASP A 77 -1.40 6.16 15.07
C ASP A 77 -1.93 6.61 13.71
N ILE A 78 -1.04 6.51 12.70
CA ILE A 78 -1.27 7.07 11.35
C ILE A 78 -2.40 6.32 10.61
N ALA A 79 -2.53 5.00 10.86
CA ALA A 79 -3.65 4.20 10.31
C ALA A 79 -5.00 4.86 10.67
N LYS A 80 -5.13 5.24 11.96
CA LYS A 80 -6.35 5.88 12.48
C LYS A 80 -6.51 7.31 11.95
N LYS A 81 -5.36 7.97 11.63
CA LYS A 81 -5.37 9.32 10.99
C LYS A 81 -5.92 9.24 9.56
N ILE A 82 -5.71 8.06 8.90
CA ILE A 82 -6.21 7.80 7.54
C ILE A 82 -7.71 7.46 7.60
N ILE A 83 -8.09 6.65 8.61
CA ILE A 83 -9.46 6.12 8.76
C ILE A 83 -10.46 7.22 9.22
N ARG A 84 -9.99 8.21 9.99
CA ARG A 84 -10.87 9.31 10.48
C ARG A 84 -11.26 10.25 9.32
N LYS A 85 -10.36 10.43 8.32
CA LYS A 85 -10.64 11.23 7.11
C LYS A 85 -11.20 10.36 5.97
N LEU A 86 -10.93 9.05 6.05
CA LEU A 86 -11.37 8.05 5.05
C LEU A 86 -11.93 6.81 5.78
N LYS A 87 -13.22 6.86 6.10
CA LYS A 87 -13.93 5.74 6.76
C LYS A 87 -14.34 4.67 5.71
N ASN A 88 -13.87 4.83 4.46
CA ASN A 88 -14.21 3.94 3.32
C ASN A 88 -12.97 3.22 2.75
N ILE A 89 -11.78 3.43 3.36
CA ILE A 89 -10.49 2.98 2.77
C ILE A 89 -10.06 1.60 3.35
N ILE A 90 -9.50 0.73 2.49
CA ILE A 90 -8.95 -0.58 2.89
C ILE A 90 -7.43 -0.42 3.12
N ILE A 91 -6.95 -0.83 4.30
CA ILE A 91 -5.51 -0.81 4.66
C ILE A 91 -5.05 -2.25 4.93
N LEU A 92 -3.78 -2.55 4.62
CA LEU A 92 -3.15 -3.84 4.95
C LEU A 92 -2.13 -3.60 6.06
N SER A 93 -2.27 -4.38 7.15
CA SER A 93 -1.32 -4.40 8.27
C SER A 93 -1.19 -5.84 8.77
N ASN A 94 0.05 -6.31 8.99
CA ASN A 94 0.28 -7.64 9.63
C ASN A 94 0.17 -7.55 11.17
N ASP A 95 0.11 -6.31 11.72
CA ASP A 95 -0.11 -6.11 13.17
C ASP A 95 -1.60 -6.34 13.48
N GLU A 96 -1.92 -7.52 14.06
CA GLU A 96 -3.31 -7.94 14.35
C GLU A 96 -4.01 -6.98 15.31
N GLN A 97 -3.23 -6.43 16.26
CA GLN A 97 -3.71 -5.54 17.31
C GLN A 97 -4.15 -4.18 16.73
N LEU A 98 -3.56 -3.79 15.59
CA LEU A 98 -3.92 -2.56 14.87
C LEU A 98 -5.20 -2.81 14.03
N VAL A 99 -5.17 -3.90 13.24
CA VAL A 99 -6.23 -4.27 12.29
C VAL A 99 -7.62 -4.32 12.98
N LYS A 100 -7.65 -4.97 14.17
CA LYS A 100 -8.89 -5.14 14.95
C LYS A 100 -9.40 -3.79 15.52
N GLU A 101 -8.47 -2.87 15.87
CA GLU A 101 -8.82 -1.53 16.39
C GLU A 101 -9.70 -0.78 15.38
N LEU A 102 -9.23 -0.74 14.12
CA LEU A 102 -9.92 -0.02 13.05
C LEU A 102 -11.22 -0.71 12.62
N GLN A 103 -11.26 -2.06 12.66
CA GLN A 103 -12.49 -2.81 12.35
C GLN A 103 -13.61 -2.48 13.37
N LYS A 104 -13.22 -2.13 14.61
CA LYS A 104 -14.15 -1.74 15.67
C LYS A 104 -14.62 -0.26 15.54
N GLU A 105 -13.76 0.64 15.03
CA GLU A 105 -14.03 2.11 15.03
C GLU A 105 -14.35 2.68 13.61
N ALA A 106 -14.28 1.83 12.56
CA ALA A 106 -14.55 2.26 11.16
C ALA A 106 -15.95 1.83 10.70
N SER A 107 -16.64 2.71 9.96
CA SER A 107 -17.97 2.46 9.40
C SER A 107 -17.91 1.49 8.20
N ASP A 108 -17.14 1.88 7.16
CA ASP A 108 -17.08 1.13 5.87
C ASP A 108 -15.69 0.48 5.68
N ALA A 109 -14.68 1.11 6.31
CA ALA A 109 -13.27 0.76 6.13
C ALA A 109 -12.96 -0.61 6.75
N ARG A 110 -12.48 -1.53 5.91
CA ARG A 110 -12.12 -2.89 6.31
C ARG A 110 -10.60 -3.04 6.16
N VAL A 111 -9.91 -3.22 7.30
CA VAL A 111 -8.46 -3.42 7.32
C VAL A 111 -8.20 -4.93 7.34
N PHE A 112 -7.27 -5.40 6.50
CA PHE A 112 -6.98 -6.83 6.31
C PHE A 112 -5.65 -7.17 7.02
N ASN A 113 -5.58 -8.41 7.54
CA ASN A 113 -4.43 -8.90 8.31
C ASN A 113 -3.83 -10.15 7.65
N VAL A 114 -2.49 -10.15 7.54
CA VAL A 114 -1.70 -11.27 6.99
C VAL A 114 -0.75 -11.79 8.09
N GLN A 115 -0.87 -13.09 8.44
CA GLN A 115 -0.05 -13.73 9.50
C GLN A 115 0.86 -14.82 8.92
N THR A 116 0.29 -15.58 7.99
CA THR A 116 0.95 -16.73 7.36
C THR A 116 0.66 -16.70 5.85
N LYS A 117 1.26 -17.66 5.13
CA LYS A 117 1.32 -17.64 3.65
C LYS A 117 -0.07 -17.69 3.00
N GLN A 118 -1.03 -18.42 3.63
CA GLN A 118 -2.40 -18.58 3.06
C GLN A 118 -3.14 -17.24 2.93
N ASP A 119 -2.82 -16.28 3.81
CA ASP A 119 -3.42 -14.92 3.78
C ASP A 119 -2.90 -14.12 2.58
N PHE A 120 -1.58 -14.26 2.31
CA PHE A 120 -0.92 -13.66 1.13
C PHE A 120 -1.45 -14.31 -0.16
N LYS A 121 -1.54 -15.66 -0.16
CA LYS A 121 -1.93 -16.47 -1.33
C LYS A 121 -3.38 -16.21 -1.73
N ASP A 122 -4.26 -16.10 -0.73
CA ASP A 122 -5.69 -15.81 -0.92
C ASP A 122 -5.88 -14.41 -1.50
N LEU A 123 -5.07 -13.45 -0.99
CA LEU A 123 -5.07 -12.06 -1.43
C LEU A 123 -4.56 -11.94 -2.88
N ILE A 124 -3.51 -12.71 -3.23
CA ILE A 124 -2.89 -12.70 -4.59
C ILE A 124 -3.78 -13.44 -5.62
N GLU A 125 -4.55 -14.44 -5.13
CA GLU A 125 -5.47 -15.25 -5.97
C GLU A 125 -6.56 -14.38 -6.60
N LYS A 126 -7.12 -13.47 -5.79
CA LYS A 126 -8.24 -12.58 -6.20
C LYS A 126 -7.72 -11.21 -6.68
N ILE A 127 -6.65 -10.70 -6.02
CA ILE A 127 -6.02 -9.41 -6.36
C ILE A 127 -4.71 -9.69 -7.09
N LEU A 128 -4.68 -9.32 -8.37
CA LEU A 128 -3.55 -9.54 -9.28
C LEU A 128 -2.23 -8.94 -8.71
N GLU A 129 -1.12 -9.69 -8.81
CA GLU A 129 0.18 -9.30 -8.21
C GLU A 129 1.05 -8.47 -9.19
N HIS A 130 0.52 -8.27 -10.43
CA HIS A 130 1.27 -7.80 -11.62
C HIS A 130 2.15 -8.97 -12.12
N HIS A 131 1.63 -9.69 -13.14
CA HIS A 131 2.18 -10.98 -13.64
C HIS A 131 3.70 -10.92 -13.90
N HIS A 132 4.46 -11.67 -13.08
CA HIS A 132 5.90 -11.88 -13.28
C HIS A 132 6.17 -13.36 -13.59
N HIS A 133 5.91 -13.72 -14.86
CA HIS A 133 6.26 -15.02 -15.50
C HIS A 133 5.96 -16.24 -14.58
N HIS A 134 4.67 -16.57 -14.47
CA HIS A 134 4.20 -17.71 -13.65
C HIS A 134 3.97 -18.93 -14.55
N HIS A 135 4.28 -20.13 -14.01
CA HIS A 135 4.04 -21.42 -14.70
C HIS A 135 3.32 -22.38 -13.73
N MET A 1 -10.53 3.51 -13.02
CA MET A 1 -9.27 3.86 -12.34
C MET A 1 -9.28 3.33 -10.89
N ARG A 2 -8.19 2.63 -10.51
CA ARG A 2 -7.91 2.26 -9.11
C ARG A 2 -6.41 2.50 -8.85
N ILE A 3 -6.09 3.16 -7.72
CA ILE A 3 -4.70 3.45 -7.32
C ILE A 3 -4.35 2.68 -6.04
N ILE A 4 -3.16 2.05 -6.04
CA ILE A 4 -2.65 1.25 -4.91
C ILE A 4 -1.44 1.96 -4.32
N VAL A 5 -1.61 2.54 -3.12
CA VAL A 5 -0.55 3.31 -2.46
C VAL A 5 0.43 2.36 -1.75
N ILE A 6 1.67 2.32 -2.26
CA ILE A 6 2.74 1.47 -1.75
C ILE A 6 3.60 2.27 -0.75
N ILE A 7 3.36 2.06 0.55
CA ILE A 7 4.18 2.66 1.63
C ILE A 7 5.26 1.65 2.03
N VAL A 8 6.50 1.89 1.56
CA VAL A 8 7.69 1.10 1.92
C VAL A 8 8.84 2.10 2.13
N THR A 9 9.51 2.03 3.29
CA THR A 9 10.70 2.84 3.60
C THR A 9 11.93 1.94 3.62
N ASP A 10 11.82 0.83 4.38
CA ASP A 10 12.90 -0.17 4.58
C ASP A 10 13.21 -0.96 3.29
N GLU A 11 14.06 -1.99 3.42
CA GLU A 11 14.44 -2.87 2.31
C GLU A 11 13.18 -3.51 1.68
N GLN A 12 12.86 -3.04 0.48
CA GLN A 12 11.76 -3.53 -0.35
C GLN A 12 11.93 -5.02 -0.72
N LYS A 13 10.82 -5.68 -1.05
CA LYS A 13 10.82 -7.09 -1.47
C LYS A 13 9.95 -7.28 -2.74
N ILE A 14 10.61 -7.50 -3.88
CA ILE A 14 9.97 -7.80 -5.17
C ILE A 14 10.49 -9.14 -5.72
N GLU A 15 9.59 -9.96 -6.28
CA GLU A 15 9.95 -11.28 -6.84
C GLU A 15 10.30 -11.13 -8.34
N ASP A 16 11.46 -10.47 -8.60
CA ASP A 16 12.02 -10.29 -9.97
C ASP A 16 11.07 -9.45 -10.88
N MET A 17 10.03 -8.85 -10.27
CA MET A 17 8.95 -8.16 -11.01
C MET A 17 9.21 -6.64 -11.07
N TRP A 18 10.49 -6.24 -11.02
CA TRP A 18 10.89 -4.82 -10.94
C TRP A 18 10.66 -4.08 -12.29
N GLU A 19 10.83 -4.81 -13.43
CA GLU A 19 10.67 -4.22 -14.79
C GLU A 19 9.17 -4.13 -15.17
N ILE A 20 8.39 -5.18 -14.88
CA ILE A 20 6.92 -5.16 -15.11
C ILE A 20 6.24 -4.17 -14.14
N LEU A 21 6.92 -3.91 -13.01
CA LEU A 21 6.46 -2.95 -11.98
C LEU A 21 6.31 -1.54 -12.58
N LYS A 22 7.27 -1.10 -13.41
CA LYS A 22 7.22 0.24 -14.02
C LYS A 22 6.18 0.32 -15.16
N GLU A 23 5.82 -0.84 -15.75
CA GLU A 23 4.92 -0.87 -16.93
C GLU A 23 3.44 -1.00 -16.50
N ILE A 24 3.10 -2.15 -15.90
CA ILE A 24 1.72 -2.49 -15.49
C ILE A 24 1.45 -2.00 -14.05
N GLY A 25 2.51 -2.06 -13.21
CA GLY A 25 2.42 -1.73 -11.80
C GLY A 25 2.10 -0.26 -11.56
N VAL A 26 3.06 0.64 -11.85
CA VAL A 26 3.01 2.08 -11.41
C VAL A 26 1.97 2.91 -12.18
N ASP A 27 1.41 2.31 -13.25
CA ASP A 27 0.25 2.86 -13.97
C ASP A 27 -0.95 3.06 -13.00
N ARG A 28 -1.02 2.21 -11.98
CA ARG A 28 -2.07 2.26 -10.95
C ARG A 28 -1.44 2.46 -9.56
N ILE A 29 -0.28 1.83 -9.29
CA ILE A 29 0.35 1.89 -7.95
C ILE A 29 1.25 3.13 -7.87
N VAL A 30 1.34 3.72 -6.69
CA VAL A 30 2.13 4.93 -6.45
C VAL A 30 3.23 4.60 -5.44
N ILE A 31 4.48 4.97 -5.75
CA ILE A 31 5.62 4.74 -4.85
C ILE A 31 5.66 5.95 -3.88
N ILE A 32 5.17 5.75 -2.65
CA ILE A 32 5.12 6.80 -1.62
C ILE A 32 5.99 6.35 -0.44
N THR A 33 7.04 7.13 -0.14
CA THR A 33 8.05 6.78 0.86
C THR A 33 8.66 8.03 1.48
N SER A 34 9.46 7.82 2.54
CA SER A 34 10.25 8.88 3.19
C SER A 34 11.76 8.64 2.95
N ASN A 35 12.12 7.39 2.56
CA ASN A 35 13.49 7.00 2.22
C ASN A 35 13.84 7.39 0.79
N LYS A 36 14.84 8.24 0.63
CA LYS A 36 15.32 8.74 -0.66
C LYS A 36 16.01 7.62 -1.48
N GLN A 37 16.52 6.58 -0.77
CA GLN A 37 17.24 5.44 -1.40
C GLN A 37 16.39 4.76 -2.51
N LEU A 38 15.17 4.32 -2.17
CA LEU A 38 14.29 3.57 -3.09
C LEU A 38 13.45 4.53 -3.96
N ALA A 39 13.28 5.79 -3.50
CA ALA A 39 12.57 6.84 -4.26
C ALA A 39 13.34 7.25 -5.53
N GLU A 40 14.65 7.50 -5.37
CA GLU A 40 15.55 7.83 -6.49
C GLU A 40 15.82 6.58 -7.34
N ARG A 41 15.86 5.40 -6.69
CA ARG A 41 15.99 4.09 -7.39
C ARG A 41 14.72 3.84 -8.27
N ALA A 42 13.57 4.32 -7.77
CA ALA A 42 12.28 4.25 -8.48
C ALA A 42 12.26 5.22 -9.67
N LYS A 43 12.90 6.38 -9.50
CA LYS A 43 13.06 7.38 -10.56
C LYS A 43 13.93 6.83 -11.71
N GLU A 44 15.03 6.17 -11.34
CA GLU A 44 15.92 5.49 -12.29
C GLU A 44 15.28 4.20 -12.85
N LEU A 45 14.29 3.64 -12.11
CA LEU A 45 13.45 2.54 -12.62
C LEU A 45 12.56 3.04 -13.77
N GLY A 46 12.06 4.27 -13.62
CA GLY A 46 11.15 4.88 -14.61
C GLY A 46 9.71 4.89 -14.12
N VAL A 47 9.54 4.93 -12.78
CA VAL A 47 8.24 5.11 -12.14
C VAL A 47 7.68 6.51 -12.44
N ASP A 48 6.41 6.56 -12.87
CA ASP A 48 5.72 7.80 -13.22
C ASP A 48 5.27 8.56 -11.94
N ARG A 49 4.77 7.80 -10.96
CA ARG A 49 4.15 8.35 -9.73
C ARG A 49 5.04 8.12 -8.50
N ILE A 50 5.81 9.16 -8.10
CA ILE A 50 6.74 9.11 -6.94
C ILE A 50 6.42 10.27 -5.95
N PHE A 51 6.14 9.91 -4.69
CA PHE A 51 6.09 10.87 -3.58
C PHE A 51 7.25 10.58 -2.62
N LEU A 52 8.02 11.63 -2.28
CA LEU A 52 9.03 11.59 -1.21
C LEU A 52 8.61 12.63 -0.17
N LEU A 53 8.12 12.16 0.98
CA LEU A 53 7.73 13.01 2.10
C LEU A 53 8.12 12.33 3.41
N THR A 54 8.89 13.06 4.23
CA THR A 54 9.43 12.56 5.49
C THR A 54 8.39 12.67 6.63
N ASP A 55 7.40 13.58 6.44
CA ASP A 55 6.30 13.75 7.38
C ASP A 55 5.29 12.59 7.22
N ASP A 56 5.33 11.67 8.20
CA ASP A 56 4.56 10.39 8.21
C ASP A 56 3.03 10.60 8.07
N GLU A 57 2.45 11.51 8.88
CA GLU A 57 0.99 11.75 8.87
C GLU A 57 0.49 12.34 7.54
N LEU A 58 1.36 13.06 6.82
CA LEU A 58 0.98 13.78 5.59
C LEU A 58 0.50 12.80 4.48
N ILE A 59 0.99 11.52 4.52
CA ILE A 59 0.56 10.48 3.56
C ILE A 59 -0.96 10.24 3.64
N ALA A 60 -1.54 10.45 4.84
CA ALA A 60 -2.98 10.33 5.10
C ALA A 60 -3.77 11.36 4.26
N GLU A 61 -3.23 12.59 4.20
CA GLU A 61 -3.87 13.70 3.45
C GLU A 61 -3.56 13.59 1.95
N ILE A 62 -2.41 12.99 1.61
CA ILE A 62 -2.02 12.69 0.22
C ILE A 62 -3.06 11.72 -0.39
N VAL A 63 -3.31 10.60 0.31
CA VAL A 63 -4.21 9.54 -0.16
C VAL A 63 -5.69 9.95 -0.03
N LYS A 64 -5.98 10.89 0.91
CA LYS A 64 -7.31 11.52 1.07
C LYS A 64 -7.66 12.29 -0.21
N LYS A 65 -6.79 13.24 -0.55
CA LYS A 65 -6.96 14.15 -1.70
C LYS A 65 -6.95 13.37 -3.03
N LEU A 66 -6.03 12.39 -3.15
CA LEU A 66 -5.93 11.52 -4.35
C LEU A 66 -7.14 10.58 -4.47
N GLY A 67 -7.79 10.28 -3.32
CA GLY A 67 -8.92 9.38 -3.28
C GLY A 67 -8.50 7.95 -3.55
N ALA A 68 -7.61 7.45 -2.69
CA ALA A 68 -7.01 6.11 -2.81
C ALA A 68 -8.06 5.02 -2.56
N ASP A 69 -7.95 3.94 -3.36
CA ASP A 69 -8.81 2.76 -3.24
C ASP A 69 -8.28 1.86 -2.13
N ILE A 70 -6.99 1.53 -2.26
CA ILE A 70 -6.30 0.61 -1.35
C ILE A 70 -4.87 1.09 -1.05
N VAL A 71 -4.50 1.04 0.23
CA VAL A 71 -3.16 1.44 0.74
C VAL A 71 -2.52 0.23 1.43
N PHE A 72 -1.32 -0.15 0.99
CA PHE A 72 -0.47 -1.09 1.72
C PHE A 72 0.44 -0.28 2.66
N SER A 73 0.15 -0.35 3.96
CA SER A 73 0.90 0.38 4.98
C SER A 73 0.69 -0.29 6.34
N GLU A 74 1.80 -0.57 7.02
CA GLU A 74 1.82 -1.06 8.41
C GLU A 74 1.93 0.12 9.39
N ASN A 75 1.86 -0.23 10.70
CA ASN A 75 2.10 0.67 11.88
C ASN A 75 0.79 1.24 12.43
N ARG A 76 0.76 1.41 13.77
CA ARG A 76 -0.45 1.73 14.53
C ARG A 76 -0.96 3.15 14.27
N ASP A 77 -0.08 4.15 14.51
CA ASP A 77 -0.45 5.57 14.39
C ASP A 77 -0.77 5.93 12.94
N ILE A 78 0.14 5.53 12.02
CA ILE A 78 0.03 5.82 10.58
C ILE A 78 -1.37 5.41 10.03
N ALA A 79 -1.76 4.14 10.28
CA ALA A 79 -3.02 3.59 9.79
C ALA A 79 -4.22 4.39 10.32
N LYS A 80 -4.24 4.67 11.63
CA LYS A 80 -5.35 5.37 12.29
C LYS A 80 -5.40 6.87 11.92
N LYS A 81 -4.25 7.43 11.47
CA LYS A 81 -4.19 8.82 10.98
C LYS A 81 -4.76 8.92 9.56
N ILE A 82 -4.71 7.79 8.82
CA ILE A 82 -5.38 7.70 7.50
C ILE A 82 -6.89 7.49 7.72
N ILE A 83 -7.25 6.53 8.60
CA ILE A 83 -8.64 6.10 8.82
C ILE A 83 -9.50 7.18 9.51
N ARG A 84 -8.87 8.05 10.33
CA ARG A 84 -9.58 9.13 11.05
C ARG A 84 -10.25 10.13 10.05
N LYS A 85 -9.64 10.28 8.86
CA LYS A 85 -10.19 11.11 7.76
C LYS A 85 -10.73 10.24 6.61
N LEU A 86 -10.37 8.94 6.59
CA LEU A 86 -10.78 7.98 5.54
C LEU A 86 -11.31 6.68 6.16
N LYS A 87 -12.62 6.65 6.43
CA LYS A 87 -13.34 5.41 6.76
C LYS A 87 -14.03 4.85 5.50
N ASN A 88 -13.67 5.41 4.33
CA ASN A 88 -14.24 5.02 3.02
C ASN A 88 -13.16 4.33 2.16
N ILE A 89 -12.18 3.68 2.82
CA ILE A 89 -11.00 3.10 2.16
C ILE A 89 -10.71 1.68 2.71
N ILE A 90 -10.07 0.82 1.87
CA ILE A 90 -9.54 -0.48 2.30
C ILE A 90 -8.01 -0.33 2.45
N ILE A 91 -7.47 -0.74 3.61
CA ILE A 91 -6.01 -0.71 3.90
C ILE A 91 -5.57 -2.11 4.31
N LEU A 92 -4.32 -2.46 4.06
CA LEU A 92 -3.72 -3.75 4.47
C LEU A 92 -2.53 -3.43 5.38
N SER A 93 -2.52 -4.03 6.58
CA SER A 93 -1.47 -3.82 7.60
C SER A 93 -0.97 -5.18 8.14
N ASN A 94 0.31 -5.23 8.55
CA ASN A 94 0.94 -6.47 9.08
C ASN A 94 0.47 -6.76 10.51
N ASP A 95 0.55 -5.73 11.38
CA ASP A 95 0.22 -5.86 12.82
C ASP A 95 -1.30 -6.11 13.02
N GLU A 96 -1.65 -7.34 13.44
CA GLU A 96 -3.05 -7.80 13.61
C GLU A 96 -3.75 -7.08 14.77
N GLN A 97 -2.96 -6.73 15.81
CA GLN A 97 -3.46 -6.03 17.01
C GLN A 97 -4.11 -4.70 16.63
N LEU A 98 -3.48 -4.05 15.65
CA LEU A 98 -3.96 -2.82 15.04
C LEU A 98 -5.21 -3.10 14.19
N VAL A 99 -5.07 -4.04 13.22
CA VAL A 99 -6.08 -4.33 12.17
C VAL A 99 -7.49 -4.56 12.76
N LYS A 100 -7.57 -5.44 13.79
CA LYS A 100 -8.83 -5.79 14.46
C LYS A 100 -9.53 -4.54 15.04
N GLU A 101 -8.74 -3.65 15.68
CA GLU A 101 -9.22 -2.42 16.30
C GLU A 101 -9.86 -1.49 15.27
N LEU A 102 -9.29 -1.47 14.05
CA LEU A 102 -9.80 -0.64 12.93
C LEU A 102 -11.03 -1.27 12.27
N GLN A 103 -11.13 -2.60 12.33
CA GLN A 103 -12.30 -3.33 11.83
C GLN A 103 -13.53 -3.08 12.74
N LYS A 104 -13.27 -2.77 14.03
CA LYS A 104 -14.32 -2.52 15.04
C LYS A 104 -14.68 -1.02 15.15
N GLU A 105 -13.65 -0.14 15.20
CA GLU A 105 -13.85 1.31 15.43
C GLU A 105 -14.35 2.00 14.15
N ALA A 106 -13.89 1.49 12.99
CA ALA A 106 -14.33 1.95 11.66
C ALA A 106 -15.25 0.90 11.05
N SER A 107 -16.56 1.22 11.00
CA SER A 107 -17.59 0.34 10.42
C SER A 107 -17.40 0.20 8.90
N ASP A 108 -17.21 1.33 8.22
CA ASP A 108 -17.14 1.40 6.75
C ASP A 108 -15.73 1.06 6.22
N ALA A 109 -14.69 1.29 7.04
CA ALA A 109 -13.29 1.00 6.63
C ALA A 109 -12.94 -0.46 6.90
N ARG A 110 -12.39 -1.12 5.89
CA ARG A 110 -11.97 -2.53 5.96
C ARG A 110 -10.46 -2.61 5.92
N VAL A 111 -9.83 -2.85 7.07
CA VAL A 111 -8.39 -3.11 7.15
C VAL A 111 -8.18 -4.64 7.20
N PHE A 112 -7.27 -5.15 6.35
CA PHE A 112 -7.00 -6.58 6.21
C PHE A 112 -5.62 -6.90 6.82
N ASN A 113 -5.58 -7.97 7.60
CA ASN A 113 -4.36 -8.41 8.29
C ASN A 113 -3.52 -9.36 7.41
N VAL A 114 -2.19 -9.26 7.52
CA VAL A 114 -1.25 -10.24 6.97
C VAL A 114 -0.20 -10.63 8.06
N GLN A 115 -0.14 -11.92 8.38
CA GLN A 115 0.80 -12.49 9.37
C GLN A 115 1.60 -13.66 8.74
N THR A 116 1.03 -14.27 7.71
CA THR A 116 1.64 -15.39 6.97
C THR A 116 1.20 -15.35 5.49
N LYS A 117 1.78 -16.25 4.67
CA LYS A 117 1.49 -16.39 3.23
C LYS A 117 -0.01 -16.67 2.98
N GLN A 118 -0.69 -17.30 3.97
CA GLN A 118 -2.10 -17.69 3.88
C GLN A 118 -3.03 -16.46 3.73
N ASP A 119 -2.64 -15.34 4.36
CA ASP A 119 -3.41 -14.08 4.33
C ASP A 119 -3.27 -13.39 2.97
N PHE A 120 -2.02 -13.32 2.47
CA PHE A 120 -1.73 -12.77 1.13
C PHE A 120 -2.46 -13.59 0.05
N LYS A 121 -2.30 -14.92 0.16
CA LYS A 121 -2.78 -15.89 -0.85
C LYS A 121 -4.31 -15.95 -0.87
N ASP A 122 -4.94 -15.68 0.31
CA ASP A 122 -6.41 -15.60 0.46
C ASP A 122 -7.01 -14.61 -0.55
N LEU A 123 -6.32 -13.48 -0.72
CA LEU A 123 -6.70 -12.45 -1.68
C LEU A 123 -6.30 -12.88 -3.11
N ILE A 124 -4.99 -13.13 -3.30
CA ILE A 124 -4.32 -13.21 -4.63
C ILE A 124 -4.72 -14.50 -5.41
N GLU A 125 -5.34 -15.48 -4.72
CA GLU A 125 -5.86 -16.71 -5.36
C GLU A 125 -6.98 -16.39 -6.38
N LYS A 126 -7.83 -15.41 -6.03
CA LYS A 126 -9.01 -15.03 -6.84
C LYS A 126 -8.77 -13.69 -7.56
N ILE A 127 -8.22 -12.67 -6.84
CA ILE A 127 -7.89 -11.37 -7.45
C ILE A 127 -6.57 -11.51 -8.24
N LEU A 128 -6.51 -10.84 -9.41
CA LEU A 128 -5.41 -10.97 -10.38
C LEU A 128 -5.49 -12.38 -11.02
N GLU A 129 -5.04 -13.41 -10.26
CA GLU A 129 -5.05 -14.83 -10.66
C GLU A 129 -4.15 -15.07 -11.90
N HIS A 130 -4.69 -14.74 -13.07
CA HIS A 130 -4.00 -14.85 -14.35
C HIS A 130 -3.06 -13.64 -14.56
N HIS A 131 -1.75 -13.88 -14.36
CA HIS A 131 -0.72 -12.82 -14.45
C HIS A 131 -0.48 -12.42 -15.92
N HIS A 132 -0.91 -11.19 -16.27
CA HIS A 132 -0.66 -10.58 -17.58
C HIS A 132 0.79 -10.04 -17.65
N HIS A 133 1.37 -10.15 -18.85
CA HIS A 133 2.78 -9.82 -19.11
C HIS A 133 3.03 -9.72 -20.63
N HIS A 134 4.31 -9.62 -21.02
CA HIS A 134 4.74 -9.61 -22.44
C HIS A 134 4.40 -10.96 -23.09
N HIS A 135 3.53 -10.93 -24.13
CA HIS A 135 3.01 -12.14 -24.83
C HIS A 135 2.17 -13.02 -23.84
N MET A 1 -10.87 3.88 -10.14
CA MET A 1 -9.44 3.69 -10.48
C MET A 1 -8.80 2.69 -9.52
N ARG A 2 -7.61 2.19 -9.89
CA ARG A 2 -6.85 1.24 -9.07
C ARG A 2 -5.36 1.67 -9.06
N ILE A 3 -4.93 2.22 -7.91
CA ILE A 3 -3.54 2.62 -7.65
C ILE A 3 -3.10 2.05 -6.28
N ILE A 4 -2.20 1.06 -6.32
CA ILE A 4 -1.70 0.36 -5.14
C ILE A 4 -0.51 1.15 -4.58
N VAL A 5 -0.68 1.69 -3.37
CA VAL A 5 0.35 2.49 -2.72
C VAL A 5 1.41 1.57 -2.09
N ILE A 6 2.62 1.59 -2.69
CA ILE A 6 3.76 0.80 -2.25
C ILE A 6 4.51 1.57 -1.13
N ILE A 7 4.23 1.18 0.12
CA ILE A 7 4.94 1.68 1.32
C ILE A 7 6.03 0.67 1.70
N VAL A 8 7.17 1.16 2.20
CA VAL A 8 8.24 0.29 2.72
C VAL A 8 8.23 0.31 4.25
N THR A 9 8.26 -0.88 4.86
CA THR A 9 8.15 -1.07 6.32
C THR A 9 9.15 -2.15 6.79
N ASP A 10 9.02 -3.38 6.24
CA ASP A 10 9.79 -4.57 6.69
C ASP A 10 10.73 -5.07 5.55
N GLU A 11 10.69 -6.38 5.20
CA GLU A 11 11.44 -6.95 4.08
C GLU A 11 10.67 -6.77 2.75
N GLN A 12 11.24 -5.99 1.82
CA GLN A 12 10.67 -5.76 0.48
C GLN A 12 11.28 -6.74 -0.54
N LYS A 13 10.51 -7.02 -1.61
CA LYS A 13 10.77 -8.13 -2.55
C LYS A 13 10.17 -7.82 -3.94
N ILE A 14 10.08 -6.51 -4.25
CA ILE A 14 9.45 -6.00 -5.49
C ILE A 14 10.51 -5.22 -6.35
N GLU A 15 11.78 -5.33 -5.93
CA GLU A 15 12.91 -4.65 -6.60
C GLU A 15 13.20 -5.33 -7.94
N ASP A 16 13.15 -6.67 -7.94
CA ASP A 16 13.23 -7.48 -9.17
C ASP A 16 11.95 -7.28 -10.00
N MET A 17 12.10 -7.39 -11.35
CA MET A 17 11.03 -7.07 -12.34
C MET A 17 10.80 -5.55 -12.41
N TRP A 18 11.87 -4.77 -12.14
CA TRP A 18 11.87 -3.29 -12.20
C TRP A 18 11.65 -2.81 -13.66
N GLU A 19 12.03 -3.67 -14.61
CA GLU A 19 11.88 -3.44 -16.06
C GLU A 19 10.39 -3.50 -16.49
N ILE A 20 9.59 -4.38 -15.85
CA ILE A 20 8.14 -4.52 -16.15
C ILE A 20 7.31 -3.57 -15.25
N LEU A 21 7.94 -3.13 -14.15
CA LEU A 21 7.35 -2.18 -13.19
C LEU A 21 7.05 -0.81 -13.85
N LYS A 22 7.65 -0.52 -15.02
CA LYS A 22 7.32 0.67 -15.83
C LYS A 22 6.09 0.42 -16.74
N GLU A 23 5.89 -0.83 -17.16
CA GLU A 23 4.82 -1.19 -18.12
C GLU A 23 3.49 -1.48 -17.39
N ILE A 24 3.51 -2.50 -16.53
CA ILE A 24 2.35 -2.93 -15.73
C ILE A 24 2.31 -2.15 -14.40
N GLY A 25 3.51 -1.95 -13.80
CA GLY A 25 3.64 -1.37 -12.47
C GLY A 25 3.05 0.03 -12.31
N VAL A 26 3.69 1.06 -12.92
CA VAL A 26 3.33 2.50 -12.71
C VAL A 26 1.92 2.84 -13.23
N ASP A 27 1.41 1.97 -14.11
CA ASP A 27 0.03 2.01 -14.62
C ASP A 27 -1.01 1.91 -13.48
N ARG A 28 -0.64 1.18 -12.43
CA ARG A 28 -1.57 0.82 -11.35
C ARG A 28 -0.91 0.87 -9.95
N ILE A 29 0.28 1.49 -9.81
CA ILE A 29 0.91 1.70 -8.47
C ILE A 29 1.33 3.17 -8.27
N VAL A 30 1.41 3.57 -7.00
CA VAL A 30 2.00 4.85 -6.58
C VAL A 30 3.15 4.55 -5.60
N ILE A 31 4.32 5.16 -5.81
CA ILE A 31 5.45 5.05 -4.90
C ILE A 31 5.32 6.17 -3.85
N ILE A 32 4.93 5.81 -2.63
CA ILE A 32 4.91 6.74 -1.48
C ILE A 32 5.79 6.11 -0.39
N THR A 33 6.83 6.82 0.00
CA THR A 33 7.87 6.29 0.87
C THR A 33 8.50 7.40 1.71
N SER A 34 9.33 7.00 2.68
CA SER A 34 10.13 7.89 3.52
C SER A 34 11.62 7.51 3.40
N ASN A 35 11.90 6.45 2.60
CA ASN A 35 13.26 6.00 2.24
C ASN A 35 13.66 6.68 0.92
N LYS A 36 14.77 7.43 0.95
CA LYS A 36 15.30 8.16 -0.21
C LYS A 36 15.85 7.18 -1.26
N GLN A 37 16.39 6.03 -0.78
CA GLN A 37 17.07 5.02 -1.61
C GLN A 37 16.25 4.59 -2.86
N LEU A 38 15.01 4.15 -2.62
CA LEU A 38 14.15 3.59 -3.68
C LEU A 38 13.42 4.71 -4.41
N ALA A 39 13.30 5.89 -3.76
CA ALA A 39 12.72 7.09 -4.39
C ALA A 39 13.63 7.58 -5.54
N GLU A 40 14.97 7.42 -5.37
CA GLU A 40 15.95 7.65 -6.46
C GLU A 40 15.76 6.57 -7.55
N ARG A 41 15.73 5.30 -7.10
CA ARG A 41 15.60 4.13 -7.98
C ARG A 41 14.27 4.18 -8.79
N ALA A 42 13.23 4.79 -8.19
CA ALA A 42 11.90 4.91 -8.80
C ALA A 42 11.86 6.06 -9.81
N LYS A 43 12.54 7.18 -9.49
CA LYS A 43 12.57 8.37 -10.36
C LYS A 43 13.48 8.14 -11.59
N GLU A 44 14.42 7.19 -11.43
CA GLU A 44 15.30 6.75 -12.54
C GLU A 44 14.63 5.63 -13.36
N LEU A 45 13.63 4.94 -12.77
CA LEU A 45 12.68 4.13 -13.56
C LEU A 45 11.81 5.10 -14.39
N GLY A 46 11.44 6.24 -13.77
CA GLY A 46 10.54 7.19 -14.39
C GLY A 46 9.09 7.01 -13.94
N VAL A 47 8.90 6.55 -12.67
CA VAL A 47 7.55 6.48 -12.05
C VAL A 47 6.97 7.91 -11.98
N ASP A 48 5.74 8.09 -12.51
CA ASP A 48 5.06 9.40 -12.54
C ASP A 48 4.70 9.88 -11.12
N ARG A 49 4.17 8.95 -10.31
CA ARG A 49 3.63 9.26 -8.98
C ARG A 49 4.60 8.80 -7.87
N ILE A 50 5.49 9.72 -7.42
CA ILE A 50 6.43 9.48 -6.31
C ILE A 50 6.27 10.59 -5.26
N PHE A 51 6.08 10.19 -4.00
CA PHE A 51 5.97 11.09 -2.87
C PHE A 51 6.97 10.61 -1.80
N LEU A 52 8.08 11.33 -1.65
CA LEU A 52 9.11 11.03 -0.65
C LEU A 52 8.97 12.02 0.49
N LEU A 53 8.39 11.57 1.60
CA LEU A 53 8.11 12.42 2.77
C LEU A 53 8.20 11.60 4.06
N THR A 54 8.84 12.20 5.08
CA THR A 54 8.94 11.65 6.44
C THR A 54 7.85 12.25 7.36
N ASP A 55 6.90 13.00 6.76
CA ASP A 55 5.72 13.52 7.47
C ASP A 55 4.66 12.41 7.61
N ASP A 56 4.62 11.84 8.83
CA ASP A 56 3.71 10.75 9.24
C ASP A 56 2.22 11.12 9.04
N GLU A 57 1.90 12.40 9.21
CA GLU A 57 0.53 12.90 9.03
C GLU A 57 0.21 13.03 7.54
N LEU A 58 1.12 13.68 6.79
CA LEU A 58 0.89 14.05 5.40
C LEU A 58 0.70 12.80 4.50
N ILE A 59 1.44 11.68 4.79
CA ILE A 59 1.33 10.41 3.97
C ILE A 59 -0.14 9.91 3.90
N ALA A 60 -0.90 10.16 4.98
CA ALA A 60 -2.32 9.80 5.07
C ALA A 60 -3.14 10.70 4.12
N GLU A 61 -2.81 12.00 4.11
CA GLU A 61 -3.53 12.99 3.28
C GLU A 61 -3.06 12.91 1.80
N ILE A 62 -1.88 12.30 1.55
CA ILE A 62 -1.37 12.09 0.19
C ILE A 62 -2.23 11.02 -0.50
N VAL A 63 -2.34 9.82 0.14
CA VAL A 63 -3.15 8.69 -0.40
C VAL A 63 -4.63 9.09 -0.53
N LYS A 64 -5.08 9.98 0.39
CA LYS A 64 -6.43 10.56 0.38
C LYS A 64 -6.67 11.41 -0.86
N LYS A 65 -5.71 12.32 -1.14
CA LYS A 65 -5.82 13.29 -2.25
C LYS A 65 -5.79 12.56 -3.60
N LEU A 66 -4.98 11.49 -3.66
CA LEU A 66 -4.87 10.61 -4.85
C LEU A 66 -6.15 9.78 -5.06
N GLY A 67 -6.85 9.49 -3.95
CA GLY A 67 -8.10 8.71 -3.99
C GLY A 67 -7.82 7.22 -3.95
N ALA A 68 -6.70 6.85 -3.31
CA ALA A 68 -6.23 5.48 -3.18
C ALA A 68 -7.16 4.67 -2.24
N ASP A 69 -7.87 3.68 -2.83
CA ASP A 69 -8.75 2.77 -2.08
C ASP A 69 -7.98 1.56 -1.51
N ILE A 70 -6.63 1.56 -1.62
CA ILE A 70 -5.80 0.45 -1.11
C ILE A 70 -4.38 0.97 -0.73
N VAL A 71 -3.89 0.54 0.46
CA VAL A 71 -2.50 0.74 0.91
C VAL A 71 -2.02 -0.48 1.74
N PHE A 72 -0.72 -0.82 1.66
CA PHE A 72 -0.08 -1.80 2.57
C PHE A 72 0.82 -1.03 3.55
N SER A 73 0.40 -0.90 4.83
CA SER A 73 1.22 -0.27 5.88
C SER A 73 0.67 -0.63 7.27
N GLU A 74 1.55 -1.14 8.17
CA GLU A 74 1.21 -1.30 9.60
C GLU A 74 1.72 -0.09 10.40
N ASN A 75 0.81 0.54 11.16
CA ASN A 75 1.14 1.60 12.13
C ASN A 75 -0.14 1.93 12.91
N ARG A 76 -0.02 2.26 14.21
CA ARG A 76 -1.19 2.53 15.05
C ARG A 76 -1.82 3.89 14.73
N ASP A 77 -1.02 4.94 14.84
CA ASP A 77 -1.50 6.33 14.68
C ASP A 77 -1.89 6.59 13.22
N ILE A 78 -0.93 6.32 12.31
CA ILE A 78 -1.06 6.58 10.85
C ILE A 78 -2.30 5.88 10.25
N ALA A 79 -2.58 4.62 10.66
CA ALA A 79 -3.78 3.89 10.20
C ALA A 79 -5.06 4.68 10.50
N LYS A 80 -5.17 5.14 11.78
CA LYS A 80 -6.33 5.93 12.24
C LYS A 80 -6.39 7.29 11.52
N LYS A 81 -5.21 7.83 11.12
CA LYS A 81 -5.11 9.09 10.37
C LYS A 81 -5.64 8.90 8.94
N ILE A 82 -5.43 7.69 8.36
CA ILE A 82 -5.90 7.38 6.98
C ILE A 82 -7.42 7.12 7.01
N ILE A 83 -7.88 6.37 8.02
CA ILE A 83 -9.28 5.90 8.11
C ILE A 83 -10.27 7.05 8.37
N ARG A 84 -9.86 8.03 9.20
CA ARG A 84 -10.73 9.17 9.57
C ARG A 84 -11.06 10.08 8.36
N LYS A 85 -10.18 10.05 7.33
CA LYS A 85 -10.36 10.80 6.06
C LYS A 85 -10.76 9.87 4.90
N LEU A 86 -10.48 8.56 5.03
CA LEU A 86 -10.81 7.52 4.02
C LEU A 86 -11.48 6.32 4.72
N LYS A 87 -12.81 6.29 4.72
CA LYS A 87 -13.57 5.13 5.20
C LYS A 87 -13.80 4.10 4.07
N ASN A 88 -13.38 4.46 2.84
CA ASN A 88 -13.54 3.60 1.63
C ASN A 88 -12.32 2.69 1.42
N ILE A 89 -11.22 2.94 2.14
CA ILE A 89 -9.92 2.31 1.87
C ILE A 89 -9.82 0.92 2.56
N ILE A 90 -9.23 -0.04 1.83
CA ILE A 90 -8.85 -1.35 2.36
C ILE A 90 -7.33 -1.28 2.69
N ILE A 91 -7.00 -1.41 3.98
CA ILE A 91 -5.60 -1.35 4.48
C ILE A 91 -5.17 -2.73 4.99
N LEU A 92 -3.98 -3.19 4.58
CA LEU A 92 -3.36 -4.41 5.11
C LEU A 92 -2.26 -3.99 6.11
N SER A 93 -2.27 -4.64 7.29
CA SER A 93 -1.34 -4.36 8.39
C SER A 93 -0.74 -5.70 8.87
N ASN A 94 0.55 -5.66 9.25
CA ASN A 94 1.28 -6.84 9.80
C ASN A 94 1.07 -6.99 11.32
N ASP A 95 0.05 -6.32 11.88
CA ASP A 95 -0.25 -6.40 13.32
C ASP A 95 -1.77 -6.48 13.54
N GLU A 96 -2.26 -7.67 13.98
CA GLU A 96 -3.70 -7.94 14.18
C GLU A 96 -4.29 -7.13 15.34
N GLN A 97 -3.44 -6.77 16.32
CA GLN A 97 -3.85 -5.96 17.48
C GLN A 97 -4.30 -4.57 17.01
N LEU A 98 -3.63 -4.09 15.95
CA LEU A 98 -3.97 -2.82 15.31
C LEU A 98 -5.21 -3.01 14.39
N VAL A 99 -5.19 -4.10 13.59
CA VAL A 99 -6.24 -4.41 12.59
C VAL A 99 -7.65 -4.40 13.24
N LYS A 100 -7.77 -5.07 14.40
CA LYS A 100 -9.03 -5.15 15.14
C LYS A 100 -9.50 -3.76 15.61
N GLU A 101 -8.54 -2.90 16.06
CA GLU A 101 -8.82 -1.53 16.56
C GLU A 101 -9.61 -0.74 15.52
N LEU A 102 -9.09 -0.72 14.28
CA LEU A 102 -9.68 0.04 13.16
C LEU A 102 -11.03 -0.55 12.73
N GLN A 103 -11.21 -1.87 12.89
CA GLN A 103 -12.50 -2.53 12.58
C GLN A 103 -13.54 -2.36 13.70
N LYS A 104 -13.10 -1.95 14.91
CA LYS A 104 -14.00 -1.70 16.06
C LYS A 104 -14.40 -0.22 16.13
N GLU A 105 -13.43 0.69 15.89
CA GLU A 105 -13.65 2.15 16.00
C GLU A 105 -14.33 2.68 14.73
N ALA A 106 -13.98 2.08 13.57
CA ALA A 106 -14.59 2.38 12.27
C ALA A 106 -15.52 1.25 11.84
N SER A 107 -16.50 1.56 10.99
CA SER A 107 -17.50 0.62 10.49
C SER A 107 -17.23 0.27 9.01
N ASP A 108 -17.03 1.32 8.19
CA ASP A 108 -16.86 1.20 6.73
C ASP A 108 -15.44 0.70 6.37
N ALA A 109 -14.48 0.97 7.27
CA ALA A 109 -13.05 0.65 7.07
C ALA A 109 -12.83 -0.86 6.93
N ARG A 110 -12.12 -1.25 5.85
CA ARG A 110 -11.86 -2.67 5.53
C ARG A 110 -10.39 -2.97 5.81
N VAL A 111 -10.07 -3.35 7.06
CA VAL A 111 -8.67 -3.57 7.49
C VAL A 111 -8.45 -5.09 7.73
N PHE A 112 -7.32 -5.64 7.23
CA PHE A 112 -7.01 -7.09 7.32
C PHE A 112 -5.54 -7.31 7.72
N ASN A 113 -5.29 -8.39 8.49
CA ASN A 113 -3.94 -8.76 8.95
C ASN A 113 -3.29 -9.74 7.96
N VAL A 114 -2.06 -9.42 7.53
CA VAL A 114 -1.24 -10.32 6.70
C VAL A 114 0.09 -10.63 7.43
N GLN A 115 0.30 -11.92 7.71
CA GLN A 115 1.51 -12.43 8.39
C GLN A 115 2.35 -13.22 7.39
N THR A 116 1.78 -14.33 6.92
CA THR A 116 2.43 -15.24 5.97
C THR A 116 1.69 -15.20 4.62
N LYS A 117 2.20 -15.95 3.64
CA LYS A 117 1.77 -15.89 2.23
C LYS A 117 0.31 -16.31 2.04
N GLN A 118 -0.21 -17.21 2.90
CA GLN A 118 -1.58 -17.75 2.76
C GLN A 118 -2.66 -16.69 3.10
N ASP A 119 -2.27 -15.62 3.84
CA ASP A 119 -3.16 -14.49 4.14
C ASP A 119 -3.40 -13.64 2.87
N PHE A 120 -2.29 -13.39 2.15
CA PHE A 120 -2.31 -12.65 0.88
C PHE A 120 -3.06 -13.47 -0.19
N LYS A 121 -2.75 -14.77 -0.27
CA LYS A 121 -3.42 -15.73 -1.18
C LYS A 121 -4.94 -15.82 -0.90
N ASP A 122 -5.30 -15.75 0.40
CA ASP A 122 -6.69 -15.83 0.88
C ASP A 122 -7.55 -14.73 0.27
N LEU A 123 -7.08 -13.48 0.43
CA LEU A 123 -7.81 -12.29 -0.02
C LEU A 123 -7.72 -12.11 -1.55
N ILE A 124 -6.57 -12.49 -2.15
CA ILE A 124 -6.32 -12.31 -3.61
C ILE A 124 -7.15 -13.30 -4.47
N GLU A 125 -7.42 -14.49 -3.91
CA GLU A 125 -8.14 -15.57 -4.64
C GLU A 125 -9.66 -15.24 -4.80
N LYS A 126 -10.17 -14.27 -4.01
CA LYS A 126 -11.55 -13.72 -4.16
C LYS A 126 -11.52 -12.24 -4.63
N ILE A 127 -10.83 -11.39 -3.84
CA ILE A 127 -10.72 -9.94 -4.11
C ILE A 127 -9.50 -9.69 -5.02
N LEU A 128 -9.71 -9.01 -6.15
CA LEU A 128 -8.71 -8.81 -7.23
C LEU A 128 -8.40 -10.15 -7.94
N GLU A 129 -9.34 -11.09 -7.88
CA GLU A 129 -9.21 -12.45 -8.45
C GLU A 129 -9.07 -12.40 -9.99
N HIS A 130 -7.86 -12.71 -10.51
CA HIS A 130 -7.57 -12.77 -11.96
C HIS A 130 -8.20 -14.04 -12.58
N HIS A 131 -8.47 -14.00 -13.90
CA HIS A 131 -8.98 -15.16 -14.66
C HIS A 131 -7.98 -16.33 -14.54
N HIS A 132 -8.48 -17.49 -14.06
CA HIS A 132 -7.68 -18.67 -13.64
C HIS A 132 -6.57 -19.06 -14.66
N HIS A 133 -6.95 -19.08 -15.93
CA HIS A 133 -6.01 -19.32 -17.04
C HIS A 133 -5.61 -17.98 -17.66
N HIS A 134 -4.31 -17.75 -17.79
CA HIS A 134 -3.77 -16.56 -18.47
C HIS A 134 -3.12 -16.96 -19.79
N HIS A 135 -3.63 -16.39 -20.89
CA HIS A 135 -3.06 -16.57 -22.24
C HIS A 135 -1.75 -15.76 -22.39
N MET A 1 -8.24 2.11 -13.34
CA MET A 1 -7.55 1.16 -12.45
C MET A 1 -7.69 1.60 -10.98
N ARG A 2 -7.59 0.61 -10.07
CA ARG A 2 -7.61 0.84 -8.61
C ARG A 2 -6.17 1.09 -8.14
N ILE A 3 -5.91 2.30 -7.60
CA ILE A 3 -4.55 2.72 -7.23
C ILE A 3 -4.18 2.20 -5.81
N ILE A 4 -3.34 1.16 -5.81
CA ILE A 4 -2.82 0.53 -4.61
C ILE A 4 -1.56 1.28 -4.15
N VAL A 5 -1.66 2.01 -3.05
CA VAL A 5 -0.54 2.81 -2.53
C VAL A 5 0.43 1.89 -1.76
N ILE A 6 1.60 1.68 -2.38
CA ILE A 6 2.67 0.84 -1.85
C ILE A 6 3.59 1.69 -0.94
N ILE A 7 3.37 1.61 0.38
CA ILE A 7 4.22 2.26 1.39
C ILE A 7 5.41 1.34 1.71
N VAL A 8 6.61 1.70 1.24
CA VAL A 8 7.85 0.96 1.55
C VAL A 8 8.76 1.85 2.40
N THR A 9 9.24 1.29 3.52
CA THR A 9 10.16 1.98 4.44
C THR A 9 11.57 1.39 4.29
N ASP A 10 11.70 0.10 4.63
CA ASP A 10 12.95 -0.68 4.46
C ASP A 10 12.61 -2.02 3.80
N GLU A 11 11.41 -2.53 4.11
CA GLU A 11 10.89 -3.79 3.58
C GLU A 11 10.42 -3.59 2.13
N GLN A 12 11.30 -3.94 1.18
CA GLN A 12 11.02 -3.88 -0.27
C GLN A 12 10.01 -4.97 -0.62
N LYS A 13 8.71 -4.63 -0.51
CA LYS A 13 7.56 -5.56 -0.68
C LYS A 13 7.27 -5.81 -2.18
N ILE A 14 8.22 -6.52 -2.82
CA ILE A 14 8.24 -6.84 -4.26
C ILE A 14 8.75 -8.29 -4.44
N GLU A 15 8.53 -8.88 -5.62
CA GLU A 15 8.99 -10.25 -5.96
C GLU A 15 9.54 -10.30 -7.40
N ASP A 16 10.66 -9.59 -7.63
CA ASP A 16 11.29 -9.45 -8.98
C ASP A 16 10.28 -8.88 -10.00
N MET A 17 10.15 -7.56 -10.00
CA MET A 17 9.13 -6.87 -10.82
C MET A 17 9.55 -5.42 -11.15
N TRP A 18 10.85 -5.10 -10.98
CA TRP A 18 11.38 -3.73 -11.13
C TRP A 18 11.30 -3.24 -12.61
N GLU A 19 11.34 -4.22 -13.54
CA GLU A 19 11.19 -3.98 -14.99
C GLU A 19 9.71 -3.66 -15.33
N ILE A 20 8.80 -4.60 -14.99
CA ILE A 20 7.36 -4.48 -15.33
C ILE A 20 6.67 -3.34 -14.53
N LEU A 21 7.33 -2.94 -13.42
CA LEU A 21 6.86 -1.89 -12.51
C LEU A 21 6.58 -0.58 -13.27
N LYS A 22 7.43 -0.26 -14.27
CA LYS A 22 7.31 1.00 -15.05
C LYS A 22 6.09 0.97 -16.00
N GLU A 23 5.75 -0.21 -16.55
CA GLU A 23 4.69 -0.32 -17.57
C GLU A 23 3.31 -0.51 -16.92
N ILE A 24 3.12 -1.67 -16.26
CA ILE A 24 1.83 -2.08 -15.69
C ILE A 24 1.70 -1.62 -14.23
N GLY A 25 2.84 -1.67 -13.51
CA GLY A 25 2.90 -1.36 -12.09
C GLY A 25 2.36 0.03 -11.76
N VAL A 26 3.02 1.07 -12.31
CA VAL A 26 2.76 2.49 -11.95
C VAL A 26 1.31 2.93 -12.20
N ASP A 27 0.67 2.29 -13.19
CA ASP A 27 -0.68 2.65 -13.66
C ASP A 27 -1.76 2.24 -12.63
N ARG A 28 -1.43 1.22 -11.80
CA ARG A 28 -2.35 0.70 -10.78
C ARG A 28 -1.75 0.80 -9.36
N ILE A 29 -0.52 1.34 -9.23
CA ILE A 29 0.12 1.54 -7.90
C ILE A 29 0.68 2.96 -7.77
N VAL A 30 0.85 3.41 -6.52
CA VAL A 30 1.53 4.67 -6.19
C VAL A 30 2.69 4.36 -5.21
N ILE A 31 3.90 4.84 -5.54
CA ILE A 31 5.09 4.72 -4.66
C ILE A 31 5.13 5.94 -3.72
N ILE A 32 4.93 5.70 -2.42
CA ILE A 32 5.04 6.73 -1.37
C ILE A 32 6.03 6.24 -0.30
N THR A 33 7.08 7.04 -0.05
CA THR A 33 8.20 6.66 0.82
C THR A 33 8.84 7.92 1.47
N SER A 34 9.76 7.67 2.41
CA SER A 34 10.58 8.71 3.06
C SER A 34 12.08 8.36 2.99
N ASN A 35 12.41 7.21 2.35
CA ASN A 35 13.80 6.81 2.02
C ASN A 35 14.16 7.35 0.63
N LYS A 36 15.39 7.85 0.49
CA LYS A 36 15.91 8.37 -0.77
C LYS A 36 16.24 7.22 -1.74
N GLN A 37 16.92 6.18 -1.20
CA GLN A 37 17.53 5.06 -1.96
C GLN A 37 16.61 4.48 -3.07
N LEU A 38 15.38 4.11 -2.68
CA LEU A 38 14.43 3.44 -3.56
C LEU A 38 13.64 4.46 -4.40
N ALA A 39 13.55 5.71 -3.91
CA ALA A 39 12.87 6.81 -4.62
C ALA A 39 13.67 7.21 -5.88
N GLU A 40 15.01 7.12 -5.76
CA GLU A 40 15.91 7.35 -6.89
C GLU A 40 15.86 6.14 -7.83
N ARG A 41 15.90 4.94 -7.23
CA ARG A 41 15.92 3.67 -7.97
C ARG A 41 14.59 3.44 -8.74
N ALA A 42 13.49 4.01 -8.19
CA ALA A 42 12.16 3.93 -8.80
C ALA A 42 12.03 4.91 -9.97
N LYS A 43 12.45 6.17 -9.75
CA LYS A 43 12.35 7.23 -10.79
C LYS A 43 13.22 6.89 -12.02
N GLU A 44 14.33 6.15 -11.79
CA GLU A 44 15.25 5.72 -12.87
C GLU A 44 14.67 4.54 -13.66
N LEU A 45 13.99 3.59 -12.97
CA LEU A 45 13.32 2.46 -13.65
C LEU A 45 12.18 3.00 -14.55
N GLY A 46 11.49 4.04 -14.05
CA GLY A 46 10.40 4.70 -14.81
C GLY A 46 9.11 4.84 -14.03
N VAL A 47 9.20 4.95 -12.69
CA VAL A 47 8.03 5.28 -11.85
C VAL A 47 7.89 6.81 -11.76
N ASP A 48 6.75 7.32 -12.25
CA ASP A 48 6.43 8.76 -12.21
C ASP A 48 5.72 9.12 -10.89
N ARG A 49 4.83 8.22 -10.42
CA ARG A 49 4.02 8.44 -9.21
C ARG A 49 4.86 8.13 -7.95
N ILE A 50 5.72 9.10 -7.58
CA ILE A 50 6.60 9.02 -6.40
C ILE A 50 6.35 10.23 -5.50
N PHE A 51 5.83 9.98 -4.31
CA PHE A 51 5.68 10.99 -3.27
C PHE A 51 6.76 10.72 -2.22
N LEU A 52 7.78 11.56 -2.24
CA LEU A 52 8.91 11.50 -1.32
C LEU A 52 8.70 12.59 -0.26
N LEU A 53 8.33 12.16 0.94
CA LEU A 53 8.03 13.04 2.07
C LEU A 53 8.47 12.34 3.37
N THR A 54 9.29 13.03 4.17
CA THR A 54 9.76 12.50 5.46
C THR A 54 8.66 12.54 6.54
N ASP A 55 7.52 13.19 6.21
CA ASP A 55 6.37 13.34 7.12
C ASP A 55 5.62 12.01 7.26
N ASP A 56 5.04 11.78 8.46
CA ASP A 56 4.33 10.54 8.81
C ASP A 56 2.83 10.64 8.47
N GLU A 57 2.23 11.79 8.82
CA GLU A 57 0.76 11.97 8.82
C GLU A 57 0.29 12.42 7.45
N LEU A 58 1.17 13.10 6.73
CA LEU A 58 0.88 13.75 5.45
C LEU A 58 0.63 12.71 4.34
N ILE A 59 1.15 11.46 4.51
CA ILE A 59 0.92 10.36 3.54
C ILE A 59 -0.58 10.00 3.48
N ALA A 60 -1.29 10.22 4.60
CA ALA A 60 -2.75 10.05 4.69
C ALA A 60 -3.49 11.12 3.86
N GLU A 61 -2.91 12.34 3.82
CA GLU A 61 -3.45 13.47 3.02
C GLU A 61 -3.11 13.28 1.53
N ILE A 62 -1.99 12.58 1.25
CA ILE A 62 -1.58 12.26 -0.12
C ILE A 62 -2.60 11.27 -0.72
N VAL A 63 -2.87 10.16 0.02
CA VAL A 63 -3.82 9.13 -0.44
C VAL A 63 -5.27 9.67 -0.49
N LYS A 64 -5.54 10.72 0.32
CA LYS A 64 -6.81 11.46 0.27
C LYS A 64 -6.97 12.18 -1.10
N LYS A 65 -5.93 12.95 -1.47
CA LYS A 65 -5.86 13.73 -2.72
C LYS A 65 -5.92 12.78 -3.94
N LEU A 66 -5.22 11.64 -3.84
CA LEU A 66 -5.20 10.60 -4.90
C LEU A 66 -6.57 9.92 -5.04
N GLY A 67 -7.30 9.83 -3.91
CA GLY A 67 -8.55 9.09 -3.85
C GLY A 67 -8.29 7.59 -3.86
N ALA A 68 -7.29 7.18 -3.06
CA ALA A 68 -6.86 5.78 -2.93
C ALA A 68 -7.97 4.94 -2.26
N ASP A 69 -8.34 3.87 -2.94
CA ASP A 69 -9.37 2.91 -2.48
C ASP A 69 -8.71 1.80 -1.64
N ILE A 70 -7.37 1.66 -1.78
CA ILE A 70 -6.58 0.61 -1.09
C ILE A 70 -5.12 1.09 -0.86
N VAL A 71 -4.56 0.71 0.30
CA VAL A 71 -3.17 1.01 0.68
C VAL A 71 -2.57 -0.18 1.46
N PHE A 72 -1.28 -0.46 1.25
CA PHE A 72 -0.54 -1.43 2.08
C PHE A 72 0.41 -0.65 3.00
N SER A 73 0.10 -0.61 4.32
CA SER A 73 0.90 0.14 5.31
C SER A 73 0.95 -0.63 6.64
N GLU A 74 2.16 -0.86 7.15
CA GLU A 74 2.37 -1.34 8.52
C GLU A 74 2.67 -0.12 9.43
N ASN A 75 1.72 0.19 10.35
CA ASN A 75 1.81 1.33 11.30
C ASN A 75 0.55 1.34 12.19
N ARG A 76 0.69 1.72 13.48
CA ARG A 76 -0.43 1.79 14.43
C ARG A 76 -1.21 3.12 14.33
N ASP A 77 -0.47 4.23 14.53
CA ASP A 77 -1.07 5.57 14.71
C ASP A 77 -1.62 6.12 13.39
N ILE A 78 -0.76 6.14 12.35
CA ILE A 78 -1.09 6.69 11.02
C ILE A 78 -2.30 5.95 10.41
N ALA A 79 -2.37 4.61 10.63
CA ALA A 79 -3.49 3.76 10.14
C ALA A 79 -4.85 4.32 10.57
N LYS A 80 -5.00 4.55 11.89
CA LYS A 80 -6.23 5.12 12.49
C LYS A 80 -6.53 6.52 11.94
N LYS A 81 -5.48 7.27 11.61
CA LYS A 81 -5.57 8.65 11.12
C LYS A 81 -5.86 8.72 9.60
N ILE A 82 -5.61 7.59 8.88
CA ILE A 82 -6.08 7.43 7.49
C ILE A 82 -7.58 7.03 7.51
N ILE A 83 -7.94 6.19 8.50
CA ILE A 83 -9.29 5.62 8.65
C ILE A 83 -10.34 6.71 9.01
N ARG A 84 -9.97 7.62 9.91
CA ARG A 84 -10.90 8.67 10.41
C ARG A 84 -11.24 9.71 9.34
N LYS A 85 -10.32 9.94 8.38
CA LYS A 85 -10.56 10.84 7.23
C LYS A 85 -11.13 10.07 6.03
N LEU A 86 -10.73 8.80 5.89
CA LEU A 86 -11.10 7.94 4.75
C LEU A 86 -11.61 6.59 5.25
N LYS A 87 -12.93 6.42 5.19
CA LYS A 87 -13.57 5.11 5.44
C LYS A 87 -13.73 4.32 4.14
N ASN A 88 -13.54 5.02 3.01
CA ASN A 88 -13.68 4.45 1.66
C ASN A 88 -12.44 3.60 1.27
N ILE A 89 -11.38 3.68 2.09
CA ILE A 89 -10.10 2.99 1.86
C ILE A 89 -10.03 1.69 2.70
N ILE A 90 -9.34 0.66 2.16
CA ILE A 90 -9.01 -0.57 2.88
C ILE A 90 -7.48 -0.60 3.10
N ILE A 91 -7.06 -0.68 4.37
CA ILE A 91 -5.64 -0.72 4.75
C ILE A 91 -5.23 -2.16 5.07
N LEU A 92 -4.09 -2.60 4.54
CA LEU A 92 -3.48 -3.89 4.86
C LEU A 92 -2.38 -3.66 5.90
N SER A 93 -2.52 -4.28 7.08
CA SER A 93 -1.56 -4.16 8.20
C SER A 93 -1.25 -5.55 8.77
N ASN A 94 -0.01 -5.72 9.26
CA ASN A 94 0.48 -7.00 9.82
C ASN A 94 -0.02 -7.19 11.27
N ASP A 95 0.06 -6.12 12.09
CA ASP A 95 -0.30 -6.16 13.51
C ASP A 95 -1.80 -6.40 13.70
N GLU A 96 -2.16 -7.65 14.09
CA GLU A 96 -3.56 -8.03 14.42
C GLU A 96 -4.11 -7.16 15.55
N GLN A 97 -3.26 -6.96 16.59
CA GLN A 97 -3.57 -6.09 17.73
C GLN A 97 -4.05 -4.69 17.28
N LEU A 98 -3.52 -4.21 16.15
CA LEU A 98 -3.92 -2.93 15.53
C LEU A 98 -5.18 -3.11 14.67
N VAL A 99 -5.18 -4.14 13.79
CA VAL A 99 -6.27 -4.38 12.81
C VAL A 99 -7.64 -4.48 13.50
N LYS A 100 -7.66 -5.18 14.66
CA LYS A 100 -8.89 -5.34 15.44
C LYS A 100 -9.37 -4.03 16.09
N GLU A 101 -8.40 -3.15 16.49
CA GLU A 101 -8.71 -1.77 16.99
C GLU A 101 -9.60 -1.04 15.99
N LEU A 102 -9.18 -1.08 14.72
CA LEU A 102 -9.90 -0.44 13.61
C LEU A 102 -11.21 -1.16 13.30
N GLN A 103 -11.22 -2.49 13.43
CA GLN A 103 -12.45 -3.28 13.21
C GLN A 103 -13.51 -2.95 14.29
N LYS A 104 -13.08 -2.37 15.43
CA LYS A 104 -13.99 -1.91 16.49
C LYS A 104 -14.45 -0.45 16.23
N GLU A 105 -13.49 0.45 15.93
CA GLU A 105 -13.74 1.92 15.92
C GLU A 105 -14.21 2.43 14.55
N ALA A 106 -13.95 1.64 13.49
CA ALA A 106 -14.31 1.99 12.11
C ALA A 106 -15.56 1.21 11.68
N SER A 107 -16.55 1.94 11.16
CA SER A 107 -17.84 1.37 10.72
C SER A 107 -17.73 0.85 9.27
N ASP A 108 -17.55 1.78 8.31
CA ASP A 108 -17.44 1.45 6.87
C ASP A 108 -16.00 1.08 6.49
N ALA A 109 -15.02 1.61 7.25
CA ALA A 109 -13.60 1.43 6.96
C ALA A 109 -13.13 0.01 7.31
N ARG A 110 -12.52 -0.66 6.33
CA ARG A 110 -12.06 -2.04 6.44
C ARG A 110 -10.53 -2.05 6.57
N VAL A 111 -10.01 -2.84 7.50
CA VAL A 111 -8.57 -3.13 7.62
C VAL A 111 -8.40 -4.65 7.62
N PHE A 112 -7.50 -5.16 6.76
CA PHE A 112 -7.25 -6.60 6.64
C PHE A 112 -5.89 -6.94 7.26
N ASN A 113 -5.87 -8.06 7.98
CA ASN A 113 -4.68 -8.56 8.70
C ASN A 113 -3.94 -9.59 7.83
N VAL A 114 -2.60 -9.50 7.85
CA VAL A 114 -1.72 -10.48 7.22
C VAL A 114 -0.68 -10.95 8.28
N GLN A 115 -0.62 -12.26 8.53
CA GLN A 115 0.28 -12.87 9.55
C GLN A 115 0.99 -14.10 8.99
N THR A 116 0.31 -14.85 8.11
CA THR A 116 0.84 -16.09 7.51
C THR A 116 0.65 -16.06 5.98
N LYS A 117 1.27 -17.04 5.28
CA LYS A 117 1.31 -17.10 3.81
C LYS A 117 -0.11 -17.13 3.20
N GLN A 118 -1.04 -17.84 3.89
CA GLN A 118 -2.44 -18.04 3.45
C GLN A 118 -3.15 -16.73 3.08
N ASP A 119 -2.86 -15.65 3.85
CA ASP A 119 -3.53 -14.34 3.68
C ASP A 119 -3.14 -13.74 2.33
N PHE A 120 -1.81 -13.67 2.11
CA PHE A 120 -1.19 -13.08 0.91
C PHE A 120 -1.65 -13.83 -0.36
N LYS A 121 -1.54 -15.16 -0.30
CA LYS A 121 -1.87 -16.08 -1.41
C LYS A 121 -3.36 -15.95 -1.83
N ASP A 122 -4.24 -15.81 -0.82
CA ASP A 122 -5.70 -15.65 -1.02
C ASP A 122 -6.03 -14.29 -1.68
N LEU A 123 -5.32 -13.23 -1.21
CA LEU A 123 -5.48 -11.87 -1.78
C LEU A 123 -5.05 -11.85 -3.25
N ILE A 124 -3.85 -12.40 -3.53
CA ILE A 124 -3.23 -12.38 -4.87
C ILE A 124 -4.04 -13.23 -5.88
N GLU A 125 -4.85 -14.18 -5.36
CA GLU A 125 -5.80 -14.97 -6.18
C GLU A 125 -6.84 -14.06 -6.90
N LYS A 126 -7.25 -12.94 -6.25
CA LYS A 126 -8.23 -11.99 -6.85
C LYS A 126 -7.53 -10.72 -7.41
N ILE A 127 -6.61 -10.11 -6.63
CA ILE A 127 -5.87 -8.88 -7.01
C ILE A 127 -4.45 -9.25 -7.44
N LEU A 128 -3.85 -8.46 -8.36
CA LEU A 128 -2.50 -8.71 -8.97
C LEU A 128 -2.56 -9.86 -10.02
N GLU A 129 -3.26 -10.97 -9.68
CA GLU A 129 -3.65 -12.07 -10.60
C GLU A 129 -2.43 -12.81 -11.20
N HIS A 130 -1.85 -12.22 -12.27
CA HIS A 130 -0.65 -12.77 -12.93
C HIS A 130 0.56 -12.63 -11.99
N HIS A 131 1.13 -13.80 -11.62
CA HIS A 131 2.29 -13.87 -10.71
C HIS A 131 3.57 -13.44 -11.44
N HIS A 132 4.63 -13.21 -10.67
CA HIS A 132 5.91 -12.65 -11.17
C HIS A 132 6.75 -13.73 -11.85
N HIS A 133 6.66 -13.78 -13.20
CA HIS A 133 7.35 -14.78 -14.03
C HIS A 133 7.63 -14.19 -15.43
N HIS A 134 8.92 -13.96 -15.73
CA HIS A 134 9.36 -13.46 -17.06
C HIS A 134 10.28 -14.50 -17.72
N HIS A 135 9.68 -15.60 -18.21
CA HIS A 135 10.37 -16.62 -19.03
C HIS A 135 9.31 -17.49 -19.75
N MET A 1 -9.31 4.40 -11.93
CA MET A 1 -7.86 4.28 -11.67
C MET A 1 -7.65 3.78 -10.24
N ARG A 2 -7.71 2.45 -10.06
CA ARG A 2 -7.50 1.81 -8.76
C ARG A 2 -5.99 1.71 -8.49
N ILE A 3 -5.47 2.81 -7.95
CA ILE A 3 -4.04 2.98 -7.67
C ILE A 3 -3.67 2.36 -6.30
N ILE A 4 -2.67 1.46 -6.33
CA ILE A 4 -2.18 0.74 -5.16
C ILE A 4 -0.99 1.51 -4.58
N VAL A 5 -1.17 2.11 -3.40
CA VAL A 5 -0.09 2.84 -2.73
C VAL A 5 0.85 1.85 -2.03
N ILE A 6 2.05 1.74 -2.61
CA ILE A 6 3.13 0.90 -2.10
C ILE A 6 3.92 1.69 -1.04
N ILE A 7 3.61 1.42 0.24
CA ILE A 7 4.45 1.83 1.37
C ILE A 7 5.44 0.68 1.61
N VAL A 8 6.73 1.00 1.68
CA VAL A 8 7.79 0.00 1.90
C VAL A 8 8.23 0.05 3.37
N THR A 9 8.31 -1.13 3.99
CA THR A 9 8.75 -1.29 5.38
C THR A 9 9.69 -2.51 5.47
N ASP A 10 10.53 -2.65 4.42
CA ASP A 10 11.55 -3.71 4.26
C ASP A 10 10.89 -5.10 4.20
N GLU A 11 10.38 -5.42 3.00
CA GLU A 11 9.56 -6.62 2.74
C GLU A 11 10.21 -7.46 1.62
N GLN A 12 9.97 -8.77 1.68
CA GLN A 12 10.49 -9.75 0.68
C GLN A 12 9.35 -10.17 -0.28
N LYS A 13 9.65 -11.16 -1.15
CA LYS A 13 8.72 -11.66 -2.22
C LYS A 13 8.43 -10.54 -3.25
N ILE A 14 9.37 -9.59 -3.37
CA ILE A 14 9.38 -8.58 -4.45
C ILE A 14 10.03 -9.23 -5.71
N GLU A 15 9.33 -10.27 -6.22
CA GLU A 15 9.87 -11.30 -7.14
C GLU A 15 10.25 -10.72 -8.52
N ASP A 16 11.45 -10.09 -8.55
CA ASP A 16 12.05 -9.42 -9.72
C ASP A 16 11.06 -8.44 -10.41
N MET A 17 10.09 -7.93 -9.61
CA MET A 17 8.91 -7.17 -10.10
C MET A 17 9.27 -5.73 -10.52
N TRP A 18 10.55 -5.36 -10.36
CA TRP A 18 11.05 -4.01 -10.68
C TRP A 18 10.99 -3.73 -12.21
N GLU A 19 11.01 -4.80 -13.02
CA GLU A 19 10.95 -4.70 -14.49
C GLU A 19 9.51 -4.46 -14.97
N ILE A 20 8.57 -5.32 -14.51
CA ILE A 20 7.11 -5.20 -14.83
C ILE A 20 6.53 -3.92 -14.19
N LEU A 21 7.22 -3.42 -13.15
CA LEU A 21 6.90 -2.15 -12.48
C LEU A 21 6.87 -1.00 -13.50
N LYS A 22 7.82 -0.99 -14.47
CA LYS A 22 7.89 0.11 -15.46
C LYS A 22 6.80 -0.06 -16.55
N GLU A 23 6.33 -1.31 -16.74
CA GLU A 23 5.38 -1.63 -17.83
C GLU A 23 3.92 -1.43 -17.38
N ILE A 24 3.47 -2.27 -16.42
CA ILE A 24 2.10 -2.24 -15.87
C ILE A 24 2.06 -1.36 -14.60
N GLY A 25 3.10 -1.50 -13.77
CA GLY A 25 3.12 -0.95 -12.40
C GLY A 25 2.87 0.55 -12.34
N VAL A 26 3.67 1.33 -13.10
CA VAL A 26 3.65 2.82 -13.05
C VAL A 26 2.25 3.41 -13.37
N ASP A 27 1.43 2.64 -14.09
CA ASP A 27 0.08 3.05 -14.51
C ASP A 27 -0.90 3.04 -13.33
N ARG A 28 -0.69 2.12 -12.38
CA ARG A 28 -1.67 1.82 -11.31
C ARG A 28 -1.01 1.58 -9.92
N ILE A 29 0.22 2.08 -9.71
CA ILE A 29 0.87 2.09 -8.36
C ILE A 29 1.31 3.53 -8.01
N VAL A 30 1.45 3.76 -6.70
CA VAL A 30 1.98 5.01 -6.13
C VAL A 30 3.15 4.66 -5.21
N ILE A 31 4.32 5.26 -5.45
CA ILE A 31 5.49 5.13 -4.58
C ILE A 31 5.40 6.22 -3.51
N ILE A 32 5.10 5.85 -2.26
CA ILE A 32 5.15 6.77 -1.10
C ILE A 32 6.13 6.19 -0.08
N THR A 33 7.23 6.90 0.14
CA THR A 33 8.33 6.44 0.99
C THR A 33 9.08 7.63 1.62
N SER A 34 9.90 7.32 2.63
CA SER A 34 10.83 8.29 3.26
C SER A 34 12.29 7.93 2.89
N ASN A 35 12.46 6.72 2.32
CA ASN A 35 13.74 6.20 1.84
C ASN A 35 14.01 6.75 0.43
N LYS A 36 15.06 7.57 0.30
CA LYS A 36 15.46 8.18 -0.97
C LYS A 36 15.99 7.14 -1.96
N GLN A 37 16.54 6.03 -1.42
CA GLN A 37 17.13 4.92 -2.21
C GLN A 37 16.18 4.43 -3.34
N LEU A 38 14.92 4.09 -2.99
CA LEU A 38 13.96 3.55 -3.96
C LEU A 38 13.23 4.69 -4.70
N ALA A 39 13.21 5.89 -4.09
CA ALA A 39 12.60 7.10 -4.70
C ALA A 39 13.46 7.64 -5.85
N GLU A 40 14.79 7.52 -5.72
CA GLU A 40 15.78 7.89 -6.76
C GLU A 40 15.76 6.83 -7.86
N ARG A 41 15.72 5.57 -7.40
CA ARG A 41 15.63 4.39 -8.27
C ARG A 41 14.31 4.44 -9.09
N ALA A 42 13.26 5.03 -8.47
CA ALA A 42 11.94 5.19 -9.07
C ALA A 42 11.94 6.32 -10.12
N LYS A 43 12.50 7.49 -9.76
CA LYS A 43 12.47 8.69 -10.63
C LYS A 43 13.37 8.52 -11.86
N GLU A 44 14.43 7.72 -11.72
CA GLU A 44 15.34 7.36 -12.81
C GLU A 44 14.81 6.14 -13.60
N LEU A 45 13.95 5.31 -12.97
CA LEU A 45 13.18 4.26 -13.68
C LEU A 45 12.15 4.94 -14.61
N GLY A 46 11.57 6.06 -14.12
CA GLY A 46 10.50 6.74 -14.83
C GLY A 46 9.11 6.42 -14.28
N VAL A 47 9.02 6.16 -12.96
CA VAL A 47 7.73 5.93 -12.27
C VAL A 47 6.87 7.20 -12.32
N ASP A 48 5.57 7.00 -12.50
CA ASP A 48 4.61 8.08 -12.73
C ASP A 48 4.24 8.82 -11.42
N ARG A 49 3.75 8.07 -10.41
CA ARG A 49 3.43 8.62 -9.07
C ARG A 49 4.58 8.32 -8.09
N ILE A 50 5.34 9.38 -7.71
CA ILE A 50 6.45 9.31 -6.74
C ILE A 50 6.27 10.41 -5.69
N PHE A 51 6.29 10.01 -4.41
CA PHE A 51 6.17 10.91 -3.26
C PHE A 51 7.26 10.54 -2.23
N LEU A 52 8.27 11.41 -2.11
CA LEU A 52 9.36 11.24 -1.13
C LEU A 52 9.17 12.28 -0.02
N LEU A 53 8.66 11.81 1.12
CA LEU A 53 8.33 12.64 2.29
C LEU A 53 8.54 11.82 3.57
N THR A 54 8.90 12.49 4.68
CA THR A 54 9.10 11.84 5.99
C THR A 54 7.94 12.20 6.95
N ASP A 55 6.87 12.76 6.37
CA ASP A 55 5.73 13.35 7.09
C ASP A 55 4.65 12.28 7.34
N ASP A 56 4.55 11.81 8.59
CA ASP A 56 3.52 10.84 9.03
C ASP A 56 2.09 11.44 8.93
N GLU A 57 2.02 12.77 8.92
CA GLU A 57 0.76 13.49 8.67
C GLU A 57 0.39 13.39 7.18
N LEU A 58 1.31 13.91 6.33
CA LEU A 58 1.05 14.16 4.91
C LEU A 58 0.85 12.86 4.11
N ILE A 59 1.45 11.72 4.54
CA ILE A 59 1.28 10.41 3.83
C ILE A 59 -0.21 10.02 3.72
N ALA A 60 -0.98 10.35 4.78
CA ALA A 60 -2.43 10.11 4.82
C ALA A 60 -3.18 11.12 3.94
N GLU A 61 -2.63 12.35 3.88
CA GLU A 61 -3.19 13.46 3.08
C GLU A 61 -2.95 13.20 1.57
N ILE A 62 -1.81 12.56 1.23
CA ILE A 62 -1.42 12.27 -0.15
C ILE A 62 -2.39 11.21 -0.71
N VAL A 63 -2.52 10.06 -0.01
CA VAL A 63 -3.40 8.95 -0.43
C VAL A 63 -4.90 9.41 -0.51
N LYS A 64 -5.27 10.38 0.37
CA LYS A 64 -6.61 11.01 0.37
C LYS A 64 -6.83 11.79 -0.92
N LYS A 65 -5.85 12.66 -1.23
CA LYS A 65 -5.90 13.60 -2.37
C LYS A 65 -5.89 12.83 -3.70
N LEU A 66 -5.12 11.73 -3.73
CA LEU A 66 -5.01 10.83 -4.89
C LEU A 66 -6.31 10.04 -5.10
N GLY A 67 -7.00 9.75 -3.99
CA GLY A 67 -8.22 8.95 -4.01
C GLY A 67 -7.92 7.46 -4.01
N ALA A 68 -6.82 7.11 -3.32
CA ALA A 68 -6.36 5.72 -3.17
C ALA A 68 -7.39 4.87 -2.40
N ASP A 69 -7.87 3.82 -3.05
CA ASP A 69 -8.87 2.89 -2.48
C ASP A 69 -8.19 1.74 -1.75
N ILE A 70 -6.86 1.60 -1.93
CA ILE A 70 -6.08 0.48 -1.39
C ILE A 70 -4.64 0.94 -1.10
N VAL A 71 -4.14 0.56 0.08
CA VAL A 71 -2.75 0.79 0.52
C VAL A 71 -2.28 -0.42 1.36
N PHE A 72 -0.99 -0.77 1.24
CA PHE A 72 -0.33 -1.69 2.17
C PHE A 72 0.43 -0.84 3.18
N SER A 73 -0.02 -0.82 4.44
CA SER A 73 0.64 -0.02 5.48
C SER A 73 0.42 -0.65 6.87
N GLU A 74 1.53 -0.84 7.58
CA GLU A 74 1.57 -1.27 8.97
C GLU A 74 1.52 -0.04 9.90
N ASN A 75 1.48 -0.34 11.22
CA ASN A 75 1.68 0.61 12.34
C ASN A 75 0.35 1.07 12.94
N ARG A 76 0.35 1.14 14.27
CA ARG A 76 -0.84 1.38 15.09
C ARG A 76 -1.47 2.74 14.78
N ASP A 77 -0.65 3.80 14.91
CA ASP A 77 -1.10 5.18 14.70
C ASP A 77 -1.36 5.45 13.21
N ILE A 78 -0.38 5.09 12.35
CA ILE A 78 -0.36 5.46 10.90
C ILE A 78 -1.63 4.98 10.17
N ALA A 79 -2.05 3.73 10.47
CA ALA A 79 -3.30 3.14 9.92
C ALA A 79 -4.50 4.07 10.22
N LYS A 80 -4.64 4.46 11.50
CA LYS A 80 -5.77 5.28 11.97
C LYS A 80 -5.66 6.75 11.47
N LYS A 81 -4.42 7.20 11.13
CA LYS A 81 -4.17 8.53 10.52
C LYS A 81 -4.82 8.59 9.12
N ILE A 82 -4.79 7.43 8.42
CA ILE A 82 -5.41 7.28 7.08
C ILE A 82 -6.93 7.03 7.22
N ILE A 83 -7.33 6.21 8.21
CA ILE A 83 -8.72 5.78 8.42
C ILE A 83 -9.64 6.95 8.81
N ARG A 84 -9.13 7.88 9.65
CA ARG A 84 -9.95 9.00 10.21
C ARG A 84 -10.53 9.91 9.11
N LYS A 85 -9.88 9.93 7.94
CA LYS A 85 -10.31 10.69 6.75
C LYS A 85 -10.91 9.76 5.67
N LEU A 86 -10.38 8.53 5.56
CA LEU A 86 -10.74 7.56 4.48
C LEU A 86 -11.39 6.30 5.07
N LYS A 87 -12.65 6.01 4.68
CA LYS A 87 -13.43 4.87 5.20
C LYS A 87 -13.46 3.73 4.17
N ASN A 88 -13.68 4.11 2.90
CA ASN A 88 -13.79 3.16 1.77
C ASN A 88 -12.42 2.67 1.26
N ILE A 89 -11.34 2.95 2.01
CA ILE A 89 -10.00 2.44 1.73
C ILE A 89 -9.80 1.08 2.44
N ILE A 90 -9.10 0.15 1.78
CA ILE A 90 -8.75 -1.16 2.35
C ILE A 90 -7.22 -1.15 2.64
N ILE A 91 -6.87 -1.27 3.93
CA ILE A 91 -5.47 -1.19 4.40
C ILE A 91 -5.05 -2.56 4.99
N LEU A 92 -3.95 -3.14 4.48
CA LEU A 92 -3.35 -4.36 5.06
C LEU A 92 -2.39 -3.96 6.18
N SER A 93 -2.63 -4.46 7.40
CA SER A 93 -1.77 -4.23 8.58
C SER A 93 -1.39 -5.59 9.20
N ASN A 94 -0.10 -5.74 9.53
CA ASN A 94 0.46 -6.99 10.13
C ASN A 94 0.26 -7.03 11.65
N ASP A 95 -0.13 -5.88 12.22
CA ASP A 95 -0.50 -5.78 13.64
C ASP A 95 -1.97 -6.19 13.80
N GLU A 96 -2.23 -7.44 14.20
CA GLU A 96 -3.61 -7.94 14.44
C GLU A 96 -4.24 -7.27 15.69
N GLN A 97 -3.37 -6.88 16.65
CA GLN A 97 -3.78 -6.09 17.83
C GLN A 97 -4.22 -4.66 17.44
N LEU A 98 -3.85 -4.22 16.23
CA LEU A 98 -4.30 -2.94 15.66
C LEU A 98 -5.62 -3.17 14.88
N VAL A 99 -5.62 -4.16 13.97
CA VAL A 99 -6.73 -4.45 13.03
C VAL A 99 -8.07 -4.62 13.78
N LYS A 100 -8.02 -5.33 14.93
CA LYS A 100 -9.20 -5.57 15.79
C LYS A 100 -9.81 -4.23 16.29
N GLU A 101 -8.93 -3.30 16.74
CA GLU A 101 -9.33 -1.97 17.27
C GLU A 101 -10.18 -1.22 16.24
N LEU A 102 -9.69 -1.20 14.99
CA LEU A 102 -10.36 -0.53 13.85
C LEU A 102 -11.69 -1.21 13.51
N GLN A 103 -11.75 -2.54 13.66
CA GLN A 103 -13.00 -3.30 13.42
C GLN A 103 -14.08 -2.97 14.46
N LYS A 104 -13.67 -2.44 15.64
CA LYS A 104 -14.63 -2.02 16.70
C LYS A 104 -15.03 -0.54 16.55
N GLU A 105 -14.02 0.34 16.37
CA GLU A 105 -14.23 1.81 16.43
C GLU A 105 -14.72 2.37 15.08
N ALA A 106 -14.25 1.78 13.99
CA ALA A 106 -14.59 2.17 12.62
C ALA A 106 -15.54 1.13 12.00
N SER A 107 -16.76 1.56 11.64
CA SER A 107 -17.77 0.67 11.06
C SER A 107 -17.51 0.40 9.57
N ASP A 108 -17.36 1.48 8.78
CA ASP A 108 -17.27 1.42 7.31
C ASP A 108 -15.83 1.17 6.83
N ALA A 109 -14.84 1.45 7.71
CA ALA A 109 -13.41 1.36 7.36
C ALA A 109 -12.98 -0.10 7.14
N ARG A 110 -12.43 -0.37 5.94
CA ARG A 110 -12.00 -1.72 5.53
C ARG A 110 -10.53 -1.93 5.93
N VAL A 111 -10.29 -2.77 6.96
CA VAL A 111 -8.93 -3.09 7.43
C VAL A 111 -8.74 -4.61 7.42
N PHE A 112 -7.73 -5.09 6.69
CA PHE A 112 -7.44 -6.52 6.51
C PHE A 112 -6.18 -6.87 7.32
N ASN A 113 -6.22 -8.01 8.01
CA ASN A 113 -5.08 -8.51 8.81
C ASN A 113 -4.22 -9.46 7.96
N VAL A 114 -2.89 -9.23 7.98
CA VAL A 114 -1.90 -10.16 7.41
C VAL A 114 -0.94 -10.64 8.53
N GLN A 115 -0.78 -11.95 8.65
CA GLN A 115 0.13 -12.59 9.63
C GLN A 115 1.21 -13.38 8.91
N THR A 116 0.78 -14.04 7.83
CA THR A 116 1.61 -14.94 7.04
C THR A 116 1.06 -14.99 5.60
N LYS A 117 1.69 -15.80 4.73
CA LYS A 117 1.38 -15.86 3.28
C LYS A 117 -0.02 -16.41 2.99
N GLN A 118 -0.67 -17.08 3.96
CA GLN A 118 -2.06 -17.55 3.80
C GLN A 118 -3.02 -16.36 3.56
N ASP A 119 -2.69 -15.21 4.18
CA ASP A 119 -3.47 -13.96 4.08
C ASP A 119 -3.21 -13.25 2.74
N PHE A 120 -1.95 -13.34 2.27
CA PHE A 120 -1.52 -12.81 0.96
C PHE A 120 -2.23 -13.58 -0.16
N LYS A 121 -2.20 -14.93 -0.05
CA LYS A 121 -2.84 -15.86 -1.01
C LYS A 121 -4.37 -15.73 -0.97
N ASP A 122 -4.91 -15.39 0.23
CA ASP A 122 -6.35 -15.18 0.44
C ASP A 122 -6.88 -14.09 -0.49
N LEU A 123 -6.11 -13.00 -0.61
CA LEU A 123 -6.45 -11.89 -1.51
C LEU A 123 -6.13 -12.27 -2.97
N ILE A 124 -4.94 -12.86 -3.17
CA ILE A 124 -4.36 -13.15 -4.51
C ILE A 124 -5.20 -14.19 -5.31
N GLU A 125 -6.06 -14.97 -4.61
CA GLU A 125 -6.96 -15.95 -5.29
C GLU A 125 -8.17 -15.25 -5.97
N LYS A 126 -8.49 -14.00 -5.57
CA LYS A 126 -9.45 -13.14 -6.33
C LYS A 126 -8.71 -12.01 -7.08
N ILE A 127 -7.96 -11.15 -6.35
CA ILE A 127 -7.28 -9.98 -6.95
C ILE A 127 -5.90 -10.37 -7.53
N LEU A 128 -5.54 -9.73 -8.67
CA LEU A 128 -4.23 -9.93 -9.37
C LEU A 128 -4.06 -11.41 -9.84
N GLU A 129 -5.19 -12.14 -9.94
CA GLU A 129 -5.18 -13.58 -10.27
C GLU A 129 -4.86 -13.77 -11.77
N HIS A 130 -3.91 -14.67 -12.06
CA HIS A 130 -3.34 -14.84 -13.41
C HIS A 130 -4.18 -15.82 -14.27
N HIS A 131 -4.21 -17.11 -13.87
CA HIS A 131 -4.93 -18.16 -14.64
C HIS A 131 -6.44 -18.11 -14.37
N HIS A 132 -7.18 -17.42 -15.28
CA HIS A 132 -8.63 -17.16 -15.12
C HIS A 132 -9.41 -18.47 -14.84
N HIS A 133 -10.02 -18.52 -13.64
CA HIS A 133 -10.79 -19.68 -13.18
C HIS A 133 -12.10 -19.77 -13.98
N HIS A 134 -12.24 -20.86 -14.75
CA HIS A 134 -13.34 -21.03 -15.71
C HIS A 134 -13.89 -22.46 -15.66
N HIS A 135 -15.00 -22.68 -16.37
CA HIS A 135 -15.58 -24.01 -16.57
C HIS A 135 -15.01 -24.65 -17.86
N MET A 1 -9.52 5.73 -11.43
CA MET A 1 -8.18 5.09 -11.49
C MET A 1 -7.93 4.29 -10.20
N ARG A 2 -7.85 2.94 -10.35
CA ARG A 2 -7.61 2.00 -9.23
C ARG A 2 -6.10 2.01 -8.84
N ILE A 3 -5.69 3.09 -8.16
CA ILE A 3 -4.30 3.32 -7.76
C ILE A 3 -4.01 2.66 -6.38
N ILE A 4 -3.11 1.66 -6.44
CA ILE A 4 -2.58 0.95 -5.28
C ILE A 4 -1.39 1.74 -4.76
N VAL A 5 -1.52 2.35 -3.58
CA VAL A 5 -0.44 3.10 -2.98
C VAL A 5 0.54 2.12 -2.31
N ILE A 6 1.66 1.89 -3.00
CA ILE A 6 2.77 1.08 -2.49
C ILE A 6 3.65 1.98 -1.61
N ILE A 7 3.42 1.93 -0.29
CA ILE A 7 4.32 2.55 0.69
C ILE A 7 5.34 1.49 1.07
N VAL A 8 6.57 1.65 0.57
CA VAL A 8 7.65 0.67 0.72
C VAL A 8 8.61 1.12 1.84
N THR A 9 8.81 0.20 2.83
CA THR A 9 9.49 0.48 4.09
C THR A 9 9.84 -0.87 4.79
N ASP A 10 8.82 -1.56 5.32
CA ASP A 10 8.99 -2.74 6.22
C ASP A 10 8.33 -3.99 5.61
N GLU A 11 7.19 -3.78 4.93
CA GLU A 11 6.37 -4.82 4.28
C GLU A 11 7.15 -5.63 3.21
N GLN A 12 6.54 -6.74 2.73
CA GLN A 12 7.06 -7.47 1.58
C GLN A 12 6.51 -6.81 0.30
N LYS A 13 7.29 -5.85 -0.21
CA LYS A 13 7.06 -5.21 -1.53
C LYS A 13 7.21 -6.23 -2.67
N ILE A 14 6.45 -5.99 -3.77
CA ILE A 14 6.47 -6.85 -4.96
C ILE A 14 7.59 -6.38 -5.91
N GLU A 15 8.82 -6.84 -5.62
CA GLU A 15 10.01 -6.51 -6.44
C GLU A 15 10.12 -7.44 -7.66
N ASP A 16 9.18 -8.41 -7.76
CA ASP A 16 8.95 -9.24 -8.96
C ASP A 16 8.55 -8.34 -10.13
N MET A 17 7.59 -7.45 -9.83
CA MET A 17 7.00 -6.53 -10.80
C MET A 17 7.85 -5.25 -10.98
N TRP A 18 9.10 -5.23 -10.46
CA TRP A 18 9.97 -4.02 -10.50
C TRP A 18 10.34 -3.60 -11.96
N GLU A 19 10.39 -4.60 -12.86
CA GLU A 19 10.75 -4.39 -14.28
C GLU A 19 9.53 -3.89 -15.07
N ILE A 20 8.40 -4.61 -14.96
CA ILE A 20 7.12 -4.27 -15.62
C ILE A 20 6.48 -3.02 -14.97
N LEU A 21 6.97 -2.67 -13.76
CA LEU A 21 6.57 -1.48 -12.99
C LEU A 21 6.56 -0.24 -13.87
N LYS A 22 7.57 -0.12 -14.75
CA LYS A 22 7.71 1.04 -15.63
C LYS A 22 6.48 1.18 -16.55
N GLU A 23 6.01 0.05 -17.10
CA GLU A 23 4.97 0.02 -18.14
C GLU A 23 3.55 -0.04 -17.54
N ILE A 24 3.24 -1.14 -16.82
CA ILE A 24 1.90 -1.39 -16.23
C ILE A 24 1.82 -0.79 -14.81
N GLY A 25 2.93 -0.90 -14.06
CA GLY A 25 2.97 -0.52 -12.65
C GLY A 25 2.58 0.94 -12.40
N VAL A 26 3.29 1.88 -13.04
CA VAL A 26 3.15 3.34 -12.80
C VAL A 26 1.72 3.85 -13.13
N ASP A 27 1.02 3.11 -14.01
CA ASP A 27 -0.35 3.42 -14.45
C ASP A 27 -1.36 3.21 -13.31
N ARG A 28 -1.07 2.24 -12.43
CA ARG A 28 -2.02 1.82 -11.38
C ARG A 28 -1.39 1.75 -9.98
N ILE A 29 -0.11 2.12 -9.80
CA ILE A 29 0.54 2.11 -8.44
C ILE A 29 1.25 3.44 -8.15
N VAL A 30 1.41 3.74 -6.85
CA VAL A 30 2.08 4.95 -6.34
C VAL A 30 3.25 4.54 -5.45
N ILE A 31 4.47 5.01 -5.77
CA ILE A 31 5.68 4.77 -4.97
C ILE A 31 5.80 5.86 -3.90
N ILE A 32 5.50 5.51 -2.65
CA ILE A 32 5.74 6.35 -1.47
C ILE A 32 6.75 5.63 -0.58
N THR A 33 7.79 6.35 -0.14
CA THR A 33 8.80 5.80 0.77
C THR A 33 9.41 6.93 1.62
N SER A 34 10.20 6.52 2.62
CA SER A 34 10.97 7.43 3.47
C SER A 34 12.44 7.50 2.99
N ASN A 35 12.91 6.41 2.36
CA ASN A 35 14.31 6.25 1.92
C ASN A 35 14.55 6.97 0.58
N LYS A 36 15.57 7.84 0.56
CA LYS A 36 16.01 8.57 -0.64
C LYS A 36 16.45 7.60 -1.75
N GLN A 37 17.28 6.62 -1.35
CA GLN A 37 18.00 5.70 -2.26
C GLN A 37 17.11 5.08 -3.38
N LEU A 38 15.96 4.48 -3.00
CA LEU A 38 15.11 3.72 -3.93
C LEU A 38 14.11 4.63 -4.66
N ALA A 39 13.82 5.81 -4.08
CA ALA A 39 12.99 6.85 -4.73
C ALA A 39 13.76 7.51 -5.88
N GLU A 40 15.10 7.66 -5.67
CA GLU A 40 16.03 8.09 -6.72
C GLU A 40 16.09 7.05 -7.83
N ARG A 41 16.19 5.77 -7.42
CA ARG A 41 16.17 4.62 -8.33
C ARG A 41 14.85 4.55 -9.12
N ALA A 42 13.75 4.90 -8.44
CA ALA A 42 12.39 4.87 -9.00
C ALA A 42 12.23 5.93 -10.11
N LYS A 43 12.70 7.15 -9.84
CA LYS A 43 12.58 8.26 -10.81
C LYS A 43 13.44 8.00 -12.08
N GLU A 44 14.58 7.31 -11.91
CA GLU A 44 15.45 6.89 -13.03
C GLU A 44 14.84 5.69 -13.78
N LEU A 45 14.10 4.85 -13.04
CA LEU A 45 13.30 3.73 -13.60
C LEU A 45 12.23 4.32 -14.54
N GLY A 46 11.71 5.51 -14.18
CA GLY A 46 10.73 6.24 -14.97
C GLY A 46 9.38 6.32 -14.30
N VAL A 47 9.34 6.09 -12.96
CA VAL A 47 8.08 6.12 -12.20
C VAL A 47 7.55 7.56 -12.11
N ASP A 48 6.29 7.73 -12.54
CA ASP A 48 5.60 9.03 -12.52
C ASP A 48 5.08 9.33 -11.11
N ARG A 49 4.45 8.32 -10.50
CA ARG A 49 3.80 8.45 -9.17
C ARG A 49 4.84 8.21 -8.06
N ILE A 50 5.51 9.28 -7.62
CA ILE A 50 6.49 9.22 -6.50
C ILE A 50 6.19 10.32 -5.49
N PHE A 51 6.04 9.94 -4.21
CA PHE A 51 5.99 10.87 -3.08
C PHE A 51 7.06 10.43 -2.07
N LEU A 52 8.20 11.13 -2.06
CA LEU A 52 9.21 10.98 -1.01
C LEU A 52 8.89 12.02 0.06
N LEU A 53 8.33 11.56 1.17
CA LEU A 53 8.22 12.34 2.39
C LEU A 53 8.32 11.40 3.60
N THR A 54 9.18 11.76 4.55
CA THR A 54 9.42 10.99 5.77
C THR A 54 8.37 11.34 6.86
N ASP A 55 7.44 12.24 6.49
CA ASP A 55 6.33 12.66 7.34
C ASP A 55 5.27 11.56 7.35
N ASP A 56 5.20 10.83 8.47
CA ASP A 56 4.24 9.73 8.69
C ASP A 56 2.78 10.23 8.64
N GLU A 57 2.59 11.50 9.01
CA GLU A 57 1.27 12.14 9.04
C GLU A 57 0.80 12.47 7.61
N LEU A 58 1.74 12.97 6.77
CA LEU A 58 1.42 13.46 5.41
C LEU A 58 0.97 12.32 4.47
N ILE A 59 1.50 11.08 4.65
CA ILE A 59 1.11 9.93 3.80
C ILE A 59 -0.40 9.63 3.92
N ALA A 60 -1.00 10.00 5.07
CA ALA A 60 -2.44 9.89 5.31
C ALA A 60 -3.22 10.87 4.41
N GLU A 61 -2.68 12.10 4.28
CA GLU A 61 -3.30 13.15 3.45
C GLU A 61 -2.98 12.95 1.95
N ILE A 62 -1.87 12.24 1.64
CA ILE A 62 -1.50 11.91 0.26
C ILE A 62 -2.51 10.92 -0.32
N VAL A 63 -2.74 9.81 0.41
CA VAL A 63 -3.73 8.78 0.01
C VAL A 63 -5.16 9.35 0.02
N LYS A 64 -5.40 10.35 0.89
CA LYS A 64 -6.67 11.08 0.96
C LYS A 64 -6.92 11.88 -0.33
N LYS A 65 -5.88 12.62 -0.75
CA LYS A 65 -5.92 13.49 -1.94
C LYS A 65 -6.03 12.64 -3.22
N LEU A 66 -5.23 11.57 -3.30
CA LEU A 66 -5.23 10.64 -4.44
C LEU A 66 -6.54 9.83 -4.49
N GLY A 67 -7.18 9.66 -3.33
CA GLY A 67 -8.40 8.87 -3.20
C GLY A 67 -8.10 7.38 -3.35
N ALA A 68 -7.09 6.92 -2.59
CA ALA A 68 -6.57 5.55 -2.65
C ALA A 68 -7.66 4.53 -2.30
N ASP A 69 -7.80 3.54 -3.18
CA ASP A 69 -8.71 2.42 -2.98
C ASP A 69 -8.08 1.40 -2.02
N ILE A 70 -6.74 1.24 -2.14
CA ILE A 70 -5.98 0.24 -1.39
C ILE A 70 -4.52 0.73 -1.16
N VAL A 71 -3.97 0.34 0.01
CA VAL A 71 -2.58 0.65 0.39
C VAL A 71 -1.98 -0.55 1.14
N PHE A 72 -0.70 -0.85 0.87
CA PHE A 72 0.07 -1.86 1.64
C PHE A 72 1.09 -1.09 2.50
N SER A 73 0.82 -1.01 3.82
CA SER A 73 1.74 -0.38 4.78
C SER A 73 1.33 -0.76 6.22
N GLU A 74 2.31 -1.21 7.01
CA GLU A 74 2.11 -1.46 8.45
C GLU A 74 2.51 -0.21 9.26
N ASN A 75 1.51 0.43 9.90
CA ASN A 75 1.71 1.63 10.75
C ASN A 75 0.47 1.78 11.65
N ARG A 76 0.60 1.44 12.94
CA ARG A 76 -0.55 1.31 13.85
C ARG A 76 -1.23 2.65 14.20
N ASP A 77 -0.44 3.73 14.29
CA ASP A 77 -0.99 5.06 14.54
C ASP A 77 -1.60 5.63 13.25
N ILE A 78 -0.79 5.58 12.17
CA ILE A 78 -1.07 6.29 10.92
C ILE A 78 -2.28 5.67 10.18
N ALA A 79 -2.40 4.32 10.24
CA ALA A 79 -3.54 3.59 9.64
C ALA A 79 -4.87 4.17 10.14
N LYS A 80 -4.94 4.40 11.47
CA LYS A 80 -6.11 4.99 12.15
C LYS A 80 -6.37 6.42 11.63
N LYS A 81 -5.27 7.16 11.36
CA LYS A 81 -5.36 8.56 10.83
C LYS A 81 -5.90 8.54 9.39
N ILE A 82 -5.57 7.47 8.63
CA ILE A 82 -6.03 7.30 7.24
C ILE A 82 -7.53 6.92 7.22
N ILE A 83 -7.92 6.08 8.18
CA ILE A 83 -9.30 5.55 8.25
C ILE A 83 -10.31 6.62 8.68
N ARG A 84 -9.92 7.49 9.63
CA ARG A 84 -10.82 8.55 10.16
C ARG A 84 -11.16 9.61 9.08
N LYS A 85 -10.35 9.65 7.99
CA LYS A 85 -10.62 10.52 6.82
C LYS A 85 -11.11 9.71 5.60
N LEU A 86 -10.73 8.43 5.53
CA LEU A 86 -11.08 7.52 4.41
C LEU A 86 -11.67 6.22 4.95
N LYS A 87 -12.99 6.07 4.86
CA LYS A 87 -13.69 4.82 5.21
C LYS A 87 -13.69 3.85 4.00
N ASN A 88 -13.51 4.41 2.80
CA ASN A 88 -13.63 3.68 1.52
C ASN A 88 -12.34 2.90 1.18
N ILE A 89 -11.24 3.20 1.89
CA ILE A 89 -9.93 2.57 1.63
C ILE A 89 -9.83 1.21 2.35
N ILE A 90 -9.21 0.23 1.66
CA ILE A 90 -8.88 -1.08 2.23
C ILE A 90 -7.35 -1.10 2.53
N ILE A 91 -7.01 -1.24 3.83
CA ILE A 91 -5.62 -1.20 4.31
C ILE A 91 -5.19 -2.59 4.80
N LEU A 92 -3.99 -3.03 4.38
CA LEU A 92 -3.33 -4.24 4.88
C LEU A 92 -2.31 -3.82 5.94
N SER A 93 -2.39 -4.44 7.13
CA SER A 93 -1.52 -4.12 8.26
C SER A 93 -1.06 -5.41 8.94
N ASN A 94 0.21 -5.41 9.37
CA ASN A 94 0.89 -6.58 9.97
C ASN A 94 0.79 -6.58 11.50
N ASP A 95 -0.22 -5.90 12.03
CA ASP A 95 -0.53 -5.94 13.46
C ASP A 95 -2.01 -6.28 13.65
N GLU A 96 -2.25 -7.46 14.21
CA GLU A 96 -3.61 -8.00 14.50
C GLU A 96 -4.37 -7.11 15.49
N GLN A 97 -3.61 -6.51 16.44
CA GLN A 97 -4.15 -5.62 17.48
C GLN A 97 -4.71 -4.35 16.82
N LEU A 98 -3.91 -3.80 15.89
CA LEU A 98 -4.28 -2.64 15.07
C LEU A 98 -5.61 -2.93 14.32
N VAL A 99 -5.58 -4.00 13.51
CA VAL A 99 -6.66 -4.33 12.57
C VAL A 99 -8.02 -4.48 13.26
N LYS A 100 -8.03 -5.18 14.42
CA LYS A 100 -9.28 -5.42 15.17
C LYS A 100 -9.82 -4.09 15.76
N GLU A 101 -8.90 -3.17 16.14
CA GLU A 101 -9.29 -1.84 16.68
C GLU A 101 -10.04 -1.03 15.62
N LEU A 102 -9.57 -1.11 14.35
CA LEU A 102 -10.20 -0.41 13.22
C LEU A 102 -11.54 -1.06 12.85
N GLN A 103 -11.62 -2.38 12.98
CA GLN A 103 -12.87 -3.12 12.74
C GLN A 103 -13.93 -2.82 13.82
N LYS A 104 -13.47 -2.33 14.99
CA LYS A 104 -14.34 -1.92 16.11
C LYS A 104 -14.72 -0.43 16.04
N GLU A 105 -13.72 0.44 15.80
CA GLU A 105 -13.93 1.91 15.89
C GLU A 105 -14.60 2.44 14.61
N ALA A 106 -14.29 1.81 13.47
CA ALA A 106 -14.82 2.19 12.16
C ALA A 106 -15.89 1.19 11.70
N SER A 107 -16.87 1.66 10.93
CA SER A 107 -18.00 0.83 10.46
C SER A 107 -17.76 0.35 9.02
N ASP A 108 -17.49 1.30 8.11
CA ASP A 108 -17.38 1.03 6.65
C ASP A 108 -15.95 0.58 6.28
N ALA A 109 -14.96 1.00 7.09
CA ALA A 109 -13.53 0.80 6.79
C ALA A 109 -13.16 -0.69 6.71
N ARG A 110 -12.43 -1.04 5.65
CA ARG A 110 -11.99 -2.41 5.37
C ARG A 110 -10.50 -2.56 5.72
N VAL A 111 -10.21 -2.97 6.95
CA VAL A 111 -8.82 -3.24 7.38
C VAL A 111 -8.67 -4.74 7.61
N PHE A 112 -7.63 -5.33 7.03
CA PHE A 112 -7.43 -6.78 7.01
C PHE A 112 -6.04 -7.11 7.60
N ASN A 113 -6.01 -8.14 8.46
CA ASN A 113 -4.80 -8.58 9.17
C ASN A 113 -3.98 -9.52 8.30
N VAL A 114 -2.66 -9.26 8.23
CA VAL A 114 -1.70 -10.14 7.55
C VAL A 114 -0.52 -10.43 8.49
N GLN A 115 -0.35 -11.69 8.88
CA GLN A 115 0.74 -12.13 9.78
C GLN A 115 1.55 -13.24 9.10
N THR A 116 0.83 -14.23 8.57
CA THR A 116 1.41 -15.32 7.79
C THR A 116 0.96 -15.17 6.33
N LYS A 117 1.65 -15.92 5.46
CA LYS A 117 1.39 -15.97 4.01
C LYS A 117 -0.10 -16.24 3.72
N GLN A 118 -0.73 -17.12 4.54
CA GLN A 118 -2.12 -17.59 4.34
C GLN A 118 -3.14 -16.43 4.45
N ASP A 119 -2.86 -15.47 5.36
CA ASP A 119 -3.73 -14.28 5.56
C ASP A 119 -3.79 -13.46 4.28
N PHE A 120 -2.60 -13.02 3.82
CA PHE A 120 -2.45 -12.17 2.64
C PHE A 120 -2.85 -12.96 1.37
N LYS A 121 -2.64 -14.29 1.42
CA LYS A 121 -2.97 -15.22 0.34
C LYS A 121 -4.47 -15.17 0.04
N ASP A 122 -5.32 -15.07 1.09
CA ASP A 122 -6.80 -14.99 0.95
C ASP A 122 -7.19 -13.90 -0.07
N LEU A 123 -6.61 -12.70 0.11
CA LEU A 123 -6.87 -11.53 -0.76
C LEU A 123 -6.30 -11.76 -2.17
N ILE A 124 -5.06 -12.27 -2.21
CA ILE A 124 -4.29 -12.46 -3.45
C ILE A 124 -4.81 -13.66 -4.28
N GLU A 125 -5.52 -14.58 -3.62
CA GLU A 125 -6.09 -15.78 -4.25
C GLU A 125 -7.35 -15.39 -5.05
N LYS A 126 -8.12 -14.41 -4.53
CA LYS A 126 -9.36 -13.94 -5.19
C LYS A 126 -9.04 -12.93 -6.32
N ILE A 127 -7.90 -12.21 -6.20
CA ILE A 127 -7.43 -11.25 -7.23
C ILE A 127 -6.31 -11.88 -8.10
N LEU A 128 -5.85 -11.13 -9.11
CA LEU A 128 -4.90 -11.63 -10.14
C LEU A 128 -3.45 -11.19 -9.81
N GLU A 129 -3.31 -10.16 -8.94
CA GLU A 129 -2.02 -9.51 -8.63
C GLU A 129 -1.01 -10.49 -8.03
N HIS A 130 0.09 -10.74 -8.77
CA HIS A 130 1.22 -11.56 -8.31
C HIS A 130 2.02 -10.81 -7.22
N HIS A 131 2.42 -11.55 -6.17
CA HIS A 131 3.26 -11.03 -5.07
C HIS A 131 4.45 -11.97 -4.86
N HIS A 132 5.46 -11.49 -4.14
CA HIS A 132 6.59 -12.31 -3.70
C HIS A 132 6.11 -13.22 -2.56
N HIS A 133 6.02 -14.53 -2.86
CA HIS A 133 5.42 -15.55 -1.96
C HIS A 133 6.15 -15.62 -0.60
N HIS A 134 7.48 -15.44 -0.64
CA HIS A 134 8.33 -15.41 0.56
C HIS A 134 9.65 -14.68 0.24
N HIS A 135 10.71 -15.44 -0.10
CA HIS A 135 12.06 -14.90 -0.36
C HIS A 135 12.79 -15.82 -1.38
N MET A 1 -7.04 6.00 -12.56
CA MET A 1 -8.23 5.35 -11.96
C MET A 1 -7.81 4.18 -11.04
N ARG A 2 -6.89 3.33 -11.53
CA ARG A 2 -6.31 2.23 -10.76
C ARG A 2 -5.08 2.78 -10.04
N ILE A 3 -5.15 2.97 -8.71
CA ILE A 3 -4.01 3.43 -7.90
C ILE A 3 -3.88 2.60 -6.60
N ILE A 4 -2.73 1.88 -6.49
CA ILE A 4 -2.36 1.10 -5.30
C ILE A 4 -1.16 1.79 -4.65
N VAL A 5 -1.33 2.29 -3.43
CA VAL A 5 -0.28 3.03 -2.72
C VAL A 5 0.69 2.04 -2.05
N ILE A 6 1.87 1.92 -2.66
CA ILE A 6 2.95 1.05 -2.21
C ILE A 6 3.83 1.80 -1.19
N ILE A 7 3.62 1.52 0.11
CA ILE A 7 4.47 2.02 1.20
C ILE A 7 5.23 0.85 1.83
N VAL A 8 6.52 1.05 2.09
CA VAL A 8 7.32 0.17 2.94
C VAL A 8 8.40 1.02 3.67
N THR A 9 8.65 0.68 4.95
CA THR A 9 9.64 1.38 5.79
C THR A 9 10.92 0.54 5.95
N ASP A 10 10.82 -0.80 5.72
CA ASP A 10 11.94 -1.72 6.04
C ASP A 10 12.27 -2.65 4.86
N GLU A 11 11.43 -3.68 4.64
CA GLU A 11 11.71 -4.78 3.67
C GLU A 11 11.40 -4.36 2.22
N GLN A 12 11.37 -5.36 1.32
CA GLN A 12 10.88 -5.23 -0.07
C GLN A 12 9.65 -6.13 -0.27
N LYS A 13 9.05 -6.06 -1.46
CA LYS A 13 7.92 -6.94 -1.87
C LYS A 13 7.80 -7.01 -3.40
N ILE A 14 8.41 -6.05 -4.12
CA ILE A 14 8.55 -6.09 -5.59
C ILE A 14 10.03 -5.93 -5.96
N GLU A 15 10.54 -6.84 -6.81
CA GLU A 15 11.93 -6.79 -7.32
C GLU A 15 12.00 -7.44 -8.71
N ASP A 16 11.58 -8.72 -8.78
CA ASP A 16 11.65 -9.53 -10.01
C ASP A 16 10.79 -8.93 -11.14
N MET A 17 9.58 -8.49 -10.75
CA MET A 17 8.58 -7.95 -11.67
C MET A 17 8.74 -6.42 -11.86
N TRP A 18 10.01 -5.94 -11.95
CA TRP A 18 10.33 -4.51 -12.04
C TRP A 18 10.17 -3.97 -13.49
N GLU A 19 10.42 -4.84 -14.49
CA GLU A 19 10.30 -4.51 -15.94
C GLU A 19 8.84 -4.46 -16.38
N ILE A 20 7.99 -5.34 -15.81
CA ILE A 20 6.54 -5.32 -16.08
C ILE A 20 5.90 -4.18 -15.26
N LEU A 21 6.47 -3.91 -14.05
CA LEU A 21 6.10 -2.75 -13.23
C LEU A 21 6.43 -1.46 -13.98
N LYS A 22 7.48 -1.50 -14.80
CA LYS A 22 7.91 -0.38 -15.63
C LYS A 22 6.78 0.07 -16.55
N GLU A 23 6.07 -0.90 -17.18
CA GLU A 23 4.99 -0.57 -18.14
C GLU A 23 3.62 -0.49 -17.45
N ILE A 24 3.18 -1.62 -16.87
CA ILE A 24 1.82 -1.82 -16.34
C ILE A 24 1.74 -1.35 -14.87
N GLY A 25 2.82 -1.59 -14.11
CA GLY A 25 2.84 -1.26 -12.69
C GLY A 25 2.71 0.23 -12.41
N VAL A 26 3.44 1.07 -13.19
CA VAL A 26 3.43 2.53 -13.01
C VAL A 26 2.03 3.15 -13.23
N ASP A 27 1.20 2.43 -14.01
CA ASP A 27 -0.21 2.81 -14.25
C ASP A 27 -1.03 2.76 -12.96
N ARG A 28 -0.69 1.80 -12.08
CA ARG A 28 -1.52 1.47 -10.92
C ARG A 28 -0.73 1.35 -9.61
N ILE A 29 0.48 1.94 -9.55
CA ILE A 29 1.22 2.07 -8.26
C ILE A 29 1.43 3.55 -7.93
N VAL A 30 1.54 3.83 -6.62
CA VAL A 30 1.87 5.16 -6.09
C VAL A 30 2.95 4.95 -5.02
N ILE A 31 4.15 5.49 -5.26
CA ILE A 31 5.28 5.33 -4.34
C ILE A 31 5.20 6.44 -3.28
N ILE A 32 4.75 6.05 -2.08
CA ILE A 32 4.69 6.93 -0.90
C ILE A 32 5.58 6.29 0.16
N THR A 33 6.73 6.90 0.45
CA THR A 33 7.72 6.29 1.32
C THR A 33 8.58 7.35 2.02
N SER A 34 9.35 6.87 3.02
CA SER A 34 10.34 7.68 3.74
C SER A 34 11.77 7.21 3.39
N ASN A 35 11.83 6.00 2.80
CA ASN A 35 13.07 5.35 2.37
C ASN A 35 13.51 5.91 1.00
N LYS A 36 14.76 6.41 0.92
CA LYS A 36 15.31 7.01 -0.30
C LYS A 36 15.79 5.91 -1.27
N GLN A 37 16.16 4.75 -0.70
CA GLN A 37 16.62 3.57 -1.46
C GLN A 37 15.70 3.20 -2.66
N LEU A 38 14.40 2.95 -2.37
CA LEU A 38 13.44 2.48 -3.38
C LEU A 38 12.86 3.66 -4.18
N ALA A 39 12.91 4.87 -3.58
CA ALA A 39 12.41 6.12 -4.21
C ALA A 39 13.30 6.52 -5.40
N GLU A 40 14.62 6.38 -5.21
CA GLU A 40 15.63 6.66 -6.25
C GLU A 40 15.62 5.55 -7.32
N ARG A 41 15.45 4.30 -6.86
CA ARG A 41 15.24 3.13 -7.73
C ARG A 41 14.02 3.35 -8.66
N ALA A 42 12.95 3.91 -8.09
CA ALA A 42 11.68 4.15 -8.80
C ALA A 42 11.81 5.27 -9.84
N LYS A 43 12.47 6.39 -9.46
CA LYS A 43 12.60 7.56 -10.37
C LYS A 43 13.55 7.28 -11.54
N GLU A 44 14.56 6.42 -11.31
CA GLU A 44 15.51 6.01 -12.36
C GLU A 44 14.87 5.00 -13.32
N LEU A 45 13.82 4.28 -12.86
CA LEU A 45 12.90 3.55 -13.76
C LEU A 45 12.06 4.56 -14.55
N GLY A 46 11.61 5.62 -13.86
CA GLY A 46 10.73 6.63 -14.42
C GLY A 46 9.28 6.52 -13.91
N VAL A 47 9.07 5.89 -12.71
CA VAL A 47 7.74 5.85 -12.04
C VAL A 47 7.22 7.28 -11.84
N ASP A 48 5.96 7.54 -12.25
CA ASP A 48 5.39 8.90 -12.25
C ASP A 48 5.04 9.35 -10.83
N ARG A 49 4.19 8.57 -10.15
CA ARG A 49 3.68 8.91 -8.81
C ARG A 49 4.74 8.54 -7.74
N ILE A 50 5.57 9.53 -7.35
CA ILE A 50 6.58 9.38 -6.28
C ILE A 50 6.54 10.62 -5.36
N PHE A 51 6.10 10.42 -4.12
CA PHE A 51 6.15 11.44 -3.07
C PHE A 51 6.99 10.88 -1.92
N LEU A 52 8.24 11.37 -1.83
CA LEU A 52 9.19 10.97 -0.77
C LEU A 52 9.08 11.97 0.39
N LEU A 53 8.47 11.52 1.49
CA LEU A 53 8.32 12.34 2.71
C LEU A 53 8.34 11.44 3.97
N THR A 54 8.87 11.99 5.07
CA THR A 54 8.91 11.32 6.37
C THR A 54 7.70 11.72 7.24
N ASP A 55 6.81 12.54 6.65
CA ASP A 55 5.59 13.04 7.31
C ASP A 55 4.61 11.88 7.54
N ASP A 56 4.38 11.57 8.83
CA ASP A 56 3.67 10.37 9.28
C ASP A 56 2.18 10.39 8.88
N GLU A 57 1.49 11.45 9.32
CA GLU A 57 0.01 11.54 9.21
C GLU A 57 -0.39 12.13 7.86
N LEU A 58 0.57 12.85 7.24
CA LEU A 58 0.34 13.61 6.00
C LEU A 58 0.08 12.69 4.80
N ILE A 59 0.58 11.43 4.86
CA ILE A 59 0.37 10.43 3.80
C ILE A 59 -1.14 10.18 3.57
N ALA A 60 -1.94 10.39 4.64
CA ALA A 60 -3.40 10.29 4.59
C ALA A 60 -4.02 11.38 3.70
N GLU A 61 -3.45 12.60 3.74
CA GLU A 61 -3.88 13.72 2.87
C GLU A 61 -3.38 13.52 1.44
N ILE A 62 -2.15 12.98 1.30
CA ILE A 62 -1.56 12.72 -0.02
C ILE A 62 -2.47 11.75 -0.80
N VAL A 63 -2.82 10.63 -0.16
CA VAL A 63 -3.65 9.58 -0.77
C VAL A 63 -5.13 10.02 -0.89
N LYS A 64 -5.59 10.93 0.00
CA LYS A 64 -6.95 11.54 -0.08
C LYS A 64 -7.09 12.37 -1.37
N LYS A 65 -6.10 13.24 -1.57
CA LYS A 65 -6.03 14.16 -2.71
C LYS A 65 -5.83 13.39 -4.04
N LEU A 66 -5.09 12.27 -3.98
CA LEU A 66 -4.88 11.37 -5.13
C LEU A 66 -6.14 10.50 -5.36
N GLY A 67 -6.96 10.32 -4.30
CA GLY A 67 -8.19 9.52 -4.38
C GLY A 67 -7.90 8.02 -4.39
N ALA A 68 -6.99 7.61 -3.50
CA ALA A 68 -6.48 6.24 -3.42
C ALA A 68 -7.52 5.30 -2.80
N ASP A 69 -7.76 4.18 -3.48
CA ASP A 69 -8.76 3.19 -3.07
C ASP A 69 -8.14 2.21 -2.08
N ILE A 70 -6.90 1.78 -2.41
CA ILE A 70 -6.14 0.80 -1.62
C ILE A 70 -4.74 1.36 -1.28
N VAL A 71 -4.31 1.09 -0.05
CA VAL A 71 -3.02 1.51 0.50
C VAL A 71 -2.45 0.40 1.39
N PHE A 72 -1.13 0.20 1.32
CA PHE A 72 -0.40 -0.71 2.21
C PHE A 72 0.35 0.16 3.22
N SER A 73 -0.03 0.13 4.51
CA SER A 73 0.60 0.98 5.54
C SER A 73 0.93 0.19 6.81
N GLU A 74 2.19 0.32 7.25
CA GLU A 74 2.63 -0.11 8.59
C GLU A 74 2.55 1.08 9.59
N ASN A 75 2.74 0.74 10.89
CA ASN A 75 2.60 1.63 12.09
C ASN A 75 1.14 1.68 12.60
N ARG A 76 1.03 1.69 13.93
CA ARG A 76 -0.25 1.66 14.66
C ARG A 76 -1.10 2.93 14.45
N ASP A 77 -0.52 4.10 14.76
CA ASP A 77 -1.23 5.38 14.75
C ASP A 77 -1.52 5.85 13.32
N ILE A 78 -0.54 5.64 12.42
CA ILE A 78 -0.61 6.07 11.01
C ILE A 78 -1.90 5.54 10.32
N ALA A 79 -2.19 4.23 10.53
CA ALA A 79 -3.39 3.59 9.99
C ALA A 79 -4.67 4.35 10.45
N LYS A 80 -4.72 4.67 11.76
CA LYS A 80 -5.86 5.38 12.37
C LYS A 80 -5.96 6.83 11.86
N LYS A 81 -4.81 7.45 11.54
CA LYS A 81 -4.74 8.83 10.99
C LYS A 81 -5.32 8.88 9.56
N ILE A 82 -5.25 7.74 8.85
CA ILE A 82 -5.83 7.61 7.50
C ILE A 82 -7.35 7.34 7.62
N ILE A 83 -7.70 6.34 8.44
CA ILE A 83 -9.09 5.84 8.61
C ILE A 83 -10.08 6.94 9.06
N ARG A 84 -9.64 7.82 9.98
CA ARG A 84 -10.48 8.87 10.57
C ARG A 84 -11.08 9.82 9.50
N LYS A 85 -10.27 10.10 8.46
CA LYS A 85 -10.61 11.01 7.35
C LYS A 85 -10.88 10.24 6.05
N LEU A 86 -10.67 8.91 6.09
CA LEU A 86 -10.88 8.01 4.94
C LEU A 86 -11.56 6.71 5.41
N LYS A 87 -12.89 6.80 5.49
CA LYS A 87 -13.78 5.68 5.86
C LYS A 87 -13.94 4.71 4.67
N ASN A 88 -13.74 5.22 3.45
CA ASN A 88 -14.01 4.50 2.20
C ASN A 88 -12.73 3.90 1.59
N ILE A 89 -11.64 3.84 2.37
CA ILE A 89 -10.36 3.28 1.90
C ILE A 89 -10.14 1.86 2.49
N ILE A 90 -9.41 1.01 1.75
CA ILE A 90 -8.97 -0.31 2.25
C ILE A 90 -7.46 -0.23 2.50
N ILE A 91 -7.06 -0.31 3.78
CA ILE A 91 -5.65 -0.35 4.19
C ILE A 91 -5.23 -1.81 4.43
N LEU A 92 -3.96 -2.11 4.22
CA LEU A 92 -3.34 -3.40 4.56
C LEU A 92 -2.30 -3.11 5.64
N SER A 93 -2.49 -3.71 6.83
CA SER A 93 -1.59 -3.56 7.98
C SER A 93 -1.19 -4.95 8.50
N ASN A 94 0.04 -5.06 9.03
CA ASN A 94 0.59 -6.32 9.56
C ASN A 94 0.00 -6.67 10.93
N ASP A 95 0.12 -5.76 11.92
CA ASP A 95 -0.34 -6.01 13.30
C ASP A 95 -1.84 -6.34 13.36
N GLU A 96 -2.16 -7.63 13.62
CA GLU A 96 -3.53 -8.10 13.82
C GLU A 96 -4.20 -7.40 15.01
N GLN A 97 -3.38 -7.12 16.06
CA GLN A 97 -3.80 -6.37 17.26
C GLN A 97 -4.30 -4.95 16.89
N LEU A 98 -3.71 -4.37 15.84
CA LEU A 98 -4.07 -3.04 15.35
C LEU A 98 -5.27 -3.15 14.39
N VAL A 99 -5.24 -4.13 13.47
CA VAL A 99 -6.30 -4.33 12.46
C VAL A 99 -7.67 -4.50 13.14
N LYS A 100 -7.69 -5.27 14.25
CA LYS A 100 -8.92 -5.52 15.04
C LYS A 100 -9.39 -4.27 15.79
N GLU A 101 -8.45 -3.36 16.16
CA GLU A 101 -8.81 -2.06 16.77
C GLU A 101 -9.65 -1.25 15.80
N LEU A 102 -9.22 -1.22 14.53
CA LEU A 102 -9.93 -0.50 13.46
C LEU A 102 -11.24 -1.21 13.06
N GLN A 103 -11.30 -2.54 13.26
CA GLN A 103 -12.54 -3.33 13.04
C GLN A 103 -13.55 -3.12 14.18
N LYS A 104 -13.07 -2.57 15.32
CA LYS A 104 -13.92 -2.20 16.46
C LYS A 104 -14.36 -0.72 16.40
N GLU A 105 -13.40 0.19 16.14
CA GLU A 105 -13.61 1.64 16.27
C GLU A 105 -14.19 2.25 14.97
N ALA A 106 -13.83 1.67 13.83
CA ALA A 106 -14.25 2.19 12.51
C ALA A 106 -15.39 1.34 11.94
N SER A 107 -16.33 2.01 11.26
CA SER A 107 -17.60 1.42 10.85
C SER A 107 -17.47 0.63 9.51
N ASP A 108 -17.45 1.37 8.37
CA ASP A 108 -17.39 0.77 7.02
C ASP A 108 -15.94 0.63 6.53
N ALA A 109 -14.99 1.18 7.30
CA ALA A 109 -13.56 1.23 6.92
C ALA A 109 -12.94 -0.17 6.87
N ARG A 110 -12.49 -0.54 5.67
CA ARG A 110 -11.91 -1.86 5.38
C ARG A 110 -10.41 -1.88 5.73
N VAL A 111 -10.00 -2.84 6.56
CA VAL A 111 -8.58 -3.06 6.93
C VAL A 111 -8.26 -4.56 6.81
N PHE A 112 -7.12 -4.88 6.18
CA PHE A 112 -6.68 -6.26 5.92
C PHE A 112 -5.45 -6.56 6.81
N ASN A 113 -5.33 -7.83 7.26
CA ASN A 113 -4.20 -8.29 8.11
C ASN A 113 -3.19 -9.11 7.29
N VAL A 114 -1.89 -8.96 7.60
CA VAL A 114 -0.82 -9.84 7.09
C VAL A 114 0.13 -10.24 8.24
N GLN A 115 0.32 -11.56 8.43
CA GLN A 115 1.21 -12.13 9.45
C GLN A 115 2.23 -13.05 8.77
N THR A 116 1.68 -13.93 7.92
CA THR A 116 2.43 -14.95 7.19
C THR A 116 1.96 -14.96 5.72
N LYS A 117 2.59 -15.82 4.90
CA LYS A 117 2.30 -15.96 3.47
C LYS A 117 0.83 -16.33 3.20
N GLN A 118 0.16 -16.98 4.17
CA GLN A 118 -1.26 -17.41 4.03
C GLN A 118 -2.20 -16.20 3.82
N ASP A 119 -1.88 -15.06 4.45
CA ASP A 119 -2.67 -13.83 4.33
C ASP A 119 -2.56 -13.25 2.91
N PHE A 120 -1.29 -13.15 2.43
CA PHE A 120 -0.99 -12.69 1.06
C PHE A 120 -1.63 -13.64 0.02
N LYS A 121 -1.49 -14.96 0.28
CA LYS A 121 -2.01 -16.03 -0.58
C LYS A 121 -3.51 -15.88 -0.81
N ASP A 122 -4.25 -15.76 0.30
CA ASP A 122 -5.71 -15.70 0.29
C ASP A 122 -6.20 -14.58 -0.64
N LEU A 123 -5.64 -13.37 -0.43
CA LEU A 123 -6.06 -12.14 -1.14
C LEU A 123 -5.65 -12.16 -2.64
N ILE A 124 -4.40 -12.56 -2.93
CA ILE A 124 -3.82 -12.47 -4.28
C ILE A 124 -4.30 -13.64 -5.18
N GLU A 125 -4.66 -14.78 -4.57
CA GLU A 125 -5.16 -15.95 -5.32
C GLU A 125 -6.68 -15.86 -5.55
N LYS A 126 -7.40 -15.07 -4.73
CA LYS A 126 -8.85 -14.82 -4.95
C LYS A 126 -9.03 -13.62 -5.91
N ILE A 127 -8.14 -12.62 -5.80
CA ILE A 127 -8.12 -11.45 -6.69
C ILE A 127 -6.90 -11.58 -7.61
N LEU A 128 -7.14 -12.03 -8.85
CA LEU A 128 -6.08 -12.34 -9.82
C LEU A 128 -5.76 -11.10 -10.69
N GLU A 129 -6.83 -10.36 -11.07
CA GLU A 129 -6.75 -9.14 -11.91
C GLU A 129 -6.14 -9.42 -13.30
N HIS A 130 -6.24 -10.68 -13.77
CA HIS A 130 -5.60 -11.12 -15.01
C HIS A 130 -6.28 -10.47 -16.24
N HIS A 131 -5.63 -9.46 -16.83
CA HIS A 131 -5.99 -8.93 -18.14
C HIS A 131 -5.18 -9.72 -19.20
N HIS A 132 -5.51 -11.02 -19.28
CA HIS A 132 -4.76 -12.01 -20.07
C HIS A 132 -5.12 -11.86 -21.56
N HIS A 133 -4.52 -10.84 -22.19
CA HIS A 133 -4.68 -10.56 -23.61
C HIS A 133 -3.56 -11.30 -24.36
N HIS A 134 -3.71 -12.65 -24.40
CA HIS A 134 -2.69 -13.64 -24.83
C HIS A 134 -1.33 -13.43 -24.10
N HIS A 135 -0.29 -14.16 -24.55
CA HIS A 135 1.07 -14.03 -24.00
C HIS A 135 1.96 -13.23 -24.97
#